data_9KC5
#
_entry.id   9KC5
#
_cell.length_a   1.00
_cell.length_b   1.00
_cell.length_c   1.00
_cell.angle_alpha   90.00
_cell.angle_beta   90.00
_cell.angle_gamma   90.00
#
_symmetry.space_group_name_H-M   'P 1'
#
loop_
_entity.id
_entity.type
_entity.pdbx_description
1 polymer 'Photosystem I P700 chlorophyll a apoprotein A1'
2 polymer 'Photosystem I P700 chlorophyll a apoprotein A2'
3 polymer 'Photosystem I iron-sulfur center'
4 polymer 'Photosystem I reaction center subunit II'
5 polymer 'Photosystem I subunit IV'
6 polymer 'Photosystem I reaction center subunit III'
7 polymer 'Photosystem I reaction center subunit VIII'
8 polymer 'Photosystem I reaction center subunit IX'
9 polymer PSI-K
10 polymer 'Photosystem I reaction center subunit XI'
11 polymer 'Photosystem I reaction center subunit XII'
12 polymer 'Photosystem I subunit O'
13 polymer Psa28
14 polymer RedCAP
15 polymer 'Light-harvesting complex protein'
16 polymer 'Light-harvesting complex protein'
17 polymer 'Light-harvesting complex protein'
18 polymer 'Light-harvesting complex protein'
19 polymer 'Light-harvesting complex protein'
20 polymer 'Light-harvesting complex protein'
21 non-polymer 'CHLOROPHYLL A ISOMER'
22 non-polymer 'CHLOROPHYLL A'
23 non-polymer 'Coenzyme Q4'
24 non-polymer 1,2-DIPALMITOYL-PHOSPHATIDYL-GLYCEROLE
25 non-polymer BETA-CAROTENE
26 non-polymer 'IRON/SULFUR CLUSTER'
27 non-polymer 'UNKNOWN LIGAND'
28 non-polymer 'DIGALACTOSYL DIACYL GLYCEROL (DGDG)'
29 non-polymer Zeaxanthin
30 non-polymer DODECYL-BETA-D-MALTOSIDE
31 non-polymer (3R)-beta,beta-caroten-3-ol
32 water water
#
loop_
_entity_poly.entity_id
_entity_poly.type
_entity_poly.pdbx_seq_one_letter_code
_entity_poly.pdbx_strand_id
1 'polypeptide(L)'
;KVLIDRNVVPTNFEKWSKPGHFSRSLAKGPKTTTWIWNLHADAHDFDSHTNSLEEISRKIFSAHFGQLAVIFIWLSGMYF
HGAKFSNYVAWLNNPINIKPSAQVVWPIIGQEILNADVGGGFQGIQITSGLFQLWRASGITNEMQLYVTAIGGLFMASLM
LFAGWFHYHKAAPKLEWFQNVESMLNHHLAGLLGLGSLGWTGHLIHVSLPINKLLDSGIVPAQIPLPHEFILNRNLMSEL
YPSFNKGLLPFFTLNWNEYNDFLTFKGGLNPVTGGLWLTDIAHHHLAIAVIFIIAGHMYRTNWSIGHSLKEILDAHKGPF
TGEGHRGLFEILTTSWHAQLAINLAMLGSLSIIVAHHMYAMPPYPYLATDYPTQLSLFTHHMWIGGFCIVGAGAHAAIFM
VRDYSPAQNYNNLLDRVIRHRDAIISHLNWVCIFLGFHSFGLYIHNDTMRALGRPQDMFSDVAIQLQPIFAQWIQNCHSI
APGNTAPNVLATTSYVFGGDIISVGNKIAIMPMSLGTADFMVHHIHAFTIHVTALILLKGVLFARNSRLIPDKANLGFRF
PCDGPGRGGTCQVSGWDHVFLGLFWMYNSLSIVIFHFSWKMQSDVWGTISSSGDISHITRGNFAQSAITINGWLRDFLWA
QASQVIQSYGSSSSAYGLMFLGAHFVWAFSLMFLFSGRGYWQELIESIVWAHNKLKVAPSIQPRALSITQGRAVGVAHYL
LGGIATTWAFFLARIIAIG
;
A
2 'polypeptide(L)'
;VTKFPKFSQALAQDPTTRRIWYGIATAHDFESHDNITEENLYQRIFASHFGHLAIIFLWTSGNLFHVAWQGNFEKWILNP
TKIKPIAHAIWDPHFGQAALKAFSQTGVDYPTNISYSGLYHWWYTIGIRTNNDLYLGALFLLVISGLFLFAGWLHLQPKF
KPSLAWFKNNESRLNHHLAGLFGVSSLAWAGHLVHVAIPEARGQHVGWDNFLSTKPHPAGLEPFFKGQWSVYADGPDSMN
HVFNTSEGAGKAILTFLGGFHPQTKSLWLTDIAHHHLAIAVIFIIAGHMYRTNWSIGHSLKEILDAHRAPGGRLGDGHKG
LFETINNSLHFQLGLALASLGVITSLVAQHMYAMPSYVFIANDFTTQAALYTHHQYIAGFLMVGAFAHGAIFFIRDYNPE
QNKNNVLARMLEHKEAIISHLSWVSLFLGFHTLGIYVHNDVVVAFGSPEKQILIEPVFAQWIQAASGKALYGFNILLSSS
DSVATRAGESLWLPGWLKGVNDTNNSLFLDIGPGDFLVHHAIALGLHTTTLILVKGALDARGSKLMPDKKDFGYSFPCDG
PGRGGTCDISAWDAFYLAMFWMLNTLGWLTFYWHWKHLTLWGGNVNQFNESSTYLMGWFRDYLWLNSSPLINGYNPYGVN
NLSVWAWMFLFGHLVWATGFMFLISWRGYWQELIETLAWAHERTPLANLIKWKDKPVALSIVQARLVGLAHFAVGYILTY
APFVIASTVGKF
;
B
3 'polypeptide(L)' AHNVKIYDTCIGCTQCVRACPCDVLEMVPWDGCKALQIASAPRTEDCVGCKRCETACPTDFLSIRVYLGAETSRSMGLAY C
4 'polypeptide(L)'
;TLNLKMPSPSFGGSTGGWLRSAENEEKYAITWISKNEEVFEMPTAGAALMRSGENLLYFARKEQCLSLGTQLKTQFKIDN
YKIYRVFPNGEIQYLHPKDGVFPEKVNEGRKAINTLTRSIGKNPDPVVVKFINKQTFE
;
D
5 'polypeptide(L)' MVQKGSKVKILRKESYWYQEIGNVVTVEKSGIKYPIIVRFDKVNYAGVNTNNFASEEVIEIEAP E
6 'polypeptide(L)'
;EFNNLIPCKESKIFNKRLESTIKKLENKLSKYEVGSSSYLAIKNTINKTNNRFHKYMESGVLCGKDGLPHLIADGRWSHA
GEFVIPSLLFIYISGWIGWVGRGYLSAIKNTNKAIENEIIIDVPLALKFMSSGFIWPLSALREYTKGDLLMKDSEVTISP
R
;
F
7 'polypeptide(L)' MTASYLPSILVPIIGLVFPFISMALFFIYVEQEE I
8 'polypeptide(L)' MNKDLLKYLSTAPVLGVIWIAITAAIIVEFNRLYPDALFFPL J
9 'polypeptide(L)' SASTSIIFIVVNTICIILGKYSIQNKKNQVSLIANINLAELLASMSLGHIISSATVIGLKSLNII K
10 'polypeptide(L)'
;DFIKPYNDDPFVGNLATPINTSSLTKNLLGNLPIYRRRLSPLLRGLEIGMAHGYFFIGPFYKLGPLRNSEIALLSGFLSC
VGLIIFLTVGLLLYGNTSFDKDESKDQLQTSEGWNQFTAGFLVGAIGGAGFAYLILVNL
;
L
11 'polypeptide(L)' MINDSQIFIALILSLVPAVLALKLAREL M
12 'polypeptide(L)'
;FQISEDTPFDANPLVIIVALLGWTLPASIPSNIPILHGTGLTQAFFTSIQSNLAEWPKGPALDDPFWLYMVLWHVGLFIV
LFFGTIGYGISKNRV
;
O
13 'polypeptide(L)'
;KDTFWTGKVPPSTVLGIGEKVPSAAYIISSVVCLLVGSYCVYESNLLSPLTVTTINPLYVLGSLLVPYSWGLHVAGWIQL
KNGK
;
Z
14 'polypeptide(L)'
;LGIFRQAMKDFASEYPDFVSRGLGVTSKAERWNGRHAMFGLLAIVLTGYAKGHGWIPNADQVLDMQQWGTLVMEGFNQKI
TNERAIVLVAHIHVLLVSIAAAIAPFSFQDRLLLRPGEKDEEPAGLLPPFKLGLTKEAELWNGRLAMLGVTFIVATSIIT
GQSILDVVNKGLGNILY
;
1
15 'polypeptide(L)'
;SRALPFLEAPKKLDGKIPGDAGFDPLYISDNMNLDYLRASEIKHCRVAMLAALGYITQEFFHLPGDVFNEKHALAAIHKV
PIEGWIQIILFISLVEIATFRTTFSFDREPGDFGFDPLGLAKSPQLRRRYQESEIRNGRLAMIAVIGFIVQELVTGKSVV
EQ
;
2
16 'polypeptide(L)'
;GFDPLGFSTIIDLRYLRESELKHCRIAMLAVVGFIVQEFIHLPGDLFSNPHPMQAIGQVPISGWIQIFLLVAILEMIDIA
AIKETLQGNREPGYFGFDPLGLAKDKQAHDRYLLSELKNGRLAMIASIAFM
;
3
17 'polypeptide(L)'
;RMSKAIPFFPKPARLDESMPGYAGFDPLGFSDKFDVKFLQEAEIKHCRICMLAALGWVVPEFWHLPSEVFSNTSPLAALG
QVPKLGLIQILLLVLALEAISLDKITFHPEKEPGDFGFDPLGLGKGNAKKWMQTAELKNGRLAMIAMGAFFHQNLLTNQG
IFEQLRTHNFFPTTFPLH
;
4
18 'polypeptide(L)'
;TKSLSVPFLERPKNLDGTAPGDVGFDPLYISDLLDIQWLRESEIKHGRICMLAAVGFIVQEFVHLPGEVFSNKVAIDALF
QVPSGGLWQIFLFIGLLEFVMNKGKMTPLDMFSDPNRKPGDFGFDPLGLGKDPQARKRYEVAEIKNGRLAMLAVGGFIHH
MLLTHQGVVEQLTHFRSL
;
5
19 'polypeptide(L)'
;KPKWSKALPFMLWPQNLDGTMAGDVGFDPFGFTNVFDVKWMREAELKHCRIAMLAALGFIVQELWTFPYPYFSKVPPVLA
HDVYVKTGGMSQILLFVIFFEVISLFAVSQMMEGKREPGVFHFDPLGLAKDPDTFRKYEWSELRNGRLAMIAVGGFIHQY
WVTKQGIFEQLANFRPLS
;
6
20 'polypeptide(L)'
;KSKAIPFLDRPPALDGSMVGDVGFDPLNISSYLDLRWLRESEIKHCRIAMLAVVGWFVQEVYHLPNEIYSSSVPTEAFWK
TLVTGPMGQIVLWTSLFEMISTPAVIQMLQGSGREPGYFGFDPLGLGKNPELYKRFQLSELKNGRLAMIAIGGLIHQSFL
THMGAIQQ
;
7
#
# COMPACT_ATOMS: atom_id res chain seq x y z
N LYS A 1 -22.69 -50.44 2.84
CA LYS A 1 -24.17 -50.31 2.87
C LYS A 1 -24.57 -48.89 2.44
N VAL A 2 -25.65 -48.80 1.65
CA VAL A 2 -26.24 -47.53 1.27
C VAL A 2 -27.23 -47.11 2.36
N LEU A 3 -26.93 -45.97 3.00
CA LEU A 3 -27.75 -45.43 4.08
C LEU A 3 -28.13 -43.98 3.74
N ILE A 4 -29.45 -43.71 3.67
CA ILE A 4 -29.96 -42.43 3.17
C ILE A 4 -31.21 -42.04 3.96
N ASP A 5 -31.43 -40.72 4.07
CA ASP A 5 -32.68 -40.14 4.55
C ASP A 5 -33.35 -39.39 3.40
N ARG A 6 -34.67 -39.57 3.25
CA ARG A 6 -35.40 -39.09 2.09
C ARG A 6 -36.23 -37.85 2.42
N ASN A 7 -36.35 -36.96 1.41
CA ASN A 7 -37.20 -35.77 1.47
C ASN A 7 -36.86 -34.91 2.69
N VAL A 8 -35.57 -34.56 2.81
CA VAL A 8 -35.04 -33.92 3.99
C VAL A 8 -35.36 -32.43 3.98
N VAL A 9 -35.10 -31.74 2.85
CA VAL A 9 -35.14 -30.29 2.81
C VAL A 9 -36.09 -29.83 1.69
N PRO A 10 -37.18 -29.09 2.00
CA PRO A 10 -38.04 -28.52 0.96
C PRO A 10 -37.34 -27.55 0.01
N THR A 11 -37.86 -27.49 -1.22
CA THR A 11 -37.31 -26.65 -2.27
C THR A 11 -38.25 -25.46 -2.49
N ASN A 12 -37.90 -24.31 -1.92
CA ASN A 12 -38.62 -23.06 -2.17
C ASN A 12 -37.65 -21.90 -1.98
N PHE A 13 -38.10 -20.70 -2.38
CA PHE A 13 -37.26 -19.51 -2.39
C PHE A 13 -37.38 -18.71 -1.08
N GLU A 14 -38.05 -19.26 -0.07
CA GLU A 14 -38.32 -18.56 1.18
C GLU A 14 -37.02 -18.04 1.80
N LYS A 15 -36.00 -18.89 1.92
CA LYS A 15 -34.77 -18.56 2.61
C LYS A 15 -33.82 -17.72 1.74
N TRP A 16 -34.09 -17.61 0.43
CA TRP A 16 -33.26 -16.82 -0.45
C TRP A 16 -33.35 -15.33 -0.13
N SER A 17 -34.48 -14.89 0.43
CA SER A 17 -34.69 -13.51 0.85
C SER A 17 -34.47 -13.35 2.35
N LYS A 18 -33.79 -14.32 2.98
CA LYS A 18 -33.45 -14.25 4.38
C LYS A 18 -31.94 -14.41 4.51
N PRO A 19 -31.13 -13.38 4.17
CA PRO A 19 -29.68 -13.52 4.16
C PRO A 19 -29.12 -13.89 5.53
N GLY A 20 -28.20 -14.86 5.55
CA GLY A 20 -27.59 -15.31 6.79
C GLY A 20 -28.49 -16.24 7.59
N HIS A 21 -29.50 -16.85 6.93
CA HIS A 21 -30.35 -17.84 7.55
C HIS A 21 -29.54 -18.98 8.17
N PHE A 22 -28.42 -19.32 7.53
CA PHE A 22 -27.60 -20.48 7.85
C PHE A 22 -26.85 -20.34 9.18
N SER A 23 -26.80 -19.13 9.76
CA SER A 23 -26.04 -18.88 10.98
C SER A 23 -26.90 -18.20 12.03
N ARG A 24 -26.81 -18.67 13.28
CA ARG A 24 -27.53 -18.11 14.41
C ARG A 24 -27.14 -16.65 14.62
N SER A 25 -25.83 -16.36 14.50
CA SER A 25 -25.30 -15.02 14.67
C SER A 25 -25.80 -14.06 13.59
N LEU A 26 -25.94 -14.54 12.34
CA LEU A 26 -26.24 -13.68 11.22
C LEU A 26 -27.75 -13.60 10.94
N ALA A 27 -28.53 -14.58 11.43
CA ALA A 27 -29.94 -14.69 11.05
C ALA A 27 -30.76 -13.50 11.57
N LYS A 28 -30.30 -12.87 12.66
CA LYS A 28 -30.99 -11.73 13.27
C LYS A 28 -30.96 -10.49 12.37
N GLY A 29 -30.01 -10.40 11.44
CA GLY A 29 -29.96 -9.31 10.48
C GLY A 29 -28.96 -8.23 10.90
N PRO A 30 -28.62 -7.28 10.00
CA PRO A 30 -27.56 -6.30 10.27
C PRO A 30 -27.97 -5.19 11.22
N LYS A 31 -27.00 -4.71 12.01
CA LYS A 31 -27.12 -3.44 12.71
C LYS A 31 -26.07 -2.46 12.19
N THR A 32 -25.21 -2.94 11.29
CA THR A 32 -23.91 -2.37 11.01
C THR A 32 -23.43 -3.02 9.71
N THR A 33 -22.57 -2.35 8.94
CA THR A 33 -22.11 -2.88 7.66
C THR A 33 -21.21 -4.10 7.84
N THR A 34 -20.63 -4.28 9.03
CA THR A 34 -19.82 -5.46 9.32
C THR A 34 -20.59 -6.74 9.00
N TRP A 35 -21.91 -6.74 9.22
CA TRP A 35 -22.75 -7.91 8.98
C TRP A 35 -22.69 -8.35 7.50
N ILE A 36 -22.64 -7.39 6.58
CA ILE A 36 -22.63 -7.69 5.15
C ILE A 36 -21.39 -8.49 4.79
N TRP A 37 -20.24 -8.11 5.34
CA TRP A 37 -19.00 -8.82 5.08
C TRP A 37 -19.01 -10.19 5.74
N ASN A 38 -19.51 -10.28 6.98
CA ASN A 38 -19.58 -11.54 7.70
C ASN A 38 -20.42 -12.57 6.96
N LEU A 39 -21.50 -12.14 6.30
CA LEU A 39 -22.36 -13.03 5.54
C LEU A 39 -21.56 -13.80 4.49
N HIS A 40 -20.70 -13.09 3.76
CA HIS A 40 -19.93 -13.69 2.69
C HIS A 40 -18.80 -14.54 3.25
N ALA A 41 -18.12 -14.04 4.28
CA ALA A 41 -16.98 -14.72 4.87
C ALA A 41 -17.37 -16.05 5.50
N ASP A 42 -18.63 -16.19 5.96
CA ASP A 42 -19.04 -17.34 6.74
C ASP A 42 -19.93 -18.29 5.94
N ALA A 43 -20.19 -17.98 4.66
CA ALA A 43 -21.19 -18.70 3.88
C ALA A 43 -20.85 -20.18 3.74
N HIS A 44 -19.57 -20.52 3.50
CA HIS A 44 -19.17 -21.90 3.28
C HIS A 44 -18.40 -22.48 4.46
N ASP A 45 -18.42 -21.82 5.62
CA ASP A 45 -17.81 -22.37 6.82
C ASP A 45 -18.85 -23.25 7.52
N PHE A 46 -19.12 -24.42 6.94
CA PHE A 46 -20.29 -25.22 7.29
C PHE A 46 -20.23 -25.71 8.74
N ASP A 47 -19.03 -25.99 9.27
CA ASP A 47 -18.93 -26.52 10.62
C ASP A 47 -19.15 -25.42 11.66
N SER A 48 -19.15 -24.15 11.24
CA SER A 48 -19.54 -23.06 12.12
C SER A 48 -21.06 -22.89 12.15
N HIS A 49 -21.77 -23.47 11.16
CA HIS A 49 -23.22 -23.39 11.11
C HIS A 49 -23.87 -24.39 12.06
N THR A 50 -23.32 -25.61 12.13
CA THR A 50 -23.91 -26.70 12.90
C THR A 50 -22.80 -27.55 13.51
N ASN A 51 -23.16 -28.31 14.56
CA ASN A 51 -22.26 -29.22 15.23
C ASN A 51 -22.36 -30.63 14.64
N SER A 52 -23.43 -30.89 13.88
CA SER A 52 -23.71 -32.22 13.34
C SER A 52 -22.73 -32.54 12.20
N LEU A 53 -21.96 -33.63 12.36
CA LEU A 53 -21.03 -34.06 11.34
C LEU A 53 -21.78 -34.58 10.12
N GLU A 54 -22.95 -35.18 10.34
CA GLU A 54 -23.80 -35.66 9.26
C GLU A 54 -24.27 -34.48 8.40
N GLU A 55 -24.78 -33.42 9.03
CA GLU A 55 -25.25 -32.25 8.31
C GLU A 55 -24.12 -31.61 7.51
N ILE A 56 -22.92 -31.49 8.12
CA ILE A 56 -21.78 -30.89 7.46
C ILE A 56 -21.43 -31.70 6.21
N SER A 57 -21.37 -33.03 6.36
CA SER A 57 -20.97 -33.91 5.28
C SER A 57 -21.92 -33.80 4.08
N ARG A 58 -23.22 -33.68 4.35
CA ARG A 58 -24.22 -33.59 3.31
C ARG A 58 -24.08 -32.30 2.49
N LYS A 59 -23.80 -31.20 3.18
CA LYS A 59 -23.63 -29.93 2.49
C LYS A 59 -22.42 -30.00 1.58
N ILE A 60 -21.33 -30.63 2.06
CA ILE A 60 -20.09 -30.71 1.33
C ILE A 60 -20.31 -31.52 0.06
N PHE A 61 -20.89 -32.72 0.19
CA PHE A 61 -21.11 -33.60 -0.94
C PHE A 61 -21.88 -32.87 -2.04
N SER A 62 -22.94 -32.15 -1.62
CA SER A 62 -23.77 -31.41 -2.55
C SER A 62 -23.04 -30.23 -3.17
N ALA A 63 -22.25 -29.49 -2.38
CA ALA A 63 -21.44 -28.39 -2.89
C ALA A 63 -20.47 -28.88 -3.97
N HIS A 64 -19.95 -30.10 -3.81
CA HIS A 64 -19.02 -30.68 -4.76
C HIS A 64 -19.66 -30.87 -6.13
N PHE A 65 -20.93 -31.29 -6.17
CA PHE A 65 -21.66 -31.38 -7.42
C PHE A 65 -21.79 -30.00 -8.06
N GLY A 66 -21.99 -28.98 -7.21
CA GLY A 66 -22.05 -27.61 -7.67
C GLY A 66 -20.76 -27.20 -8.35
N GLN A 67 -19.61 -27.57 -7.76
CA GLN A 67 -18.31 -27.25 -8.34
C GLN A 67 -18.19 -27.95 -9.69
N LEU A 68 -18.58 -29.23 -9.77
CA LEU A 68 -18.48 -29.99 -11.01
C LEU A 68 -19.36 -29.38 -12.11
N ALA A 69 -20.54 -28.91 -11.76
CA ALA A 69 -21.40 -28.24 -12.73
C ALA A 69 -20.69 -27.02 -13.32
N VAL A 70 -20.10 -26.19 -12.45
CA VAL A 70 -19.38 -25.00 -12.88
C VAL A 70 -18.23 -25.39 -13.81
N ILE A 71 -17.51 -26.48 -13.50
CA ILE A 71 -16.39 -26.90 -14.33
C ILE A 71 -16.89 -27.38 -15.68
N PHE A 72 -18.05 -28.05 -15.74
CA PHE A 72 -18.58 -28.52 -17.01
C PHE A 72 -19.04 -27.34 -17.88
N ILE A 73 -19.62 -26.30 -17.28
CA ILE A 73 -20.03 -25.13 -18.03
C ILE A 73 -18.79 -24.47 -18.65
N TRP A 74 -17.73 -24.33 -17.85
CA TRP A 74 -16.48 -23.74 -18.31
C TRP A 74 -15.87 -24.57 -19.44
N LEU A 75 -15.80 -25.89 -19.26
CA LEU A 75 -15.29 -26.80 -20.27
C LEU A 75 -16.11 -26.70 -21.55
N SER A 76 -17.44 -26.72 -21.40
CA SER A 76 -18.36 -26.57 -22.52
C SER A 76 -18.11 -25.27 -23.27
N GLY A 77 -17.92 -24.18 -22.54
CA GLY A 77 -17.60 -22.89 -23.14
C GLY A 77 -16.32 -22.95 -23.98
N MET A 78 -15.29 -23.65 -23.49
CA MET A 78 -14.04 -23.73 -24.22
C MET A 78 -14.26 -24.45 -25.56
N TYR A 79 -14.96 -25.59 -25.55
CA TYR A 79 -15.28 -26.34 -26.75
C TYR A 79 -16.14 -25.50 -27.71
N PHE A 80 -17.14 -24.79 -27.18
CA PHE A 80 -18.04 -24.01 -28.00
C PHE A 80 -17.28 -22.86 -28.68
N HIS A 81 -16.40 -22.18 -27.95
CA HIS A 81 -15.59 -21.13 -28.52
C HIS A 81 -14.65 -21.70 -29.58
N GLY A 82 -14.14 -22.92 -29.35
CA GLY A 82 -13.40 -23.66 -30.35
C GLY A 82 -14.20 -23.83 -31.64
N ALA A 83 -15.47 -24.24 -31.49
CA ALA A 83 -16.32 -24.57 -32.63
C ALA A 83 -16.74 -23.30 -33.39
N LYS A 84 -17.08 -22.24 -32.67
CA LYS A 84 -17.82 -21.12 -33.22
C LYS A 84 -16.90 -19.95 -33.53
N PHE A 85 -15.88 -19.70 -32.69
CA PHE A 85 -15.16 -18.44 -32.73
C PHE A 85 -13.65 -18.64 -32.82
N SER A 86 -13.18 -19.66 -33.58
CA SER A 86 -11.77 -19.99 -33.58
C SER A 86 -11.26 -20.26 -34.99
N ASN A 87 -9.94 -20.35 -35.11
CA ASN A 87 -9.29 -20.73 -36.37
C ASN A 87 -8.72 -22.13 -36.25
N TYR A 88 -9.42 -23.01 -35.50
CA TYR A 88 -8.94 -24.35 -35.23
C TYR A 88 -8.70 -25.11 -36.54
N VAL A 89 -9.67 -25.12 -37.44
CA VAL A 89 -9.56 -25.92 -38.65
C VAL A 89 -8.40 -25.43 -39.51
N ALA A 90 -8.28 -24.11 -39.67
CA ALA A 90 -7.18 -23.51 -40.41
C ALA A 90 -5.84 -23.90 -39.78
N TRP A 91 -5.76 -23.86 -38.44
CA TRP A 91 -4.55 -24.23 -37.72
C TRP A 91 -4.23 -25.70 -37.93
N LEU A 92 -5.27 -26.55 -37.92
CA LEU A 92 -5.12 -27.98 -38.12
C LEU A 92 -4.36 -28.26 -39.42
N ASN A 93 -4.68 -27.48 -40.46
CA ASN A 93 -4.09 -27.62 -41.79
C ASN A 93 -2.65 -27.10 -41.85
N ASN A 94 -2.28 -26.12 -41.02
CA ASN A 94 -0.99 -25.45 -41.13
C ASN A 94 -0.49 -25.02 -39.74
N PRO A 95 -0.18 -25.98 -38.84
CA PRO A 95 0.05 -25.64 -37.43
C PRO A 95 1.35 -24.91 -37.13
N ILE A 96 2.32 -24.91 -38.07
CA ILE A 96 3.60 -24.25 -37.85
C ILE A 96 3.44 -22.73 -38.05
N ASN A 97 2.52 -22.31 -38.93
CA ASN A 97 2.47 -20.93 -39.38
C ASN A 97 1.18 -20.20 -38.97
N ILE A 98 0.34 -20.83 -38.13
CA ILE A 98 -0.87 -20.17 -37.67
C ILE A 98 -0.84 -20.13 -36.15
N LYS A 99 -1.19 -18.97 -35.58
CA LYS A 99 -1.31 -18.82 -34.14
C LYS A 99 -2.73 -19.22 -33.75
N PRO A 100 -2.93 -20.05 -32.70
CA PRO A 100 -4.27 -20.36 -32.22
C PRO A 100 -5.03 -19.16 -31.68
N SER A 101 -6.32 -19.08 -32.01
CA SER A 101 -7.18 -18.03 -31.48
C SER A 101 -8.60 -18.57 -31.33
N ALA A 102 -9.23 -18.34 -30.17
CA ALA A 102 -10.59 -18.77 -29.93
C ALA A 102 -11.37 -17.73 -29.11
N GLN A 103 -10.99 -16.45 -29.22
CA GLN A 103 -11.75 -15.38 -28.63
C GLN A 103 -11.72 -14.21 -29.60
N VAL A 104 -12.89 -13.66 -29.90
CA VAL A 104 -13.04 -12.55 -30.84
C VAL A 104 -13.82 -11.45 -30.15
N VAL A 105 -13.40 -10.19 -30.27
CA VAL A 105 -14.04 -9.13 -29.52
C VAL A 105 -15.01 -8.39 -30.45
N TRP A 106 -16.08 -7.84 -29.88
CA TRP A 106 -17.02 -6.99 -30.61
C TRP A 106 -16.41 -5.62 -30.89
N PRO A 107 -16.80 -4.94 -31.99
CA PRO A 107 -16.29 -3.61 -32.29
C PRO A 107 -17.04 -2.51 -31.54
N ILE A 108 -16.54 -2.17 -30.35
CA ILE A 108 -17.08 -1.09 -29.53
C ILE A 108 -15.90 -0.27 -29.00
N ILE A 109 -16.07 1.05 -28.97
CA ILE A 109 -15.08 2.00 -28.48
C ILE A 109 -13.66 1.68 -28.92
N GLY A 110 -13.50 1.11 -30.12
CA GLY A 110 -12.20 0.92 -30.74
C GLY A 110 -11.47 -0.34 -30.27
N GLN A 111 -12.15 -1.24 -29.54
CA GLN A 111 -11.48 -2.39 -28.95
C GLN A 111 -11.20 -3.48 -29.99
N GLU A 112 -11.74 -3.38 -31.20
CA GLU A 112 -11.51 -4.38 -32.24
C GLU A 112 -10.03 -4.46 -32.64
N ILE A 113 -9.22 -3.45 -32.27
CA ILE A 113 -7.78 -3.53 -32.41
C ILE A 113 -7.22 -4.81 -31.78
N LEU A 114 -7.91 -5.35 -30.76
CA LEU A 114 -7.45 -6.54 -30.07
C LEU A 114 -7.59 -7.81 -30.91
N ASN A 115 -8.39 -7.79 -31.98
CA ASN A 115 -8.48 -8.91 -32.90
C ASN A 115 -7.22 -8.96 -33.75
N ALA A 116 -6.22 -9.71 -33.26
CA ALA A 116 -4.87 -9.75 -33.83
C ALA A 116 -4.86 -10.55 -35.12
N ASP A 117 -3.79 -10.37 -35.91
CA ASP A 117 -3.59 -11.09 -37.16
C ASP A 117 -2.89 -12.41 -36.86
N VAL A 118 -3.68 -13.46 -36.62
CA VAL A 118 -3.17 -14.73 -36.13
C VAL A 118 -2.98 -15.73 -37.28
N GLY A 119 -3.40 -15.35 -38.50
CA GLY A 119 -3.26 -16.20 -39.67
C GLY A 119 -4.53 -16.99 -39.95
N GLY A 120 -4.54 -17.68 -41.10
CA GLY A 120 -5.69 -18.43 -41.55
C GLY A 120 -6.85 -17.52 -41.93
N GLY A 121 -6.53 -16.30 -42.36
CA GLY A 121 -7.54 -15.28 -42.67
C GLY A 121 -8.30 -14.78 -41.45
N PHE A 122 -7.86 -15.16 -40.24
CA PHE A 122 -8.64 -14.96 -39.03
C PHE A 122 -8.10 -13.79 -38.23
N GLN A 123 -8.97 -13.14 -37.46
CA GLN A 123 -8.57 -12.11 -36.52
C GLN A 123 -9.21 -12.39 -35.16
N GLY A 124 -8.38 -12.39 -34.10
CA GLY A 124 -8.85 -12.72 -32.78
C GLY A 124 -7.70 -12.68 -31.78
N ILE A 125 -8.02 -12.93 -30.51
CA ILE A 125 -7.01 -12.96 -29.46
C ILE A 125 -6.28 -14.29 -29.56
N GLN A 126 -4.94 -14.23 -29.51
CA GLN A 126 -4.12 -15.43 -29.52
C GLN A 126 -4.21 -16.10 -28.15
N ILE A 127 -4.59 -17.38 -28.13
CA ILE A 127 -4.78 -18.09 -26.89
C ILE A 127 -3.51 -18.84 -26.52
N THR A 128 -3.31 -19.09 -25.22
CA THR A 128 -2.12 -19.79 -24.73
C THR A 128 -2.50 -20.95 -23.82
N SER A 129 -3.75 -21.41 -23.88
CA SER A 129 -4.24 -22.47 -23.02
C SER A 129 -3.85 -23.86 -23.53
N GLY A 130 -3.41 -23.98 -24.79
CA GLY A 130 -3.01 -25.26 -25.33
C GLY A 130 -4.17 -26.13 -25.80
N LEU A 131 -5.37 -25.56 -25.94
CA LEU A 131 -6.57 -26.32 -26.31
C LEU A 131 -6.39 -26.97 -27.69
N PHE A 132 -5.87 -26.23 -28.67
CA PHE A 132 -5.75 -26.74 -30.03
C PHE A 132 -4.87 -27.98 -30.06
N GLN A 133 -3.76 -27.95 -29.31
CA GLN A 133 -2.85 -29.08 -29.28
C GLN A 133 -3.52 -30.28 -28.60
N LEU A 134 -4.27 -30.02 -27.51
CA LEU A 134 -5.07 -31.03 -26.84
C LEU A 134 -6.03 -31.68 -27.84
N TRP A 135 -6.79 -30.86 -28.56
CA TRP A 135 -7.82 -31.35 -29.46
C TRP A 135 -7.22 -32.14 -30.63
N ARG A 136 -6.10 -31.67 -31.16
CA ARG A 136 -5.39 -32.41 -32.20
C ARG A 136 -5.01 -33.81 -31.72
N ALA A 137 -4.49 -33.92 -30.50
CA ALA A 137 -4.07 -35.20 -29.95
C ALA A 137 -5.26 -36.13 -29.73
N SER A 138 -6.44 -35.55 -29.47
CA SER A 138 -7.68 -36.29 -29.27
C SER A 138 -8.26 -36.78 -30.60
N GLY A 139 -7.78 -36.23 -31.73
CA GLY A 139 -8.20 -36.67 -33.04
C GLY A 139 -9.36 -35.87 -33.59
N ILE A 140 -9.65 -34.70 -32.99
CA ILE A 140 -10.74 -33.84 -33.45
C ILE A 140 -10.29 -33.12 -34.71
N THR A 141 -11.07 -33.23 -35.79
CA THR A 141 -10.67 -32.69 -37.08
C THR A 141 -11.68 -31.68 -37.63
N ASN A 142 -12.79 -31.39 -36.94
CA ASN A 142 -13.78 -30.46 -37.46
C ASN A 142 -14.59 -29.83 -36.35
N GLU A 143 -15.26 -28.73 -36.70
CA GLU A 143 -16.03 -27.92 -35.76
C GLU A 143 -17.25 -28.66 -35.24
N MET A 144 -17.78 -29.62 -36.02
CA MET A 144 -18.95 -30.38 -35.60
C MET A 144 -18.65 -31.18 -34.33
N GLN A 145 -17.45 -31.77 -34.25
CA GLN A 145 -17.07 -32.56 -33.09
C GLN A 145 -16.92 -31.69 -31.85
N LEU A 146 -16.48 -30.43 -32.03
CA LEU A 146 -16.34 -29.51 -30.93
C LEU A 146 -17.72 -29.09 -30.42
N TYR A 147 -18.64 -28.79 -31.35
CA TYR A 147 -20.01 -28.40 -31.01
C TYR A 147 -20.68 -29.48 -30.16
N VAL A 148 -20.55 -30.73 -30.58
CA VAL A 148 -21.21 -31.85 -29.93
C VAL A 148 -20.62 -32.09 -28.54
N THR A 149 -19.31 -31.88 -28.39
CA THR A 149 -18.67 -31.98 -27.10
C THR A 149 -19.17 -30.87 -26.19
N ALA A 150 -19.35 -29.66 -26.75
CA ALA A 150 -19.86 -28.54 -25.98
C ALA A 150 -21.26 -28.85 -25.45
N ILE A 151 -22.09 -29.48 -26.27
CA ILE A 151 -23.47 -29.79 -25.90
C ILE A 151 -23.46 -30.85 -24.81
N GLY A 152 -22.64 -31.89 -25.01
CA GLY A 152 -22.45 -32.92 -24.00
C GLY A 152 -22.01 -32.34 -22.66
N GLY A 153 -21.20 -31.27 -22.70
CA GLY A 153 -20.78 -30.57 -21.50
C GLY A 153 -21.95 -29.91 -20.78
N LEU A 154 -22.88 -29.30 -21.53
CA LEU A 154 -24.03 -28.66 -20.93
C LEU A 154 -24.96 -29.71 -20.34
N PHE A 155 -25.02 -30.88 -20.97
CA PHE A 155 -25.81 -31.98 -20.44
C PHE A 155 -25.22 -32.44 -19.11
N MET A 156 -23.89 -32.62 -19.06
CA MET A 156 -23.22 -33.04 -17.85
C MET A 156 -23.38 -32.00 -16.74
N ALA A 157 -23.26 -30.72 -17.07
CA ALA A 157 -23.43 -29.66 -16.10
C ALA A 157 -24.82 -29.76 -15.45
N SER A 158 -25.85 -29.96 -16.27
CA SER A 158 -27.22 -30.04 -15.79
C SER A 158 -27.41 -31.29 -14.92
N LEU A 159 -26.71 -32.36 -15.27
CA LEU A 159 -26.77 -33.61 -14.52
C LEU A 159 -26.09 -33.46 -13.16
N MET A 160 -24.99 -32.69 -13.10
CA MET A 160 -24.29 -32.44 -11.84
C MET A 160 -25.15 -31.54 -10.95
N LEU A 161 -25.81 -30.56 -11.56
CA LEU A 161 -26.66 -29.63 -10.82
C LEU A 161 -27.87 -30.37 -10.27
N PHE A 162 -28.42 -31.33 -11.02
CA PHE A 162 -29.51 -32.16 -10.53
C PHE A 162 -29.03 -33.01 -9.36
N ALA A 163 -27.88 -33.68 -9.50
CA ALA A 163 -27.36 -34.56 -8.47
C ALA A 163 -27.09 -33.79 -7.18
N GLY A 164 -26.55 -32.57 -7.31
CA GLY A 164 -26.32 -31.72 -6.17
C GLY A 164 -27.61 -31.43 -5.42
N TRP A 165 -28.65 -31.05 -6.17
CA TRP A 165 -29.96 -30.77 -5.60
C TRP A 165 -30.53 -32.03 -4.97
N PHE A 166 -30.52 -33.13 -5.74
CA PHE A 166 -31.10 -34.39 -5.34
C PHE A 166 -30.48 -34.91 -4.05
N HIS A 167 -29.14 -34.90 -3.98
CA HIS A 167 -28.44 -35.50 -2.86
C HIS A 167 -28.41 -34.58 -1.63
N TYR A 168 -28.90 -33.34 -1.76
CA TYR A 168 -29.08 -32.51 -0.57
C TYR A 168 -30.55 -32.56 -0.14
N HIS A 169 -31.47 -32.32 -1.09
CA HIS A 169 -32.86 -32.05 -0.77
C HIS A 169 -33.71 -33.30 -0.70
N LYS A 170 -33.31 -34.37 -1.41
CA LYS A 170 -34.21 -35.48 -1.69
C LYS A 170 -33.67 -36.80 -1.15
N ALA A 171 -32.37 -37.06 -1.29
CA ALA A 171 -31.78 -38.33 -0.88
C ALA A 171 -30.37 -38.12 -0.34
N ALA A 172 -30.29 -37.59 0.88
CA ALA A 172 -29.03 -37.23 1.51
C ALA A 172 -28.42 -38.44 2.21
N PRO A 173 -27.17 -38.86 1.89
CA PRO A 173 -26.56 -39.99 2.56
C PRO A 173 -26.30 -39.76 4.05
N LYS A 174 -26.32 -40.86 4.83
CA LYS A 174 -26.05 -40.79 6.26
C LYS A 174 -24.55 -40.76 6.49
N LEU A 175 -24.14 -40.36 7.70
CA LEU A 175 -22.73 -40.18 8.03
C LEU A 175 -21.96 -41.48 7.80
N GLU A 176 -22.57 -42.61 8.14
CA GLU A 176 -21.94 -43.92 8.03
C GLU A 176 -21.54 -44.20 6.57
N TRP A 177 -22.32 -43.67 5.62
CA TRP A 177 -21.97 -43.80 4.21
C TRP A 177 -20.66 -43.08 3.91
N PHE A 178 -20.50 -41.84 4.39
CA PHE A 178 -19.32 -41.07 4.10
C PHE A 178 -18.08 -41.68 4.75
N GLN A 179 -18.25 -42.35 5.89
CA GLN A 179 -17.09 -42.87 6.62
C GLN A 179 -16.63 -44.22 6.08
N ASN A 180 -17.24 -44.70 4.99
CA ASN A 180 -16.81 -45.90 4.28
C ASN A 180 -15.55 -45.61 3.46
N VAL A 181 -14.42 -45.39 4.14
CA VAL A 181 -13.23 -44.90 3.48
C VAL A 181 -12.57 -46.03 2.69
N GLU A 182 -12.68 -47.28 3.15
CA GLU A 182 -12.15 -48.43 2.44
C GLU A 182 -12.85 -48.57 1.08
N SER A 183 -14.17 -48.45 1.07
CA SER A 183 -14.96 -48.55 -0.15
C SER A 183 -14.65 -47.37 -1.07
N MET A 184 -14.51 -46.17 -0.50
CA MET A 184 -14.24 -44.99 -1.31
C MET A 184 -12.91 -45.15 -2.03
N LEU A 185 -11.88 -45.62 -1.31
CA LEU A 185 -10.56 -45.79 -1.87
C LEU A 185 -10.57 -46.85 -2.98
N ASN A 186 -11.19 -48.01 -2.73
CA ASN A 186 -11.31 -49.05 -3.75
C ASN A 186 -11.94 -48.51 -5.03
N HIS A 187 -13.03 -47.74 -4.90
CA HIS A 187 -13.72 -47.22 -6.07
C HIS A 187 -12.93 -46.10 -6.76
N HIS A 188 -12.26 -45.24 -6.00
CA HIS A 188 -11.52 -44.15 -6.63
C HIS A 188 -10.25 -44.66 -7.30
N LEU A 189 -9.63 -45.71 -6.75
CA LEU A 189 -8.45 -46.27 -7.37
C LEU A 189 -8.84 -47.10 -8.60
N ALA A 190 -9.65 -48.14 -8.42
CA ALA A 190 -9.99 -49.03 -9.51
C ALA A 190 -10.97 -48.35 -10.48
N GLY A 191 -11.99 -47.68 -9.94
CA GLY A 191 -13.08 -47.16 -10.73
C GLY A 191 -12.72 -45.85 -11.41
N LEU A 192 -12.45 -44.81 -10.63
CA LEU A 192 -12.24 -43.49 -11.19
C LEU A 192 -10.92 -43.47 -11.98
N LEU A 193 -9.80 -43.81 -11.32
CA LEU A 193 -8.49 -43.67 -11.93
C LEU A 193 -8.21 -44.83 -12.89
N GLY A 194 -8.46 -46.07 -12.42
CA GLY A 194 -8.21 -47.27 -13.20
C GLY A 194 -9.03 -47.33 -14.50
N LEU A 195 -10.36 -47.28 -14.39
CA LEU A 195 -11.23 -47.35 -15.56
C LEU A 195 -11.12 -46.08 -16.39
N GLY A 196 -10.85 -44.94 -15.75
CA GLY A 196 -10.62 -43.72 -16.49
C GLY A 196 -9.44 -43.89 -17.45
N SER A 197 -8.35 -44.44 -16.92
CA SER A 197 -7.13 -44.62 -17.71
C SER A 197 -7.34 -45.69 -18.78
N LEU A 198 -8.11 -46.73 -18.46
CA LEU A 198 -8.40 -47.78 -19.41
C LEU A 198 -9.27 -47.22 -20.55
N GLY A 199 -10.36 -46.54 -20.20
CA GLY A 199 -11.19 -45.85 -21.16
C GLY A 199 -10.37 -44.94 -22.08
N TRP A 200 -9.44 -44.17 -21.52
CA TRP A 200 -8.66 -43.27 -22.35
C TRP A 200 -7.70 -44.04 -23.25
N THR A 201 -7.16 -45.16 -22.76
CA THR A 201 -6.38 -46.05 -23.63
C THR A 201 -7.23 -46.46 -24.83
N GLY A 202 -8.50 -46.79 -24.60
CA GLY A 202 -9.42 -47.18 -25.65
C GLY A 202 -9.54 -46.09 -26.71
N HIS A 203 -9.75 -44.85 -26.27
CA HIS A 203 -9.80 -43.73 -27.20
C HIS A 203 -8.49 -43.62 -27.97
N LEU A 204 -7.35 -43.69 -27.26
CA LEU A 204 -6.04 -43.48 -27.85
C LEU A 204 -5.81 -44.48 -28.98
N ILE A 205 -6.03 -45.76 -28.69
CA ILE A 205 -5.76 -46.82 -29.64
C ILE A 205 -6.67 -46.70 -30.86
N HIS A 206 -7.96 -46.41 -30.64
CA HIS A 206 -8.96 -46.55 -31.69
C HIS A 206 -9.18 -45.23 -32.44
N VAL A 207 -8.83 -44.08 -31.86
CA VAL A 207 -9.12 -42.80 -32.47
C VAL A 207 -7.84 -41.98 -32.65
N SER A 208 -7.14 -41.68 -31.55
CA SER A 208 -5.99 -40.79 -31.59
C SER A 208 -4.87 -41.37 -32.45
N LEU A 209 -4.50 -42.63 -32.22
CA LEU A 209 -3.37 -43.23 -32.92
C LEU A 209 -3.55 -43.08 -34.43
N PRO A 210 -4.61 -43.64 -35.06
CA PRO A 210 -4.73 -43.58 -36.52
C PRO A 210 -4.76 -42.16 -37.07
N ILE A 211 -5.59 -41.29 -36.48
CA ILE A 211 -5.79 -39.96 -37.02
C ILE A 211 -4.47 -39.19 -36.98
N ASN A 212 -3.75 -39.30 -35.86
CA ASN A 212 -2.50 -38.57 -35.71
C ASN A 212 -1.42 -39.14 -36.62
N LYS A 213 -1.43 -40.46 -36.84
CA LYS A 213 -0.47 -41.06 -37.75
C LYS A 213 -0.69 -40.55 -39.18
N LEU A 214 -1.96 -40.39 -39.58
CA LEU A 214 -2.28 -39.88 -40.90
C LEU A 214 -1.95 -38.40 -41.02
N LEU A 215 -2.25 -37.60 -39.99
CA LEU A 215 -1.93 -36.19 -39.95
C LEU A 215 -0.42 -35.97 -40.12
N ASP A 216 0.37 -36.79 -39.40
CA ASP A 216 1.82 -36.61 -39.33
C ASP A 216 2.48 -37.05 -40.63
N SER A 217 1.87 -38.01 -41.34
CA SER A 217 2.37 -38.47 -42.62
C SER A 217 2.14 -37.40 -43.70
N GLY A 218 1.17 -36.50 -43.44
CA GLY A 218 0.95 -35.34 -44.28
C GLY A 218 -0.39 -35.37 -45.00
N ILE A 219 -1.30 -36.27 -44.59
CA ILE A 219 -2.64 -36.33 -45.16
C ILE A 219 -3.41 -35.10 -44.68
N VAL A 220 -4.17 -34.50 -45.61
CA VAL A 220 -4.97 -33.32 -45.32
C VAL A 220 -6.13 -33.73 -44.41
N PRO A 221 -6.39 -32.99 -43.30
CA PRO A 221 -7.43 -33.34 -42.33
C PRO A 221 -8.76 -33.78 -42.91
N ALA A 222 -9.25 -33.04 -43.91
CA ALA A 222 -10.55 -33.30 -44.51
C ALA A 222 -10.57 -34.66 -45.24
N GLN A 223 -9.38 -35.19 -45.57
CA GLN A 223 -9.26 -36.43 -46.31
C GLN A 223 -9.08 -37.63 -45.38
N ILE A 224 -9.04 -37.39 -44.05
CA ILE A 224 -8.85 -38.46 -43.09
C ILE A 224 -10.21 -39.04 -42.74
N PRO A 225 -10.38 -40.38 -42.65
CA PRO A 225 -11.64 -40.97 -42.21
C PRO A 225 -12.08 -40.51 -40.82
N LEU A 226 -13.40 -40.49 -40.58
CA LEU A 226 -13.93 -40.15 -39.27
C LEU A 226 -13.62 -41.27 -38.29
N PRO A 227 -13.54 -40.99 -36.96
CA PRO A 227 -13.11 -41.97 -35.97
C PRO A 227 -13.79 -43.34 -36.05
N HIS A 228 -15.11 -43.36 -36.24
CA HIS A 228 -15.88 -44.60 -36.25
C HIS A 228 -15.51 -45.49 -37.43
N GLU A 229 -14.95 -44.91 -38.51
CA GLU A 229 -14.51 -45.68 -39.65
C GLU A 229 -13.40 -46.65 -39.26
N PHE A 230 -12.51 -46.24 -38.36
CA PHE A 230 -11.40 -47.08 -37.92
C PHE A 230 -11.92 -48.24 -37.07
N ILE A 231 -13.03 -48.03 -36.36
CA ILE A 231 -13.61 -49.07 -35.52
C ILE A 231 -14.34 -50.11 -36.38
N LEU A 232 -15.13 -49.64 -37.36
CA LEU A 232 -15.98 -50.52 -38.15
C LEU A 232 -15.16 -51.25 -39.22
N ASN A 233 -14.21 -50.54 -39.83
CA ASN A 233 -13.34 -51.10 -40.84
C ASN A 233 -11.95 -51.30 -40.24
N ARG A 234 -11.66 -52.53 -39.78
CA ARG A 234 -10.40 -52.84 -39.13
C ARG A 234 -9.23 -52.72 -40.11
N ASN A 235 -9.47 -52.89 -41.42
CA ASN A 235 -8.42 -52.83 -42.42
C ASN A 235 -7.78 -51.45 -42.47
N LEU A 236 -8.57 -50.39 -42.23
CA LEU A 236 -8.03 -49.04 -42.15
C LEU A 236 -6.97 -48.97 -41.05
N MET A 237 -7.26 -49.61 -39.91
CA MET A 237 -6.33 -49.65 -38.79
C MET A 237 -5.12 -50.50 -39.16
N SER A 238 -5.35 -51.67 -39.75
CA SER A 238 -4.28 -52.63 -39.99
C SER A 238 -3.29 -52.12 -41.03
N GLU A 239 -3.75 -51.26 -41.96
CA GLU A 239 -2.85 -50.54 -42.85
C GLU A 239 -1.79 -49.77 -42.06
N LEU A 240 -2.22 -49.08 -41.00
CA LEU A 240 -1.35 -48.22 -40.21
C LEU A 240 -0.57 -49.03 -39.16
N TYR A 241 -1.25 -49.99 -38.51
CA TYR A 241 -0.64 -50.81 -37.48
C TYR A 241 -0.96 -52.27 -37.78
N PRO A 242 -0.08 -53.01 -38.49
CA PRO A 242 -0.36 -54.37 -38.94
C PRO A 242 -0.82 -55.38 -37.89
N SER A 243 -0.43 -55.19 -36.62
CA SER A 243 -0.78 -56.13 -35.56
C SER A 243 -2.31 -56.23 -35.36
N PHE A 244 -3.07 -55.25 -35.86
CA PHE A 244 -4.52 -55.30 -35.81
C PHE A 244 -5.09 -56.45 -36.65
N ASN A 245 -4.32 -56.99 -37.60
CA ASN A 245 -4.73 -58.17 -38.34
C ASN A 245 -4.91 -59.37 -37.42
N LYS A 246 -4.11 -59.44 -36.34
CA LYS A 246 -4.14 -60.57 -35.42
C LYS A 246 -5.26 -60.45 -34.38
N GLY A 247 -5.90 -59.27 -34.29
CA GLY A 247 -7.08 -59.10 -33.44
C GLY A 247 -6.74 -59.21 -31.95
N LEU A 248 -7.68 -59.77 -31.18
CA LEU A 248 -7.57 -59.82 -29.72
C LEU A 248 -6.99 -61.15 -29.23
N LEU A 249 -6.64 -62.07 -30.14
CA LEU A 249 -6.15 -63.37 -29.72
C LEU A 249 -4.82 -63.22 -28.98
N PRO A 250 -3.87 -62.38 -29.44
CA PRO A 250 -2.63 -62.15 -28.70
C PRO A 250 -2.85 -61.70 -27.25
N PHE A 251 -3.90 -60.91 -27.00
CA PHE A 251 -4.18 -60.43 -25.66
C PHE A 251 -4.51 -61.58 -24.71
N PHE A 252 -5.47 -62.42 -25.09
CA PHE A 252 -5.97 -63.47 -24.21
C PHE A 252 -4.96 -64.61 -24.07
N THR A 253 -4.05 -64.78 -25.03
CA THR A 253 -3.08 -65.86 -25.01
C THR A 253 -1.71 -65.38 -24.49
N LEU A 254 -1.62 -64.10 -24.10
CA LEU A 254 -0.41 -63.53 -23.51
C LEU A 254 0.73 -63.49 -24.53
N ASN A 255 0.40 -63.29 -25.80
CA ASN A 255 1.40 -62.98 -26.82
C ASN A 255 1.39 -61.47 -27.04
N TRP A 256 1.68 -60.73 -25.97
CA TRP A 256 1.50 -59.30 -25.95
C TRP A 256 2.53 -58.60 -26.83
N ASN A 257 3.66 -59.25 -27.10
CA ASN A 257 4.71 -58.68 -27.94
C ASN A 257 4.21 -58.47 -29.37
N GLU A 258 3.15 -59.17 -29.77
CA GLU A 258 2.54 -58.97 -31.08
C GLU A 258 2.07 -57.53 -31.26
N TYR A 259 1.72 -56.84 -30.16
CA TYR A 259 1.19 -55.49 -30.24
C TYR A 259 2.28 -54.43 -30.11
N ASN A 260 3.54 -54.76 -30.42
CA ASN A 260 4.62 -53.84 -30.16
C ASN A 260 4.70 -52.73 -31.22
N ASP A 261 3.77 -52.70 -32.19
CA ASP A 261 3.73 -51.63 -33.17
C ASP A 261 2.92 -50.44 -32.65
N PHE A 262 1.86 -50.68 -31.88
CA PHE A 262 1.05 -49.59 -31.34
C PHE A 262 1.22 -49.45 -29.83
N LEU A 263 1.92 -50.39 -29.17
CA LEU A 263 2.32 -50.23 -27.77
C LEU A 263 3.85 -50.26 -27.72
N THR A 264 4.46 -49.08 -27.55
CA THR A 264 5.91 -48.93 -27.74
C THR A 264 6.56 -48.49 -26.44
N PHE A 265 7.89 -48.39 -26.47
CA PHE A 265 8.69 -47.84 -25.38
C PHE A 265 9.84 -47.06 -26.01
N LYS A 266 9.49 -46.11 -26.88
CA LYS A 266 10.46 -45.39 -27.68
C LYS A 266 11.24 -44.37 -26.84
N GLY A 267 10.53 -43.56 -26.05
CA GLY A 267 11.13 -42.39 -25.43
C GLY A 267 11.30 -41.28 -26.45
N GLY A 268 11.96 -40.20 -26.04
CA GLY A 268 12.21 -39.07 -26.92
C GLY A 268 10.91 -38.44 -27.42
N LEU A 269 10.93 -37.94 -28.66
CA LEU A 269 9.84 -37.16 -29.22
C LEU A 269 9.61 -37.56 -30.67
N ASN A 270 8.36 -37.48 -31.10
CA ASN A 270 8.00 -37.49 -32.51
C ASN A 270 8.72 -36.34 -33.21
N PRO A 271 9.55 -36.60 -34.26
CA PRO A 271 10.28 -35.53 -34.92
C PRO A 271 9.41 -34.57 -35.73
N VAL A 272 8.23 -35.01 -36.17
CA VAL A 272 7.35 -34.19 -36.98
C VAL A 272 6.65 -33.16 -36.11
N THR A 273 6.11 -33.58 -34.96
CA THR A 273 5.27 -32.72 -34.15
C THR A 273 6.04 -32.14 -32.97
N GLY A 274 7.13 -32.80 -32.55
CA GLY A 274 7.87 -32.39 -31.39
C GLY A 274 7.16 -32.76 -30.09
N GLY A 275 6.26 -33.74 -30.16
CA GLY A 275 5.56 -34.24 -28.98
C GLY A 275 5.92 -35.70 -28.73
N LEU A 276 5.55 -36.21 -27.55
CA LEU A 276 5.72 -37.62 -27.21
C LEU A 276 4.99 -38.48 -28.24
N TRP A 277 5.52 -39.68 -28.49
CA TRP A 277 4.87 -40.67 -29.33
C TRP A 277 3.55 -41.13 -28.72
N LEU A 278 2.46 -41.09 -29.49
CA LEU A 278 1.16 -41.50 -29.00
C LEU A 278 1.13 -42.99 -28.69
N THR A 279 1.97 -43.80 -29.35
CA THR A 279 2.06 -45.22 -29.04
C THR A 279 2.70 -45.46 -27.66
N ASP A 280 3.59 -44.56 -27.21
CA ASP A 280 4.10 -44.58 -25.85
C ASP A 280 3.00 -44.15 -24.87
N ILE A 281 2.26 -43.10 -25.23
CA ILE A 281 1.20 -42.59 -24.38
C ILE A 281 0.12 -43.66 -24.19
N ALA A 282 -0.16 -44.43 -25.26
CA ALA A 282 -1.15 -45.50 -25.18
C ALA A 282 -0.70 -46.57 -24.19
N HIS A 283 0.58 -46.94 -24.27
CA HIS A 283 1.13 -47.98 -23.43
C HIS A 283 1.21 -47.49 -21.98
N HIS A 284 1.59 -46.22 -21.78
CA HIS A 284 1.59 -45.62 -20.46
C HIS A 284 0.23 -45.82 -19.79
N HIS A 285 -0.85 -45.49 -20.52
CA HIS A 285 -2.17 -45.48 -19.92
C HIS A 285 -2.68 -46.89 -19.64
N LEU A 286 -2.28 -47.86 -20.49
CA LEU A 286 -2.67 -49.24 -20.28
C LEU A 286 -2.01 -49.78 -19.00
N ALA A 287 -0.71 -49.51 -18.85
CA ALA A 287 0.05 -49.95 -17.68
C ALA A 287 -0.51 -49.33 -16.40
N ILE A 288 -0.74 -48.02 -16.41
CA ILE A 288 -1.33 -47.27 -15.31
C ILE A 288 -2.70 -47.84 -14.95
N ALA A 289 -3.53 -48.13 -15.96
CA ALA A 289 -4.85 -48.70 -15.73
C ALA A 289 -4.77 -50.02 -14.98
N VAL A 290 -3.85 -50.90 -15.37
CA VAL A 290 -3.69 -52.19 -14.72
C VAL A 290 -3.29 -52.01 -13.26
N ILE A 291 -2.30 -51.15 -13.02
CA ILE A 291 -1.77 -50.94 -11.67
C ILE A 291 -2.86 -50.39 -10.76
N PHE A 292 -3.65 -49.45 -11.27
CA PHE A 292 -4.70 -48.80 -10.48
C PHE A 292 -5.84 -49.77 -10.18
N ILE A 293 -6.22 -50.61 -11.15
CA ILE A 293 -7.29 -51.57 -10.92
C ILE A 293 -6.86 -52.60 -9.87
N ILE A 294 -5.57 -52.97 -9.85
CA ILE A 294 -5.05 -53.85 -8.82
C ILE A 294 -5.00 -53.11 -7.48
N ALA A 295 -4.50 -51.87 -7.47
CA ALA A 295 -4.39 -51.08 -6.26
C ALA A 295 -5.75 -50.96 -5.55
N GLY A 296 -6.82 -50.87 -6.33
CA GLY A 296 -8.15 -50.69 -5.77
C GLY A 296 -8.79 -51.97 -5.21
N HIS A 297 -8.00 -53.06 -5.06
CA HIS A 297 -8.47 -54.27 -4.40
C HIS A 297 -7.77 -54.45 -3.07
N MET A 298 -7.22 -53.37 -2.51
CA MET A 298 -6.39 -53.51 -1.33
C MET A 298 -7.25 -53.57 -0.07
N TYR A 299 -8.35 -52.80 -0.02
CA TYR A 299 -9.03 -52.52 1.23
C TYR A 299 -10.28 -53.37 1.39
N ARG A 300 -10.57 -53.75 2.65
CA ARG A 300 -11.69 -54.61 2.99
C ARG A 300 -12.99 -53.81 2.93
N THR A 301 -13.97 -54.35 2.20
CA THR A 301 -15.30 -53.76 2.14
C THR A 301 -16.32 -54.77 2.70
N ASN A 302 -17.06 -55.46 1.82
CA ASN A 302 -18.21 -56.26 2.24
C ASN A 302 -17.87 -57.74 2.32
N TRP A 303 -16.60 -58.10 2.11
CA TRP A 303 -16.17 -59.49 2.10
C TRP A 303 -14.95 -59.64 3.02
N SER A 304 -14.47 -60.87 3.21
CA SER A 304 -13.47 -61.12 4.24
C SER A 304 -12.12 -60.53 3.83
N ILE A 305 -11.86 -60.48 2.53
CA ILE A 305 -10.56 -60.13 1.99
C ILE A 305 -10.29 -58.62 2.12
N GLY A 306 -9.01 -58.27 2.24
CA GLY A 306 -8.54 -56.89 2.18
C GLY A 306 -8.01 -56.40 3.52
N HIS A 307 -7.43 -55.19 3.49
CA HIS A 307 -6.85 -54.58 4.66
C HIS A 307 -7.85 -53.65 5.33
N SER A 308 -7.80 -53.58 6.66
CA SER A 308 -8.36 -52.47 7.41
C SER A 308 -7.32 -51.35 7.47
N LEU A 309 -7.71 -50.13 7.09
CA LEU A 309 -6.82 -48.99 7.17
C LEU A 309 -6.40 -48.77 8.62
N LYS A 310 -7.35 -48.93 9.54
CA LYS A 310 -7.10 -48.75 10.97
C LYS A 310 -6.03 -49.73 11.45
N GLU A 311 -6.10 -50.99 11.01
CA GLU A 311 -5.16 -52.01 11.43
C GLU A 311 -3.76 -51.72 10.92
N ILE A 312 -3.63 -51.29 9.66
CA ILE A 312 -2.34 -50.92 9.12
C ILE A 312 -1.73 -49.81 9.98
N LEU A 313 -2.48 -48.72 10.16
CA LEU A 313 -1.99 -47.57 10.89
C LEU A 313 -1.54 -48.00 12.29
N ASP A 314 -2.37 -48.79 12.98
CA ASP A 314 -2.11 -49.12 14.38
C ASP A 314 -0.85 -49.96 14.55
N ALA A 315 -0.41 -50.68 13.50
CA ALA A 315 0.75 -51.56 13.62
C ALA A 315 2.07 -50.79 13.51
N HIS A 316 2.05 -49.59 12.90
CA HIS A 316 3.29 -48.91 12.58
C HIS A 316 3.71 -48.01 13.74
N LYS A 317 4.48 -48.59 14.66
CA LYS A 317 5.03 -47.87 15.80
C LYS A 317 6.41 -48.47 16.14
N GLY A 318 7.35 -47.61 16.51
CA GLY A 318 8.72 -48.01 16.78
C GLY A 318 9.22 -47.38 18.08
N PRO A 319 10.51 -47.60 18.45
CA PRO A 319 11.03 -47.11 19.72
C PRO A 319 11.25 -45.60 19.84
N PHE A 320 11.16 -44.85 18.74
CA PHE A 320 11.35 -43.41 18.80
C PHE A 320 10.02 -42.65 18.84
N THR A 321 8.88 -43.33 18.62
CA THR A 321 7.67 -42.61 18.25
C THR A 321 6.45 -43.03 19.06
N GLY A 322 6.64 -43.53 20.29
CA GLY A 322 5.54 -43.73 21.21
C GLY A 322 4.48 -44.66 20.65
N GLU A 323 3.22 -44.22 20.67
CA GLU A 323 2.10 -44.99 20.16
C GLU A 323 1.99 -44.92 18.64
N GLY A 324 2.85 -44.14 17.97
CA GLY A 324 2.96 -44.21 16.52
C GLY A 324 1.73 -43.64 15.85
N HIS A 325 1.16 -44.39 14.90
CA HIS A 325 0.06 -43.89 14.08
C HIS A 325 -1.30 -44.15 14.73
N ARG A 326 -1.33 -44.66 15.97
CA ARG A 326 -2.58 -44.81 16.73
C ARG A 326 -3.31 -43.48 16.79
N GLY A 327 -4.62 -43.51 16.48
CA GLY A 327 -5.48 -42.35 16.62
C GLY A 327 -5.63 -41.55 15.33
N LEU A 328 -4.79 -41.82 14.32
CA LEU A 328 -4.85 -41.05 13.08
C LEU A 328 -6.08 -41.46 12.28
N PHE A 329 -6.47 -42.74 12.33
CA PHE A 329 -7.64 -43.21 11.61
C PHE A 329 -8.89 -42.46 12.09
N GLU A 330 -8.97 -42.21 13.40
CA GLU A 330 -10.10 -41.50 13.96
C GLU A 330 -10.10 -40.04 13.51
N ILE A 331 -8.93 -39.40 13.47
CA ILE A 331 -8.81 -38.04 12.97
C ILE A 331 -9.32 -37.97 11.55
N LEU A 332 -8.85 -38.87 10.69
CA LEU A 332 -9.09 -38.75 9.26
C LEU A 332 -10.45 -39.30 8.85
N THR A 333 -11.27 -39.81 9.79
CA THR A 333 -12.64 -40.17 9.49
C THR A 333 -13.62 -39.30 10.27
N THR A 334 -13.15 -38.29 11.00
CA THR A 334 -14.06 -37.39 11.71
C THR A 334 -13.79 -35.92 11.40
N SER A 335 -12.68 -35.60 10.72
CA SER A 335 -12.34 -34.22 10.45
C SER A 335 -12.19 -33.99 8.95
N TRP A 336 -13.10 -33.20 8.39
CA TRP A 336 -13.00 -32.78 7.02
C TRP A 336 -11.79 -31.86 6.80
N HIS A 337 -11.47 -31.01 7.78
CA HIS A 337 -10.31 -30.13 7.68
C HIS A 337 -9.01 -30.93 7.58
N ALA A 338 -8.89 -32.03 8.32
CA ALA A 338 -7.70 -32.86 8.25
C ALA A 338 -7.56 -33.48 6.86
N GLN A 339 -8.67 -33.95 6.29
CA GLN A 339 -8.66 -34.49 4.95
C GLN A 339 -8.30 -33.41 3.93
N LEU A 340 -8.88 -32.21 4.07
CA LEU A 340 -8.64 -31.13 3.12
C LEU A 340 -7.15 -30.76 3.15
N ALA A 341 -6.55 -30.72 4.33
CA ALA A 341 -5.15 -30.35 4.48
C ALA A 341 -4.24 -31.28 3.69
N ILE A 342 -4.41 -32.60 3.85
CA ILE A 342 -3.61 -33.57 3.11
C ILE A 342 -3.85 -33.41 1.62
N ASN A 343 -5.13 -33.32 1.23
CA ASN A 343 -5.50 -33.40 -0.17
C ASN A 343 -5.06 -32.13 -0.92
N LEU A 344 -5.07 -30.98 -0.25
CA LEU A 344 -4.57 -29.76 -0.85
C LEU A 344 -3.06 -29.84 -1.01
N ALA A 345 -2.36 -30.41 -0.03
CA ALA A 345 -0.91 -30.49 -0.06
C ALA A 345 -0.47 -31.32 -1.26
N MET A 346 -1.17 -32.44 -1.48
CA MET A 346 -0.83 -33.38 -2.54
C MET A 346 -1.27 -32.86 -3.89
N LEU A 347 -2.48 -32.30 -3.98
CA LEU A 347 -2.98 -31.76 -5.24
C LEU A 347 -2.10 -30.59 -5.69
N GLY A 348 -1.66 -29.76 -4.74
CA GLY A 348 -0.80 -28.65 -5.06
C GLY A 348 0.58 -29.11 -5.52
N SER A 349 1.15 -30.05 -4.76
CA SER A 349 2.43 -30.65 -5.11
C SER A 349 2.39 -31.31 -6.49
N LEU A 350 1.24 -31.90 -6.83
CA LEU A 350 1.06 -32.58 -8.10
C LEU A 350 1.02 -31.59 -9.25
N SER A 351 0.32 -30.46 -9.06
CA SER A 351 0.24 -29.42 -10.05
C SER A 351 1.65 -28.92 -10.42
N ILE A 352 2.52 -28.82 -9.41
CA ILE A 352 3.89 -28.38 -9.60
C ILE A 352 4.68 -29.44 -10.38
N ILE A 353 4.43 -30.73 -10.11
CA ILE A 353 5.08 -31.80 -10.83
C ILE A 353 4.65 -31.78 -12.30
N VAL A 354 3.35 -31.53 -12.54
CA VAL A 354 2.81 -31.42 -13.88
C VAL A 354 3.51 -30.28 -14.65
N ALA A 355 3.71 -29.12 -14.01
CA ALA A 355 4.39 -28.02 -14.67
C ALA A 355 5.75 -28.47 -15.22
N HIS A 356 6.58 -29.08 -14.37
CA HIS A 356 7.91 -29.50 -14.78
C HIS A 356 7.85 -30.58 -15.86
N HIS A 357 6.98 -31.58 -15.69
CA HIS A 357 6.98 -32.76 -16.56
C HIS A 357 6.48 -32.39 -17.96
N MET A 358 5.56 -31.45 -18.06
CA MET A 358 4.94 -31.12 -19.33
C MET A 358 5.87 -30.26 -20.20
N TYR A 359 6.70 -29.40 -19.62
CA TYR A 359 7.61 -28.63 -20.46
C TYR A 359 8.71 -29.55 -21.01
N ALA A 360 9.23 -30.48 -20.20
CA ALA A 360 10.41 -31.26 -20.54
C ALA A 360 10.09 -32.50 -21.38
N MET A 361 8.85 -33.00 -21.25
CA MET A 361 8.37 -34.15 -22.01
C MET A 361 7.06 -33.73 -22.67
N PRO A 362 7.08 -32.76 -23.60
CA PRO A 362 5.85 -32.14 -24.10
C PRO A 362 4.91 -33.18 -24.69
N PRO A 363 3.74 -33.43 -24.07
CA PRO A 363 2.91 -34.56 -24.45
C PRO A 363 2.01 -34.35 -25.68
N TYR A 364 1.86 -33.10 -26.14
CA TYR A 364 0.93 -32.79 -27.22
C TYR A 364 1.71 -32.38 -28.48
N PRO A 365 1.16 -32.64 -29.69
CA PRO A 365 1.81 -32.21 -30.93
C PRO A 365 1.80 -30.70 -31.10
N TYR A 366 2.95 -30.13 -31.46
CA TYR A 366 3.12 -28.70 -31.69
C TYR A 366 2.94 -27.89 -30.41
N LEU A 367 3.17 -28.50 -29.25
CA LEU A 367 3.17 -27.77 -27.98
C LEU A 367 4.52 -27.10 -27.79
N ALA A 368 5.60 -27.87 -28.00
CA ALA A 368 6.94 -27.45 -27.63
C ALA A 368 7.35 -26.18 -28.38
N THR A 369 6.97 -26.05 -29.66
CA THR A 369 7.37 -24.88 -30.44
C THR A 369 6.27 -23.82 -30.45
N ASP A 370 5.22 -23.99 -29.64
CA ASP A 370 4.30 -22.92 -29.30
C ASP A 370 4.79 -22.33 -27.98
N TYR A 371 5.78 -21.44 -28.06
CA TYR A 371 6.44 -20.93 -26.87
C TYR A 371 5.42 -20.26 -25.94
N PRO A 372 4.44 -19.47 -26.43
CA PRO A 372 3.45 -18.89 -25.54
C PRO A 372 2.69 -19.91 -24.70
N THR A 373 2.36 -21.06 -25.30
CA THR A 373 1.66 -22.12 -24.59
C THR A 373 2.57 -22.77 -23.56
N GLN A 374 3.81 -23.10 -23.93
CA GLN A 374 4.75 -23.70 -22.99
C GLN A 374 4.93 -22.80 -21.76
N LEU A 375 5.14 -21.51 -21.98
CA LEU A 375 5.36 -20.58 -20.88
C LEU A 375 4.10 -20.46 -20.02
N SER A 376 2.93 -20.38 -20.68
CA SER A 376 1.67 -20.20 -19.98
C SER A 376 1.33 -21.41 -19.11
N LEU A 377 1.53 -22.62 -19.63
CA LEU A 377 1.11 -23.83 -18.94
C LEU A 377 1.97 -24.07 -17.70
N PHE A 378 3.29 -23.89 -17.83
CA PHE A 378 4.19 -24.03 -16.70
C PHE A 378 3.81 -23.03 -15.62
N THR A 379 3.59 -21.77 -16.01
CA THR A 379 3.33 -20.70 -15.05
C THR A 379 2.00 -20.95 -14.35
N HIS A 380 0.94 -21.20 -15.12
CA HIS A 380 -0.38 -21.46 -14.57
C HIS A 380 -0.32 -22.56 -13.51
N HIS A 381 0.28 -23.70 -13.85
CA HIS A 381 0.24 -24.87 -12.98
C HIS A 381 1.14 -24.69 -11.76
N MET A 382 2.19 -23.88 -11.86
CA MET A 382 2.98 -23.53 -10.69
C MET A 382 2.14 -22.72 -9.71
N TRP A 383 1.42 -21.71 -10.20
CA TRP A 383 0.61 -20.89 -9.32
C TRP A 383 -0.46 -21.71 -8.61
N ILE A 384 -1.22 -22.52 -9.35
CA ILE A 384 -2.27 -23.34 -8.76
C ILE A 384 -1.68 -24.20 -7.64
N GLY A 385 -0.49 -24.76 -7.86
CA GLY A 385 0.18 -25.57 -6.87
C GLY A 385 0.52 -24.80 -5.61
N GLY A 386 1.08 -23.59 -5.77
CA GLY A 386 1.44 -22.75 -4.64
C GLY A 386 0.24 -22.45 -3.77
N PHE A 387 -0.88 -22.03 -4.39
CA PHE A 387 -2.05 -21.63 -3.64
C PHE A 387 -2.59 -22.82 -2.84
N CYS A 388 -2.59 -24.01 -3.46
CA CYS A 388 -3.07 -25.21 -2.79
C CYS A 388 -2.20 -25.55 -1.59
N ILE A 389 -0.87 -25.38 -1.70
CA ILE A 389 0.01 -25.70 -0.60
C ILE A 389 -0.27 -24.78 0.59
N VAL A 390 -0.48 -23.49 0.34
CA VAL A 390 -0.77 -22.56 1.43
C VAL A 390 -2.12 -22.95 2.06
N GLY A 391 -3.09 -23.36 1.24
CA GLY A 391 -4.35 -23.86 1.74
C GLY A 391 -4.18 -25.06 2.68
N ALA A 392 -3.23 -25.94 2.37
CA ALA A 392 -2.97 -27.10 3.23
C ALA A 392 -2.60 -26.63 4.63
N GLY A 393 -1.79 -25.56 4.71
CA GLY A 393 -1.40 -24.95 5.96
C GLY A 393 -2.60 -24.36 6.70
N ALA A 394 -3.48 -23.71 5.95
CA ALA A 394 -4.67 -23.13 6.54
C ALA A 394 -5.52 -24.21 7.20
N HIS A 395 -5.77 -25.31 6.47
CA HIS A 395 -6.68 -26.34 6.95
C HIS A 395 -6.03 -27.22 8.02
N ALA A 396 -4.70 -27.35 8.00
CA ALA A 396 -3.99 -28.03 9.07
C ALA A 396 -4.14 -27.24 10.38
N ALA A 397 -4.10 -25.90 10.29
CA ALA A 397 -4.26 -25.04 11.45
C ALA A 397 -5.70 -25.05 11.96
N ILE A 398 -6.67 -25.02 11.05
CA ILE A 398 -8.07 -25.06 11.44
C ILE A 398 -8.37 -26.36 12.17
N PHE A 399 -7.80 -27.48 11.70
CA PHE A 399 -7.93 -28.76 12.37
C PHE A 399 -7.42 -28.66 13.82
N MET A 400 -6.21 -28.12 14.00
CA MET A 400 -5.58 -28.04 15.31
C MET A 400 -6.45 -27.25 16.28
N VAL A 401 -7.12 -26.19 15.81
CA VAL A 401 -7.93 -25.35 16.67
C VAL A 401 -9.27 -26.03 16.97
N ARG A 402 -9.93 -26.58 15.94
CA ARG A 402 -11.33 -26.97 16.06
C ARG A 402 -11.53 -28.46 16.34
N ASP A 403 -10.67 -29.32 15.78
CA ASP A 403 -10.95 -30.75 15.72
C ASP A 403 -10.00 -31.59 16.56
N TYR A 404 -8.88 -31.03 17.02
CA TYR A 404 -7.91 -31.77 17.81
C TYR A 404 -8.44 -31.94 19.24
N SER A 405 -8.21 -33.12 19.82
CA SER A 405 -8.46 -33.35 21.24
C SER A 405 -7.25 -34.08 21.83
N PRO A 406 -6.85 -33.77 23.09
CA PRO A 406 -5.75 -34.49 23.73
C PRO A 406 -6.00 -35.97 23.94
N ALA A 407 -7.25 -36.34 24.28
CA ALA A 407 -7.60 -37.71 24.60
C ALA A 407 -7.41 -38.64 23.39
N GLN A 408 -7.70 -38.14 22.18
CA GLN A 408 -7.50 -38.90 20.97
C GLN A 408 -6.02 -39.03 20.63
N ASN A 409 -5.19 -38.09 21.11
CA ASN A 409 -3.80 -38.00 20.72
C ASN A 409 -2.92 -38.08 21.96
N TYR A 410 -2.91 -39.23 22.63
CA TYR A 410 -2.06 -39.43 23.79
C TYR A 410 -0.81 -40.22 23.35
N ASN A 411 0.32 -39.50 23.23
CA ASN A 411 1.63 -40.09 22.96
C ASN A 411 1.68 -40.73 21.56
N ASN A 412 0.85 -40.25 20.62
CA ASN A 412 0.95 -40.64 19.23
C ASN A 412 1.86 -39.64 18.51
N LEU A 413 2.00 -39.79 17.20
CA LEU A 413 2.91 -38.96 16.42
C LEU A 413 2.50 -37.48 16.48
N LEU A 414 1.20 -37.19 16.48
CA LEU A 414 0.74 -35.81 16.49
C LEU A 414 1.12 -35.14 17.81
N ASP A 415 0.83 -35.82 18.92
CA ASP A 415 1.15 -35.36 20.25
C ASP A 415 2.66 -35.10 20.40
N ARG A 416 3.47 -36.01 19.86
CA ARG A 416 4.91 -35.95 20.03
C ARG A 416 5.52 -34.83 19.19
N VAL A 417 4.91 -34.50 18.05
CA VAL A 417 5.36 -33.38 17.23
C VAL A 417 5.15 -32.08 18.01
N ILE A 418 3.97 -31.87 18.60
CA ILE A 418 3.69 -30.61 19.27
C ILE A 418 4.52 -30.49 20.56
N ARG A 419 4.94 -31.62 21.13
CA ARG A 419 5.75 -31.62 22.33
C ARG A 419 7.21 -31.28 22.07
N HIS A 420 7.65 -31.14 20.80
CA HIS A 420 8.99 -30.61 20.54
C HIS A 420 8.94 -29.54 19.46
N ARG A 421 7.84 -28.79 19.41
CA ARG A 421 7.66 -27.76 18.40
C ARG A 421 8.78 -26.71 18.45
N ASP A 422 9.33 -26.44 19.63
CA ASP A 422 10.44 -25.49 19.76
C ASP A 422 11.71 -25.99 19.07
N ALA A 423 11.96 -27.30 19.15
CA ALA A 423 13.11 -27.89 18.47
C ALA A 423 12.93 -27.82 16.96
N ILE A 424 11.71 -28.08 16.46
CA ILE A 424 11.45 -28.09 15.03
C ILE A 424 11.59 -26.67 14.48
N ILE A 425 10.91 -25.71 15.11
CA ILE A 425 10.86 -24.37 14.56
C ILE A 425 12.21 -23.67 14.70
N SER A 426 12.95 -23.93 15.78
CA SER A 426 14.26 -23.30 15.96
C SER A 426 15.24 -23.77 14.88
N HIS A 427 15.21 -25.05 14.54
CA HIS A 427 16.10 -25.60 13.53
C HIS A 427 15.71 -25.11 12.14
N LEU A 428 14.41 -25.02 11.86
CA LEU A 428 13.95 -24.54 10.58
C LEU A 428 14.29 -23.05 10.44
N ASN A 429 14.20 -22.32 11.55
CA ASN A 429 14.62 -20.92 11.58
C ASN A 429 16.08 -20.82 11.17
N TRP A 430 16.94 -21.67 11.75
CA TRP A 430 18.36 -21.65 11.46
C TRP A 430 18.64 -21.99 10.00
N VAL A 431 17.99 -23.03 9.48
CA VAL A 431 18.27 -23.47 8.12
C VAL A 431 17.85 -22.37 7.13
N CYS A 432 16.78 -21.63 7.44
CA CYS A 432 16.35 -20.50 6.63
C CYS A 432 17.39 -19.38 6.64
N ILE A 433 17.98 -19.08 7.80
CA ILE A 433 19.01 -18.04 7.85
C ILE A 433 20.25 -18.49 7.09
N PHE A 434 20.67 -19.75 7.30
CA PHE A 434 21.79 -20.32 6.57
C PHE A 434 21.57 -20.22 5.06
N LEU A 435 20.40 -20.66 4.58
CA LEU A 435 20.11 -20.70 3.16
C LEU A 435 20.05 -19.27 2.59
N GLY A 436 19.45 -18.36 3.35
CA GLY A 436 19.33 -16.98 2.93
C GLY A 436 20.70 -16.36 2.69
N PHE A 437 21.61 -16.53 3.66
CA PHE A 437 22.94 -15.97 3.57
C PHE A 437 23.73 -16.60 2.43
N HIS A 438 23.66 -17.92 2.27
CA HIS A 438 24.52 -18.61 1.34
C HIS A 438 23.86 -18.76 -0.03
N SER A 439 22.73 -18.09 -0.26
CA SER A 439 22.15 -18.05 -1.59
C SER A 439 22.08 -16.59 -2.03
N PHE A 440 21.21 -15.81 -1.42
CA PHE A 440 21.08 -14.39 -1.75
C PHE A 440 22.38 -13.65 -1.49
N GLY A 441 23.11 -14.02 -0.42
CA GLY A 441 24.40 -13.41 -0.12
C GLY A 441 25.41 -13.50 -1.25
N LEU A 442 25.36 -14.58 -2.04
CA LEU A 442 26.27 -14.78 -3.17
C LEU A 442 25.97 -13.78 -4.29
N TYR A 443 24.69 -13.43 -4.50
CA TYR A 443 24.32 -12.43 -5.48
C TYR A 443 24.84 -11.06 -5.05
N ILE A 444 24.75 -10.75 -3.76
CA ILE A 444 25.19 -9.47 -3.24
C ILE A 444 26.71 -9.36 -3.35
N HIS A 445 27.43 -10.44 -2.97
CA HIS A 445 28.86 -10.53 -3.22
C HIS A 445 29.16 -10.18 -4.68
N ASN A 446 28.44 -10.81 -5.61
CA ASN A 446 28.70 -10.64 -7.03
C ASN A 446 28.42 -9.22 -7.51
N ASP A 447 27.30 -8.65 -7.07
CA ASP A 447 26.96 -7.28 -7.43
C ASP A 447 28.07 -6.33 -7.00
N THR A 448 28.54 -6.53 -5.76
CA THR A 448 29.56 -5.67 -5.17
C THR A 448 30.86 -5.82 -5.94
N MET A 449 31.28 -7.07 -6.20
CA MET A 449 32.53 -7.31 -6.90
C MET A 449 32.51 -6.75 -8.32
N ARG A 450 31.40 -6.88 -9.04
CA ARG A 450 31.31 -6.40 -10.42
C ARG A 450 31.26 -4.86 -10.45
N ALA A 451 30.54 -4.25 -9.50
CA ALA A 451 30.51 -2.79 -9.39
C ALA A 451 31.90 -2.23 -9.09
N LEU A 452 32.70 -2.97 -8.31
CA LEU A 452 34.02 -2.55 -7.90
C LEU A 452 35.07 -2.87 -8.97
N GLY A 453 34.67 -3.49 -10.07
CA GLY A 453 35.59 -3.78 -11.15
C GLY A 453 36.51 -4.94 -10.79
N ARG A 454 35.93 -6.00 -10.19
CA ARG A 454 36.66 -7.17 -9.76
C ARG A 454 35.94 -8.43 -10.23
N PRO A 455 35.74 -8.61 -11.57
CA PRO A 455 35.02 -9.78 -12.07
C PRO A 455 35.68 -11.11 -11.73
N GLN A 456 37.00 -11.08 -11.50
CA GLN A 456 37.77 -12.26 -11.13
C GLN A 456 37.46 -12.74 -9.71
N ASP A 457 36.85 -11.90 -8.88
CA ASP A 457 36.49 -12.29 -7.52
C ASP A 457 35.04 -12.75 -7.42
N MET A 458 34.32 -12.86 -8.54
CA MET A 458 32.91 -13.21 -8.51
C MET A 458 32.70 -14.72 -8.43
N PHE A 459 31.51 -15.14 -7.98
CA PHE A 459 31.04 -16.50 -8.16
C PHE A 459 30.44 -16.60 -9.56
N SER A 460 31.14 -17.29 -10.47
CA SER A 460 30.70 -17.37 -11.85
C SER A 460 31.43 -18.53 -12.52
N ASP A 461 31.00 -18.87 -13.73
CA ASP A 461 31.60 -19.96 -14.49
C ASP A 461 33.04 -19.62 -14.88
N VAL A 462 33.37 -18.32 -14.95
CA VAL A 462 34.67 -17.87 -15.41
C VAL A 462 35.47 -17.26 -14.26
N ALA A 463 35.09 -17.50 -13.00
CA ALA A 463 35.84 -17.04 -11.85
C ALA A 463 35.78 -18.11 -10.76
N ILE A 464 35.19 -17.83 -9.59
CA ILE A 464 35.03 -18.84 -8.56
C ILE A 464 33.78 -19.66 -8.90
N GLN A 465 33.97 -20.91 -9.32
CA GLN A 465 32.87 -21.72 -9.83
C GLN A 465 32.12 -22.43 -8.69
N LEU A 466 30.80 -22.49 -8.83
CA LEU A 466 29.97 -23.31 -7.98
C LEU A 466 29.16 -24.24 -8.88
N GLN A 467 29.78 -25.34 -9.30
CA GLN A 467 29.15 -26.25 -10.25
C GLN A 467 28.15 -27.14 -9.53
N PRO A 468 26.90 -27.30 -10.03
CA PRO A 468 25.97 -28.27 -9.46
C PRO A 468 26.29 -29.68 -9.90
N ILE A 469 27.32 -30.28 -9.27
CA ILE A 469 27.91 -31.51 -9.76
C ILE A 469 26.96 -32.69 -9.62
N PHE A 470 26.08 -32.68 -8.62
CA PHE A 470 25.15 -33.79 -8.42
C PHE A 470 24.10 -33.79 -9.52
N ALA A 471 23.57 -32.61 -9.84
CA ALA A 471 22.60 -32.46 -10.92
C ALA A 471 23.25 -32.83 -12.25
N GLN A 472 24.50 -32.39 -12.46
CA GLN A 472 25.26 -32.73 -13.65
C GLN A 472 25.44 -34.24 -13.78
N TRP A 473 25.71 -34.91 -12.66
CA TRP A 473 25.89 -36.35 -12.66
C TRP A 473 24.58 -37.07 -12.99
N ILE A 474 23.45 -36.60 -12.42
CA ILE A 474 22.16 -37.21 -12.70
C ILE A 474 21.80 -37.02 -14.18
N GLN A 475 22.07 -35.84 -14.74
CA GLN A 475 21.85 -35.60 -16.16
C GLN A 475 22.56 -36.66 -16.99
N ASN A 476 23.81 -36.99 -16.61
CA ASN A 476 24.60 -37.95 -17.35
C ASN A 476 24.01 -39.36 -17.26
N CYS A 477 23.60 -39.79 -16.05
CA CYS A 477 22.93 -41.07 -15.87
C CYS A 477 21.73 -41.20 -16.80
N HIS A 478 20.89 -40.16 -16.86
CA HIS A 478 19.68 -40.21 -17.65
C HIS A 478 19.97 -40.24 -19.15
N SER A 479 21.09 -39.64 -19.56
CA SER A 479 21.45 -39.57 -20.97
C SER A 479 21.99 -40.92 -21.46
N ILE A 480 22.66 -41.68 -20.58
CA ILE A 480 23.25 -42.97 -20.95
C ILE A 480 22.32 -44.14 -20.60
N ALA A 481 21.18 -43.88 -19.95
CA ALA A 481 20.29 -44.95 -19.49
C ALA A 481 19.73 -45.78 -20.64
N PRO A 482 19.26 -45.19 -21.76
CA PRO A 482 18.68 -45.98 -22.85
C PRO A 482 19.62 -47.04 -23.42
N GLY A 483 19.18 -48.30 -23.41
CA GLY A 483 20.02 -49.41 -23.82
C GLY A 483 21.01 -49.86 -22.75
N ASN A 484 20.86 -49.36 -21.51
CA ASN A 484 21.76 -49.71 -20.41
C ASN A 484 20.94 -50.11 -19.19
N THR A 485 20.65 -49.16 -18.29
CA THR A 485 19.83 -49.43 -17.12
C THR A 485 18.37 -49.44 -17.51
N ALA A 486 18.06 -48.90 -18.70
CA ALA A 486 16.76 -49.03 -19.32
C ALA A 486 16.92 -49.70 -20.69
N PRO A 487 17.27 -51.00 -20.76
CA PRO A 487 17.71 -51.62 -22.00
C PRO A 487 16.70 -51.63 -23.15
N ASN A 488 15.41 -51.69 -22.83
CA ASN A 488 14.38 -51.79 -23.87
C ASN A 488 13.76 -50.42 -24.18
N VAL A 489 14.38 -49.33 -23.72
CA VAL A 489 13.99 -47.99 -24.12
C VAL A 489 14.96 -47.51 -25.20
N LEU A 490 14.44 -46.85 -26.24
CA LEU A 490 15.25 -46.46 -27.39
C LEU A 490 15.92 -45.10 -27.20
N ALA A 491 15.24 -44.16 -26.52
CA ALA A 491 15.74 -42.79 -26.39
C ALA A 491 15.44 -42.25 -24.99
N THR A 492 16.09 -41.13 -24.64
CA THR A 492 15.94 -40.51 -23.33
C THR A 492 14.47 -40.16 -23.06
N THR A 493 14.11 -40.19 -21.77
CA THR A 493 12.84 -39.65 -21.34
C THR A 493 12.70 -38.21 -21.81
N SER A 494 13.77 -37.43 -21.67
CA SER A 494 13.75 -36.02 -22.03
C SER A 494 15.10 -35.64 -22.62
N TYR A 495 15.07 -34.83 -23.69
CA TYR A 495 16.29 -34.27 -24.26
C TYR A 495 16.85 -33.14 -23.40
N VAL A 496 16.14 -32.75 -22.34
CA VAL A 496 16.63 -31.75 -21.41
C VAL A 496 17.89 -32.26 -20.69
N PHE A 497 18.02 -33.59 -20.54
CA PHE A 497 19.13 -34.18 -19.81
C PHE A 497 20.39 -34.29 -20.67
N GLY A 498 20.24 -34.22 -21.99
CA GLY A 498 21.36 -34.45 -22.90
C GLY A 498 20.87 -35.15 -24.16
N GLY A 499 21.69 -35.08 -25.22
CA GLY A 499 21.36 -35.68 -26.49
C GLY A 499 21.10 -34.63 -27.57
N ASP A 500 20.10 -34.91 -28.42
CA ASP A 500 19.92 -34.17 -29.65
C ASP A 500 19.18 -32.85 -29.40
N ILE A 501 19.32 -31.95 -30.36
CA ILE A 501 18.48 -30.77 -30.49
C ILE A 501 17.31 -31.16 -31.39
N ILE A 502 16.10 -31.17 -30.83
CA ILE A 502 14.89 -31.44 -31.60
C ILE A 502 14.35 -30.10 -32.09
N SER A 503 14.03 -30.03 -33.38
CA SER A 503 13.47 -28.82 -33.97
C SER A 503 12.26 -29.16 -34.85
N VAL A 504 11.28 -28.25 -34.84
CA VAL A 504 10.08 -28.35 -35.67
C VAL A 504 9.94 -27.01 -36.38
N GLY A 505 9.67 -27.04 -37.67
CA GLY A 505 9.87 -25.85 -38.49
C GLY A 505 11.36 -25.54 -38.50
N ASN A 506 11.73 -24.33 -38.08
CA ASN A 506 13.13 -24.06 -37.74
C ASN A 506 13.22 -23.61 -36.28
N LYS A 507 12.22 -23.96 -35.48
CA LYS A 507 12.17 -23.59 -34.07
C LYS A 507 12.66 -24.77 -33.24
N ILE A 508 13.41 -24.48 -32.18
CA ILE A 508 13.85 -25.49 -31.26
C ILE A 508 12.69 -25.89 -30.36
N ALA A 509 12.40 -27.19 -30.30
CA ALA A 509 11.38 -27.74 -29.43
C ALA A 509 11.94 -27.91 -28.02
N ILE A 510 13.04 -28.67 -27.97
CA ILE A 510 13.68 -29.03 -26.71
C ILE A 510 15.13 -29.39 -27.04
N MET A 511 16.05 -29.07 -26.14
CA MET A 511 17.45 -29.45 -26.28
C MET A 511 18.05 -29.54 -24.89
N PRO A 512 19.28 -30.09 -24.72
CA PRO A 512 19.88 -30.18 -23.39
C PRO A 512 19.99 -28.84 -22.67
N MET A 513 19.68 -28.86 -21.38
CA MET A 513 19.81 -27.70 -20.52
C MET A 513 21.07 -27.87 -19.66
N SER A 514 22.12 -27.13 -20.02
CA SER A 514 23.35 -27.07 -19.24
C SER A 514 23.09 -26.43 -17.87
N LEU A 515 23.73 -26.97 -16.84
CA LEU A 515 23.66 -26.43 -15.49
C LEU A 515 25.04 -25.94 -15.06
N GLY A 516 25.16 -24.64 -14.75
CA GLY A 516 26.41 -24.05 -14.28
C GLY A 516 26.20 -23.28 -12.98
N THR A 517 27.12 -22.34 -12.70
CA THR A 517 27.09 -21.56 -11.47
C THR A 517 25.75 -20.83 -11.33
N ALA A 518 25.25 -20.24 -12.42
CA ALA A 518 24.02 -19.47 -12.35
C ALA A 518 22.84 -20.37 -11.98
N ASP A 519 22.92 -21.64 -12.41
CA ASP A 519 21.89 -22.63 -12.09
C ASP A 519 22.00 -23.11 -10.65
N PHE A 520 23.23 -23.31 -10.17
CA PHE A 520 23.48 -23.63 -8.77
C PHE A 520 22.88 -22.56 -7.86
N MET A 521 23.13 -21.29 -8.19
CA MET A 521 22.74 -20.19 -7.33
C MET A 521 21.22 -20.10 -7.25
N VAL A 522 20.53 -20.18 -8.39
CA VAL A 522 19.09 -19.96 -8.38
C VAL A 522 18.38 -21.16 -7.74
N HIS A 523 18.96 -22.36 -7.81
CA HIS A 523 18.39 -23.51 -7.14
C HIS A 523 18.40 -23.33 -5.62
N HIS A 524 19.46 -22.71 -5.08
CA HIS A 524 19.53 -22.48 -3.64
C HIS A 524 18.61 -21.34 -3.22
N ILE A 525 18.29 -20.42 -4.13
CA ILE A 525 17.25 -19.44 -3.87
C ILE A 525 15.91 -20.17 -3.70
N HIS A 526 15.59 -21.13 -4.57
CA HIS A 526 14.35 -21.87 -4.46
C HIS A 526 14.29 -22.64 -3.14
N ALA A 527 15.39 -23.33 -2.80
CA ALA A 527 15.47 -24.02 -1.51
C ALA A 527 15.16 -23.05 -0.37
N PHE A 528 15.76 -21.86 -0.44
CA PHE A 528 15.56 -20.84 0.57
C PHE A 528 14.09 -20.44 0.67
N THR A 529 13.49 -20.02 -0.46
CA THR A 529 12.16 -19.44 -0.41
C THR A 529 11.14 -20.47 0.04
N ILE A 530 11.35 -21.75 -0.33
CA ILE A 530 10.43 -22.81 0.05
C ILE A 530 10.55 -23.13 1.54
N HIS A 531 11.77 -23.15 2.07
CA HIS A 531 11.97 -23.40 3.50
C HIS A 531 11.33 -22.30 4.34
N VAL A 532 11.42 -21.03 3.91
CA VAL A 532 10.81 -19.94 4.66
C VAL A 532 9.29 -20.07 4.60
N THR A 533 8.72 -20.38 3.44
CA THR A 533 7.28 -20.53 3.34
C THR A 533 6.84 -21.66 4.27
N ALA A 534 7.61 -22.75 4.30
CA ALA A 534 7.33 -23.86 5.18
C ALA A 534 7.41 -23.42 6.64
N LEU A 535 8.46 -22.68 7.01
CA LEU A 535 8.62 -22.19 8.37
C LEU A 535 7.36 -21.49 8.86
N ILE A 536 6.87 -20.54 8.05
CA ILE A 536 5.76 -19.69 8.44
C ILE A 536 4.50 -20.53 8.62
N LEU A 537 4.24 -21.44 7.68
CA LEU A 537 3.03 -22.24 7.73
C LEU A 537 3.12 -23.30 8.84
N LEU A 538 4.27 -23.95 9.00
CA LEU A 538 4.45 -24.97 10.01
C LEU A 538 4.28 -24.33 11.39
N LYS A 539 4.90 -23.17 11.59
CA LYS A 539 4.80 -22.45 12.83
C LYS A 539 3.34 -22.14 13.15
N GLY A 540 2.58 -21.74 12.13
CA GLY A 540 1.17 -21.46 12.32
C GLY A 540 0.43 -22.68 12.86
N VAL A 541 0.74 -23.85 12.32
CA VAL A 541 0.05 -25.08 12.70
C VAL A 541 0.45 -25.51 14.11
N LEU A 542 1.76 -25.57 14.40
CA LEU A 542 2.26 -26.07 15.67
C LEU A 542 1.94 -25.13 16.83
N PHE A 543 1.77 -23.82 16.57
CA PHE A 543 1.45 -22.89 17.64
C PHE A 543 0.01 -22.39 17.55
N ALA A 544 -0.85 -23.09 16.79
CA ALA A 544 -2.23 -22.65 16.60
C ALA A 544 -3.01 -22.64 17.92
N ARG A 545 -2.76 -23.62 18.79
CA ARG A 545 -3.55 -23.80 20.00
C ARG A 545 -2.97 -23.03 21.20
N ASN A 546 -1.65 -22.84 21.23
CA ASN A 546 -1.01 -22.15 22.35
C ASN A 546 0.46 -21.89 22.05
N SER A 547 1.03 -21.00 22.87
CA SER A 547 2.44 -20.67 22.86
C SER A 547 2.82 -20.22 24.27
N ARG A 548 4.11 -19.94 24.49
CA ARG A 548 4.56 -19.35 25.74
C ARG A 548 3.91 -17.98 25.94
N LEU A 549 3.65 -17.26 24.84
CA LEU A 549 3.07 -15.93 24.90
C LEU A 549 1.57 -15.99 25.23
N ILE A 550 0.82 -16.86 24.54
CA ILE A 550 -0.63 -16.95 24.70
C ILE A 550 -1.02 -18.38 25.06
N PRO A 551 -1.12 -18.75 26.36
CA PRO A 551 -1.41 -20.13 26.73
C PRO A 551 -2.80 -20.66 26.35
N ASP A 552 -3.77 -19.78 26.06
CA ASP A 552 -5.13 -20.20 25.77
C ASP A 552 -5.55 -19.82 24.36
N LYS A 553 -4.62 -19.87 23.41
CA LYS A 553 -4.86 -19.34 22.06
C LYS A 553 -6.02 -20.02 21.36
N ALA A 554 -6.20 -21.34 21.57
CA ALA A 554 -7.26 -22.12 20.93
C ALA A 554 -8.66 -21.56 21.23
N ASN A 555 -8.86 -21.05 22.46
CA ASN A 555 -10.14 -20.45 22.84
C ASN A 555 -10.42 -19.18 22.04
N LEU A 556 -9.37 -18.49 21.57
CA LEU A 556 -9.54 -17.31 20.74
C LEU A 556 -9.94 -17.71 19.32
N GLY A 557 -9.59 -18.93 18.89
CA GLY A 557 -10.04 -19.50 17.64
C GLY A 557 -8.94 -19.52 16.59
N PHE A 558 -9.33 -19.83 15.35
CA PHE A 558 -8.41 -19.85 14.22
C PHE A 558 -8.14 -18.43 13.72
N ARG A 559 -9.21 -17.63 13.60
CA ARG A 559 -9.13 -16.34 12.94
C ARG A 559 -9.53 -15.25 13.93
N PHE A 560 -8.54 -14.54 14.47
CA PHE A 560 -8.73 -13.43 15.38
C PHE A 560 -7.55 -12.49 15.16
N PRO A 561 -7.69 -11.17 15.35
CA PRO A 561 -6.64 -10.23 14.97
C PRO A 561 -5.41 -10.22 15.88
N CYS A 562 -5.60 -10.48 17.17
CA CYS A 562 -4.58 -10.29 18.19
C CYS A 562 -5.17 -10.65 19.53
N ASP A 563 -4.36 -10.56 20.60
CA ASP A 563 -4.89 -10.54 21.95
C ASP A 563 -4.45 -9.28 22.69
N GLY A 564 -4.49 -8.13 22.00
CA GLY A 564 -4.30 -6.84 22.65
C GLY A 564 -2.84 -6.41 22.68
N PRO A 565 -2.58 -5.15 23.04
CA PRO A 565 -1.23 -4.58 23.00
C PRO A 565 -0.33 -5.00 24.16
N GLY A 566 -0.87 -5.75 25.12
CA GLY A 566 -0.07 -6.22 26.24
C GLY A 566 0.87 -7.35 25.86
N ARG A 567 1.65 -7.82 26.84
CA ARG A 567 2.71 -8.79 26.64
C ARG A 567 3.66 -8.30 25.55
N GLY A 568 3.86 -6.99 25.45
CA GLY A 568 4.69 -6.39 24.41
C GLY A 568 3.93 -6.06 23.13
N GLY A 569 2.77 -6.70 22.90
CA GLY A 569 2.00 -6.57 21.66
C GLY A 569 1.84 -7.94 21.01
N THR A 570 0.60 -8.31 20.64
CA THR A 570 0.33 -9.67 20.19
C THR A 570 -0.38 -9.69 18.84
N CYS A 571 -0.16 -8.69 17.98
CA CYS A 571 -0.72 -8.69 16.64
C CYS A 571 -0.28 -9.94 15.86
N GLN A 572 -1.21 -10.59 15.16
CA GLN A 572 -0.90 -11.61 14.16
C GLN A 572 -0.31 -12.87 14.79
N VAL A 573 -0.87 -13.33 15.91
CA VAL A 573 -0.46 -14.59 16.52
C VAL A 573 -1.32 -15.75 16.02
N SER A 574 -2.52 -15.47 15.48
CA SER A 574 -3.45 -16.52 15.13
C SER A 574 -2.92 -17.38 13.99
N GLY A 575 -3.50 -18.58 13.86
CA GLY A 575 -3.22 -19.46 12.74
C GLY A 575 -3.53 -18.78 11.40
N TRP A 576 -4.66 -18.08 11.34
CA TRP A 576 -5.04 -17.36 10.13
C TRP A 576 -3.94 -16.39 9.72
N ASP A 577 -3.36 -15.69 10.68
CA ASP A 577 -2.35 -14.67 10.38
C ASP A 577 -1.07 -15.30 9.83
N HIS A 578 -0.81 -16.57 10.15
CA HIS A 578 0.32 -17.28 9.54
C HIS A 578 0.06 -17.62 8.08
N VAL A 579 -1.21 -17.86 7.73
CA VAL A 579 -1.57 -18.11 6.35
C VAL A 579 -1.39 -16.82 5.55
N PHE A 580 -1.87 -15.70 6.12
CA PHE A 580 -1.69 -14.38 5.56
C PHE A 580 -0.23 -14.15 5.18
N LEU A 581 0.68 -14.36 6.13
CA LEU A 581 2.10 -14.10 5.90
C LEU A 581 2.67 -15.14 4.94
N GLY A 582 2.17 -16.38 5.01
CA GLY A 582 2.66 -17.44 4.14
C GLY A 582 2.35 -17.20 2.67
N LEU A 583 1.25 -16.48 2.39
CA LEU A 583 0.85 -16.15 1.03
C LEU A 583 1.87 -15.25 0.35
N PHE A 584 2.41 -14.27 1.09
CA PHE A 584 3.41 -13.37 0.55
C PHE A 584 4.69 -14.13 0.21
N TRP A 585 5.06 -15.09 1.06
CA TRP A 585 6.27 -15.84 0.80
C TRP A 585 6.08 -16.87 -0.31
N MET A 586 4.89 -17.45 -0.43
CA MET A 586 4.58 -18.31 -1.57
C MET A 586 4.66 -17.48 -2.85
N TYR A 587 4.10 -16.27 -2.83
CA TYR A 587 4.15 -15.35 -3.96
C TYR A 587 5.62 -15.05 -4.35
N ASN A 588 6.44 -14.73 -3.36
CA ASN A 588 7.84 -14.43 -3.58
C ASN A 588 8.55 -15.65 -4.19
N SER A 589 8.34 -16.81 -3.58
CA SER A 589 8.96 -18.05 -4.00
C SER A 589 8.63 -18.40 -5.46
N LEU A 590 7.35 -18.43 -5.80
CA LEU A 590 6.92 -18.86 -7.12
C LEU A 590 7.25 -17.83 -8.19
N SER A 591 7.28 -16.53 -7.85
CA SER A 591 7.70 -15.51 -8.79
C SER A 591 9.11 -15.82 -9.30
N ILE A 592 10.02 -16.23 -8.41
CA ILE A 592 11.40 -16.49 -8.83
C ILE A 592 11.48 -17.77 -9.64
N VAL A 593 10.64 -18.76 -9.34
CA VAL A 593 10.61 -20.01 -10.09
C VAL A 593 10.24 -19.72 -11.54
N ILE A 594 9.18 -18.93 -11.77
CA ILE A 594 8.70 -18.69 -13.12
C ILE A 594 9.64 -17.75 -13.86
N PHE A 595 10.32 -16.86 -13.14
CA PHE A 595 11.35 -16.00 -13.74
C PHE A 595 12.57 -16.81 -14.16
N HIS A 596 13.01 -17.74 -13.32
CA HIS A 596 14.06 -18.67 -13.67
C HIS A 596 13.70 -19.41 -14.95
N PHE A 597 12.49 -19.98 -15.00
CA PHE A 597 12.02 -20.72 -16.15
C PHE A 597 12.05 -19.83 -17.39
N SER A 598 11.41 -18.67 -17.30
CA SER A 598 11.28 -17.78 -18.44
C SER A 598 12.66 -17.45 -19.02
N TRP A 599 13.57 -16.97 -18.16
CA TRP A 599 14.87 -16.52 -18.64
C TRP A 599 15.72 -17.69 -19.15
N LYS A 600 15.77 -18.79 -18.41
CA LYS A 600 16.62 -19.91 -18.77
C LYS A 600 16.21 -20.47 -20.13
N MET A 601 14.89 -20.64 -20.35
CA MET A 601 14.39 -21.17 -21.61
C MET A 601 14.73 -20.25 -22.77
N GLN A 602 14.57 -18.93 -22.59
CA GLN A 602 14.81 -17.99 -23.67
C GLN A 602 16.30 -17.86 -23.99
N SER A 603 17.14 -18.00 -22.96
CA SER A 603 18.57 -17.82 -23.10
C SER A 603 19.22 -19.07 -23.68
N ASP A 604 18.77 -20.26 -23.25
CA ASP A 604 19.55 -21.47 -23.42
C ASP A 604 18.78 -22.58 -24.16
N VAL A 605 17.48 -22.42 -24.47
CA VAL A 605 16.71 -23.49 -25.07
C VAL A 605 16.00 -23.01 -26.33
N TRP A 606 15.06 -22.08 -26.18
CA TRP A 606 14.21 -21.64 -27.29
C TRP A 606 15.02 -20.81 -28.29
N GLY A 607 14.60 -20.85 -29.55
CA GLY A 607 15.25 -20.10 -30.60
C GLY A 607 15.07 -20.76 -31.97
N THR A 608 15.91 -20.36 -32.93
CA THR A 608 15.86 -20.86 -34.30
C THR A 608 17.13 -21.65 -34.60
N ILE A 609 17.03 -22.60 -35.54
CA ILE A 609 18.19 -23.27 -36.10
C ILE A 609 18.22 -23.00 -37.59
N SER A 610 19.43 -22.82 -38.13
CA SER A 610 19.65 -22.75 -39.56
C SER A 610 19.75 -24.17 -40.13
N SER A 611 19.80 -24.27 -41.46
CA SER A 611 19.99 -25.54 -42.15
C SER A 611 21.39 -26.09 -41.86
N SER A 612 22.38 -25.18 -41.76
CA SER A 612 23.74 -25.51 -41.38
C SER A 612 23.77 -26.11 -39.98
N GLY A 613 22.94 -25.56 -39.08
CA GLY A 613 22.81 -26.05 -37.72
C GLY A 613 23.38 -25.07 -36.69
N ASP A 614 23.08 -23.76 -36.89
CA ASP A 614 23.54 -22.71 -36.01
C ASP A 614 22.38 -22.23 -35.15
N ILE A 615 22.45 -22.49 -33.84
CA ILE A 615 21.36 -22.13 -32.94
C ILE A 615 21.46 -20.65 -32.62
N SER A 616 20.31 -19.97 -32.66
CA SER A 616 20.20 -18.57 -32.28
C SER A 616 19.12 -18.44 -31.21
N HIS A 617 19.55 -18.33 -29.94
CA HIS A 617 18.63 -18.31 -28.81
C HIS A 617 17.97 -16.94 -28.70
N ILE A 618 16.76 -16.92 -28.14
CA ILE A 618 15.98 -15.69 -28.02
C ILE A 618 16.79 -14.59 -27.32
N THR A 619 17.44 -14.88 -26.17
CA THR A 619 18.27 -13.87 -25.53
C THR A 619 19.76 -14.26 -25.57
N ARG A 620 20.14 -15.13 -26.51
CA ARG A 620 21.53 -15.27 -26.95
C ARG A 620 22.46 -15.70 -25.81
N GLY A 621 22.00 -16.60 -24.94
CA GLY A 621 22.84 -17.19 -23.92
C GLY A 621 23.31 -16.20 -22.84
N ASN A 622 22.56 -15.12 -22.58
CA ASN A 622 23.01 -14.13 -21.62
C ASN A 622 22.83 -14.60 -20.16
N PHE A 623 22.15 -15.72 -19.93
CA PHE A 623 21.80 -16.14 -18.57
C PHE A 623 23.05 -16.40 -17.72
N ALA A 624 24.02 -17.14 -18.26
CA ALA A 624 25.20 -17.52 -17.50
C ALA A 624 25.92 -16.33 -16.86
N GLN A 625 26.08 -15.24 -17.61
CA GLN A 625 26.85 -14.09 -17.14
C GLN A 625 25.97 -13.01 -16.52
N SER A 626 24.69 -12.94 -16.88
CA SER A 626 23.82 -11.89 -16.37
C SER A 626 23.03 -12.35 -15.14
N ALA A 627 22.73 -13.65 -15.02
CA ALA A 627 21.81 -14.09 -13.97
C ALA A 627 22.53 -14.31 -12.64
N ILE A 628 23.77 -13.84 -12.49
CA ILE A 628 24.54 -14.04 -11.26
C ILE A 628 24.65 -12.74 -10.46
N THR A 629 23.93 -11.68 -10.87
CA THR A 629 23.83 -10.45 -10.09
C THR A 629 22.38 -10.00 -10.09
N ILE A 630 21.99 -9.24 -9.07
CA ILE A 630 20.66 -8.65 -9.04
C ILE A 630 20.53 -7.62 -10.17
N ASN A 631 21.61 -6.89 -10.47
CA ASN A 631 21.60 -5.89 -11.54
C ASN A 631 21.32 -6.58 -12.87
N GLY A 632 21.83 -7.80 -13.06
CA GLY A 632 21.59 -8.56 -14.26
C GLY A 632 20.12 -8.93 -14.45
N TRP A 633 19.47 -9.37 -13.37
CA TRP A 633 18.03 -9.60 -13.37
C TRP A 633 17.25 -8.31 -13.64
N LEU A 634 17.63 -7.21 -13.00
CA LEU A 634 16.92 -5.96 -13.17
C LEU A 634 17.04 -5.47 -14.61
N ARG A 635 18.22 -5.61 -15.20
CA ARG A 635 18.53 -4.99 -16.48
C ARG A 635 18.21 -5.94 -17.62
N ASP A 636 18.78 -7.15 -17.58
CA ASP A 636 18.72 -8.06 -18.71
C ASP A 636 17.44 -8.89 -18.69
N PHE A 637 16.77 -8.98 -17.53
CA PHE A 637 15.49 -9.66 -17.49
C PHE A 637 14.37 -8.61 -17.46
N LEU A 638 14.17 -7.92 -16.33
CA LEU A 638 12.99 -7.06 -16.19
C LEU A 638 13.00 -5.93 -17.21
N TRP A 639 14.07 -5.13 -17.24
CA TRP A 639 14.10 -3.97 -18.11
C TRP A 639 14.06 -4.40 -19.58
N ALA A 640 14.90 -5.36 -19.97
CA ALA A 640 15.02 -5.76 -21.36
C ALA A 640 13.73 -6.42 -21.87
N GLN A 641 13.16 -7.37 -21.12
CA GLN A 641 12.03 -8.13 -21.59
C GLN A 641 10.70 -7.38 -21.44
N ALA A 642 10.69 -6.28 -20.68
CA ALA A 642 9.48 -5.47 -20.54
C ALA A 642 9.27 -4.59 -21.77
N SER A 643 10.24 -4.55 -22.69
CA SER A 643 10.13 -3.73 -23.88
C SER A 643 8.85 -4.06 -24.66
N GLN A 644 8.47 -5.33 -24.77
CA GLN A 644 7.29 -5.70 -25.52
C GLN A 644 6.03 -5.13 -24.88
N VAL A 645 5.83 -5.40 -23.59
CA VAL A 645 4.61 -4.99 -22.92
C VAL A 645 4.54 -3.46 -22.93
N ILE A 646 5.68 -2.78 -22.74
CA ILE A 646 5.70 -1.35 -22.52
C ILE A 646 5.56 -0.59 -23.85
N GLN A 647 5.77 -1.26 -25.00
CA GLN A 647 5.62 -0.64 -26.30
C GLN A 647 4.39 -1.18 -27.05
N SER A 648 3.37 -1.64 -26.32
CA SER A 648 2.27 -2.37 -26.92
C SER A 648 1.10 -1.48 -27.32
N TYR A 649 1.05 -0.24 -26.84
CA TYR A 649 -0.06 0.66 -27.15
C TYR A 649 -0.15 0.86 -28.67
N GLY A 650 -1.40 0.84 -29.17
CA GLY A 650 -1.66 1.05 -30.59
C GLY A 650 -1.52 -0.22 -31.43
N SER A 651 -1.39 -1.38 -30.78
CA SER A 651 -1.26 -2.66 -31.45
C SER A 651 -2.27 -3.63 -30.84
N SER A 652 -2.31 -4.85 -31.37
CA SER A 652 -3.18 -5.89 -30.86
C SER A 652 -2.74 -6.39 -29.48
N SER A 653 -1.51 -6.07 -29.05
CA SER A 653 -1.05 -6.43 -27.73
C SER A 653 -1.33 -5.32 -26.71
N SER A 654 -2.11 -4.30 -27.10
CA SER A 654 -2.34 -3.15 -26.24
C SER A 654 -3.07 -3.57 -24.97
N ALA A 655 -3.93 -4.60 -25.04
CA ALA A 655 -4.61 -5.10 -23.84
C ALA A 655 -3.60 -5.47 -22.76
N TYR A 656 -2.47 -6.06 -23.14
CA TYR A 656 -1.45 -6.44 -22.17
C TYR A 656 -0.77 -5.22 -21.58
N GLY A 657 -0.54 -4.19 -22.39
CA GLY A 657 -0.02 -2.93 -21.87
C GLY A 657 -0.95 -2.37 -20.81
N LEU A 658 -2.25 -2.41 -21.06
CA LEU A 658 -3.25 -1.87 -20.15
C LEU A 658 -3.31 -2.70 -18.88
N MET A 659 -3.34 -4.04 -19.03
CA MET A 659 -3.38 -4.93 -17.88
C MET A 659 -2.11 -4.77 -17.03
N PHE A 660 -0.95 -4.56 -17.68
CA PHE A 660 0.30 -4.39 -16.96
C PHE A 660 0.23 -3.19 -16.03
N LEU A 661 -0.25 -2.05 -16.54
CA LEU A 661 -0.42 -0.85 -15.73
C LEU A 661 -1.52 -1.05 -14.69
N GLY A 662 -2.66 -1.56 -15.13
CA GLY A 662 -3.76 -1.82 -14.21
C GLY A 662 -3.32 -2.70 -13.04
N ALA A 663 -2.49 -3.71 -13.32
CA ALA A 663 -2.05 -4.65 -12.30
C ALA A 663 -1.07 -3.97 -11.33
N HIS A 664 -0.18 -3.10 -11.85
CA HIS A 664 0.67 -2.28 -10.98
C HIS A 664 -0.19 -1.45 -10.03
N PHE A 665 -1.32 -0.91 -10.52
CA PHE A 665 -2.23 -0.10 -9.72
C PHE A 665 -2.86 -0.89 -8.58
N VAL A 666 -3.45 -2.05 -8.90
CA VAL A 666 -4.09 -2.88 -7.89
C VAL A 666 -3.07 -3.29 -6.82
N TRP A 667 -1.84 -3.57 -7.23
CA TRP A 667 -0.79 -3.95 -6.31
C TRP A 667 -0.50 -2.84 -5.31
N ALA A 668 -0.31 -1.63 -5.82
CA ALA A 668 0.00 -0.48 -4.99
C ALA A 668 -1.18 -0.15 -4.07
N PHE A 669 -2.40 -0.28 -4.57
CA PHE A 669 -3.60 -0.03 -3.78
C PHE A 669 -3.66 -0.99 -2.58
N SER A 670 -3.17 -2.22 -2.74
CA SER A 670 -3.16 -3.17 -1.65
C SER A 670 -2.41 -2.62 -0.43
N LEU A 671 -1.42 -1.76 -0.66
CA LEU A 671 -0.54 -1.31 0.41
C LEU A 671 -1.29 -0.39 1.37
N MET A 672 -2.33 0.29 0.88
CA MET A 672 -3.18 1.09 1.74
C MET A 672 -3.76 0.24 2.86
N PHE A 673 -4.18 -1.00 2.54
CA PHE A 673 -4.77 -1.90 3.50
C PHE A 673 -3.70 -2.54 4.40
N LEU A 674 -2.57 -2.94 3.81
CA LEU A 674 -1.56 -3.67 4.55
C LEU A 674 -0.83 -2.77 5.55
N PHE A 675 -0.62 -1.50 5.21
CA PHE A 675 0.21 -0.61 6.02
C PHE A 675 -0.60 0.19 7.04
N SER A 676 -1.93 0.23 6.92
CA SER A 676 -2.74 1.06 7.81
C SER A 676 -3.51 0.18 8.79
N GLY A 677 -4.28 0.82 9.67
CA GLY A 677 -5.12 0.11 10.62
C GLY A 677 -6.48 0.78 10.77
N ARG A 678 -7.46 0.03 11.27
CA ARG A 678 -8.85 0.43 11.16
C ARG A 678 -9.20 1.57 12.12
N GLY A 679 -8.41 1.77 13.17
CA GLY A 679 -8.66 2.86 14.09
C GLY A 679 -8.68 4.20 13.35
N TYR A 680 -7.69 4.41 12.48
CA TYR A 680 -7.67 5.59 11.64
C TYR A 680 -8.96 5.69 10.82
N TRP A 681 -9.33 4.60 10.13
CA TRP A 681 -10.42 4.61 9.18
C TRP A 681 -11.77 4.79 9.88
N GLN A 682 -11.94 4.19 11.06
CA GLN A 682 -13.21 4.33 11.75
C GLN A 682 -13.40 5.78 12.19
N GLU A 683 -12.32 6.46 12.58
CA GLU A 683 -12.40 7.87 12.95
C GLU A 683 -12.75 8.73 11.74
N LEU A 684 -12.13 8.48 10.58
CA LEU A 684 -12.43 9.23 9.39
C LEU A 684 -13.92 9.08 9.04
N ILE A 685 -14.42 7.85 9.10
CA ILE A 685 -15.82 7.57 8.82
C ILE A 685 -16.74 8.35 9.75
N GLU A 686 -16.35 8.58 11.00
CA GLU A 686 -17.14 9.38 11.94
C GLU A 686 -17.41 10.80 11.42
N SER A 687 -16.41 11.45 10.84
CA SER A 687 -16.59 12.80 10.31
C SER A 687 -17.50 12.79 9.07
N ILE A 688 -17.34 11.78 8.22
CA ILE A 688 -18.14 11.64 7.03
C ILE A 688 -19.60 11.37 7.42
N VAL A 689 -19.80 10.52 8.44
CA VAL A 689 -21.13 10.24 8.96
C VAL A 689 -21.77 11.52 9.51
N TRP A 690 -20.98 12.39 10.14
CA TRP A 690 -21.47 13.68 10.61
C TRP A 690 -22.14 14.47 9.48
N ALA A 691 -21.51 14.51 8.31
CA ALA A 691 -22.01 15.27 7.17
C ALA A 691 -23.31 14.67 6.65
N HIS A 692 -23.43 13.34 6.65
CA HIS A 692 -24.64 12.66 6.24
C HIS A 692 -25.78 12.90 7.23
N ASN A 693 -25.48 12.84 8.53
CA ASN A 693 -26.47 13.12 9.56
C ASN A 693 -26.99 14.55 9.43
N LYS A 694 -26.09 15.51 9.21
CA LYS A 694 -26.47 16.90 8.99
C LYS A 694 -27.48 17.04 7.86
N LEU A 695 -27.32 16.29 6.77
CA LEU A 695 -28.18 16.43 5.60
C LEU A 695 -29.28 15.37 5.60
N LYS A 696 -29.51 14.71 6.73
CA LYS A 696 -30.56 13.71 6.88
C LYS A 696 -30.44 12.65 5.80
N VAL A 697 -29.24 12.09 5.62
CA VAL A 697 -29.03 11.05 4.64
C VAL A 697 -28.02 10.05 5.19
N ALA A 698 -28.13 9.73 6.48
CA ALA A 698 -27.29 8.70 7.10
C ALA A 698 -28.03 7.38 7.02
N PRO A 699 -27.35 6.27 6.68
CA PRO A 699 -28.02 4.97 6.60
C PRO A 699 -28.32 4.40 7.99
N SER A 700 -29.38 3.59 8.08
CA SER A 700 -29.70 2.89 9.32
C SER A 700 -28.72 1.74 9.56
N ILE A 701 -28.19 1.14 8.50
CA ILE A 701 -27.09 0.19 8.64
C ILE A 701 -25.80 1.00 8.78
N GLN A 702 -25.30 1.09 10.01
CA GLN A 702 -24.26 2.05 10.36
C GLN A 702 -22.94 1.70 9.68
N PRO A 703 -22.25 2.65 9.02
CA PRO A 703 -20.97 2.37 8.41
C PRO A 703 -19.88 2.03 9.42
N ARG A 704 -19.16 0.94 9.19
CA ARG A 704 -18.00 0.60 9.98
C ARG A 704 -16.80 0.43 9.06
N ALA A 705 -15.61 0.75 9.60
CA ALA A 705 -14.37 0.34 8.97
C ALA A 705 -14.32 -1.19 8.91
N LEU A 706 -13.55 -1.74 7.96
CA LEU A 706 -13.41 -3.19 7.84
C LEU A 706 -12.83 -3.72 9.14
N SER A 707 -13.10 -4.98 9.47
CA SER A 707 -12.48 -5.59 10.64
C SER A 707 -10.97 -5.62 10.44
N ILE A 708 -10.23 -5.83 11.53
CA ILE A 708 -8.77 -5.89 11.46
C ILE A 708 -8.38 -7.00 10.48
N THR A 709 -9.04 -8.16 10.62
CA THR A 709 -8.75 -9.32 9.80
C THR A 709 -9.13 -9.06 8.35
N GLN A 710 -10.27 -8.41 8.11
CA GLN A 710 -10.69 -8.16 6.74
C GLN A 710 -9.69 -7.22 6.06
N GLY A 711 -9.23 -6.18 6.77
CA GLY A 711 -8.19 -5.32 6.25
C GLY A 711 -7.01 -6.11 5.70
N ARG A 712 -6.56 -7.11 6.48
CA ARG A 712 -5.46 -7.98 6.08
C ARG A 712 -5.83 -8.82 4.86
N ALA A 713 -7.03 -9.40 4.86
CA ALA A 713 -7.48 -10.24 3.75
C ALA A 713 -7.56 -9.43 2.45
N VAL A 714 -8.13 -8.22 2.54
CA VAL A 714 -8.27 -7.37 1.37
C VAL A 714 -6.88 -7.02 0.85
N GLY A 715 -5.98 -6.71 1.78
CA GLY A 715 -4.62 -6.34 1.44
C GLY A 715 -3.90 -7.44 0.68
N VAL A 716 -3.89 -8.65 1.22
CA VAL A 716 -3.13 -9.72 0.58
C VAL A 716 -3.80 -10.11 -0.74
N ALA A 717 -5.14 -10.04 -0.82
CA ALA A 717 -5.84 -10.42 -2.05
C ALA A 717 -5.50 -9.45 -3.18
N HIS A 718 -5.43 -8.13 -2.89
CA HIS A 718 -5.05 -7.16 -3.90
C HIS A 718 -3.56 -7.25 -4.22
N TYR A 719 -2.72 -7.57 -3.22
CA TYR A 719 -1.29 -7.70 -3.45
C TYR A 719 -1.04 -8.84 -4.44
N LEU A 720 -1.69 -10.00 -4.22
CA LEU A 720 -1.49 -11.15 -5.09
C LEU A 720 -2.06 -10.90 -6.48
N LEU A 721 -3.28 -10.38 -6.56
CA LEU A 721 -3.91 -10.15 -7.85
C LEU A 721 -3.03 -9.21 -8.67
N GLY A 722 -2.66 -8.08 -8.07
CA GLY A 722 -1.84 -7.09 -8.76
C GLY A 722 -0.50 -7.67 -9.17
N GLY A 723 0.16 -8.38 -8.25
CA GLY A 723 1.48 -8.90 -8.50
C GLY A 723 1.47 -9.96 -9.60
N ILE A 724 0.52 -10.89 -9.52
CA ILE A 724 0.47 -12.02 -10.44
C ILE A 724 0.01 -11.54 -11.82
N ALA A 725 -0.98 -10.63 -11.88
CA ALA A 725 -1.49 -10.14 -13.16
C ALA A 725 -0.44 -9.29 -13.88
N THR A 726 0.45 -8.63 -13.12
CA THR A 726 1.56 -7.89 -13.72
C THR A 726 2.45 -8.85 -14.50
N THR A 727 2.81 -9.97 -13.89
CA THR A 727 3.70 -10.94 -14.52
C THR A 727 3.00 -11.60 -15.70
N TRP A 728 1.72 -11.90 -15.55
CA TRP A 728 0.92 -12.46 -16.63
C TRP A 728 1.03 -11.60 -17.89
N ALA A 729 0.79 -10.29 -17.74
CA ALA A 729 0.79 -9.35 -18.85
C ALA A 729 2.19 -9.23 -19.46
N PHE A 730 3.19 -9.13 -18.58
CA PHE A 730 4.59 -9.10 -18.98
C PHE A 730 4.94 -10.31 -19.84
N PHE A 731 4.63 -11.51 -19.33
CA PHE A 731 4.97 -12.77 -19.98
C PHE A 731 4.28 -12.90 -21.32
N LEU A 732 2.96 -12.67 -21.37
CA LEU A 732 2.21 -12.90 -22.59
C LEU A 732 2.64 -11.91 -23.68
N ALA A 733 2.73 -10.62 -23.37
CA ALA A 733 3.14 -9.63 -24.36
C ALA A 733 4.50 -10.02 -24.96
N ARG A 734 5.43 -10.46 -24.11
CA ARG A 734 6.77 -10.77 -24.57
C ARG A 734 6.78 -12.00 -25.47
N ILE A 735 6.22 -13.10 -24.97
CA ILE A 735 6.39 -14.39 -25.61
C ILE A 735 5.58 -14.45 -26.92
N ILE A 736 4.51 -13.66 -27.02
CA ILE A 736 3.69 -13.63 -28.23
C ILE A 736 4.40 -12.84 -29.33
N ALA A 737 5.28 -11.90 -28.95
CA ALA A 737 6.01 -11.10 -29.92
C ALA A 737 7.20 -11.86 -30.50
N ILE A 738 7.99 -12.50 -29.62
CA ILE A 738 9.27 -13.09 -30.00
C ILE A 738 9.12 -14.58 -30.27
N GLY A 739 8.19 -15.23 -29.56
CA GLY A 739 7.87 -16.64 -29.78
C GLY A 739 6.73 -16.78 -30.77
N VAL B 1 19.10 -1.94 39.27
CA VAL B 1 18.44 -1.59 37.97
C VAL B 1 19.53 -1.06 37.03
N THR B 2 19.42 -1.39 35.74
CA THR B 2 20.36 -0.92 34.74
C THR B 2 20.13 0.57 34.51
N LYS B 3 21.18 1.37 34.77
CA LYS B 3 21.10 2.81 34.85
C LYS B 3 20.50 3.44 33.58
N PHE B 4 21.04 3.08 32.41
CA PHE B 4 20.58 3.69 31.15
C PHE B 4 19.14 3.30 30.87
N PRO B 5 18.22 4.21 30.47
CA PRO B 5 18.47 5.66 30.44
C PRO B 5 18.26 6.34 31.78
N LYS B 6 19.20 7.20 32.16
CA LYS B 6 19.16 7.87 33.45
C LYS B 6 17.94 8.80 33.57
N PHE B 7 17.41 9.26 32.44
CA PHE B 7 16.31 10.21 32.42
C PHE B 7 14.94 9.54 32.56
N SER B 8 14.88 8.20 32.67
CA SER B 8 13.61 7.49 32.77
C SER B 8 13.76 6.21 33.57
N GLN B 9 13.32 6.23 34.83
CA GLN B 9 13.35 5.06 35.70
C GLN B 9 12.45 3.95 35.17
N ALA B 10 11.31 4.32 34.57
CA ALA B 10 10.40 3.36 33.98
C ALA B 10 11.11 2.49 32.94
N LEU B 11 11.92 3.12 32.09
CA LEU B 11 12.69 2.39 31.08
C LEU B 11 13.86 1.66 31.72
N ALA B 12 14.53 2.30 32.69
CA ALA B 12 15.73 1.74 33.28
C ALA B 12 15.46 0.40 33.97
N GLN B 13 14.23 0.19 34.46
CA GLN B 13 13.85 -1.02 35.16
C GLN B 13 13.38 -2.14 34.22
N ASP B 14 13.17 -1.82 32.93
CA ASP B 14 12.76 -2.82 31.94
C ASP B 14 13.88 -3.86 31.77
N PRO B 15 13.62 -5.17 31.99
CA PRO B 15 14.66 -6.19 31.87
C PRO B 15 14.96 -6.68 30.44
N THR B 16 14.33 -6.09 29.42
CA THR B 16 14.40 -6.61 28.06
C THR B 16 15.20 -5.64 27.18
N THR B 17 15.43 -6.04 25.93
CA THR B 17 16.11 -5.21 24.95
C THR B 17 15.33 -3.93 24.62
N ARG B 18 14.03 -3.88 24.95
CA ARG B 18 13.23 -2.69 24.73
C ARG B 18 13.80 -1.45 25.46
N ARG B 19 14.43 -1.65 26.62
CA ARG B 19 15.05 -0.58 27.39
C ARG B 19 16.01 0.24 26.53
N ILE B 20 16.85 -0.43 25.75
CA ILE B 20 17.89 0.23 24.98
C ILE B 20 17.25 1.01 23.83
N TRP B 21 16.36 0.35 23.08
CA TRP B 21 15.67 0.96 21.96
C TRP B 21 14.93 2.23 22.39
N TYR B 22 14.11 2.12 23.44
CA TYR B 22 13.27 3.24 23.88
C TYR B 22 14.13 4.33 24.53
N GLY B 23 15.24 3.93 25.16
CA GLY B 23 16.21 4.90 25.66
C GLY B 23 16.69 5.83 24.55
N ILE B 24 17.09 5.25 23.42
CA ILE B 24 17.60 6.02 22.29
C ILE B 24 16.49 6.91 21.73
N ALA B 25 15.28 6.36 21.62
CA ALA B 25 14.19 7.00 20.89
C ALA B 25 13.55 8.14 21.66
N THR B 26 13.77 8.22 22.98
CA THR B 26 13.14 9.27 23.78
C THR B 26 14.18 10.24 24.36
N ALA B 27 15.44 10.15 23.91
CA ALA B 27 16.51 10.94 24.50
C ALA B 27 16.32 12.44 24.27
N HIS B 28 15.68 12.85 23.17
CA HIS B 28 15.53 14.26 22.85
C HIS B 28 14.15 14.80 23.25
N ASP B 29 13.27 13.96 23.81
CA ASP B 29 11.97 14.41 24.27
C ASP B 29 12.08 14.87 25.71
N PHE B 30 12.69 16.05 25.91
CA PHE B 30 13.13 16.50 27.22
C PHE B 30 11.95 16.66 28.17
N GLU B 31 10.81 17.12 27.68
CA GLU B 31 9.60 17.34 28.49
C GLU B 31 9.16 16.07 29.20
N SER B 32 9.42 14.90 28.60
CA SER B 32 8.98 13.62 29.14
C SER B 32 9.93 13.07 30.20
N HIS B 33 11.09 13.71 30.42
CA HIS B 33 12.12 13.14 31.29
C HIS B 33 11.76 13.34 32.77
N ASP B 34 12.33 12.48 33.62
CA ASP B 34 12.08 12.47 35.05
C ASP B 34 12.49 13.81 35.66
N ASN B 35 11.55 14.46 36.37
CA ASN B 35 11.84 15.60 37.22
C ASN B 35 12.31 16.80 36.41
N ILE B 36 11.77 16.99 35.21
CA ILE B 36 12.09 18.14 34.40
C ILE B 36 11.30 19.34 34.92
N THR B 37 11.96 20.49 35.04
CA THR B 37 11.30 21.75 35.37
C THR B 37 11.25 22.58 34.09
N GLU B 38 10.35 23.59 34.07
CA GLU B 38 10.19 24.43 32.90
C GLU B 38 11.49 25.20 32.62
N GLU B 39 12.20 25.62 33.67
CA GLU B 39 13.42 26.38 33.50
C GLU B 39 14.55 25.51 32.95
N ASN B 40 14.74 24.31 33.51
CA ASN B 40 15.77 23.40 33.04
C ASN B 40 15.53 23.04 31.58
N LEU B 41 14.26 22.83 31.22
CA LEU B 41 13.88 22.51 29.85
C LEU B 41 14.41 23.57 28.88
N TYR B 42 14.14 24.85 29.14
CA TYR B 42 14.52 25.91 28.21
C TYR B 42 16.04 26.03 28.12
N GLN B 43 16.73 25.80 29.24
CA GLN B 43 18.17 25.91 29.30
C GLN B 43 18.84 24.80 28.48
N ARG B 44 18.32 23.58 28.60
CA ARG B 44 18.85 22.43 27.89
C ARG B 44 18.59 22.58 26.39
N ILE B 45 17.44 23.14 26.01
CA ILE B 45 17.11 23.36 24.60
C ILE B 45 18.09 24.37 24.02
N PHE B 46 18.36 25.44 24.76
CA PHE B 46 19.24 26.50 24.30
C PHE B 46 20.64 25.96 24.03
N ALA B 47 21.17 25.13 24.95
CA ALA B 47 22.49 24.54 24.78
C ALA B 47 22.52 23.58 23.59
N SER B 48 21.47 22.78 23.44
CA SER B 48 21.34 21.88 22.30
C SER B 48 21.36 22.65 20.98
N HIS B 49 20.76 23.85 20.96
CA HIS B 49 20.75 24.68 19.77
C HIS B 49 22.17 25.12 19.40
N PHE B 50 22.98 25.48 20.40
CA PHE B 50 24.37 25.84 20.15
C PHE B 50 25.11 24.65 19.53
N GLY B 51 24.90 23.45 20.06
CA GLY B 51 25.49 22.24 19.51
C GLY B 51 25.14 22.05 18.03
N HIS B 52 23.88 22.31 17.68
CA HIS B 52 23.39 22.12 16.33
C HIS B 52 24.05 23.14 15.39
N LEU B 53 24.14 24.40 15.82
CA LEU B 53 24.80 25.43 15.02
C LEU B 53 26.26 25.06 14.74
N ALA B 54 26.97 24.55 15.75
CA ALA B 54 28.35 24.13 15.56
C ALA B 54 28.46 23.06 14.47
N ILE B 55 27.54 22.10 14.47
CA ILE B 55 27.54 21.04 13.48
C ILE B 55 27.35 21.63 12.08
N ILE B 56 26.47 22.60 11.93
CA ILE B 56 26.27 23.23 10.62
C ILE B 56 27.57 23.86 10.15
N PHE B 57 28.28 24.54 11.05
CA PHE B 57 29.50 25.27 10.68
C PHE B 57 30.65 24.31 10.41
N LEU B 58 30.70 23.16 11.09
CA LEU B 58 31.74 22.16 10.81
C LEU B 58 31.52 21.51 9.44
N TRP B 59 30.25 21.27 9.10
CA TRP B 59 29.87 20.72 7.81
C TRP B 59 30.28 21.65 6.68
N THR B 60 30.03 22.95 6.84
CA THR B 60 30.41 23.93 5.83
C THR B 60 31.94 24.02 5.74
N SER B 61 32.61 23.94 6.89
CA SER B 61 34.07 23.96 6.93
C SER B 61 34.63 22.80 6.12
N GLY B 62 34.03 21.60 6.30
CA GLY B 62 34.49 20.40 5.63
C GLY B 62 34.33 20.49 4.12
N ASN B 63 33.21 21.06 3.66
CA ASN B 63 32.98 21.24 2.25
C ASN B 63 34.07 22.15 1.66
N LEU B 64 34.34 23.27 2.32
CA LEU B 64 35.38 24.20 1.88
C LEU B 64 36.75 23.53 1.86
N PHE B 65 37.07 22.80 2.95
CA PHE B 65 38.39 22.22 3.10
C PHE B 65 38.65 21.17 2.03
N HIS B 66 37.68 20.27 1.81
CA HIS B 66 37.85 19.19 0.85
C HIS B 66 38.00 19.71 -0.57
N VAL B 67 37.28 20.79 -0.92
CA VAL B 67 37.40 21.36 -2.25
C VAL B 67 38.75 22.05 -2.39
N ALA B 68 39.17 22.79 -1.35
CA ALA B 68 40.47 23.46 -1.35
C ALA B 68 41.60 22.46 -1.55
N TRP B 69 41.51 21.32 -0.88
CA TRP B 69 42.59 20.35 -0.81
C TRP B 69 42.56 19.40 -2.01
N GLN B 70 41.39 18.80 -2.30
CA GLN B 70 41.27 17.72 -3.26
C GLN B 70 40.52 18.13 -4.52
N GLY B 71 39.94 19.34 -4.57
CA GLY B 71 39.11 19.74 -5.70
C GLY B 71 39.90 20.31 -6.88
N ASN B 72 39.17 20.87 -7.85
CA ASN B 72 39.77 21.46 -9.04
C ASN B 72 39.16 22.84 -9.29
N PHE B 73 38.86 23.59 -8.22
CA PHE B 73 38.19 24.87 -8.32
C PHE B 73 38.96 25.82 -9.23
N GLU B 74 40.29 25.87 -9.07
CA GLU B 74 41.13 26.78 -9.85
C GLU B 74 41.09 26.46 -11.34
N LYS B 75 41.00 25.17 -11.69
CA LYS B 75 40.90 24.76 -13.08
C LYS B 75 39.48 24.97 -13.59
N TRP B 76 38.50 24.73 -12.72
CA TRP B 76 37.09 24.77 -13.11
C TRP B 76 36.68 26.18 -13.53
N ILE B 77 37.15 27.21 -12.81
CA ILE B 77 36.74 28.57 -13.10
C ILE B 77 37.22 29.02 -14.49
N LEU B 78 38.24 28.37 -15.06
CA LEU B 78 38.71 28.71 -16.39
C LEU B 78 37.80 28.16 -17.49
N ASN B 79 37.00 27.11 -17.21
CA ASN B 79 36.10 26.57 -18.22
C ASN B 79 34.89 25.93 -17.54
N PRO B 80 34.01 26.73 -16.88
CA PRO B 80 32.99 26.18 -15.99
C PRO B 80 31.93 25.30 -16.63
N THR B 81 31.67 25.48 -17.94
CA THR B 81 30.61 24.73 -18.60
C THR B 81 31.13 23.40 -19.15
N LYS B 82 32.45 23.17 -19.13
CA LYS B 82 33.03 21.96 -19.68
C LYS B 82 33.63 21.04 -18.61
N ILE B 83 34.37 21.62 -17.66
CA ILE B 83 35.04 20.84 -16.61
C ILE B 83 34.01 20.41 -15.56
N LYS B 84 34.18 19.21 -15.00
CA LYS B 84 33.32 18.74 -13.94
C LYS B 84 33.95 19.12 -12.59
N PRO B 85 33.20 19.75 -11.66
CA PRO B 85 33.74 20.08 -10.35
C PRO B 85 33.86 18.86 -9.44
N ILE B 86 34.97 18.79 -8.69
CA ILE B 86 35.29 17.66 -7.82
C ILE B 86 34.77 17.93 -6.40
N ALA B 87 34.04 16.96 -5.83
CA ALA B 87 33.57 17.01 -4.46
C ALA B 87 34.72 16.68 -3.49
N HIS B 88 35.31 15.49 -3.64
CA HIS B 88 36.39 15.04 -2.78
C HIS B 88 37.04 13.80 -3.40
N ALA B 89 38.18 13.40 -2.82
CA ALA B 89 38.90 12.23 -3.30
C ALA B 89 38.25 10.97 -2.75
N ILE B 90 38.47 9.85 -3.46
CA ILE B 90 38.05 8.54 -3.02
C ILE B 90 39.28 7.81 -2.50
N TRP B 91 39.17 7.19 -1.32
CA TRP B 91 40.14 6.19 -0.89
C TRP B 91 39.37 5.01 -0.33
N ASP B 92 39.37 3.91 -1.09
CA ASP B 92 38.55 2.75 -0.81
C ASP B 92 39.33 1.52 -1.26
N PRO B 93 39.90 0.74 -0.32
CA PRO B 93 40.72 -0.42 -0.69
C PRO B 93 39.93 -1.61 -1.24
N HIS B 94 38.60 -1.51 -1.31
CA HIS B 94 37.78 -2.54 -1.93
C HIS B 94 37.78 -2.38 -3.45
N PHE B 95 38.14 -1.18 -3.95
CA PHE B 95 38.14 -0.91 -5.38
C PHE B 95 39.13 -1.83 -6.09
N GLY B 96 38.71 -2.39 -7.24
CA GLY B 96 39.62 -2.99 -8.20
C GLY B 96 40.18 -1.92 -9.14
N GLN B 97 41.16 -2.30 -9.96
CA GLN B 97 41.87 -1.36 -10.82
C GLN B 97 40.94 -0.73 -11.85
N ALA B 98 39.95 -1.49 -12.34
CA ALA B 98 39.03 -1.01 -13.36
C ALA B 98 38.14 0.12 -12.83
N ALA B 99 37.75 0.01 -11.55
CA ALA B 99 36.94 1.04 -10.91
C ALA B 99 37.79 2.27 -10.58
N LEU B 100 39.06 2.07 -10.17
CA LEU B 100 39.95 3.20 -9.97
C LEU B 100 40.04 4.04 -11.24
N LYS B 101 40.20 3.39 -12.39
CA LYS B 101 40.30 4.07 -13.67
C LYS B 101 38.99 4.80 -14.01
N ALA B 102 37.85 4.15 -13.79
CA ALA B 102 36.54 4.72 -14.13
C ALA B 102 36.27 6.01 -13.36
N PHE B 103 36.79 6.11 -12.12
CA PHE B 103 36.55 7.27 -11.26
C PHE B 103 37.70 8.28 -11.38
N SER B 104 38.65 8.04 -12.29
CA SER B 104 39.79 8.93 -12.47
C SER B 104 39.76 9.50 -13.89
N GLN B 105 38.65 10.18 -14.23
CA GLN B 105 38.44 10.69 -15.58
C GLN B 105 38.11 12.18 -15.53
N THR B 106 38.47 12.85 -14.43
CA THR B 106 38.03 14.21 -14.18
C THR B 106 39.22 15.17 -14.25
N GLY B 107 40.19 14.87 -15.13
CA GLY B 107 41.35 15.73 -15.31
C GLY B 107 42.52 15.36 -14.40
N VAL B 108 42.22 15.00 -13.14
CA VAL B 108 43.22 14.83 -12.10
C VAL B 108 43.64 13.37 -12.02
N ASP B 109 44.79 13.11 -11.39
CA ASP B 109 45.38 11.78 -11.32
C ASP B 109 45.14 11.18 -9.94
N TYR B 110 43.87 10.84 -9.66
CA TYR B 110 43.43 10.09 -8.49
C TYR B 110 41.91 10.00 -8.56
N PRO B 111 41.27 8.95 -8.02
CA PRO B 111 39.81 8.82 -8.12
C PRO B 111 39.06 9.84 -7.28
N THR B 112 37.96 10.37 -7.82
CA THR B 112 37.21 11.46 -7.19
C THR B 112 35.72 11.26 -7.41
N ASN B 113 34.91 11.93 -6.59
CA ASN B 113 33.50 12.13 -6.85
C ASN B 113 33.28 13.52 -7.43
N ILE B 114 32.41 13.62 -8.43
CA ILE B 114 31.97 14.89 -8.98
C ILE B 114 30.93 15.50 -8.03
N SER B 115 30.97 16.82 -7.86
CA SER B 115 30.02 17.54 -7.02
C SER B 115 28.75 17.88 -7.81
N TYR B 116 27.58 17.67 -7.18
CA TYR B 116 26.31 18.09 -7.75
C TYR B 116 25.61 19.05 -6.80
N SER B 117 26.36 19.60 -5.83
CA SER B 117 25.78 20.45 -4.81
C SER B 117 25.71 21.91 -5.27
N GLY B 118 26.45 22.27 -6.32
CA GLY B 118 26.43 23.63 -6.84
C GLY B 118 27.32 24.59 -6.05
N LEU B 119 28.21 24.05 -5.21
CA LEU B 119 29.07 24.86 -4.36
C LEU B 119 30.05 25.67 -5.21
N TYR B 120 30.60 25.05 -6.26
CA TYR B 120 31.59 25.75 -7.09
C TYR B 120 30.95 26.98 -7.72
N HIS B 121 29.73 26.81 -8.24
CA HIS B 121 29.00 27.88 -8.91
C HIS B 121 28.71 29.02 -7.94
N TRP B 122 28.28 28.66 -6.74
CA TRP B 122 28.00 29.63 -5.69
C TRP B 122 29.26 30.41 -5.33
N TRP B 123 30.33 29.69 -4.99
CA TRP B 123 31.56 30.29 -4.51
C TRP B 123 32.18 31.20 -5.56
N TYR B 124 32.12 30.80 -6.83
CA TYR B 124 32.63 31.60 -7.92
C TYR B 124 31.82 32.89 -8.06
N THR B 125 30.49 32.80 -7.93
CA THR B 125 29.62 33.97 -8.05
C THR B 125 29.99 34.99 -6.99
N ILE B 126 30.25 34.55 -5.75
CA ILE B 126 30.36 35.46 -4.62
C ILE B 126 31.79 35.96 -4.45
N GLY B 127 32.70 35.60 -5.36
CA GLY B 127 33.98 36.28 -5.48
C GLY B 127 35.19 35.41 -5.13
N ILE B 128 35.00 34.13 -4.77
CA ILE B 128 36.11 33.24 -4.45
C ILE B 128 36.84 32.90 -5.76
N ARG B 129 38.18 32.85 -5.73
CA ARG B 129 38.97 32.65 -6.93
C ARG B 129 40.11 31.66 -6.72
N THR B 130 40.52 31.36 -5.48
CA THR B 130 41.69 30.53 -5.24
C THR B 130 41.39 29.50 -4.15
N ASN B 131 42.26 28.49 -4.05
CA ASN B 131 42.17 27.50 -2.98
C ASN B 131 42.52 28.13 -1.63
N ASN B 132 43.36 29.17 -1.62
CA ASN B 132 43.67 29.90 -0.40
C ASN B 132 42.45 30.65 0.12
N ASP B 133 41.61 31.20 -0.77
CA ASP B 133 40.35 31.79 -0.36
C ASP B 133 39.47 30.76 0.35
N LEU B 134 39.36 29.56 -0.24
CA LEU B 134 38.55 28.49 0.31
C LEU B 134 39.10 28.03 1.65
N TYR B 135 40.43 27.85 1.72
CA TYR B 135 41.10 27.36 2.91
C TYR B 135 40.88 28.28 4.10
N LEU B 136 41.03 29.59 3.89
CA LEU B 136 40.83 30.55 4.98
C LEU B 136 39.37 30.54 5.43
N GLY B 137 38.46 30.41 4.46
CA GLY B 137 37.05 30.20 4.77
C GLY B 137 36.88 29.00 5.69
N ALA B 138 37.51 27.87 5.34
CA ALA B 138 37.38 26.66 6.13
C ALA B 138 37.90 26.91 7.56
N LEU B 139 39.06 27.57 7.69
CA LEU B 139 39.65 27.89 8.98
C LEU B 139 38.71 28.78 9.79
N PHE B 140 38.16 29.82 9.17
CA PHE B 140 37.24 30.72 9.85
C PHE B 140 36.07 29.93 10.44
N LEU B 141 35.45 29.05 9.65
CA LEU B 141 34.25 28.37 10.11
C LEU B 141 34.56 27.31 11.17
N LEU B 142 35.80 26.81 11.21
CA LEU B 142 36.23 25.96 12.32
C LEU B 142 36.15 26.75 13.62
N VAL B 143 36.59 28.01 13.59
CA VAL B 143 36.65 28.86 14.77
C VAL B 143 35.24 29.22 15.23
N ILE B 144 34.35 29.51 14.28
CA ILE B 144 32.96 29.82 14.61
C ILE B 144 32.27 28.62 15.24
N SER B 145 32.54 27.41 14.72
CA SER B 145 31.99 26.19 15.31
C SER B 145 32.38 26.11 16.79
N GLY B 146 33.67 26.28 17.06
CA GLY B 146 34.20 26.21 18.41
C GLY B 146 33.58 27.25 19.33
N LEU B 147 33.34 28.44 18.79
CA LEU B 147 32.75 29.53 19.55
C LEU B 147 31.35 29.15 20.02
N PHE B 148 30.53 28.59 19.11
CA PHE B 148 29.17 28.20 19.45
C PHE B 148 29.19 27.08 20.47
N LEU B 149 30.08 26.11 20.26
CA LEU B 149 30.30 25.01 21.20
C LEU B 149 30.61 25.55 22.59
N PHE B 150 31.51 26.55 22.67
CA PHE B 150 31.86 27.15 23.94
C PHE B 150 30.65 27.85 24.56
N ALA B 151 29.89 28.62 23.76
CA ALA B 151 28.70 29.31 24.24
C ALA B 151 27.68 28.31 24.78
N GLY B 152 27.59 27.15 24.14
CA GLY B 152 26.73 26.08 24.61
C GLY B 152 27.11 25.67 26.03
N TRP B 153 28.40 25.39 26.23
CA TRP B 153 28.93 25.01 27.52
C TRP B 153 28.70 26.12 28.55
N LEU B 154 29.04 27.36 28.17
CA LEU B 154 28.98 28.49 29.07
C LEU B 154 27.56 28.70 29.60
N HIS B 155 26.56 28.58 28.73
CA HIS B 155 25.19 28.89 29.11
C HIS B 155 24.53 27.74 29.89
N LEU B 156 25.29 26.67 30.21
CA LEU B 156 24.87 25.67 31.17
C LEU B 156 25.58 25.84 32.52
N GLN B 157 26.47 26.85 32.64
CA GLN B 157 27.20 27.07 33.89
C GLN B 157 26.33 27.93 34.82
N PRO B 158 26.31 27.65 36.14
CA PRO B 158 25.35 28.25 37.07
C PRO B 158 25.08 29.74 36.88
N LYS B 159 26.15 30.54 36.78
CA LYS B 159 26.02 31.99 36.77
C LYS B 159 25.73 32.54 35.37
N PHE B 160 25.61 31.67 34.36
CA PHE B 160 25.30 32.09 33.01
C PHE B 160 24.04 31.42 32.44
N LYS B 161 23.36 30.58 33.24
CA LYS B 161 22.08 30.01 32.82
C LYS B 161 21.04 31.12 32.73
N PRO B 162 20.41 31.38 31.57
CA PRO B 162 19.37 32.41 31.49
C PRO B 162 18.08 32.01 32.20
N SER B 163 17.36 33.02 32.71
CA SER B 163 16.13 32.82 33.45
C SER B 163 14.98 32.49 32.48
N LEU B 164 13.89 31.95 33.01
CA LEU B 164 12.73 31.62 32.20
C LEU B 164 12.14 32.89 31.60
N ALA B 165 12.20 34.00 32.35
CA ALA B 165 11.71 35.28 31.90
C ALA B 165 12.47 35.77 30.66
N TRP B 166 13.79 35.55 30.64
CA TRP B 166 14.59 35.90 29.49
C TRP B 166 14.12 35.12 28.25
N PHE B 167 13.81 33.83 28.42
CA PHE B 167 13.38 32.99 27.32
C PHE B 167 11.99 33.35 26.81
N LYS B 168 11.18 34.05 27.60
CA LYS B 168 9.84 34.40 27.18
C LYS B 168 9.70 35.90 26.93
N ASN B 169 10.83 36.58 26.68
CA ASN B 169 10.83 37.98 26.28
C ASN B 169 10.62 38.04 24.77
N ASN B 170 9.35 37.94 24.34
CA ASN B 170 9.02 37.81 22.94
C ASN B 170 9.35 39.08 22.16
N GLU B 171 9.04 40.25 22.73
CA GLU B 171 9.17 41.53 22.02
C GLU B 171 10.65 41.82 21.71
N SER B 172 11.53 41.63 22.69
CA SER B 172 12.94 41.87 22.46
C SER B 172 13.51 40.90 21.42
N ARG B 173 13.14 39.62 21.51
CA ARG B 173 13.66 38.64 20.57
C ARG B 173 13.23 39.01 19.15
N LEU B 174 11.96 39.40 18.96
CA LEU B 174 11.47 39.74 17.65
C LEU B 174 12.18 40.97 17.10
N ASN B 175 12.35 42.01 17.93
CA ASN B 175 13.05 43.21 17.50
C ASN B 175 14.44 42.87 16.99
N HIS B 176 15.19 42.08 17.76
CA HIS B 176 16.57 41.75 17.41
C HIS B 176 16.64 40.80 16.21
N HIS B 177 15.74 39.82 16.12
CA HIS B 177 15.78 38.87 15.02
C HIS B 177 15.38 39.55 13.72
N LEU B 178 14.42 40.47 13.75
CA LEU B 178 14.02 41.17 12.55
C LEU B 178 15.11 42.15 12.12
N ALA B 179 15.51 43.06 13.01
CA ALA B 179 16.41 44.13 12.65
C ALA B 179 17.84 43.62 12.54
N GLY B 180 18.26 42.77 13.47
CA GLY B 180 19.63 42.30 13.54
C GLY B 180 19.87 41.04 12.70
N LEU B 181 19.24 39.94 13.08
CA LEU B 181 19.54 38.65 12.46
C LEU B 181 19.20 38.69 10.97
N PHE B 182 18.07 39.31 10.61
CA PHE B 182 17.64 39.38 9.22
C PHE B 182 18.17 40.66 8.58
N GLY B 183 17.83 41.82 9.16
CA GLY B 183 18.10 43.11 8.55
C GLY B 183 19.60 43.38 8.37
N VAL B 184 20.36 43.38 9.48
CA VAL B 184 21.78 43.68 9.41
C VAL B 184 22.53 42.61 8.63
N SER B 185 22.16 41.33 8.79
CA SER B 185 22.80 40.28 7.99
C SER B 185 22.62 40.56 6.50
N SER B 186 21.42 41.02 6.10
CA SER B 186 21.13 41.31 4.71
C SER B 186 21.94 42.52 4.24
N LEU B 187 22.11 43.51 5.12
CA LEU B 187 22.87 44.72 4.82
C LEU B 187 24.36 44.38 4.66
N ALA B 188 24.89 43.55 5.57
CA ALA B 188 26.26 43.08 5.48
C ALA B 188 26.49 42.27 4.20
N TRP B 189 25.51 41.45 3.78
CA TRP B 189 25.67 40.70 2.55
C TRP B 189 25.71 41.64 1.34
N ALA B 190 24.87 42.68 1.33
CA ALA B 190 24.95 43.68 0.28
C ALA B 190 26.32 44.36 0.27
N GLY B 191 26.90 44.56 1.46
CA GLY B 191 28.27 45.02 1.60
C GLY B 191 29.27 44.10 0.92
N HIS B 192 29.17 42.78 1.17
CA HIS B 192 30.07 41.81 0.56
C HIS B 192 29.99 41.93 -0.96
N LEU B 193 28.77 41.96 -1.49
CA LEU B 193 28.54 41.97 -2.92
C LEU B 193 29.15 43.22 -3.56
N VAL B 194 28.91 44.38 -2.95
CA VAL B 194 29.40 45.65 -3.48
C VAL B 194 30.92 45.74 -3.40
N HIS B 195 31.52 45.32 -2.28
CA HIS B 195 32.94 45.47 -2.06
C HIS B 195 33.76 44.34 -2.71
N VAL B 196 33.21 43.13 -2.88
CA VAL B 196 34.01 41.97 -3.26
C VAL B 196 33.44 41.26 -4.49
N ALA B 197 32.19 40.79 -4.42
CA ALA B 197 31.67 39.93 -5.48
C ALA B 197 31.62 40.68 -6.81
N ILE B 198 31.15 41.94 -6.78
CA ILE B 198 30.94 42.70 -8.00
C ILE B 198 32.28 43.09 -8.62
N PRO B 199 33.27 43.63 -7.88
CA PRO B 199 34.62 43.83 -8.42
C PRO B 199 35.26 42.58 -9.00
N GLU B 200 35.19 41.47 -8.27
CA GLU B 200 35.76 40.22 -8.73
C GLU B 200 35.12 39.78 -10.03
N ALA B 201 33.83 40.10 -10.22
CA ALA B 201 33.12 39.75 -11.43
C ALA B 201 33.61 40.59 -12.61
N ARG B 202 34.17 41.78 -12.32
CA ARG B 202 34.70 42.67 -13.33
C ARG B 202 36.23 42.59 -13.38
N GLY B 203 36.79 41.48 -12.87
CA GLY B 203 38.19 41.16 -13.06
C GLY B 203 39.13 41.78 -12.02
N GLN B 204 38.58 42.50 -11.03
CA GLN B 204 39.40 43.21 -10.05
C GLN B 204 39.51 42.40 -8.78
N HIS B 205 40.74 42.15 -8.29
CA HIS B 205 40.94 41.50 -7.01
C HIS B 205 40.67 42.49 -5.88
N VAL B 206 39.74 42.12 -4.99
CA VAL B 206 39.54 42.80 -3.73
C VAL B 206 39.54 41.73 -2.64
N GLY B 207 40.43 41.88 -1.66
CA GLY B 207 40.51 40.97 -0.54
C GLY B 207 40.84 41.73 0.74
N TRP B 208 41.10 40.98 1.82
CA TRP B 208 41.39 41.58 3.11
C TRP B 208 42.63 42.47 3.01
N ASP B 209 43.54 42.14 2.08
CA ASP B 209 44.78 42.86 1.87
C ASP B 209 44.56 44.28 1.34
N ASN B 210 43.54 44.53 0.50
CA ASN B 210 43.44 45.82 -0.18
C ASN B 210 42.07 46.47 -0.07
N PHE B 211 41.14 45.92 0.72
CA PHE B 211 39.74 46.34 0.63
C PHE B 211 39.52 47.69 1.30
N LEU B 212 40.34 48.05 2.30
CA LEU B 212 40.24 49.34 2.96
C LEU B 212 40.62 50.48 2.02
N SER B 213 41.48 50.20 1.03
CA SER B 213 41.98 51.22 0.12
C SER B 213 41.26 51.21 -1.23
N THR B 214 40.40 50.21 -1.48
CA THR B 214 39.76 50.04 -2.78
C THR B 214 38.29 50.44 -2.69
N LYS B 215 37.93 51.56 -3.30
CA LYS B 215 36.55 52.04 -3.28
C LYS B 215 35.69 51.15 -4.18
N PRO B 216 34.51 50.68 -3.71
CA PRO B 216 33.56 49.99 -4.57
C PRO B 216 33.06 50.78 -5.77
N HIS B 217 33.08 52.11 -5.66
CA HIS B 217 32.64 52.99 -6.74
C HIS B 217 33.55 54.21 -6.76
N PRO B 218 34.00 54.72 -7.92
CA PRO B 218 34.93 55.86 -7.97
C PRO B 218 34.47 57.09 -7.19
N ALA B 219 33.17 57.35 -7.18
CA ALA B 219 32.60 58.51 -6.50
C ALA B 219 32.63 58.37 -4.98
N GLY B 220 32.86 57.17 -4.46
CA GLY B 220 32.90 56.95 -3.02
C GLY B 220 31.51 57.10 -2.41
N LEU B 221 31.46 57.60 -1.17
CA LEU B 221 30.22 57.82 -0.46
C LEU B 221 29.77 59.28 -0.55
N GLU B 222 30.41 60.08 -1.40
CA GLU B 222 30.01 61.47 -1.59
C GLU B 222 28.56 61.52 -2.10
N PRO B 223 28.20 60.80 -3.19
CA PRO B 223 26.82 60.81 -3.67
C PRO B 223 25.80 60.33 -2.64
N PHE B 224 26.22 59.37 -1.79
CA PHE B 224 25.36 58.80 -0.77
C PHE B 224 24.92 59.88 0.23
N PHE B 225 25.87 60.65 0.75
CA PHE B 225 25.57 61.65 1.77
C PHE B 225 24.98 62.91 1.16
N LYS B 226 25.03 63.08 -0.17
CA LYS B 226 24.40 64.20 -0.84
C LYS B 226 23.06 63.80 -1.45
N GLY B 227 22.63 62.54 -1.26
CA GLY B 227 21.36 62.07 -1.76
C GLY B 227 21.32 62.00 -3.30
N GLN B 228 22.49 61.84 -3.93
CA GLN B 228 22.59 61.69 -5.37
C GLN B 228 22.76 60.21 -5.69
N TRP B 229 21.80 59.41 -5.24
CA TRP B 229 21.95 57.95 -5.21
C TRP B 229 21.89 57.34 -6.62
N SER B 230 21.33 58.06 -7.59
CA SER B 230 21.24 57.58 -8.96
C SER B 230 22.62 57.41 -9.60
N VAL B 231 23.65 58.03 -9.02
CA VAL B 231 25.03 57.89 -9.48
C VAL B 231 25.45 56.42 -9.42
N TYR B 232 24.97 55.67 -8.41
CA TYR B 232 25.39 54.30 -8.21
C TYR B 232 24.76 53.34 -9.22
N ALA B 233 23.76 53.80 -9.98
CA ALA B 233 23.14 52.99 -11.01
C ALA B 233 23.74 53.21 -12.39
N ASP B 234 24.45 54.34 -12.60
CA ASP B 234 24.97 54.69 -13.91
C ASP B 234 26.04 53.68 -14.37
N GLY B 235 25.95 53.25 -15.63
CA GLY B 235 26.97 52.43 -16.24
C GLY B 235 26.92 50.99 -15.77
N PRO B 236 25.83 50.24 -16.05
CA PRO B 236 25.78 48.81 -15.75
C PRO B 236 26.70 48.00 -16.65
N ASP B 237 26.97 46.75 -16.24
CA ASP B 237 27.65 45.79 -17.10
C ASP B 237 26.88 45.71 -18.42
N SER B 238 27.62 45.73 -19.54
CA SER B 238 27.01 45.61 -20.86
C SER B 238 26.51 44.18 -21.04
N MET B 239 25.72 43.98 -22.10
CA MET B 239 25.22 42.67 -22.46
C MET B 239 26.34 41.79 -23.02
N ASN B 240 27.50 42.39 -23.30
CA ASN B 240 28.66 41.64 -23.79
C ASN B 240 29.71 41.45 -22.70
N HIS B 241 29.35 41.69 -21.43
CA HIS B 241 30.29 41.51 -20.35
C HIS B 241 30.69 40.03 -20.25
N VAL B 242 32.00 39.77 -20.16
CA VAL B 242 32.52 38.44 -19.93
C VAL B 242 32.87 38.31 -18.45
N PHE B 243 32.13 37.45 -17.75
CA PHE B 243 32.24 37.33 -16.30
C PHE B 243 33.68 37.01 -15.89
N ASN B 244 34.12 37.65 -14.81
CA ASN B 244 35.46 37.53 -14.25
C ASN B 244 36.48 38.26 -15.14
N THR B 245 36.03 39.23 -15.96
CA THR B 245 36.93 40.03 -16.78
C THR B 245 36.39 41.46 -16.85
N SER B 246 37.24 42.37 -17.32
CA SER B 246 36.90 43.77 -17.49
C SER B 246 36.21 44.04 -18.83
N GLU B 247 36.23 43.06 -19.74
CA GLU B 247 35.69 43.24 -21.08
C GLU B 247 34.16 43.37 -21.00
N GLY B 248 33.66 44.60 -21.24
CA GLY B 248 32.25 44.89 -21.21
C GLY B 248 31.73 45.26 -19.82
N ALA B 249 32.66 45.43 -18.86
CA ALA B 249 32.32 45.65 -17.45
C ALA B 249 31.79 47.06 -17.23
N GLY B 250 30.92 47.21 -16.21
CA GLY B 250 30.34 48.50 -15.86
C GLY B 250 30.97 49.07 -14.59
N LYS B 251 30.42 50.19 -14.10
CA LYS B 251 30.85 50.78 -12.84
C LYS B 251 29.72 50.79 -11.79
N ALA B 252 28.46 50.63 -12.22
CA ALA B 252 27.31 50.64 -11.34
C ALA B 252 27.44 49.58 -10.25
N ILE B 253 27.00 49.92 -9.03
CA ILE B 253 27.01 48.98 -7.93
C ILE B 253 25.59 48.61 -7.51
N LEU B 254 24.58 49.38 -7.94
CA LEU B 254 23.19 49.13 -7.60
C LEU B 254 22.34 49.39 -8.85
N THR B 255 21.46 48.45 -9.22
CA THR B 255 20.71 48.58 -10.46
C THR B 255 19.32 47.96 -10.28
N PHE B 256 18.49 48.10 -11.32
CA PHE B 256 17.24 47.36 -11.43
C PHE B 256 17.01 46.98 -12.89
N LEU B 257 17.87 46.11 -13.40
CA LEU B 257 17.87 45.71 -14.80
C LEU B 257 16.77 44.70 -15.07
N GLY B 258 16.67 43.68 -14.22
CA GLY B 258 15.73 42.59 -14.42
C GLY B 258 16.31 41.56 -15.37
N GLY B 259 15.85 40.31 -15.25
CA GLY B 259 16.29 39.26 -16.14
C GLY B 259 17.74 38.87 -15.89
N PHE B 260 18.37 38.30 -16.93
CA PHE B 260 19.61 37.56 -16.78
C PHE B 260 20.75 38.22 -17.52
N HIS B 261 21.94 38.10 -16.92
CA HIS B 261 23.22 38.31 -17.59
C HIS B 261 23.28 37.32 -18.77
N PRO B 262 23.49 37.77 -20.03
CA PRO B 262 23.50 36.86 -21.18
C PRO B 262 24.53 35.74 -21.13
N GLN B 263 25.73 36.01 -20.63
CA GLN B 263 26.78 35.00 -20.62
C GLN B 263 26.51 33.93 -19.55
N THR B 264 26.26 34.38 -18.31
CA THR B 264 26.21 33.49 -17.16
C THR B 264 24.81 32.90 -16.99
N LYS B 265 23.81 33.48 -17.66
CA LYS B 265 22.43 33.00 -17.62
C LYS B 265 21.87 33.07 -16.20
N SER B 266 22.33 34.07 -15.44
CA SER B 266 21.97 34.21 -14.05
C SER B 266 21.64 35.68 -13.75
N LEU B 267 20.96 35.93 -12.63
CA LEU B 267 20.55 37.27 -12.23
C LEU B 267 21.78 38.17 -12.12
N TRP B 268 21.64 39.45 -12.51
CA TRP B 268 22.72 40.43 -12.39
C TRP B 268 23.14 40.59 -10.94
N LEU B 269 24.44 40.67 -10.69
CA LEU B 269 24.93 40.83 -9.34
C LEU B 269 24.54 42.19 -8.75
N THR B 270 24.45 43.23 -9.59
CA THR B 270 24.08 44.56 -9.11
C THR B 270 22.60 44.61 -8.71
N ASP B 271 21.76 43.79 -9.34
CA ASP B 271 20.38 43.64 -8.91
C ASP B 271 20.32 42.95 -7.55
N ILE B 272 21.13 41.90 -7.38
CA ILE B 272 21.16 41.13 -6.16
C ILE B 272 21.63 41.99 -4.99
N ALA B 273 22.64 42.84 -5.22
CA ALA B 273 23.13 43.73 -4.17
C ALA B 273 22.04 44.69 -3.72
N HIS B 274 21.34 45.28 -4.70
CA HIS B 274 20.27 46.24 -4.45
C HIS B 274 19.07 45.56 -3.76
N HIS B 275 18.71 44.34 -4.19
CA HIS B 275 17.70 43.56 -3.48
C HIS B 275 18.01 43.53 -1.99
N HIS B 276 19.24 43.14 -1.65
CA HIS B 276 19.61 42.89 -0.27
C HIS B 276 19.63 44.18 0.55
N LEU B 277 20.03 45.29 -0.08
CA LEU B 277 20.05 46.58 0.58
C LEU B 277 18.62 47.04 0.88
N ALA B 278 17.70 46.84 -0.08
CA ALA B 278 16.33 47.28 0.07
C ALA B 278 15.60 46.49 1.16
N ILE B 279 15.77 45.15 1.20
CA ILE B 279 15.08 44.37 2.21
C ILE B 279 15.70 44.60 3.58
N ALA B 280 16.99 44.91 3.63
CA ALA B 280 17.65 45.21 4.90
C ALA B 280 16.99 46.40 5.58
N VAL B 281 16.67 47.43 4.79
CA VAL B 281 16.01 48.62 5.32
C VAL B 281 14.65 48.25 5.89
N ILE B 282 13.88 47.46 5.14
CA ILE B 282 12.54 47.08 5.55
C ILE B 282 12.61 46.24 6.83
N PHE B 283 13.54 45.30 6.90
CA PHE B 283 13.69 44.45 8.07
C PHE B 283 14.10 45.27 9.30
N ILE B 284 15.01 46.24 9.12
CA ILE B 284 15.48 47.04 10.25
C ILE B 284 14.32 47.90 10.76
N ILE B 285 13.49 48.45 9.86
CA ILE B 285 12.33 49.23 10.27
C ILE B 285 11.33 48.31 10.98
N ALA B 286 11.09 47.13 10.41
CA ALA B 286 10.13 46.20 10.97
C ALA B 286 10.51 45.81 12.41
N GLY B 287 11.81 45.78 12.71
CA GLY B 287 12.29 45.37 14.02
C GLY B 287 12.24 46.48 15.07
N HIS B 288 11.49 47.56 14.82
CA HIS B 288 11.24 48.59 15.81
C HIS B 288 9.76 48.61 16.18
N MET B 289 9.05 47.52 15.92
CA MET B 289 7.62 47.47 16.13
C MET B 289 7.28 47.25 17.59
N TYR B 290 8.01 46.36 18.28
CA TYR B 290 7.58 45.80 19.55
C TYR B 290 8.22 46.55 20.71
N ARG B 291 7.48 46.64 21.82
CA ARG B 291 7.90 47.40 23.00
C ARG B 291 8.94 46.65 23.80
N THR B 292 10.09 47.27 24.06
CA THR B 292 11.11 46.68 24.93
C THR B 292 11.26 47.55 26.18
N ASN B 293 12.31 48.38 26.25
CA ASN B 293 12.67 49.08 27.48
C ASN B 293 12.35 50.57 27.44
N TRP B 294 11.66 51.07 26.40
CA TRP B 294 11.49 52.51 26.22
C TRP B 294 10.06 52.91 25.88
N SER B 295 9.08 52.10 26.29
CA SER B 295 7.67 52.45 26.28
C SER B 295 7.05 52.53 24.88
N ILE B 296 7.77 53.04 23.87
CA ILE B 296 7.24 53.02 22.50
C ILE B 296 7.16 51.58 22.01
N GLY B 297 6.27 51.34 21.04
CA GLY B 297 6.12 50.05 20.40
C GLY B 297 4.92 49.29 20.94
N HIS B 298 4.70 48.09 20.37
CA HIS B 298 3.52 47.30 20.63
C HIS B 298 3.81 46.16 21.60
N SER B 299 2.79 45.80 22.40
CA SER B 299 2.76 44.53 23.11
C SER B 299 2.06 43.50 22.23
N LEU B 300 2.67 42.30 22.11
CA LEU B 300 2.08 41.23 21.33
C LEU B 300 0.76 40.78 21.95
N LYS B 301 0.71 40.72 23.28
CA LYS B 301 -0.49 40.32 24.00
C LYS B 301 -1.64 41.29 23.74
N GLU B 302 -1.33 42.60 23.69
CA GLU B 302 -2.35 43.61 23.50
C GLU B 302 -2.91 43.56 22.09
N ILE B 303 -2.06 43.29 21.09
CA ILE B 303 -2.51 43.17 19.72
C ILE B 303 -3.48 42.00 19.61
N LEU B 304 -3.09 40.85 20.19
CA LEU B 304 -3.86 39.62 20.02
C LEU B 304 -5.22 39.76 20.70
N ASP B 305 -5.25 40.25 21.94
CA ASP B 305 -6.50 40.37 22.69
C ASP B 305 -7.52 41.25 21.97
N ALA B 306 -7.05 42.24 21.19
CA ALA B 306 -7.96 43.20 20.56
C ALA B 306 -8.53 42.70 19.23
N HIS B 307 -7.99 41.61 18.65
CA HIS B 307 -8.40 41.24 17.31
C HIS B 307 -9.55 40.26 17.34
N ARG B 308 -10.74 40.84 17.49
CA ARG B 308 -12.03 40.17 17.43
C ARG B 308 -12.88 40.93 16.43
N ALA B 309 -13.40 40.25 15.41
CA ALA B 309 -14.33 40.87 14.47
C ALA B 309 -15.62 41.24 15.22
N PRO B 310 -16.08 42.51 15.14
CA PRO B 310 -17.21 42.96 15.96
C PRO B 310 -18.54 42.27 15.66
N GLY B 311 -18.69 41.78 14.42
CA GLY B 311 -19.87 41.02 14.03
C GLY B 311 -19.95 39.64 14.69
N GLY B 312 -18.86 39.18 15.32
CA GLY B 312 -18.91 38.04 16.20
C GLY B 312 -18.69 36.70 15.48
N ARG B 313 -18.32 36.72 14.20
CA ARG B 313 -18.18 35.49 13.44
C ARG B 313 -16.93 34.70 13.85
N LEU B 314 -15.95 35.38 14.45
CA LEU B 314 -14.75 34.75 14.98
C LEU B 314 -14.83 34.56 16.49
N GLY B 315 -16.04 34.66 17.08
CA GLY B 315 -16.21 34.46 18.51
C GLY B 315 -15.42 35.51 19.31
N ASP B 316 -14.63 35.05 20.29
CA ASP B 316 -13.77 35.93 21.08
C ASP B 316 -12.45 36.24 20.37
N GLY B 317 -12.29 35.77 19.12
CA GLY B 317 -11.15 36.17 18.32
C GLY B 317 -9.86 35.54 18.83
N HIS B 318 -8.85 36.38 19.12
CA HIS B 318 -7.51 35.89 19.44
C HIS B 318 -7.21 36.00 20.92
N LYS B 319 -8.25 36.25 21.74
CA LYS B 319 -8.11 36.30 23.19
C LYS B 319 -7.63 34.96 23.72
N GLY B 320 -6.56 34.99 24.53
CA GLY B 320 -6.05 33.79 25.17
C GLY B 320 -4.90 33.16 24.40
N LEU B 321 -4.71 33.55 23.13
CA LEU B 321 -3.74 32.88 22.26
C LEU B 321 -2.33 33.22 22.71
N PHE B 322 -2.13 34.44 23.24
CA PHE B 322 -0.81 34.87 23.64
C PHE B 322 -0.24 33.89 24.67
N GLU B 323 -1.06 33.57 25.68
CA GLU B 323 -0.64 32.66 26.74
C GLU B 323 -0.47 31.25 26.19
N THR B 324 -1.41 30.82 25.34
CA THR B 324 -1.38 29.50 24.73
C THR B 324 -0.05 29.29 24.00
N ILE B 325 0.34 30.28 23.17
CA ILE B 325 1.51 30.17 22.33
C ILE B 325 2.78 30.34 23.15
N ASN B 326 2.74 31.26 24.11
CA ASN B 326 3.90 31.59 24.92
C ASN B 326 4.28 30.43 25.84
N ASN B 327 3.32 29.57 26.18
CA ASN B 327 3.57 28.45 27.09
C ASN B 327 3.75 27.13 26.33
N SER B 328 3.76 27.15 25.00
CA SER B 328 3.84 25.92 24.24
C SER B 328 4.99 26.00 23.24
N LEU B 329 6.05 25.23 23.50
CA LEU B 329 7.15 25.10 22.55
C LEU B 329 6.71 24.31 21.32
N HIS B 330 5.71 23.44 21.45
CA HIS B 330 5.24 22.66 20.32
C HIS B 330 4.46 23.55 19.35
N PHE B 331 3.65 24.48 19.87
CA PHE B 331 2.97 25.43 19.02
C PHE B 331 4.01 26.22 18.23
N GLN B 332 5.03 26.71 18.93
CA GLN B 332 6.06 27.55 18.33
C GLN B 332 6.82 26.77 17.28
N LEU B 333 7.20 25.53 17.59
CA LEU B 333 7.95 24.70 16.67
C LEU B 333 7.09 24.40 15.43
N GLY B 334 5.80 24.16 15.61
CA GLY B 334 4.89 23.92 14.50
C GLY B 334 4.81 25.12 13.55
N LEU B 335 4.68 26.31 14.12
CA LEU B 335 4.73 27.56 13.36
C LEU B 335 6.06 27.68 12.61
N ALA B 336 7.18 27.39 13.28
CA ALA B 336 8.49 27.51 12.67
C ALA B 336 8.65 26.53 11.51
N LEU B 337 8.21 25.29 11.71
CA LEU B 337 8.38 24.26 10.70
C LEU B 337 7.49 24.56 9.49
N ALA B 338 6.25 24.98 9.73
CA ALA B 338 5.33 25.27 8.64
C ALA B 338 5.90 26.40 7.79
N SER B 339 6.34 27.46 8.46
CA SER B 339 6.84 28.65 7.78
C SER B 339 8.11 28.33 7.00
N LEU B 340 8.99 27.54 7.61
CA LEU B 340 10.23 27.16 6.96
C LEU B 340 9.95 26.19 5.81
N GLY B 341 8.92 25.34 5.97
CA GLY B 341 8.53 24.42 4.92
C GLY B 341 8.06 25.15 3.67
N VAL B 342 7.22 26.17 3.85
CA VAL B 342 6.79 26.99 2.74
C VAL B 342 8.00 27.65 2.06
N ILE B 343 8.89 28.24 2.86
CA ILE B 343 10.03 28.97 2.33
C ILE B 343 10.99 28.04 1.59
N THR B 344 11.18 26.81 2.06
CA THR B 344 12.08 25.89 1.39
C THR B 344 11.52 25.52 0.00
N SER B 345 10.19 25.38 -0.11
CA SER B 345 9.58 25.13 -1.41
C SER B 345 9.78 26.35 -2.31
N LEU B 346 9.66 27.55 -1.75
CA LEU B 346 9.79 28.77 -2.51
C LEU B 346 11.22 28.89 -3.06
N VAL B 347 12.20 28.52 -2.25
CA VAL B 347 13.58 28.43 -2.70
C VAL B 347 13.69 27.47 -3.88
N ALA B 348 13.10 26.28 -3.79
CA ALA B 348 13.20 25.33 -4.88
C ALA B 348 12.60 25.92 -6.15
N GLN B 349 11.41 26.53 -6.04
CA GLN B 349 10.70 27.04 -7.20
C GLN B 349 11.44 28.23 -7.82
N HIS B 350 11.96 29.14 -6.99
CA HIS B 350 12.53 30.38 -7.49
C HIS B 350 13.95 30.18 -8.00
N MET B 351 14.70 29.22 -7.45
CA MET B 351 16.07 29.01 -7.87
C MET B 351 16.17 28.29 -9.22
N TYR B 352 15.19 27.46 -9.60
CA TYR B 352 15.25 26.85 -10.91
C TYR B 352 14.83 27.87 -11.97
N ALA B 353 13.84 28.73 -11.66
CA ALA B 353 13.31 29.67 -12.63
C ALA B 353 14.22 30.89 -12.77
N MET B 354 14.78 31.37 -11.66
CA MET B 354 15.56 32.60 -11.63
C MET B 354 16.91 32.33 -10.96
N PRO B 355 17.82 31.56 -11.61
CA PRO B 355 19.10 31.23 -11.00
C PRO B 355 19.98 32.45 -10.76
N SER B 356 20.71 32.44 -9.63
CA SER B 356 21.59 33.52 -9.24
C SER B 356 23.06 33.18 -9.43
N TYR B 357 23.40 31.92 -9.67
CA TYR B 357 24.79 31.50 -9.67
C TYR B 357 25.25 31.27 -11.10
N VAL B 358 26.47 31.74 -11.39
CA VAL B 358 26.96 31.81 -12.76
C VAL B 358 27.12 30.40 -13.31
N PHE B 359 26.54 30.18 -14.50
CA PHE B 359 26.69 28.95 -15.27
C PHE B 359 25.94 27.77 -14.66
N ILE B 360 25.13 27.98 -13.61
CA ILE B 360 24.48 26.86 -12.96
C ILE B 360 23.33 26.36 -13.82
N ALA B 361 22.73 27.27 -14.62
CA ALA B 361 21.67 26.90 -15.55
C ALA B 361 22.17 25.92 -16.61
N ASN B 362 23.49 25.87 -16.86
CA ASN B 362 24.10 24.94 -17.79
C ASN B 362 24.37 23.59 -17.12
N ASP B 363 24.55 23.56 -15.79
CA ASP B 363 24.85 22.33 -15.08
C ASP B 363 23.55 21.60 -14.75
N PHE B 364 23.09 20.78 -15.69
CA PHE B 364 21.75 20.22 -15.61
C PHE B 364 21.62 19.31 -14.40
N THR B 365 22.63 18.46 -14.15
CA THR B 365 22.55 17.52 -13.05
C THR B 365 22.44 18.28 -11.72
N THR B 366 23.19 19.37 -11.57
CA THR B 366 23.15 20.16 -10.35
C THR B 366 21.77 20.78 -10.14
N GLN B 367 21.19 21.29 -11.22
CA GLN B 367 19.89 21.94 -11.17
C GLN B 367 18.83 20.95 -10.68
N ALA B 368 18.91 19.71 -11.20
CA ALA B 368 17.98 18.66 -10.86
C ALA B 368 18.17 18.21 -9.41
N ALA B 369 19.44 18.07 -9.01
CA ALA B 369 19.76 17.65 -7.66
C ALA B 369 19.23 18.67 -6.66
N LEU B 370 19.44 19.96 -6.93
CA LEU B 370 19.10 21.02 -6.00
C LEU B 370 17.59 21.17 -5.85
N TYR B 371 16.84 21.05 -6.95
CA TYR B 371 15.39 21.15 -6.89
C TYR B 371 14.83 20.00 -6.04
N THR B 372 15.30 18.78 -6.31
CA THR B 372 14.76 17.59 -5.65
C THR B 372 15.11 17.64 -4.17
N HIS B 373 16.36 17.98 -3.84
CA HIS B 373 16.82 18.12 -2.47
C HIS B 373 15.90 19.04 -1.67
N HIS B 374 15.68 20.27 -2.14
CA HIS B 374 14.92 21.26 -1.38
C HIS B 374 13.43 20.90 -1.30
N GLN B 375 12.86 20.27 -2.33
CA GLN B 375 11.46 19.91 -2.25
C GLN B 375 11.25 18.77 -1.26
N TYR B 376 12.18 17.81 -1.22
CA TYR B 376 12.09 16.76 -0.22
C TYR B 376 12.23 17.32 1.19
N ILE B 377 13.21 18.22 1.42
CA ILE B 377 13.34 18.84 2.74
C ILE B 377 12.04 19.52 3.10
N ALA B 378 11.45 20.29 2.17
CA ALA B 378 10.22 21.01 2.44
C ALA B 378 9.10 20.05 2.84
N GLY B 379 8.99 18.92 2.13
CA GLY B 379 8.02 17.90 2.44
C GLY B 379 8.14 17.42 3.89
N PHE B 380 9.36 17.16 4.34
CA PHE B 380 9.58 16.67 5.69
C PHE B 380 9.17 17.74 6.70
N LEU B 381 9.54 19.00 6.43
CA LEU B 381 9.24 20.10 7.33
C LEU B 381 7.73 20.27 7.49
N MET B 382 6.98 20.12 6.40
CA MET B 382 5.53 20.29 6.44
C MET B 382 4.88 19.22 7.30
N VAL B 383 5.33 17.97 7.17
CA VAL B 383 4.80 16.89 7.99
C VAL B 383 5.14 17.15 9.45
N GLY B 384 6.37 17.57 9.74
CA GLY B 384 6.76 17.87 11.10
C GLY B 384 5.93 19.00 11.73
N ALA B 385 5.63 20.04 10.95
CA ALA B 385 4.81 21.13 11.44
C ALA B 385 3.49 20.60 12.01
N PHE B 386 2.82 19.74 11.24
CA PHE B 386 1.56 19.15 11.65
C PHE B 386 1.73 18.15 12.78
N ALA B 387 2.83 17.40 12.80
CA ALA B 387 3.10 16.49 13.90
C ALA B 387 3.15 17.27 15.21
N HIS B 388 3.86 18.40 15.21
CA HIS B 388 3.99 19.22 16.41
C HIS B 388 2.68 19.95 16.74
N GLY B 389 1.86 20.24 15.73
CA GLY B 389 0.53 20.75 15.97
C GLY B 389 -0.34 19.75 16.74
N ALA B 390 -0.25 18.46 16.40
CA ALA B 390 -0.98 17.43 17.12
C ALA B 390 -0.44 17.30 18.55
N ILE B 391 0.88 17.32 18.70
CA ILE B 391 1.50 17.19 20.01
C ILE B 391 1.05 18.36 20.89
N PHE B 392 0.96 19.56 20.32
CA PHE B 392 0.46 20.72 21.04
C PHE B 392 -0.93 20.45 21.63
N PHE B 393 -1.84 19.87 20.83
CA PHE B 393 -3.22 19.68 21.27
C PHE B 393 -3.31 18.71 22.45
N ILE B 394 -2.43 17.71 22.49
CA ILE B 394 -2.44 16.76 23.58
C ILE B 394 -1.78 17.35 24.82
N ARG B 395 -0.56 17.86 24.67
CA ARG B 395 0.30 18.18 25.79
C ARG B 395 0.04 19.58 26.35
N ASP B 396 -0.27 20.57 25.50
CA ASP B 396 -0.21 21.97 25.90
C ASP B 396 -1.55 22.70 25.81
N TYR B 397 -2.55 22.15 25.12
CA TYR B 397 -3.80 22.87 24.93
C TYR B 397 -4.65 22.82 26.19
N ASN B 398 -5.11 23.98 26.65
CA ASN B 398 -5.97 24.11 27.82
C ASN B 398 -7.32 24.65 27.35
N PRO B 399 -8.38 23.81 27.21
CA PRO B 399 -9.68 24.27 26.76
C PRO B 399 -10.23 25.47 27.53
N GLU B 400 -10.10 25.45 28.86
CA GLU B 400 -10.60 26.48 29.75
C GLU B 400 -10.05 27.84 29.34
N GLN B 401 -8.75 27.90 29.07
CA GLN B 401 -8.05 29.16 28.82
C GLN B 401 -8.14 29.61 27.37
N ASN B 402 -8.86 28.88 26.52
CA ASN B 402 -8.99 29.21 25.12
C ASN B 402 -10.45 29.30 24.71
N LYS B 403 -11.36 29.50 25.67
CA LYS B 403 -12.78 29.30 25.45
C LYS B 403 -13.30 30.29 24.40
N ASN B 404 -13.79 29.75 23.29
CA ASN B 404 -14.49 30.50 22.24
C ASN B 404 -13.54 31.40 21.44
N ASN B 405 -12.22 31.17 21.50
CA ASN B 405 -11.29 31.88 20.65
C ASN B 405 -11.16 31.09 19.34
N VAL B 406 -10.44 31.65 18.37
CA VAL B 406 -10.33 31.05 17.04
C VAL B 406 -9.77 29.62 17.10
N LEU B 407 -8.93 29.29 18.09
CA LEU B 407 -8.35 27.95 18.19
C LEU B 407 -9.40 26.97 18.69
N ALA B 408 -10.16 27.36 19.72
CA ALA B 408 -11.23 26.52 20.24
C ALA B 408 -12.33 26.30 19.19
N ARG B 409 -12.55 27.28 18.31
CA ARG B 409 -13.64 27.15 17.35
C ARG B 409 -13.23 26.22 16.20
N MET B 410 -11.94 26.01 15.97
CA MET B 410 -11.50 24.99 15.04
C MET B 410 -11.97 23.62 15.52
N LEU B 411 -11.76 23.31 16.80
CA LEU B 411 -12.20 22.04 17.35
C LEU B 411 -13.73 21.91 17.29
N GLU B 412 -14.44 23.03 17.42
CA GLU B 412 -15.90 23.00 17.45
C GLU B 412 -16.49 22.56 16.12
N HIS B 413 -15.79 22.76 15.00
CA HIS B 413 -16.31 22.32 13.71
C HIS B 413 -15.34 21.36 13.01
N LYS B 414 -14.64 20.54 13.80
CA LYS B 414 -13.65 19.63 13.22
C LYS B 414 -14.26 18.64 12.22
N GLU B 415 -15.51 18.20 12.45
CA GLU B 415 -16.18 17.28 11.53
C GLU B 415 -16.46 17.96 10.19
N ALA B 416 -16.81 19.25 10.21
CA ALA B 416 -17.02 20.00 8.98
C ALA B 416 -15.71 20.11 8.20
N ILE B 417 -14.61 20.40 8.90
CA ILE B 417 -13.31 20.54 8.27
C ILE B 417 -12.92 19.19 7.64
N ILE B 418 -12.95 18.12 8.43
CA ILE B 418 -12.47 16.82 7.98
C ILE B 418 -13.31 16.30 6.81
N SER B 419 -14.63 16.46 6.90
CA SER B 419 -15.54 15.91 5.88
C SER B 419 -15.39 16.64 4.55
N HIS B 420 -15.05 17.93 4.60
CA HIS B 420 -14.83 18.70 3.38
C HIS B 420 -13.49 18.38 2.75
N LEU B 421 -12.46 18.14 3.57
CA LEU B 421 -11.17 17.72 3.06
C LEU B 421 -11.31 16.34 2.42
N SER B 422 -12.10 15.46 3.04
CA SER B 422 -12.41 14.17 2.47
C SER B 422 -13.07 14.34 1.10
N TRP B 423 -14.05 15.24 1.00
CA TRP B 423 -14.77 15.46 -0.25
C TRP B 423 -13.83 15.94 -1.35
N VAL B 424 -13.03 16.96 -1.05
CA VAL B 424 -12.19 17.56 -2.07
C VAL B 424 -11.13 16.55 -2.54
N SER B 425 -10.62 15.71 -1.63
CA SER B 425 -9.66 14.68 -1.99
C SER B 425 -10.30 13.63 -2.90
N LEU B 426 -11.52 13.19 -2.58
CA LEU B 426 -12.23 12.22 -3.41
C LEU B 426 -12.55 12.80 -4.78
N PHE B 427 -13.00 14.06 -4.81
CA PHE B 427 -13.35 14.75 -6.02
C PHE B 427 -12.16 14.85 -6.99
N LEU B 428 -11.01 15.32 -6.48
CA LEU B 428 -9.78 15.38 -7.26
C LEU B 428 -9.36 13.98 -7.70
N GLY B 429 -9.41 13.02 -6.78
CA GLY B 429 -8.93 11.68 -7.05
C GLY B 429 -9.70 11.00 -8.17
N PHE B 430 -11.02 10.90 -8.03
CA PHE B 430 -11.86 10.21 -8.99
C PHE B 430 -11.67 10.77 -10.39
N HIS B 431 -11.63 12.10 -10.51
CA HIS B 431 -11.65 12.74 -11.81
C HIS B 431 -10.26 12.79 -12.43
N THR B 432 -9.20 13.02 -11.63
CA THR B 432 -7.86 13.10 -12.19
C THR B 432 -7.45 11.70 -12.64
N LEU B 433 -7.65 10.67 -11.79
CA LEU B 433 -7.34 9.30 -12.18
C LEU B 433 -8.19 8.91 -13.38
N GLY B 434 -9.47 9.28 -13.33
CA GLY B 434 -10.42 8.99 -14.39
C GLY B 434 -9.97 9.51 -15.75
N ILE B 435 -9.56 10.79 -15.83
CA ILE B 435 -9.15 11.38 -17.10
C ILE B 435 -7.90 10.67 -17.60
N TYR B 436 -6.92 10.44 -16.71
CA TYR B 436 -5.70 9.74 -17.09
C TYR B 436 -6.02 8.37 -17.68
N VAL B 437 -7.00 7.68 -17.08
CA VAL B 437 -7.35 6.34 -17.54
C VAL B 437 -8.15 6.40 -18.84
N HIS B 438 -9.07 7.36 -18.97
CA HIS B 438 -9.69 7.62 -20.27
C HIS B 438 -8.61 7.73 -21.33
N ASN B 439 -7.61 8.58 -21.09
CA ASN B 439 -6.56 8.86 -22.07
C ASN B 439 -5.75 7.60 -22.38
N ASP B 440 -5.40 6.82 -21.36
CA ASP B 440 -4.64 5.60 -21.59
C ASP B 440 -5.41 4.62 -22.47
N VAL B 441 -6.69 4.41 -22.19
CA VAL B 441 -7.46 3.41 -22.93
C VAL B 441 -7.60 3.84 -24.39
N VAL B 442 -7.92 5.11 -24.61
CA VAL B 442 -8.17 5.63 -25.94
C VAL B 442 -6.86 5.70 -26.76
N VAL B 443 -5.72 5.99 -26.12
CA VAL B 443 -4.44 5.95 -26.82
C VAL B 443 -4.03 4.50 -27.08
N ALA B 444 -4.26 3.60 -26.12
CA ALA B 444 -3.91 2.19 -26.28
C ALA B 444 -4.62 1.57 -27.47
N PHE B 445 -5.89 1.95 -27.72
CA PHE B 445 -6.66 1.45 -28.84
C PHE B 445 -6.44 2.28 -30.10
N GLY B 446 -5.44 3.16 -30.10
CA GLY B 446 -4.92 3.77 -31.31
C GLY B 446 -5.66 5.03 -31.74
N SER B 447 -6.24 5.77 -30.78
CA SER B 447 -7.00 6.97 -31.08
C SER B 447 -6.62 8.10 -30.12
N PRO B 448 -5.37 8.62 -30.19
CA PRO B 448 -4.99 9.74 -29.32
C PRO B 448 -5.85 10.99 -29.48
N GLU B 449 -6.56 11.10 -30.61
CA GLU B 449 -7.47 12.22 -30.87
C GLU B 449 -8.72 12.17 -30.00
N LYS B 450 -9.00 11.02 -29.35
CA LYS B 450 -10.13 10.90 -28.43
C LYS B 450 -9.78 11.33 -27.01
N GLN B 451 -8.52 11.76 -26.77
CA GLN B 451 -8.10 12.11 -25.44
C GLN B 451 -8.83 13.37 -24.97
N ILE B 452 -9.06 13.45 -23.65
CA ILE B 452 -9.51 14.67 -23.00
C ILE B 452 -8.27 15.46 -22.60
N LEU B 453 -8.07 16.60 -23.27
CA LEU B 453 -6.89 17.44 -23.08
C LEU B 453 -7.35 18.86 -22.75
N ILE B 454 -7.28 19.23 -21.47
CA ILE B 454 -7.70 20.55 -21.01
C ILE B 454 -6.52 21.51 -21.03
N GLU B 455 -6.61 22.61 -21.77
CA GLU B 455 -5.61 23.66 -21.71
C GLU B 455 -5.61 24.30 -20.32
N PRO B 456 -4.42 24.49 -19.68
CA PRO B 456 -4.35 25.21 -18.42
C PRO B 456 -4.40 26.72 -18.64
N VAL B 457 -5.58 27.22 -18.99
CA VAL B 457 -5.73 28.58 -19.47
C VAL B 457 -5.57 29.58 -18.33
N PHE B 458 -5.93 29.22 -17.09
CA PHE B 458 -5.78 30.13 -15.97
C PHE B 458 -4.31 30.40 -15.69
N ALA B 459 -3.47 29.35 -15.74
CA ALA B 459 -2.05 29.50 -15.50
C ALA B 459 -1.40 30.24 -16.67
N GLN B 460 -1.84 29.95 -17.89
CA GLN B 460 -1.35 30.66 -19.07
C GLN B 460 -1.70 32.15 -19.00
N TRP B 461 -2.88 32.46 -18.47
CA TRP B 461 -3.30 33.83 -18.29
C TRP B 461 -2.42 34.56 -17.27
N ILE B 462 -2.02 33.88 -16.19
CA ILE B 462 -1.13 34.44 -15.18
C ILE B 462 0.27 34.68 -15.78
N GLN B 463 0.73 33.77 -16.66
CA GLN B 463 1.98 33.97 -17.36
C GLN B 463 1.88 35.22 -18.25
N ALA B 464 0.76 35.37 -18.94
CA ALA B 464 0.54 36.51 -19.83
C ALA B 464 0.53 37.79 -19.02
N ALA B 465 -0.04 37.77 -17.81
CA ALA B 465 -0.08 38.96 -16.97
C ALA B 465 1.32 39.42 -16.59
N SER B 466 2.30 38.51 -16.54
CA SER B 466 3.68 38.85 -16.28
C SER B 466 4.46 39.12 -17.56
N GLY B 467 3.79 39.06 -18.71
CA GLY B 467 4.34 39.54 -19.97
C GLY B 467 4.72 38.43 -20.96
N LYS B 468 4.27 37.20 -20.75
CA LYS B 468 4.52 36.15 -21.73
C LYS B 468 3.58 36.33 -22.93
N ALA B 469 4.17 36.54 -24.11
CA ALA B 469 3.44 36.94 -25.31
C ALA B 469 2.82 35.76 -26.06
N LEU B 470 3.30 34.54 -25.80
CA LEU B 470 3.01 33.36 -26.59
C LEU B 470 1.51 33.13 -26.82
N TYR B 471 0.69 33.38 -25.79
CA TYR B 471 -0.72 32.96 -25.79
C TYR B 471 -1.62 33.99 -26.46
N GLY B 472 -1.17 35.24 -26.60
CA GLY B 472 -1.95 36.29 -27.22
C GLY B 472 -3.12 36.77 -26.36
N PHE B 473 -2.96 36.77 -25.02
CA PHE B 473 -4.02 37.16 -24.12
C PHE B 473 -4.13 38.68 -24.02
N ASN B 474 -3.03 39.40 -24.28
CA ASN B 474 -3.05 40.86 -24.37
C ASN B 474 -3.57 41.47 -23.08
N ILE B 475 -2.99 41.04 -21.95
CA ILE B 475 -3.43 41.43 -20.62
C ILE B 475 -2.21 41.98 -19.88
N LEU B 476 -2.37 43.15 -19.27
CA LEU B 476 -1.39 43.71 -18.35
C LEU B 476 -0.01 43.76 -19.00
N LEU B 477 0.98 43.04 -18.45
CA LEU B 477 2.35 43.18 -18.94
C LEU B 477 2.52 42.64 -20.35
N SER B 478 1.57 41.85 -20.85
CA SER B 478 1.64 41.37 -22.24
C SER B 478 0.88 42.31 -23.19
N SER B 479 0.27 43.38 -22.68
CA SER B 479 -0.28 44.43 -23.53
C SER B 479 0.57 45.69 -23.45
N SER B 480 0.83 46.30 -24.60
CA SER B 480 1.63 47.52 -24.71
C SER B 480 0.94 48.71 -24.05
N ASP B 481 -0.39 48.73 -24.10
CA ASP B 481 -1.19 49.91 -23.76
C ASP B 481 -1.54 49.93 -22.26
N SER B 482 -1.20 48.87 -21.50
CA SER B 482 -1.62 48.75 -20.12
C SER B 482 -0.89 49.77 -19.24
N VAL B 483 -1.55 50.23 -18.18
CA VAL B 483 -0.92 51.09 -17.18
C VAL B 483 0.19 50.31 -16.48
N ALA B 484 0.00 49.00 -16.28
CA ALA B 484 1.03 48.15 -15.69
C ALA B 484 2.31 48.18 -16.53
N THR B 485 2.16 48.08 -17.86
CA THR B 485 3.28 48.03 -18.77
C THR B 485 4.01 49.37 -18.79
N ARG B 486 3.23 50.47 -18.85
CA ARG B 486 3.78 51.82 -18.89
C ARG B 486 4.60 52.11 -17.64
N ALA B 487 4.09 51.68 -16.48
CA ALA B 487 4.68 52.05 -15.19
C ALA B 487 6.09 51.53 -15.02
N GLY B 488 6.39 50.33 -15.56
CA GLY B 488 7.67 49.68 -15.32
C GLY B 488 8.62 49.73 -16.51
N GLU B 489 8.25 50.45 -17.58
CA GLU B 489 8.92 50.32 -18.86
C GLU B 489 10.33 50.89 -18.82
N SER B 490 10.60 51.84 -17.92
CA SER B 490 11.92 52.46 -17.83
C SER B 490 12.79 51.81 -16.76
N LEU B 491 12.25 50.81 -16.04
CA LEU B 491 12.98 50.19 -14.94
C LEU B 491 13.29 48.73 -15.30
N TRP B 492 12.59 47.76 -14.71
CA TRP B 492 12.98 46.36 -14.81
C TRP B 492 12.35 45.66 -16.03
N LEU B 493 11.36 46.28 -16.68
CA LEU B 493 10.55 45.53 -17.63
C LEU B 493 11.34 45.07 -18.85
N PRO B 494 12.18 45.90 -19.50
CA PRO B 494 12.97 45.43 -20.63
C PRO B 494 13.73 44.12 -20.34
N GLY B 495 14.46 44.09 -19.22
CA GLY B 495 15.23 42.91 -18.85
C GLY B 495 14.34 41.71 -18.53
N TRP B 496 13.25 41.97 -17.78
CA TRP B 496 12.33 40.92 -17.37
C TRP B 496 11.62 40.30 -18.58
N LEU B 497 11.09 41.13 -19.48
CA LEU B 497 10.30 40.64 -20.60
C LEU B 497 11.17 39.78 -21.53
N LYS B 498 12.43 40.16 -21.70
CA LYS B 498 13.37 39.38 -22.50
C LYS B 498 13.50 37.97 -21.94
N GLY B 499 13.74 37.86 -20.62
CA GLY B 499 13.86 36.57 -19.95
C GLY B 499 12.58 35.75 -20.02
N VAL B 500 11.42 36.40 -19.83
CA VAL B 500 10.15 35.72 -19.87
C VAL B 500 9.93 35.12 -21.26
N ASN B 501 10.14 35.93 -22.30
CA ASN B 501 9.78 35.56 -23.66
C ASN B 501 10.86 34.72 -24.32
N ASP B 502 12.01 34.50 -23.65
CA ASP B 502 13.04 33.59 -24.13
C ASP B 502 12.61 32.15 -23.85
N THR B 503 12.66 31.29 -24.87
CA THR B 503 12.20 29.91 -24.75
C THR B 503 13.32 29.00 -24.25
N ASN B 504 14.56 29.49 -24.20
CA ASN B 504 15.69 28.67 -23.80
C ASN B 504 16.12 28.99 -22.37
N ASN B 505 15.15 28.97 -21.44
CA ASN B 505 15.42 29.08 -20.02
C ASN B 505 14.23 28.45 -19.28
N SER B 506 14.25 28.50 -17.95
CA SER B 506 13.16 27.93 -17.17
C SER B 506 12.26 29.02 -16.59
N LEU B 507 12.37 30.26 -17.09
CA LEU B 507 11.56 31.35 -16.55
C LEU B 507 10.21 31.36 -17.26
N PHE B 508 9.21 30.74 -16.62
CA PHE B 508 7.87 30.57 -17.16
C PHE B 508 7.93 29.63 -18.36
N LEU B 509 8.06 28.34 -18.07
CA LEU B 509 8.01 27.30 -19.07
C LEU B 509 6.66 27.31 -19.77
N ASP B 510 6.65 26.93 -21.06
CA ASP B 510 5.41 26.66 -21.78
C ASP B 510 4.67 25.51 -21.08
N ILE B 511 3.34 25.64 -20.99
CA ILE B 511 2.52 24.64 -20.30
C ILE B 511 1.34 24.26 -21.19
N GLY B 512 0.98 22.98 -21.18
CA GLY B 512 -0.11 22.46 -21.98
C GLY B 512 -0.95 21.47 -21.19
N PRO B 513 -1.78 20.65 -21.86
CA PRO B 513 -2.64 19.69 -21.16
C PRO B 513 -1.92 18.73 -20.24
N GLY B 514 -0.67 18.40 -20.56
CA GLY B 514 0.13 17.52 -19.70
C GLY B 514 0.37 18.12 -18.33
N ASP B 515 0.67 19.42 -18.34
CA ASP B 515 0.91 20.20 -17.13
C ASP B 515 -0.38 20.39 -16.33
N PHE B 516 -1.53 20.42 -17.01
CA PHE B 516 -2.81 20.51 -16.36
C PHE B 516 -3.06 19.29 -15.48
N LEU B 517 -2.92 18.08 -16.05
CA LEU B 517 -3.27 16.88 -15.32
C LEU B 517 -2.35 16.67 -14.13
N VAL B 518 -1.06 16.95 -14.26
CA VAL B 518 -0.13 16.65 -13.17
C VAL B 518 -0.28 17.69 -12.05
N HIS B 519 -0.71 18.91 -12.36
CA HIS B 519 -1.05 19.88 -11.33
C HIS B 519 -2.24 19.44 -10.49
N HIS B 520 -3.24 18.79 -11.09
CA HIS B 520 -4.37 18.27 -10.33
C HIS B 520 -3.93 17.06 -9.51
N ALA B 521 -2.99 16.26 -10.03
CA ALA B 521 -2.37 15.20 -9.25
C ALA B 521 -1.67 15.77 -8.02
N ILE B 522 -0.89 16.84 -8.20
CA ILE B 522 -0.22 17.48 -7.08
C ILE B 522 -1.22 18.01 -6.08
N ALA B 523 -2.29 18.66 -6.55
CA ALA B 523 -3.36 19.14 -5.68
C ALA B 523 -4.00 17.99 -4.88
N LEU B 524 -4.19 16.83 -5.52
CA LEU B 524 -4.71 15.67 -4.83
C LEU B 524 -3.78 15.34 -3.65
N GLY B 525 -2.47 15.34 -3.94
CA GLY B 525 -1.46 14.99 -2.95
C GLY B 525 -1.44 15.95 -1.79
N LEU B 526 -1.50 17.27 -2.06
CA LEU B 526 -1.50 18.27 -1.01
C LEU B 526 -2.74 18.11 -0.14
N HIS B 527 -3.91 17.90 -0.75
CA HIS B 527 -5.15 17.82 0.02
C HIS B 527 -5.20 16.55 0.86
N THR B 528 -4.80 15.42 0.29
CA THR B 528 -4.90 14.17 1.01
C THR B 528 -3.87 14.14 2.14
N THR B 529 -2.63 14.57 1.89
CA THR B 529 -1.63 14.62 2.95
C THR B 529 -2.17 15.49 4.08
N THR B 530 -2.81 16.61 3.73
CA THR B 530 -3.35 17.54 4.70
C THR B 530 -4.52 16.89 5.45
N LEU B 531 -5.40 16.21 4.73
CA LEU B 531 -6.49 15.48 5.36
C LEU B 531 -5.96 14.62 6.50
N ILE B 532 -4.95 13.79 6.22
CA ILE B 532 -4.46 12.81 7.17
C ILE B 532 -3.87 13.54 8.38
N LEU B 533 -3.10 14.61 8.14
CA LEU B 533 -2.43 15.35 9.19
C LEU B 533 -3.41 16.17 10.02
N VAL B 534 -4.42 16.76 9.36
CA VAL B 534 -5.41 17.59 10.06
C VAL B 534 -6.32 16.70 10.90
N LYS B 535 -6.76 15.58 10.33
CA LYS B 535 -7.55 14.61 11.07
C LYS B 535 -6.75 14.14 12.28
N GLY B 536 -5.45 13.88 12.09
CA GLY B 536 -4.53 13.58 13.17
C GLY B 536 -4.58 14.61 14.30
N ALA B 537 -4.42 15.89 13.96
CA ALA B 537 -4.33 16.96 14.94
C ALA B 537 -5.67 17.19 15.64
N LEU B 538 -6.77 17.28 14.87
CA LEU B 538 -8.07 17.64 15.41
C LEU B 538 -8.71 16.48 16.18
N ASP B 539 -8.35 15.23 15.84
CA ASP B 539 -8.80 14.08 16.60
C ASP B 539 -7.76 13.61 17.63
N ALA B 540 -6.64 14.32 17.79
CA ALA B 540 -5.60 13.91 18.71
C ALA B 540 -6.11 13.75 20.14
N ARG B 541 -7.05 14.62 20.56
CA ARG B 541 -7.52 14.63 21.94
C ARG B 541 -8.63 13.59 22.17
N GLY B 542 -9.36 13.21 21.12
CA GLY B 542 -10.40 12.21 21.26
C GLY B 542 -11.29 12.10 20.03
N SER B 543 -12.03 10.98 19.97
CA SER B 543 -12.97 10.67 18.91
C SER B 543 -14.13 9.88 19.49
N LYS B 544 -15.13 9.54 18.68
CA LYS B 544 -16.22 8.69 19.16
C LYS B 544 -15.68 7.34 19.58
N LEU B 545 -14.73 6.78 18.80
CA LEU B 545 -14.16 5.47 19.07
C LEU B 545 -13.29 5.50 20.33
N MET B 546 -12.62 6.63 20.59
CA MET B 546 -11.78 6.74 21.77
C MET B 546 -11.92 8.15 22.37
N PRO B 547 -12.99 8.41 23.16
CA PRO B 547 -13.26 9.75 23.66
C PRO B 547 -12.23 10.33 24.64
N ASP B 548 -11.35 9.48 25.21
CA ASP B 548 -10.41 9.89 26.24
C ASP B 548 -8.96 9.73 25.74
N LYS B 549 -8.73 9.98 24.45
CA LYS B 549 -7.47 9.67 23.80
C LYS B 549 -6.32 10.50 24.37
N LYS B 550 -6.62 11.74 24.78
CA LYS B 550 -5.60 12.63 25.35
C LYS B 550 -4.95 12.03 26.59
N ASP B 551 -5.62 11.12 27.29
CA ASP B 551 -5.07 10.48 28.48
C ASP B 551 -3.98 9.45 28.13
N PHE B 552 -3.86 9.08 26.85
CA PHE B 552 -2.91 8.06 26.41
C PHE B 552 -1.68 8.65 25.73
N GLY B 553 -1.75 9.92 25.32
CA GLY B 553 -0.57 10.63 24.81
C GLY B 553 -0.53 10.62 23.29
N TYR B 554 0.55 11.18 22.74
CA TYR B 554 0.70 11.34 21.30
C TYR B 554 0.81 9.97 20.61
N SER B 555 1.69 9.13 21.15
CA SER B 555 2.03 7.85 20.55
C SER B 555 1.70 6.73 21.51
N PHE B 556 0.92 5.76 21.02
CA PHE B 556 0.63 4.54 21.75
C PHE B 556 0.20 3.51 20.72
N PRO B 557 0.38 2.20 20.95
CA PRO B 557 0.11 1.21 19.92
C PRO B 557 -1.31 1.26 19.36
N CYS B 558 -2.29 1.28 20.26
CA CYS B 558 -3.69 1.08 19.92
C CYS B 558 -4.47 1.03 21.23
N ASP B 559 -5.76 0.70 21.18
CA ASP B 559 -6.53 0.48 22.39
C ASP B 559 -7.13 -0.92 22.40
N GLY B 560 -6.46 -1.88 21.73
CA GLY B 560 -6.87 -3.27 21.76
C GLY B 560 -7.95 -3.57 20.72
N PRO B 561 -8.34 -4.87 20.59
CA PRO B 561 -9.29 -5.30 19.58
C PRO B 561 -10.77 -5.10 19.91
N GLY B 562 -11.09 -4.58 21.10
CA GLY B 562 -12.47 -4.29 21.46
C GLY B 562 -13.02 -3.09 20.69
N ARG B 563 -14.35 -2.90 20.77
CA ARG B 563 -15.07 -1.86 20.06
C ARG B 563 -14.79 -1.91 18.56
N GLY B 564 -14.54 -3.11 18.02
CA GLY B 564 -14.34 -3.28 16.59
C GLY B 564 -12.86 -3.35 16.21
N GLY B 565 -11.95 -2.88 17.07
CA GLY B 565 -10.51 -2.89 16.81
C GLY B 565 -10.00 -1.47 16.58
N THR B 566 -8.80 -1.15 17.11
CA THR B 566 -8.36 0.23 17.20
C THR B 566 -6.91 0.41 16.75
N CYS B 567 -6.42 -0.44 15.84
CA CYS B 567 -5.08 -0.25 15.28
C CYS B 567 -4.92 1.15 14.69
N ASP B 568 -3.79 1.80 14.97
CA ASP B 568 -3.40 3.04 14.31
C ASP B 568 -4.35 4.19 14.66
N ILE B 569 -4.82 4.23 15.91
CA ILE B 569 -5.79 5.23 16.31
C ILE B 569 -5.12 6.48 16.87
N SER B 570 -3.82 6.42 17.23
CA SER B 570 -3.16 7.55 17.86
C SER B 570 -2.83 8.65 16.85
N ALA B 571 -2.57 9.86 17.35
CA ALA B 571 -2.18 10.97 16.49
C ALA B 571 -0.81 10.74 15.84
N TRP B 572 0.06 9.98 16.52
CA TRP B 572 1.32 9.57 15.93
C TRP B 572 1.09 8.72 14.66
N ASP B 573 0.09 7.85 14.71
CA ASP B 573 -0.25 7.01 13.56
C ASP B 573 -0.70 7.85 12.36
N ALA B 574 -1.27 9.03 12.60
CA ALA B 574 -1.64 9.92 11.51
C ALA B 574 -0.38 10.47 10.83
N PHE B 575 0.61 10.84 11.63
CA PHE B 575 1.93 11.24 11.12
C PHE B 575 2.51 10.12 10.26
N TYR B 576 2.46 8.88 10.75
CA TYR B 576 3.02 7.75 10.03
C TYR B 576 2.34 7.58 8.68
N LEU B 577 1.00 7.63 8.65
CA LEU B 577 0.27 7.47 7.40
C LEU B 577 0.53 8.64 6.45
N ALA B 578 0.61 9.87 6.98
CA ALA B 578 0.83 11.04 6.18
C ALA B 578 2.19 11.00 5.46
N MET B 579 3.19 10.38 6.08
CA MET B 579 4.52 10.28 5.50
C MET B 579 4.49 9.54 4.16
N PHE B 580 3.69 8.48 4.04
CA PHE B 580 3.55 7.78 2.77
C PHE B 580 2.99 8.72 1.71
N TRP B 581 2.00 9.54 2.09
CA TRP B 581 1.38 10.46 1.15
C TRP B 581 2.31 11.61 0.80
N MET B 582 3.08 12.11 1.76
CA MET B 582 4.05 13.15 1.47
C MET B 582 5.07 12.65 0.44
N LEU B 583 5.61 11.44 0.65
CA LEU B 583 6.58 10.86 -0.28
C LEU B 583 5.96 10.65 -1.66
N ASN B 584 4.72 10.18 -1.73
CA ASN B 584 4.01 10.02 -2.99
C ASN B 584 3.90 11.36 -3.72
N THR B 585 3.44 12.40 -3.02
CA THR B 585 3.25 13.71 -3.62
C THR B 585 4.57 14.25 -4.15
N LEU B 586 5.65 14.09 -3.37
CA LEU B 586 6.96 14.55 -3.75
C LEU B 586 7.49 13.75 -4.95
N GLY B 587 7.15 12.47 -5.01
CA GLY B 587 7.43 11.66 -6.18
C GLY B 587 6.82 12.29 -7.43
N TRP B 588 5.51 12.50 -7.39
CA TRP B 588 4.81 13.04 -8.55
C TRP B 588 5.41 14.36 -9.00
N LEU B 589 5.65 15.29 -8.07
CA LEU B 589 6.09 16.61 -8.50
C LEU B 589 7.54 16.62 -8.96
N THR B 590 8.39 15.78 -8.37
CA THR B 590 9.79 15.75 -8.79
C THR B 590 9.92 14.99 -10.10
N PHE B 591 9.14 13.92 -10.30
CA PHE B 591 9.07 13.28 -11.60
C PHE B 591 8.70 14.31 -12.66
N TYR B 592 7.68 15.13 -12.35
CA TYR B 592 7.21 16.15 -13.25
C TYR B 592 8.33 17.12 -13.57
N TRP B 593 8.96 17.71 -12.55
CA TRP B 593 10.01 18.69 -12.77
C TRP B 593 11.10 18.10 -13.67
N HIS B 594 11.54 16.88 -13.34
CA HIS B 594 12.66 16.26 -14.01
C HIS B 594 12.33 15.94 -15.47
N TRP B 595 11.18 15.33 -15.74
CA TRP B 595 10.83 14.98 -17.12
C TRP B 595 10.64 16.24 -17.96
N LYS B 596 9.97 17.25 -17.40
CA LYS B 596 9.78 18.51 -18.10
C LYS B 596 11.14 19.09 -18.51
N HIS B 597 12.15 18.98 -17.64
CA HIS B 597 13.48 19.51 -17.92
C HIS B 597 14.29 18.61 -18.85
N LEU B 598 14.22 17.28 -18.67
CA LEU B 598 14.94 16.37 -19.55
C LEU B 598 14.60 16.67 -21.01
N THR B 599 13.31 16.91 -21.29
CA THR B 599 12.83 17.12 -22.64
C THR B 599 13.13 18.55 -23.11
N LEU B 600 13.09 19.54 -22.21
CA LEU B 600 13.51 20.89 -22.52
C LEU B 600 14.99 20.92 -22.90
N TRP B 601 15.84 20.41 -22.01
CA TRP B 601 17.29 20.39 -22.21
C TRP B 601 17.67 19.56 -23.44
N GLY B 602 16.91 18.50 -23.71
CA GLY B 602 17.19 17.61 -24.84
C GLY B 602 16.63 18.12 -26.17
N GLY B 603 15.89 19.22 -26.14
CA GLY B 603 15.30 19.80 -27.35
C GLY B 603 14.19 18.92 -27.93
N ASN B 604 13.38 18.29 -27.07
CA ASN B 604 12.24 17.52 -27.53
C ASN B 604 11.08 17.69 -26.57
N VAL B 605 10.59 18.93 -26.48
CA VAL B 605 9.45 19.26 -25.63
C VAL B 605 8.22 18.49 -26.10
N ASN B 606 8.14 18.21 -27.41
CA ASN B 606 7.04 17.45 -27.97
C ASN B 606 6.92 16.08 -27.29
N GLN B 607 8.05 15.47 -26.92
CA GLN B 607 8.01 14.19 -26.22
C GLN B 607 7.18 14.32 -24.95
N PHE B 608 7.46 15.36 -24.16
CA PHE B 608 6.71 15.59 -22.92
C PHE B 608 5.26 15.93 -23.27
N ASN B 609 5.06 16.83 -24.24
CA ASN B 609 3.73 17.33 -24.55
C ASN B 609 2.79 16.21 -24.99
N GLU B 610 3.31 15.22 -25.72
CA GLU B 610 2.48 14.14 -26.24
C GLU B 610 2.40 12.95 -25.27
N SER B 611 3.50 12.61 -24.60
CA SER B 611 3.53 11.42 -23.77
C SER B 611 2.90 11.65 -22.40
N SER B 612 2.84 12.89 -21.92
CA SER B 612 2.51 13.14 -20.52
C SER B 612 1.02 13.08 -20.22
N THR B 613 0.15 12.90 -21.22
CA THR B 613 -1.28 12.99 -21.01
C THR B 613 -1.89 11.62 -20.70
N TYR B 614 -1.08 10.56 -20.76
CA TYR B 614 -1.51 9.25 -20.35
C TYR B 614 -0.38 8.58 -19.57
N LEU B 615 -0.72 7.66 -18.68
CA LEU B 615 0.20 7.17 -17.66
C LEU B 615 1.26 6.24 -18.25
N MET B 616 0.96 5.53 -19.34
CA MET B 616 1.96 4.70 -20.00
C MET B 616 3.08 5.57 -20.55
N GLY B 617 2.77 6.83 -20.91
CA GLY B 617 3.79 7.76 -21.36
C GLY B 617 4.85 8.01 -20.29
N TRP B 618 4.42 8.23 -19.05
CA TRP B 618 5.35 8.39 -17.93
C TRP B 618 6.13 7.10 -17.72
N PHE B 619 5.43 5.97 -17.69
CA PHE B 619 6.06 4.69 -17.40
C PHE B 619 7.13 4.39 -18.45
N ARG B 620 6.78 4.59 -19.73
CA ARG B 620 7.63 4.24 -20.85
C ARG B 620 8.69 5.30 -21.12
N ASP B 621 8.26 6.54 -21.36
CA ASP B 621 9.16 7.57 -21.89
C ASP B 621 9.97 8.23 -20.78
N TYR B 622 9.50 8.19 -19.53
CA TYR B 622 10.26 8.73 -18.42
C TYR B 622 11.03 7.60 -17.73
N LEU B 623 10.33 6.69 -17.02
CA LEU B 623 11.01 5.73 -16.16
C LEU B 623 11.84 4.74 -16.98
N TRP B 624 11.20 4.05 -17.92
CA TRP B 624 11.87 2.97 -18.62
C TRP B 624 12.99 3.52 -19.52
N LEU B 625 12.70 4.58 -20.25
CA LEU B 625 13.66 5.12 -21.21
C LEU B 625 14.93 5.63 -20.52
N ASN B 626 14.78 6.34 -19.39
CA ASN B 626 15.92 7.03 -18.77
C ASN B 626 16.68 6.14 -17.79
N SER B 627 16.22 4.91 -17.57
CA SER B 627 16.88 3.98 -16.67
C SER B 627 18.15 3.38 -17.29
N SER B 628 18.28 3.46 -18.61
CA SER B 628 19.27 2.67 -19.32
C SER B 628 20.71 3.00 -18.93
N PRO B 629 21.14 4.29 -18.89
CA PRO B 629 22.50 4.61 -18.47
C PRO B 629 22.83 4.13 -17.07
N LEU B 630 21.86 4.30 -16.16
CA LEU B 630 22.00 3.96 -14.76
C LEU B 630 22.29 2.47 -14.60
N ILE B 631 21.43 1.61 -15.16
CA ILE B 631 21.52 0.18 -14.91
C ILE B 631 22.69 -0.44 -15.66
N ASN B 632 23.35 0.32 -16.55
CA ASN B 632 24.56 -0.11 -17.21
C ASN B 632 25.81 0.50 -16.58
N GLY B 633 25.70 1.07 -15.37
CA GLY B 633 26.86 1.56 -14.65
C GLY B 633 27.90 0.47 -14.45
N TYR B 634 27.43 -0.76 -14.21
CA TYR B 634 28.26 -1.94 -14.31
C TYR B 634 27.44 -3.02 -15.01
N ASN B 635 28.13 -3.88 -15.75
CA ASN B 635 27.51 -4.99 -16.46
C ASN B 635 28.62 -6.01 -16.75
N PRO B 636 28.34 -7.15 -17.42
CA PRO B 636 29.39 -8.13 -17.72
C PRO B 636 30.57 -7.62 -18.54
N TYR B 637 30.45 -6.46 -19.20
CA TYR B 637 31.49 -5.96 -20.09
C TYR B 637 32.41 -4.98 -19.38
N GLY B 638 32.02 -4.44 -18.22
CA GLY B 638 32.90 -3.59 -17.42
C GLY B 638 32.14 -2.55 -16.61
N VAL B 639 32.87 -1.50 -16.17
CA VAL B 639 32.32 -0.48 -15.28
C VAL B 639 32.61 0.89 -15.86
N ASN B 640 31.71 1.85 -15.58
CA ASN B 640 31.95 3.26 -15.84
C ASN B 640 31.69 4.03 -14.55
N ASN B 641 31.71 5.37 -14.63
CA ASN B 641 31.57 6.23 -13.45
C ASN B 641 30.15 6.17 -12.87
N LEU B 642 29.17 5.61 -13.58
CA LEU B 642 27.83 5.44 -13.04
C LEU B 642 27.70 4.16 -12.21
N SER B 643 28.77 3.37 -12.09
CA SER B 643 28.77 2.14 -11.33
C SER B 643 28.23 2.35 -9.92
N VAL B 644 28.71 3.41 -9.25
CA VAL B 644 28.32 3.68 -7.87
C VAL B 644 26.83 4.01 -7.80
N TRP B 645 26.31 4.74 -8.79
CA TRP B 645 24.90 5.08 -8.78
C TRP B 645 24.04 3.86 -9.05
N ALA B 646 24.52 2.97 -9.95
CA ALA B 646 23.85 1.72 -10.24
C ALA B 646 23.72 0.87 -8.97
N TRP B 647 24.79 0.83 -8.18
CA TRP B 647 24.78 0.03 -6.97
C TRP B 647 23.85 0.66 -5.94
N MET B 648 23.92 1.98 -5.78
CA MET B 648 23.08 2.69 -4.84
C MET B 648 21.60 2.52 -5.21
N PHE B 649 21.29 2.52 -6.51
CA PHE B 649 19.93 2.35 -6.99
C PHE B 649 19.33 1.04 -6.47
N LEU B 650 20.11 -0.04 -6.56
CA LEU B 650 19.70 -1.35 -6.07
C LEU B 650 19.63 -1.37 -4.53
N PHE B 651 20.58 -0.68 -3.88
CA PHE B 651 20.57 -0.55 -2.44
C PHE B 651 19.25 0.09 -2.01
N GLY B 652 18.82 1.13 -2.71
CA GLY B 652 17.57 1.81 -2.41
C GLY B 652 16.37 0.87 -2.51
N HIS B 653 16.33 0.05 -3.57
CA HIS B 653 15.26 -0.92 -3.75
C HIS B 653 15.24 -1.91 -2.59
N LEU B 654 16.42 -2.35 -2.17
CA LEU B 654 16.54 -3.34 -1.11
C LEU B 654 16.03 -2.76 0.21
N VAL B 655 16.44 -1.54 0.53
CA VAL B 655 16.07 -0.92 1.80
C VAL B 655 14.56 -0.69 1.83
N TRP B 656 14.02 -0.18 0.73
CA TRP B 656 12.58 0.06 0.59
C TRP B 656 11.80 -1.22 0.86
N ALA B 657 12.18 -2.31 0.18
CA ALA B 657 11.49 -3.58 0.30
C ALA B 657 11.64 -4.18 1.70
N THR B 658 12.79 -4.00 2.35
CA THR B 658 12.96 -4.47 3.71
C THR B 658 11.96 -3.78 4.63
N GLY B 659 11.67 -2.50 4.36
CA GLY B 659 10.64 -1.76 5.08
C GLY B 659 9.30 -2.47 5.08
N PHE B 660 8.93 -3.11 3.95
CA PHE B 660 7.66 -3.80 3.85
C PHE B 660 7.55 -4.90 4.90
N MET B 661 8.67 -5.54 5.28
CA MET B 661 8.63 -6.58 6.30
C MET B 661 8.07 -6.04 7.60
N PHE B 662 8.53 -4.87 8.02
CA PHE B 662 8.12 -4.28 9.27
C PHE B 662 6.71 -3.71 9.19
N LEU B 663 6.30 -3.26 8.01
CA LEU B 663 5.00 -2.61 7.83
C LEU B 663 3.89 -3.65 7.70
N ILE B 664 4.19 -4.82 7.10
CA ILE B 664 3.15 -5.80 6.79
C ILE B 664 3.04 -6.85 7.89
N SER B 665 4.17 -7.42 8.32
CA SER B 665 4.16 -8.39 9.40
C SER B 665 4.25 -7.64 10.71
N TRP B 666 3.37 -7.95 11.67
CA TRP B 666 3.24 -7.20 12.91
C TRP B 666 3.75 -8.07 14.06
N ARG B 667 3.75 -7.53 15.28
CA ARG B 667 4.69 -7.92 16.32
C ARG B 667 4.55 -9.38 16.78
N GLY B 668 3.33 -9.86 16.98
CA GLY B 668 3.11 -11.11 17.68
C GLY B 668 3.76 -12.31 17.00
N TYR B 669 3.79 -12.29 15.66
CA TYR B 669 4.46 -13.33 14.88
C TYR B 669 5.92 -13.48 15.34
N TRP B 670 6.59 -12.35 15.50
CA TRP B 670 8.02 -12.31 15.76
C TRP B 670 8.34 -12.71 17.19
N GLN B 671 7.49 -12.31 18.14
CA GLN B 671 7.71 -12.60 19.54
C GLN B 671 7.69 -14.12 19.77
N GLU B 672 6.77 -14.81 19.10
CA GLU B 672 6.70 -16.26 19.20
C GLU B 672 7.95 -16.90 18.60
N LEU B 673 8.43 -16.40 17.48
CA LEU B 673 9.64 -16.91 16.85
C LEU B 673 10.85 -16.72 17.77
N ILE B 674 10.98 -15.55 18.40
CA ILE B 674 12.13 -15.25 19.24
C ILE B 674 12.14 -16.14 20.49
N GLU B 675 10.98 -16.51 21.01
CA GLU B 675 10.87 -17.48 22.09
C GLU B 675 11.58 -18.78 21.72
N THR B 676 11.39 -19.31 20.50
CA THR B 676 11.99 -20.57 20.12
C THR B 676 13.51 -20.41 20.01
N LEU B 677 13.97 -19.20 19.66
CA LEU B 677 15.41 -18.93 19.57
C LEU B 677 16.03 -18.84 20.95
N ALA B 678 15.30 -18.27 21.91
CA ALA B 678 15.74 -18.23 23.29
C ALA B 678 15.85 -19.66 23.81
N TRP B 679 14.88 -20.51 23.46
CA TRP B 679 14.91 -21.91 23.85
C TRP B 679 16.16 -22.60 23.31
N ALA B 680 16.46 -22.41 22.02
CA ALA B 680 17.56 -23.12 21.38
C ALA B 680 18.89 -22.71 21.99
N HIS B 681 19.06 -21.41 22.27
CA HIS B 681 20.31 -20.92 22.81
C HIS B 681 20.62 -21.56 24.16
N GLU B 682 19.62 -21.61 25.04
CA GLU B 682 19.79 -22.18 26.37
C GLU B 682 20.03 -23.69 26.35
N ARG B 683 19.57 -24.40 25.31
CA ARG B 683 19.71 -25.85 25.24
C ARG B 683 20.85 -26.28 24.31
N THR B 684 21.64 -25.36 23.77
CA THR B 684 22.75 -25.73 22.89
C THR B 684 24.03 -25.81 23.73
N PRO B 685 24.74 -26.96 23.78
CA PRO B 685 26.04 -27.03 24.46
C PRO B 685 27.06 -26.04 23.92
N LEU B 686 28.00 -25.63 24.79
CA LEU B 686 29.02 -24.64 24.48
C LEU B 686 28.37 -23.26 24.41
N ALA B 687 27.45 -23.06 23.47
CA ALA B 687 26.79 -21.77 23.29
C ALA B 687 26.12 -21.31 24.58
N ASN B 688 25.49 -22.23 25.32
CA ASN B 688 24.70 -21.86 26.48
C ASN B 688 25.58 -21.52 27.69
N LEU B 689 26.92 -21.55 27.53
CA LEU B 689 27.85 -20.91 28.44
C LEU B 689 27.58 -19.42 28.49
N ILE B 690 27.29 -18.82 27.31
CA ILE B 690 27.12 -17.39 27.13
C ILE B 690 25.66 -17.02 27.41
N LYS B 691 25.46 -15.94 28.17
CA LYS B 691 24.13 -15.55 28.64
C LYS B 691 23.89 -14.08 28.32
N TRP B 692 22.68 -13.76 27.83
CA TRP B 692 22.29 -12.38 27.60
C TRP B 692 22.07 -11.67 28.94
N LYS B 693 22.35 -10.37 28.99
CA LYS B 693 21.97 -9.54 30.12
C LYS B 693 20.57 -8.97 29.94
N ASP B 694 20.19 -8.66 28.69
CA ASP B 694 18.87 -8.13 28.35
C ASP B 694 18.07 -9.22 27.65
N LYS B 695 16.90 -9.54 28.19
CA LYS B 695 16.05 -10.56 27.60
C LYS B 695 15.65 -10.13 26.19
N PRO B 696 15.95 -10.92 25.14
CA PRO B 696 15.54 -10.55 23.79
C PRO B 696 14.02 -10.58 23.60
N VAL B 697 13.46 -9.48 23.06
CA VAL B 697 12.05 -9.42 22.73
C VAL B 697 11.90 -8.84 21.33
N ALA B 698 10.77 -9.14 20.68
CA ALA B 698 10.43 -8.51 19.43
C ALA B 698 10.21 -7.01 19.64
N LEU B 699 10.49 -6.21 18.60
CA LEU B 699 10.31 -4.76 18.64
C LEU B 699 8.87 -4.44 19.03
N SER B 700 8.63 -3.24 19.56
CA SER B 700 7.28 -2.88 19.98
C SER B 700 6.40 -2.62 18.76
N ILE B 701 5.09 -2.51 18.97
CA ILE B 701 4.15 -2.24 17.89
C ILE B 701 4.49 -0.91 17.23
N VAL B 702 4.73 0.14 18.02
CA VAL B 702 5.06 1.45 17.48
C VAL B 702 6.46 1.42 16.85
N GLN B 703 7.38 0.67 17.46
CA GLN B 703 8.75 0.62 16.96
C GLN B 703 8.78 0.02 15.55
N ALA B 704 7.99 -1.04 15.32
CA ALA B 704 7.90 -1.64 14.01
C ALA B 704 7.41 -0.65 12.97
N ARG B 705 6.36 0.13 13.30
CA ARG B 705 5.84 1.12 12.38
C ARG B 705 6.92 2.14 12.02
N LEU B 706 7.66 2.60 13.03
CA LEU B 706 8.73 3.57 12.84
C LEU B 706 9.89 3.00 12.03
N VAL B 707 10.34 1.79 12.35
CA VAL B 707 11.45 1.17 11.64
C VAL B 707 11.04 0.89 10.20
N GLY B 708 9.80 0.45 9.99
CA GLY B 708 9.29 0.22 8.65
C GLY B 708 9.24 1.51 7.84
N LEU B 709 8.77 2.59 8.48
CA LEU B 709 8.69 3.87 7.81
C LEU B 709 10.09 4.40 7.49
N ALA B 710 11.05 4.20 8.41
CA ALA B 710 12.41 4.66 8.19
C ALA B 710 13.02 3.98 6.97
N HIS B 711 12.88 2.64 6.88
CA HIS B 711 13.40 1.91 5.75
C HIS B 711 12.69 2.36 4.47
N PHE B 712 11.37 2.51 4.53
CA PHE B 712 10.61 2.92 3.36
C PHE B 712 11.12 4.28 2.87
N ALA B 713 11.31 5.23 3.78
CA ALA B 713 11.70 6.59 3.40
C ALA B 713 13.15 6.65 2.92
N VAL B 714 14.07 5.99 3.61
CA VAL B 714 15.47 5.96 3.21
C VAL B 714 15.58 5.31 1.83
N GLY B 715 14.89 4.19 1.65
CA GLY B 715 14.89 3.50 0.37
C GLY B 715 14.34 4.35 -0.76
N TYR B 716 13.33 5.17 -0.45
CA TYR B 716 12.69 6.05 -1.42
C TYR B 716 13.72 7.04 -1.96
N ILE B 717 14.47 7.66 -1.07
CA ILE B 717 15.44 8.69 -1.40
C ILE B 717 16.67 8.10 -2.09
N LEU B 718 17.14 6.94 -1.62
CA LEU B 718 18.34 6.32 -2.16
C LEU B 718 18.06 5.62 -3.49
N THR B 719 16.79 5.44 -3.85
CA THR B 719 16.45 4.97 -5.19
C THR B 719 16.39 6.17 -6.13
N TYR B 720 15.71 7.24 -5.72
CA TYR B 720 15.44 8.34 -6.63
C TYR B 720 16.69 9.16 -6.89
N ALA B 721 17.52 9.38 -5.86
CA ALA B 721 18.71 10.21 -5.99
C ALA B 721 19.62 9.68 -7.11
N PRO B 722 20.05 8.40 -7.11
CA PRO B 722 20.86 7.91 -8.22
C PRO B 722 20.18 8.01 -9.57
N PHE B 723 18.87 7.77 -9.63
CA PHE B 723 18.16 7.84 -10.89
C PHE B 723 18.22 9.27 -11.42
N VAL B 724 17.87 10.25 -10.59
CA VAL B 724 17.77 11.62 -11.04
C VAL B 724 19.16 12.10 -11.47
N ILE B 725 20.21 11.68 -10.75
CA ILE B 725 21.57 12.08 -11.09
C ILE B 725 22.05 11.34 -12.34
N ALA B 726 22.01 10.00 -12.34
CA ALA B 726 22.60 9.23 -13.42
C ALA B 726 21.83 9.37 -14.73
N SER B 727 20.51 9.56 -14.64
CA SER B 727 19.67 9.82 -15.80
C SER B 727 20.18 11.02 -16.57
N THR B 728 20.48 12.11 -15.86
CA THR B 728 20.86 13.38 -16.45
C THR B 728 22.30 13.34 -16.93
N VAL B 729 23.20 12.79 -16.10
CA VAL B 729 24.60 12.63 -16.48
C VAL B 729 24.68 11.72 -17.70
N GLY B 730 23.89 10.65 -17.68
CA GLY B 730 23.87 9.68 -18.77
C GLY B 730 23.42 10.28 -20.10
N LYS B 731 22.49 11.25 -20.05
CA LYS B 731 21.92 11.83 -21.25
C LYS B 731 22.82 12.95 -21.79
N PHE B 732 23.33 13.82 -20.91
CA PHE B 732 24.00 15.04 -21.33
C PHE B 732 25.52 14.95 -21.07
N ALA C 1 4.62 -1.45 36.16
CA ALA C 1 3.32 -2.15 36.04
C ALA C 1 2.32 -1.27 35.27
N HIS C 2 1.33 -1.92 34.67
CA HIS C 2 0.24 -1.22 34.01
C HIS C 2 -0.69 -0.65 35.08
N ASN C 3 -1.34 0.49 34.77
CA ASN C 3 -2.35 1.05 35.64
C ASN C 3 -3.72 0.56 35.18
N VAL C 4 -4.53 0.08 36.12
CA VAL C 4 -5.90 -0.29 35.86
C VAL C 4 -6.76 0.53 36.82
N LYS C 5 -7.78 1.22 36.30
CA LYS C 5 -8.65 2.02 37.13
C LYS C 5 -10.09 1.61 36.85
N ILE C 6 -10.93 1.66 37.89
CA ILE C 6 -12.35 1.39 37.74
C ILE C 6 -13.09 2.67 38.10
N TYR C 7 -13.97 3.12 37.21
CA TYR C 7 -14.71 4.37 37.36
C TYR C 7 -16.10 4.08 37.90
N ASP C 8 -16.80 5.12 38.39
CA ASP C 8 -18.00 4.94 39.18
C ASP C 8 -19.25 4.65 38.34
N THR C 9 -19.09 4.52 37.02
CA THR C 9 -20.18 4.08 36.15
C THR C 9 -20.30 2.55 36.12
N CYS C 10 -19.43 1.82 36.83
CA CYS C 10 -19.49 0.37 36.91
C CYS C 10 -20.90 -0.05 37.35
N ILE C 11 -21.45 -1.09 36.70
CA ILE C 11 -22.76 -1.65 37.05
C ILE C 11 -22.60 -3.04 37.69
N GLY C 12 -21.39 -3.41 38.09
CA GLY C 12 -21.14 -4.65 38.82
C GLY C 12 -21.58 -5.91 38.08
N CYS C 13 -21.32 -5.99 36.77
CA CYS C 13 -21.73 -7.13 35.96
C CYS C 13 -20.77 -8.31 36.10
N THR C 14 -19.52 -8.06 36.51
CA THR C 14 -18.49 -9.07 36.76
C THR C 14 -17.78 -9.53 35.48
N GLN C 15 -18.13 -9.00 34.30
CA GLN C 15 -17.61 -9.55 33.06
C GLN C 15 -16.10 -9.30 32.91
N CYS C 16 -15.59 -8.18 33.42
CA CYS C 16 -14.17 -7.89 33.33
C CYS C 16 -13.37 -8.89 34.16
N VAL C 17 -13.85 -9.17 35.36
CA VAL C 17 -13.21 -10.12 36.26
C VAL C 17 -13.14 -11.49 35.60
N ARG C 18 -14.24 -11.90 34.97
CA ARG C 18 -14.31 -13.19 34.30
C ARG C 18 -13.39 -13.24 33.09
N ALA C 19 -13.20 -12.09 32.42
CA ALA C 19 -12.39 -12.03 31.21
C ALA C 19 -10.90 -12.11 31.52
N CYS C 20 -10.48 -11.68 32.72
CA CYS C 20 -9.08 -11.43 32.98
C CYS C 20 -8.32 -12.74 33.08
N PRO C 21 -7.27 -12.96 32.26
CA PRO C 21 -6.52 -14.21 32.30
C PRO C 21 -5.36 -14.23 33.29
N CYS C 22 -5.17 -13.14 34.06
CA CYS C 22 -4.05 -13.05 34.99
C CYS C 22 -4.50 -12.84 36.45
N ASP C 23 -5.81 -12.90 36.71
CA ASP C 23 -6.40 -12.68 38.01
C ASP C 23 -5.92 -11.36 38.63
N VAL C 24 -6.14 -10.25 37.92
CA VAL C 24 -5.80 -8.93 38.42
C VAL C 24 -6.97 -8.35 39.19
N LEU C 25 -8.20 -8.76 38.85
CA LEU C 25 -9.42 -8.05 39.25
C LEU C 25 -10.24 -8.92 40.20
N GLU C 26 -11.13 -8.27 40.97
CA GLU C 26 -12.12 -8.99 41.76
C GLU C 26 -13.30 -8.08 42.07
N MET C 27 -14.42 -8.68 42.46
CA MET C 27 -15.63 -7.95 42.82
C MET C 27 -15.63 -7.68 44.32
N VAL C 28 -15.93 -6.44 44.72
CA VAL C 28 -15.99 -6.04 46.11
C VAL C 28 -17.35 -5.40 46.37
N PRO C 29 -17.90 -5.44 47.62
CA PRO C 29 -19.18 -4.79 47.92
C PRO C 29 -19.21 -3.28 47.67
N TRP C 30 -20.38 -2.77 47.27
CA TRP C 30 -20.56 -1.37 46.94
C TRP C 30 -22.04 -0.99 47.06
N ASP C 31 -22.33 0.30 47.23
CA ASP C 31 -23.69 0.81 47.35
C ASP C 31 -24.16 1.49 46.06
N GLY C 32 -23.23 1.74 45.13
CA GLY C 32 -23.45 2.70 44.06
C GLY C 32 -24.32 2.18 42.91
N CYS C 33 -24.53 0.86 42.83
CA CYS C 33 -25.29 0.28 41.74
C CYS C 33 -26.22 -0.81 42.26
N LYS C 34 -27.16 -1.20 41.40
CA LYS C 34 -28.20 -2.17 41.74
C LYS C 34 -27.60 -3.54 42.10
N ALA C 35 -26.45 -3.88 41.52
CA ALA C 35 -25.80 -5.16 41.76
C ALA C 35 -25.08 -5.18 43.11
N LEU C 36 -24.91 -4.02 43.74
CA LEU C 36 -24.34 -3.90 45.09
C LEU C 36 -22.88 -4.36 45.12
N GLN C 37 -22.17 -4.19 44.00
CA GLN C 37 -20.78 -4.59 43.90
C GLN C 37 -20.09 -3.74 42.83
N ILE C 38 -18.76 -3.62 42.94
CA ILE C 38 -17.96 -2.91 41.97
C ILE C 38 -16.71 -3.75 41.69
N ALA C 39 -16.16 -3.62 40.49
CA ALA C 39 -14.88 -4.21 40.13
C ALA C 39 -13.74 -3.52 40.86
N SER C 40 -12.67 -4.27 41.15
CA SER C 40 -11.51 -3.76 41.86
C SER C 40 -10.25 -4.34 41.21
N ALA C 41 -9.12 -3.63 41.28
CA ALA C 41 -7.89 -4.09 40.67
C ALA C 41 -6.78 -4.16 41.72
N PRO C 42 -6.81 -5.14 42.65
CA PRO C 42 -5.80 -5.25 43.69
C PRO C 42 -4.46 -5.88 43.29
N ARG C 43 -4.33 -6.44 42.08
CA ARG C 43 -3.13 -7.18 41.74
C ARG C 43 -2.59 -6.78 40.36
N THR C 44 -2.39 -5.47 40.16
CA THR C 44 -1.98 -4.95 38.87
C THR C 44 -0.52 -5.30 38.55
N GLU C 45 0.24 -5.80 39.53
CA GLU C 45 1.58 -6.28 39.26
C GLU C 45 1.55 -7.52 38.35
N ASP C 46 0.39 -8.17 38.23
CA ASP C 46 0.24 -9.34 37.37
C ASP C 46 -0.45 -8.97 36.05
N CYS C 47 -0.73 -7.68 35.80
CA CYS C 47 -1.47 -7.28 34.62
C CYS C 47 -0.56 -7.29 33.39
N VAL C 48 -1.00 -7.97 32.32
CA VAL C 48 -0.20 -8.05 31.10
C VAL C 48 -0.61 -6.97 30.11
N GLY C 49 -1.76 -6.32 30.32
CA GLY C 49 -2.19 -5.22 29.46
C GLY C 49 -2.89 -5.73 28.20
N CYS C 50 -3.54 -6.89 28.28
CA CYS C 50 -4.18 -7.51 27.13
C CYS C 50 -5.47 -6.80 26.75
N LYS C 51 -6.10 -6.12 27.72
CA LYS C 51 -7.30 -5.32 27.54
C LYS C 51 -8.53 -6.17 27.26
N ARG C 52 -8.52 -7.45 27.66
CA ARG C 52 -9.71 -8.29 27.55
C ARG C 52 -10.80 -7.76 28.47
N CYS C 53 -10.41 -7.17 29.59
CA CYS C 53 -11.34 -6.59 30.55
C CYS C 53 -12.17 -5.49 29.90
N GLU C 54 -11.51 -4.58 29.17
CA GLU C 54 -12.18 -3.48 28.49
C GLU C 54 -13.11 -4.00 27.40
N THR C 55 -12.68 -5.04 26.68
CA THR C 55 -13.52 -5.65 25.66
C THR C 55 -14.82 -6.14 26.28
N ALA C 56 -14.76 -6.67 27.51
CA ALA C 56 -15.90 -7.27 28.17
C ALA C 56 -16.86 -6.22 28.74
N CYS C 57 -16.39 -4.99 28.99
CA CYS C 57 -17.16 -4.02 29.76
C CYS C 57 -18.30 -3.45 28.94
N PRO C 58 -19.58 -3.60 29.39
CA PRO C 58 -20.73 -3.14 28.62
C PRO C 58 -21.06 -1.65 28.68
N THR C 59 -20.48 -0.88 29.60
CA THR C 59 -20.93 0.50 29.80
C THR C 59 -20.34 1.38 28.71
N ASP C 60 -20.95 2.56 28.52
CA ASP C 60 -20.52 3.51 27.50
C ASP C 60 -20.34 4.88 28.14
N PHE C 61 -19.11 5.41 28.20
CA PHE C 61 -17.87 4.74 27.82
C PHE C 61 -17.51 3.73 28.91
N LEU C 62 -16.33 3.11 28.79
CA LEU C 62 -15.88 2.04 29.66
C LEU C 62 -15.91 2.46 31.13
N SER C 63 -16.07 1.48 32.01
CA SER C 63 -15.94 1.68 33.45
C SER C 63 -14.61 1.15 33.98
N ILE C 64 -13.93 0.30 33.20
CA ILE C 64 -12.58 -0.15 33.53
C ILE C 64 -11.66 0.36 32.43
N ARG C 65 -10.46 0.79 32.82
CA ARG C 65 -9.52 1.39 31.87
C ARG C 65 -8.11 0.92 32.21
N VAL C 66 -7.36 0.50 31.18
CA VAL C 66 -5.99 0.03 31.34
C VAL C 66 -5.06 1.03 30.66
N TYR C 67 -4.16 1.65 31.44
CA TYR C 67 -3.17 2.58 30.92
C TYR C 67 -1.82 1.85 30.92
N LEU C 68 -1.31 1.52 29.73
CA LEU C 68 -0.05 0.77 29.64
C LEU C 68 1.09 1.65 30.16
N GLY C 69 1.97 1.03 30.96
CA GLY C 69 3.01 1.76 31.68
C GLY C 69 4.34 1.02 31.67
N ALA C 70 5.06 1.05 32.80
CA ALA C 70 6.41 0.53 32.89
C ALA C 70 6.40 -0.99 32.76
N GLU C 71 7.20 -1.50 31.81
CA GLU C 71 7.23 -2.92 31.50
C GLU C 71 8.09 -3.69 32.50
N THR C 72 7.64 -4.91 32.85
CA THR C 72 8.41 -5.85 33.64
C THR C 72 8.44 -7.18 32.91
N SER C 73 9.15 -8.17 33.46
CA SER C 73 9.12 -9.52 32.91
C SER C 73 7.69 -10.07 32.93
N ARG C 74 6.96 -9.80 34.02
CA ARG C 74 5.57 -10.22 34.16
C ARG C 74 4.71 -9.60 33.06
N SER C 75 4.77 -8.28 32.91
CA SER C 75 3.89 -7.54 32.03
C SER C 75 4.17 -7.85 30.56
N MET C 76 5.43 -8.20 30.23
CA MET C 76 5.83 -8.50 28.86
C MET C 76 5.47 -9.94 28.51
N GLY C 77 5.06 -10.72 29.52
CA GLY C 77 4.58 -12.08 29.31
C GLY C 77 5.70 -13.03 28.91
N LEU C 78 6.84 -12.94 29.60
CA LEU C 78 8.02 -13.72 29.25
C LEU C 78 8.07 -15.01 30.07
N ALA C 79 8.30 -16.13 29.38
CA ALA C 79 8.53 -17.42 30.01
C ALA C 79 9.99 -17.83 29.87
N TYR C 80 10.88 -16.84 29.73
CA TYR C 80 12.31 -17.08 29.58
C TYR C 80 13.09 -15.89 30.17
N THR D 1 -0.28 -24.03 53.15
CA THR D 1 1.07 -24.39 52.64
C THR D 1 0.91 -25.21 51.37
N LEU D 2 1.99 -25.29 50.58
CA LEU D 2 1.96 -25.94 49.28
C LEU D 2 2.04 -27.46 49.46
N ASN D 3 3.23 -27.96 49.84
CA ASN D 3 3.58 -29.38 49.87
C ASN D 3 4.32 -29.74 48.58
N LEU D 4 5.65 -29.75 48.66
CA LEU D 4 6.51 -29.92 47.50
C LEU D 4 6.56 -31.38 47.07
N LYS D 5 6.18 -32.29 47.97
CA LYS D 5 6.31 -33.73 47.73
C LYS D 5 5.03 -34.31 47.12
N MET D 6 4.03 -33.46 46.85
CA MET D 6 2.80 -33.84 46.18
C MET D 6 3.09 -34.41 44.80
N PRO D 7 2.42 -35.50 44.36
CA PRO D 7 2.71 -36.11 43.06
C PRO D 7 2.18 -35.31 41.87
N SER D 8 2.75 -35.59 40.69
CA SER D 8 2.45 -34.84 39.48
C SER D 8 1.66 -35.70 38.48
N PRO D 9 0.92 -35.08 37.55
CA PRO D 9 0.36 -35.82 36.42
C PRO D 9 1.42 -36.59 35.62
N SER D 10 0.99 -37.62 34.91
CA SER D 10 1.89 -38.39 34.08
C SER D 10 2.06 -37.67 32.74
N PHE D 11 3.33 -37.45 32.35
CA PHE D 11 3.63 -36.69 31.15
C PHE D 11 5.01 -37.10 30.65
N GLY D 12 5.13 -37.32 29.33
CA GLY D 12 6.37 -37.78 28.73
C GLY D 12 7.40 -36.66 28.57
N GLY D 13 6.99 -35.41 28.81
CA GLY D 13 7.90 -34.27 28.72
C GLY D 13 7.76 -33.54 27.39
N SER D 14 8.15 -32.26 27.37
CA SER D 14 8.12 -31.45 26.15
C SER D 14 9.25 -30.42 26.18
N THR D 15 9.42 -29.68 25.08
CA THR D 15 10.33 -28.56 25.04
C THR D 15 9.62 -27.26 25.44
N GLY D 16 8.33 -27.32 25.75
CA GLY D 16 7.55 -26.12 26.03
C GLY D 16 7.60 -25.68 27.49
N GLY D 17 8.18 -26.52 28.37
CA GLY D 17 8.23 -26.27 29.80
C GLY D 17 9.16 -25.13 30.17
N TRP D 18 9.51 -25.04 31.46
CA TRP D 18 10.18 -23.85 31.99
C TRP D 18 11.68 -23.89 31.72
N LEU D 19 12.28 -22.69 31.72
CA LEU D 19 13.68 -22.45 31.38
C LEU D 19 14.38 -21.81 32.57
N ARG D 20 15.60 -21.29 32.36
CA ARG D 20 16.46 -20.77 33.42
C ARG D 20 15.75 -19.76 34.34
N SER D 21 14.90 -18.89 33.78
CA SER D 21 14.25 -17.84 34.55
C SER D 21 13.37 -18.39 35.66
N ALA D 22 12.82 -19.59 35.46
CA ALA D 22 12.02 -20.23 36.50
C ALA D 22 12.88 -20.61 37.70
N GLU D 23 14.15 -20.96 37.46
CA GLU D 23 15.06 -21.38 38.51
C GLU D 23 15.54 -20.20 39.36
N ASN D 24 15.79 -19.04 38.74
CA ASN D 24 16.46 -17.95 39.43
C ASN D 24 15.71 -16.63 39.36
N GLU D 25 14.40 -16.67 39.07
CA GLU D 25 13.56 -15.49 39.25
C GLU D 25 12.32 -15.88 40.06
N GLU D 26 11.49 -16.74 39.47
CA GLU D 26 10.24 -17.16 40.10
C GLU D 26 9.57 -18.21 39.22
N LYS D 27 8.84 -19.13 39.85
CA LYS D 27 7.98 -20.04 39.13
C LYS D 27 6.65 -20.14 39.86
N TYR D 28 5.67 -20.76 39.18
CA TYR D 28 4.32 -20.87 39.71
C TYR D 28 3.99 -22.34 39.85
N ALA D 29 3.14 -22.66 40.83
CA ALA D 29 2.68 -24.02 41.07
C ALA D 29 1.17 -24.00 41.09
N ILE D 30 0.55 -25.03 40.49
CA ILE D 30 -0.88 -25.22 40.61
C ILE D 30 -1.09 -26.62 41.16
N THR D 31 -1.93 -26.73 42.22
CA THR D 31 -2.32 -28.02 42.76
C THR D 31 -3.83 -28.16 42.61
N TRP D 32 -4.29 -29.41 42.47
CA TRP D 32 -5.71 -29.69 42.50
C TRP D 32 -5.95 -31.14 42.87
N ILE D 33 -7.22 -31.45 43.17
CA ILE D 33 -7.66 -32.79 43.46
C ILE D 33 -8.64 -33.23 42.39
N SER D 34 -8.40 -34.41 41.81
CA SER D 34 -9.26 -35.00 40.82
C SER D 34 -9.87 -36.27 41.39
N LYS D 35 -11.10 -36.59 40.96
CA LYS D 35 -11.79 -37.79 41.41
C LYS D 35 -11.26 -39.02 40.67
N ASN D 36 -10.86 -38.84 39.40
CA ASN D 36 -10.48 -39.96 38.55
C ASN D 36 -9.30 -39.57 37.65
N GLU D 37 -8.63 -40.59 37.09
CA GLU D 37 -7.57 -40.39 36.12
C GLU D 37 -8.20 -39.89 34.82
N GLU D 38 -7.58 -38.86 34.21
CA GLU D 38 -8.20 -38.17 33.08
C GLU D 38 -7.12 -37.46 32.25
N VAL D 39 -7.29 -37.46 30.92
CA VAL D 39 -6.38 -36.79 30.01
C VAL D 39 -6.80 -35.32 29.89
N PHE D 40 -5.83 -34.40 29.97
CA PHE D 40 -6.08 -32.98 29.78
C PHE D 40 -4.95 -32.38 28.94
N GLU D 41 -5.14 -31.14 28.48
CA GLU D 41 -4.18 -30.48 27.62
C GLU D 41 -3.23 -29.63 28.48
N MET D 42 -1.93 -29.84 28.30
CA MET D 42 -0.94 -28.97 28.92
C MET D 42 -0.97 -27.60 28.24
N PRO D 43 -0.95 -26.47 28.99
CA PRO D 43 -0.85 -25.16 28.36
C PRO D 43 0.48 -24.93 27.64
N THR D 44 1.48 -25.78 27.94
CA THR D 44 2.74 -25.81 27.22
C THR D 44 2.71 -26.83 26.07
N ALA D 45 1.51 -27.32 25.71
CA ALA D 45 1.26 -28.22 24.58
C ALA D 45 1.48 -29.68 24.97
N GLY D 46 0.55 -30.53 24.51
CA GLY D 46 0.62 -31.97 24.68
C GLY D 46 -0.43 -32.46 25.68
N ALA D 47 -0.75 -33.76 25.59
CA ALA D 47 -1.70 -34.41 26.48
C ALA D 47 -0.95 -34.95 27.70
N ALA D 48 -1.55 -34.78 28.89
CA ALA D 48 -1.02 -35.32 30.12
C ALA D 48 -2.13 -36.06 30.86
N LEU D 49 -1.73 -36.98 31.75
CA LEU D 49 -2.68 -37.81 32.48
C LEU D 49 -2.76 -37.34 33.94
N MET D 50 -3.91 -36.77 34.27
CA MET D 50 -4.29 -36.39 35.63
C MET D 50 -4.37 -37.64 36.51
N ARG D 51 -3.62 -37.68 37.60
CA ARG D 51 -3.79 -38.65 38.67
C ARG D 51 -5.14 -38.47 39.36
N SER D 52 -5.71 -39.58 39.85
CA SER D 52 -6.78 -39.52 40.83
C SER D 52 -6.18 -39.09 42.17
N GLY D 53 -6.81 -38.09 42.80
CA GLY D 53 -6.27 -37.49 44.01
C GLY D 53 -5.48 -36.22 43.70
N GLU D 54 -4.38 -36.01 44.43
CA GLU D 54 -3.64 -34.77 44.39
C GLU D 54 -2.78 -34.68 43.13
N ASN D 55 -2.64 -33.45 42.61
CA ASN D 55 -1.89 -33.15 41.41
C ASN D 55 -1.12 -31.85 41.62
N LEU D 56 0.18 -31.84 41.28
CA LEU D 56 1.02 -30.65 41.34
C LEU D 56 1.73 -30.46 40.00
N LEU D 57 1.66 -29.22 39.47
CA LEU D 57 2.39 -28.84 38.26
C LEU D 57 3.09 -27.52 38.52
N TYR D 58 4.24 -27.32 37.86
CA TYR D 58 4.97 -26.05 37.88
C TYR D 58 4.98 -25.44 36.48
N PHE D 59 4.83 -24.12 36.43
CA PHE D 59 4.88 -23.37 35.19
C PHE D 59 5.70 -22.10 35.37
N ALA D 60 6.11 -21.52 34.23
CA ALA D 60 6.93 -20.31 34.20
C ALA D 60 6.09 -19.06 34.46
N ARG D 61 4.83 -19.05 34.02
CA ARG D 61 4.00 -17.85 34.08
C ARG D 61 2.71 -18.12 34.85
N LYS D 62 2.19 -17.08 35.51
CA LYS D 62 0.91 -17.13 36.21
C LYS D 62 -0.21 -17.44 35.24
N GLU D 63 -0.13 -16.88 34.03
CA GLU D 63 -1.17 -17.05 33.02
C GLU D 63 -1.28 -18.51 32.57
N GLN D 64 -0.18 -19.26 32.60
CA GLN D 64 -0.21 -20.67 32.26
C GLN D 64 -1.00 -21.45 33.30
N CYS D 65 -0.76 -21.15 34.60
CA CYS D 65 -1.49 -21.78 35.69
C CYS D 65 -2.99 -21.50 35.60
N LEU D 66 -3.34 -20.23 35.42
CA LEU D 66 -4.74 -19.81 35.35
C LEU D 66 -5.42 -20.41 34.12
N SER D 67 -4.71 -20.47 33.00
CA SER D 67 -5.22 -21.10 31.80
C SER D 67 -5.60 -22.56 32.11
N LEU D 68 -4.74 -23.28 32.82
CA LEU D 68 -5.02 -24.65 33.20
C LEU D 68 -6.21 -24.69 34.17
N GLY D 69 -6.21 -23.78 35.16
CA GLY D 69 -7.32 -23.63 36.08
C GLY D 69 -8.66 -23.53 35.35
N THR D 70 -8.73 -22.64 34.35
CA THR D 70 -9.94 -22.44 33.57
C THR D 70 -10.34 -23.73 32.83
N GLN D 71 -9.35 -24.47 32.33
CA GLN D 71 -9.60 -25.74 31.68
C GLN D 71 -10.14 -26.76 32.68
N LEU D 72 -9.55 -26.82 33.87
CA LEU D 72 -10.03 -27.71 34.93
C LEU D 72 -11.49 -27.41 35.24
N LYS D 73 -11.83 -26.13 35.37
CA LYS D 73 -13.17 -25.70 35.78
C LYS D 73 -14.17 -26.03 34.68
N THR D 74 -13.83 -25.68 33.42
CA THR D 74 -14.75 -25.75 32.31
C THR D 74 -14.96 -27.20 31.85
N GLN D 75 -13.84 -27.93 31.68
CA GLN D 75 -13.89 -29.24 31.04
C GLN D 75 -14.14 -30.36 32.05
N PHE D 76 -13.62 -30.22 33.27
CA PHE D 76 -13.60 -31.32 34.24
C PHE D 76 -14.40 -31.00 35.50
N LYS D 77 -14.93 -29.78 35.62
CA LYS D 77 -15.70 -29.35 36.77
C LYS D 77 -14.89 -29.46 38.07
N ILE D 78 -13.59 -29.18 38.00
CA ILE D 78 -12.71 -29.13 39.16
C ILE D 78 -12.54 -27.65 39.53
N ASP D 79 -12.96 -27.27 40.74
CA ASP D 79 -12.91 -25.89 41.18
C ASP D 79 -12.09 -25.75 42.47
N ASN D 80 -11.28 -26.76 42.79
CA ASN D 80 -10.56 -26.82 44.05
C ASN D 80 -9.08 -26.50 43.86
N TYR D 81 -8.71 -25.93 42.71
CA TYR D 81 -7.32 -25.73 42.37
C TYR D 81 -6.78 -24.51 43.12
N LYS D 82 -5.46 -24.51 43.36
CA LYS D 82 -4.78 -23.45 44.07
C LYS D 82 -3.50 -23.10 43.33
N ILE D 83 -3.15 -21.81 43.28
CA ILE D 83 -1.98 -21.34 42.55
C ILE D 83 -1.06 -20.62 43.51
N TYR D 84 0.25 -20.90 43.43
CA TYR D 84 1.27 -20.34 44.29
C TYR D 84 2.41 -19.78 43.46
N ARG D 85 3.05 -18.71 43.96
CA ARG D 85 4.31 -18.22 43.40
C ARG D 85 5.44 -18.76 44.27
N VAL D 86 6.47 -19.33 43.63
CA VAL D 86 7.58 -19.98 44.31
C VAL D 86 8.89 -19.28 43.96
N PHE D 87 9.59 -18.76 44.98
CA PHE D 87 10.83 -18.03 44.76
C PHE D 87 12.01 -18.99 44.85
N PRO D 88 13.18 -18.64 44.26
CA PRO D 88 14.37 -19.47 44.36
C PRO D 88 14.87 -19.72 45.78
N ASN D 89 14.69 -18.73 46.66
CA ASN D 89 15.13 -18.82 48.05
C ASN D 89 14.25 -19.79 48.86
N GLY D 90 13.12 -20.22 48.28
CA GLY D 90 12.28 -21.24 48.90
C GLY D 90 10.94 -20.68 49.39
N GLU D 91 10.79 -19.34 49.38
CA GLU D 91 9.58 -18.69 49.84
C GLU D 91 8.42 -19.01 48.89
N ILE D 92 7.20 -19.05 49.45
CA ILE D 92 5.99 -19.41 48.73
C ILE D 92 4.89 -18.41 49.07
N GLN D 93 4.33 -17.77 48.03
CA GLN D 93 3.14 -16.94 48.16
C GLN D 93 1.94 -17.67 47.59
N TYR D 94 0.83 -17.71 48.34
CA TYR D 94 -0.44 -18.19 47.81
C TYR D 94 -1.08 -17.05 47.02
N LEU D 95 -1.56 -17.35 45.80
CA LEU D 95 -2.03 -16.33 44.87
C LEU D 95 -3.54 -16.40 44.65
N HIS D 96 -4.08 -17.60 44.43
CA HIS D 96 -5.41 -17.72 43.84
C HIS D 96 -6.04 -19.05 44.25
N PRO D 97 -7.35 -19.12 44.60
CA PRO D 97 -8.18 -17.94 44.87
C PRO D 97 -7.78 -17.26 46.18
N LYS D 98 -7.57 -15.94 46.11
CA LYS D 98 -6.79 -15.21 47.10
C LYS D 98 -7.34 -15.41 48.51
N ASP D 99 -8.67 -15.28 48.66
CA ASP D 99 -9.30 -15.29 49.97
C ASP D 99 -10.20 -16.52 50.13
N GLY D 100 -10.01 -17.54 49.29
CA GLY D 100 -10.83 -18.74 49.33
C GLY D 100 -11.92 -18.74 48.26
N VAL D 101 -12.50 -17.56 48.00
CA VAL D 101 -13.60 -17.41 47.05
C VAL D 101 -13.03 -16.87 45.75
N PHE D 102 -13.59 -17.35 44.62
CA PHE D 102 -13.15 -16.88 43.31
C PHE D 102 -13.46 -15.39 43.17
N PRO D 103 -12.60 -14.63 42.45
CA PRO D 103 -12.73 -13.17 42.38
C PRO D 103 -14.03 -12.68 41.76
N GLU D 104 -14.66 -13.48 40.88
CA GLU D 104 -15.89 -13.09 40.20
C GLU D 104 -17.10 -13.07 41.16
N LYS D 105 -16.98 -13.73 42.31
CA LYS D 105 -18.05 -13.76 43.30
C LYS D 105 -17.75 -12.72 44.37
N VAL D 106 -18.71 -11.83 44.64
CA VAL D 106 -18.56 -10.81 45.67
C VAL D 106 -18.25 -11.52 46.98
N ASN D 107 -17.41 -10.91 47.80
CA ASN D 107 -17.05 -11.44 49.10
C ASN D 107 -16.80 -10.27 50.04
N GLU D 108 -17.52 -10.27 51.18
CA GLU D 108 -17.31 -9.25 52.20
C GLU D 108 -15.90 -9.44 52.77
N GLY D 109 -15.24 -8.33 53.11
CA GLY D 109 -13.85 -8.35 53.57
C GLY D 109 -12.91 -7.72 52.55
N ARG D 110 -13.24 -7.86 51.25
CA ARG D 110 -12.46 -7.25 50.20
C ARG D 110 -12.67 -5.73 50.21
N LYS D 111 -11.62 -4.99 49.84
CA LYS D 111 -11.63 -3.54 49.82
C LYS D 111 -11.32 -3.07 48.40
N ALA D 112 -11.98 -1.99 47.97
CA ALA D 112 -11.84 -1.48 46.62
C ALA D 112 -10.46 -0.87 46.44
N ILE D 113 -9.68 -1.43 45.50
CA ILE D 113 -8.41 -0.85 45.09
C ILE D 113 -8.56 -0.31 43.67
N ASN D 114 -7.97 0.88 43.43
CA ASN D 114 -7.91 1.50 42.13
C ASN D 114 -9.30 1.87 41.61
N THR D 115 -10.24 2.21 42.49
CA THR D 115 -11.51 2.78 42.04
C THR D 115 -11.41 4.30 42.13
N LEU D 116 -12.21 4.97 41.29
CA LEU D 116 -12.26 6.43 41.24
C LEU D 116 -13.70 6.86 41.41
N THR D 117 -13.92 8.01 42.07
CA THR D 117 -15.26 8.50 42.35
C THR D 117 -15.66 9.52 41.29
N ARG D 118 -15.56 9.11 40.02
CA ARG D 118 -15.98 9.92 38.90
C ARG D 118 -16.12 9.01 37.68
N SER D 119 -16.79 9.51 36.65
CA SER D 119 -16.83 8.86 35.35
C SER D 119 -15.55 9.21 34.60
N ILE D 120 -15.28 8.46 33.53
CA ILE D 120 -14.03 8.56 32.80
C ILE D 120 -13.89 9.92 32.12
N GLY D 121 -15.01 10.54 31.73
CA GLY D 121 -14.99 11.82 31.05
C GLY D 121 -14.64 13.02 31.94
N LYS D 122 -14.48 12.82 33.25
CA LYS D 122 -14.18 13.91 34.17
C LYS D 122 -12.71 13.90 34.59
N ASN D 123 -11.83 13.25 33.83
CA ASN D 123 -10.40 13.30 34.07
C ASN D 123 -9.86 14.67 33.64
N PRO D 124 -8.84 15.24 34.35
CA PRO D 124 -8.23 16.50 33.93
C PRO D 124 -7.36 16.39 32.69
N ASP D 125 -7.14 17.53 32.03
CA ASP D 125 -6.35 17.60 30.80
C ASP D 125 -4.87 17.36 31.12
N PRO D 126 -4.08 16.79 30.19
CA PRO D 126 -2.65 16.59 30.40
C PRO D 126 -1.88 17.85 30.79
N VAL D 127 -2.27 19.01 30.23
CA VAL D 127 -1.59 20.27 30.48
C VAL D 127 -1.61 20.62 31.97
N VAL D 128 -2.65 20.22 32.70
CA VAL D 128 -2.82 20.55 34.11
C VAL D 128 -1.79 19.81 34.98
N VAL D 129 -1.35 18.61 34.55
CA VAL D 129 -0.38 17.84 35.33
C VAL D 129 1.03 18.03 34.76
N LYS D 130 1.24 19.05 33.91
CA LYS D 130 2.54 19.29 33.31
C LYS D 130 3.52 19.82 34.36
N PHE D 131 4.66 19.14 34.50
CA PHE D 131 5.71 19.45 35.47
C PHE D 131 5.26 19.11 36.88
N ILE D 132 4.42 18.07 37.05
CA ILE D 132 4.19 17.43 38.34
C ILE D 132 4.04 15.94 38.12
N ASN D 133 4.17 15.15 39.19
CA ASN D 133 4.26 13.70 39.10
C ASN D 133 2.89 13.04 38.89
N LYS D 134 1.80 13.81 39.03
CA LYS D 134 0.45 13.27 38.88
C LYS D 134 0.22 12.76 37.45
N GLN D 135 -0.73 11.81 37.35
CA GLN D 135 -1.30 11.38 36.07
C GLN D 135 -2.72 11.90 36.00
N THR D 136 -3.28 11.95 34.79
CA THR D 136 -4.64 12.42 34.56
C THR D 136 -5.65 11.43 35.15
N PHE D 137 -5.27 10.15 35.26
CA PHE D 137 -6.19 9.11 35.70
C PHE D 137 -6.02 8.83 37.20
N GLU D 138 -5.12 9.54 37.89
CA GLU D 138 -4.95 9.39 39.32
C GLU D 138 -6.17 9.99 40.06
N MET E 1 -40.56 15.45 34.63
CA MET E 1 -39.93 14.30 35.34
C MET E 1 -39.60 13.20 34.34
N VAL E 2 -38.36 12.70 34.39
CA VAL E 2 -37.95 11.55 33.59
C VAL E 2 -38.55 10.30 34.23
N GLN E 3 -39.15 9.45 33.39
CA GLN E 3 -39.79 8.22 33.84
C GLN E 3 -39.89 7.26 32.64
N LYS E 4 -40.28 6.01 32.90
CA LYS E 4 -40.40 5.01 31.86
C LYS E 4 -41.24 5.56 30.71
N GLY E 5 -40.68 5.52 29.49
CA GLY E 5 -41.37 5.94 28.28
C GLY E 5 -41.04 7.38 27.88
N SER E 6 -40.27 8.09 28.70
CA SER E 6 -39.80 9.43 28.34
C SER E 6 -38.77 9.32 27.21
N LYS E 7 -38.85 10.24 26.26
CA LYS E 7 -37.77 10.47 25.30
C LYS E 7 -36.81 11.50 25.90
N VAL E 8 -35.52 11.18 25.88
CA VAL E 8 -34.51 12.04 26.51
C VAL E 8 -33.39 12.30 25.51
N LYS E 9 -32.78 13.48 25.63
CA LYS E 9 -31.57 13.81 24.91
C LYS E 9 -30.37 13.57 25.84
N ILE E 10 -29.29 12.99 25.30
CA ILE E 10 -28.12 12.63 26.09
C ILE E 10 -27.14 13.81 26.11
N LEU E 11 -26.62 14.12 27.31
CA LEU E 11 -25.70 15.24 27.50
C LEU E 11 -24.32 14.79 27.97
N ARG E 12 -24.08 13.48 28.13
CA ARG E 12 -22.76 12.96 28.45
C ARG E 12 -21.87 12.99 27.20
N LYS E 13 -20.74 13.71 27.27
CA LYS E 13 -19.93 14.00 26.09
C LYS E 13 -19.18 12.76 25.61
N GLU E 14 -18.76 11.88 26.54
CA GLU E 14 -18.02 10.69 26.16
C GLU E 14 -18.96 9.59 25.64
N SER E 15 -20.27 9.85 25.64
CA SER E 15 -21.25 8.87 25.18
C SER E 15 -21.23 8.74 23.67
N TYR E 16 -21.45 7.51 23.18
CA TYR E 16 -21.65 7.28 21.75
C TYR E 16 -22.87 8.06 21.27
N TRP E 17 -23.88 8.24 22.14
CA TRP E 17 -25.16 8.83 21.76
C TRP E 17 -25.28 10.27 22.22
N TYR E 18 -24.16 10.96 22.47
CA TYR E 18 -24.18 12.35 22.84
C TYR E 18 -25.02 13.15 21.84
N GLN E 19 -25.97 13.94 22.38
CA GLN E 19 -26.85 14.82 21.62
C GLN E 19 -27.91 14.05 20.83
N GLU E 20 -28.02 12.73 21.04
CA GLU E 20 -29.04 11.93 20.37
C GLU E 20 -30.16 11.65 21.37
N ILE E 21 -31.25 11.08 20.85
CA ILE E 21 -32.45 10.80 21.64
C ILE E 21 -32.55 9.30 21.89
N GLY E 22 -32.85 8.93 23.14
CA GLY E 22 -33.16 7.57 23.50
C GLY E 22 -34.44 7.49 24.32
N ASN E 23 -34.89 6.26 24.60
CA ASN E 23 -36.11 6.00 25.34
C ASN E 23 -35.76 5.49 26.74
N VAL E 24 -36.33 6.10 27.77
CA VAL E 24 -36.13 5.65 29.14
C VAL E 24 -36.87 4.33 29.32
N VAL E 25 -36.16 3.33 29.89
CA VAL E 25 -36.66 1.98 30.05
C VAL E 25 -37.09 1.77 31.51
N THR E 26 -36.23 2.16 32.44
CA THR E 26 -36.56 2.18 33.85
C THR E 26 -35.80 3.30 34.54
N VAL E 27 -36.29 3.71 35.72
CA VAL E 27 -35.60 4.59 36.63
C VAL E 27 -35.43 3.84 37.95
N GLU E 28 -34.19 3.74 38.43
CA GLU E 28 -33.88 2.97 39.64
C GLU E 28 -34.22 3.81 40.88
N LYS E 29 -34.25 3.13 42.04
CA LYS E 29 -34.79 3.64 43.28
C LYS E 29 -34.16 4.98 43.67
N SER E 30 -32.99 4.93 44.31
CA SER E 30 -32.36 6.08 44.97
C SER E 30 -31.12 5.58 45.70
N GLY E 31 -30.02 6.34 45.58
CA GLY E 31 -28.71 5.88 46.02
C GLY E 31 -27.87 5.37 44.85
N ILE E 32 -28.53 4.89 43.79
CA ILE E 32 -27.87 4.48 42.56
C ILE E 32 -27.33 5.75 41.88
N LYS E 33 -26.05 5.73 41.52
CA LYS E 33 -25.38 6.91 40.98
C LYS E 33 -25.87 7.22 39.57
N TYR E 34 -26.23 6.18 38.80
CA TYR E 34 -26.72 6.34 37.44
C TYR E 34 -28.01 5.53 37.29
N PRO E 35 -29.15 6.06 37.77
CA PRO E 35 -30.39 5.29 37.84
C PRO E 35 -31.25 5.25 36.58
N ILE E 36 -31.01 6.12 35.59
CA ILE E 36 -31.87 6.20 34.40
C ILE E 36 -31.29 5.29 33.31
N ILE E 37 -32.01 4.21 33.01
CA ILE E 37 -31.64 3.29 31.94
C ILE E 37 -32.31 3.77 30.65
N VAL E 38 -31.51 3.92 29.58
CA VAL E 38 -31.99 4.43 28.30
C VAL E 38 -31.64 3.43 27.21
N ARG E 39 -32.57 3.24 26.25
CA ARG E 39 -32.33 2.38 25.10
C ARG E 39 -32.31 3.22 23.83
N PHE E 40 -31.48 2.79 22.86
CA PHE E 40 -31.26 3.53 21.63
C PHE E 40 -31.51 2.60 20.44
N ASP E 41 -31.78 3.20 19.26
CA ASP E 41 -31.93 2.43 18.03
C ASP E 41 -30.57 2.02 17.47
N LYS E 42 -29.60 2.93 17.45
CA LYS E 42 -28.26 2.66 16.98
C LYS E 42 -27.46 1.91 18.03
N VAL E 43 -26.70 0.89 17.63
CA VAL E 43 -25.72 0.25 18.50
C VAL E 43 -24.43 1.08 18.49
N ASN E 44 -23.70 1.04 19.61
CA ASN E 44 -22.39 1.68 19.70
C ASN E 44 -21.35 0.76 19.05
N TYR E 45 -20.07 1.05 19.24
CA TYR E 45 -19.00 0.31 18.58
C TYR E 45 -18.81 -1.07 19.20
N ALA E 46 -19.22 -1.24 20.46
CA ALA E 46 -19.16 -2.52 21.15
C ALA E 46 -20.39 -3.37 20.86
N GLY E 47 -21.41 -2.79 20.22
CA GLY E 47 -22.61 -3.52 19.83
C GLY E 47 -23.77 -3.40 20.82
N VAL E 48 -23.68 -2.49 21.81
CA VAL E 48 -24.74 -2.39 22.82
C VAL E 48 -25.64 -1.20 22.47
N ASN E 49 -26.91 -1.28 22.92
CA ASN E 49 -27.88 -0.23 22.63
C ASN E 49 -28.53 0.31 23.91
N THR E 50 -27.93 0.07 25.07
CA THR E 50 -28.49 0.51 26.35
C THR E 50 -27.38 1.01 27.25
N ASN E 51 -27.66 2.01 28.08
CA ASN E 51 -26.70 2.55 29.01
C ASN E 51 -27.42 3.25 30.17
N ASN E 52 -26.73 3.40 31.30
CA ASN E 52 -27.26 4.05 32.50
C ASN E 52 -26.72 5.47 32.61
N PHE E 53 -27.60 6.42 32.92
CA PHE E 53 -27.24 7.82 33.01
C PHE E 53 -27.76 8.42 34.32
N ALA E 54 -27.12 9.52 34.73
CA ALA E 54 -27.61 10.36 35.81
C ALA E 54 -28.66 11.33 35.28
N SER E 55 -29.39 11.98 36.19
CA SER E 55 -30.39 12.98 35.84
C SER E 55 -29.75 14.20 35.16
N GLU E 56 -28.55 14.58 35.64
CA GLU E 56 -27.81 15.69 35.07
C GLU E 56 -27.43 15.45 33.61
N GLU E 57 -27.28 14.17 33.22
CA GLU E 57 -26.75 13.82 31.91
C GLU E 57 -27.85 13.72 30.85
N VAL E 58 -29.12 13.84 31.24
CA VAL E 58 -30.21 13.72 30.29
C VAL E 58 -31.11 14.94 30.41
N ILE E 59 -31.87 15.21 29.35
CA ILE E 59 -32.94 16.20 29.38
C ILE E 59 -34.13 15.63 28.63
N GLU E 60 -35.33 15.77 29.21
CA GLU E 60 -36.55 15.21 28.64
C GLU E 60 -36.96 16.00 27.41
N ILE E 61 -37.47 15.27 26.39
CA ILE E 61 -38.03 15.85 25.19
C ILE E 61 -39.54 15.65 25.23
N GLU E 62 -39.98 14.38 25.23
CA GLU E 62 -41.39 14.02 25.20
C GLU E 62 -41.81 13.52 26.58
N ALA E 63 -43.13 13.50 26.82
CA ALA E 63 -43.70 13.47 28.15
C ALA E 63 -43.59 12.11 28.83
N PRO E 64 -44.15 11.01 28.26
CA PRO E 64 -44.39 9.80 29.04
C PRO E 64 -43.17 9.25 29.77
N GLU F 1 -6.93 35.40 -29.08
CA GLU F 1 -6.10 34.67 -28.08
C GLU F 1 -6.08 33.19 -28.43
N PHE F 2 -5.35 32.40 -27.64
CA PHE F 2 -5.02 31.02 -27.94
C PHE F 2 -4.20 30.96 -29.23
N ASN F 3 -3.15 31.77 -29.29
CA ASN F 3 -2.28 31.84 -30.46
C ASN F 3 -1.43 30.58 -30.59
N ASN F 4 -1.27 29.84 -29.49
CA ASN F 4 -0.56 28.57 -29.50
C ASN F 4 -1.46 27.45 -30.02
N LEU F 5 -2.76 27.72 -30.22
CA LEU F 5 -3.70 26.73 -30.76
C LEU F 5 -4.17 27.18 -32.14
N ILE F 6 -4.79 26.25 -32.87
CA ILE F 6 -5.35 26.51 -34.20
C ILE F 6 -6.57 25.62 -34.37
N PRO F 7 -7.62 26.01 -35.13
CA PRO F 7 -8.69 25.09 -35.49
C PRO F 7 -8.18 23.82 -36.15
N CYS F 8 -8.75 22.67 -35.76
CA CYS F 8 -8.26 21.37 -36.20
C CYS F 8 -8.41 21.19 -37.71
N LYS F 9 -9.35 21.91 -38.34
CA LYS F 9 -9.51 21.87 -39.78
C LYS F 9 -8.39 22.62 -40.51
N GLU F 10 -7.73 23.56 -39.82
CA GLU F 10 -6.63 24.31 -40.39
C GLU F 10 -5.29 23.65 -40.05
N SER F 11 -5.30 22.59 -39.24
CA SER F 11 -4.08 21.99 -38.70
C SER F 11 -3.51 20.95 -39.66
N LYS F 12 -2.23 21.09 -40.01
CA LYS F 12 -1.56 20.16 -40.89
C LYS F 12 -1.17 18.89 -40.13
N ILE F 13 -0.89 19.02 -38.83
CA ILE F 13 -0.51 17.88 -38.00
C ILE F 13 -1.74 16.98 -37.82
N PHE F 14 -2.90 17.60 -37.57
CA PHE F 14 -4.15 16.87 -37.37
C PHE F 14 -4.51 16.10 -38.64
N ASN F 15 -4.28 16.69 -39.81
CA ASN F 15 -4.57 16.03 -41.08
C ASN F 15 -3.60 14.88 -41.32
N LYS F 16 -2.31 15.06 -41.00
CA LYS F 16 -1.32 14.01 -41.18
C LYS F 16 -1.66 12.80 -40.31
N ARG F 17 -2.23 13.04 -39.12
CA ARG F 17 -2.64 11.95 -38.24
C ARG F 17 -3.69 11.08 -38.92
N LEU F 18 -4.66 11.70 -39.60
CA LEU F 18 -5.66 10.97 -40.35
C LEU F 18 -4.98 10.10 -41.41
N GLU F 19 -4.11 10.73 -42.22
CA GLU F 19 -3.44 10.05 -43.32
C GLU F 19 -2.68 8.84 -42.82
N SER F 20 -1.87 9.03 -41.77
CA SER F 20 -1.03 7.96 -41.25
C SER F 20 -1.87 6.85 -40.63
N THR F 21 -2.99 7.20 -39.98
CA THR F 21 -3.85 6.20 -39.37
C THR F 21 -4.48 5.32 -40.44
N ILE F 22 -4.99 5.96 -41.50
CA ILE F 22 -5.65 5.26 -42.60
C ILE F 22 -4.64 4.40 -43.35
N LYS F 23 -3.44 4.95 -43.62
CA LYS F 23 -2.39 4.24 -44.32
C LYS F 23 -2.04 2.93 -43.61
N LYS F 24 -2.02 2.94 -42.27
CA LYS F 24 -1.77 1.73 -41.50
C LYS F 24 -2.91 0.73 -41.70
N LEU F 25 -4.16 1.22 -41.68
CA LEU F 25 -5.33 0.37 -41.77
C LEU F 25 -5.44 -0.27 -43.16
N GLU F 26 -5.03 0.46 -44.20
CA GLU F 26 -5.09 -0.04 -45.56
C GLU F 26 -4.03 -1.10 -45.81
N ASN F 27 -2.89 -1.00 -45.11
CA ASN F 27 -1.88 -2.06 -45.16
C ASN F 27 -2.44 -3.33 -44.51
N LYS F 28 -3.16 -3.16 -43.40
CA LYS F 28 -3.79 -4.27 -42.70
C LYS F 28 -4.87 -4.89 -43.57
N LEU F 29 -5.58 -4.04 -44.34
CA LEU F 29 -6.68 -4.47 -45.20
C LEU F 29 -6.18 -5.34 -46.34
N SER F 30 -4.96 -5.07 -46.84
CA SER F 30 -4.42 -5.76 -48.01
C SER F 30 -4.10 -7.23 -47.72
N LYS F 31 -3.98 -7.60 -46.43
CA LYS F 31 -3.68 -8.96 -46.02
C LYS F 31 -4.90 -9.88 -46.16
N TYR F 32 -6.10 -9.33 -46.41
CA TYR F 32 -7.31 -10.13 -46.43
C TYR F 32 -7.99 -10.05 -47.81
N GLU F 33 -8.85 -11.05 -48.08
CA GLU F 33 -9.57 -11.16 -49.33
C GLU F 33 -10.81 -10.26 -49.30
N VAL F 34 -11.10 -9.61 -50.44
CA VAL F 34 -12.27 -8.75 -50.57
C VAL F 34 -13.52 -9.61 -50.33
N GLY F 35 -14.39 -9.14 -49.43
CA GLY F 35 -15.64 -9.84 -49.13
C GLY F 35 -15.57 -10.64 -47.83
N SER F 36 -14.35 -10.99 -47.37
CA SER F 36 -14.16 -11.76 -46.15
C SER F 36 -14.56 -10.94 -44.94
N SER F 37 -14.98 -11.64 -43.87
CA SER F 37 -15.39 -11.00 -42.63
C SER F 37 -14.28 -10.10 -42.08
N SER F 38 -13.03 -10.57 -42.15
CA SER F 38 -11.89 -9.79 -41.70
C SER F 38 -11.79 -8.48 -42.48
N TYR F 39 -11.94 -8.59 -43.81
CA TYR F 39 -11.84 -7.43 -44.69
C TYR F 39 -12.89 -6.39 -44.33
N LEU F 40 -14.13 -6.84 -44.09
CA LEU F 40 -15.24 -5.94 -43.80
C LEU F 40 -15.03 -5.25 -42.45
N ALA F 41 -14.44 -5.97 -41.50
CA ALA F 41 -14.15 -5.42 -40.17
C ALA F 41 -13.19 -4.25 -40.28
N ILE F 42 -12.12 -4.44 -41.06
CA ILE F 42 -11.11 -3.41 -41.24
C ILE F 42 -11.74 -2.21 -41.97
N LYS F 43 -12.60 -2.47 -42.96
CA LYS F 43 -13.29 -1.40 -43.66
C LYS F 43 -14.14 -0.56 -42.71
N ASN F 44 -14.84 -1.23 -41.78
CA ASN F 44 -15.65 -0.51 -40.81
C ASN F 44 -14.79 0.40 -39.94
N THR F 45 -13.59 -0.08 -39.55
CA THR F 45 -12.67 0.73 -38.76
C THR F 45 -12.21 1.94 -39.57
N ILE F 46 -11.97 1.75 -40.88
CA ILE F 46 -11.53 2.84 -41.74
C ILE F 46 -12.63 3.91 -41.83
N ASN F 47 -13.87 3.48 -42.01
CA ASN F 47 -15.00 4.40 -42.12
C ASN F 47 -15.19 5.15 -40.80
N LYS F 48 -15.16 4.41 -39.68
CA LYS F 48 -15.33 5.01 -38.36
C LYS F 48 -14.22 6.03 -38.09
N THR F 49 -12.98 5.71 -38.48
CA THR F 49 -11.85 6.62 -38.28
C THR F 49 -12.08 7.90 -39.08
N ASN F 50 -12.42 7.76 -40.38
CA ASN F 50 -12.68 8.93 -41.23
C ASN F 50 -13.80 9.78 -40.62
N ASN F 51 -14.90 9.14 -40.20
CA ASN F 51 -16.02 9.88 -39.62
C ASN F 51 -15.56 10.72 -38.43
N ARG F 52 -14.72 10.14 -37.55
CA ARG F 52 -14.31 10.81 -36.34
C ARG F 52 -13.52 12.07 -36.67
N PHE F 53 -12.51 11.94 -37.54
CA PHE F 53 -11.62 13.05 -37.86
C PHE F 53 -12.37 14.18 -38.55
N HIS F 54 -13.33 13.82 -39.42
CA HIS F 54 -14.11 14.81 -40.16
C HIS F 54 -15.07 15.53 -39.22
N LYS F 55 -15.66 14.79 -38.27
CA LYS F 55 -16.54 15.36 -37.26
C LYS F 55 -15.82 16.43 -36.45
N TYR F 56 -14.57 16.15 -36.03
CA TYR F 56 -13.81 17.09 -35.22
C TYR F 56 -13.41 18.29 -36.06
N MET F 57 -13.07 18.06 -37.34
CA MET F 57 -12.71 19.12 -38.26
C MET F 57 -13.85 20.13 -38.44
N GLU F 58 -15.09 19.64 -38.51
CA GLU F 58 -16.24 20.48 -38.77
C GLU F 58 -16.77 21.16 -37.50
N SER F 59 -16.17 20.87 -36.33
CA SER F 59 -16.73 21.28 -35.04
C SER F 59 -16.21 22.65 -34.59
N GLY F 60 -15.00 23.02 -35.00
CA GLY F 60 -14.37 24.22 -34.46
C GLY F 60 -13.74 24.00 -33.08
N VAL F 61 -13.38 22.74 -32.76
CA VAL F 61 -12.52 22.45 -31.63
C VAL F 61 -11.08 22.85 -32.03
N LEU F 62 -10.33 23.40 -31.07
CA LEU F 62 -8.97 23.85 -31.32
C LEU F 62 -8.00 22.68 -31.19
N CYS F 63 -6.89 22.75 -31.94
CA CYS F 63 -5.83 21.75 -31.91
C CYS F 63 -4.53 22.37 -31.43
N GLY F 64 -3.77 21.61 -30.63
CA GLY F 64 -2.43 22.02 -30.22
C GLY F 64 -1.40 21.77 -31.32
N LYS F 65 -0.13 21.99 -31.01
CA LYS F 65 0.97 21.76 -31.93
C LYS F 65 1.25 20.26 -32.09
N ASP F 66 0.78 19.46 -31.13
CA ASP F 66 0.74 18.01 -31.24
C ASP F 66 -0.27 17.53 -32.29
N GLY F 67 -1.19 18.40 -32.71
CA GLY F 67 -2.22 18.04 -33.67
C GLY F 67 -3.33 17.20 -33.02
N LEU F 68 -3.69 17.52 -31.77
CA LEU F 68 -4.72 16.83 -31.04
C LEU F 68 -5.73 17.86 -30.52
N PRO F 69 -7.04 17.56 -30.42
CA PRO F 69 -8.00 18.48 -29.84
C PRO F 69 -7.70 18.87 -28.39
N HIS F 70 -7.64 20.18 -28.13
CA HIS F 70 -7.49 20.72 -26.79
C HIS F 70 -8.78 21.45 -26.40
N LEU F 71 -9.30 21.18 -25.20
CA LEU F 71 -10.58 21.72 -24.75
C LEU F 71 -10.37 22.95 -23.87
N ILE F 72 -11.26 23.93 -24.02
CA ILE F 72 -11.21 25.18 -23.26
C ILE F 72 -12.33 25.14 -22.23
N ALA F 73 -11.97 25.30 -20.95
CA ALA F 73 -12.91 25.17 -19.84
C ALA F 73 -12.81 26.38 -18.91
N ASP F 74 -12.84 27.59 -19.48
CA ASP F 74 -12.76 28.81 -18.69
C ASP F 74 -14.13 29.49 -18.54
N GLY F 75 -15.12 29.02 -19.30
CA GLY F 75 -16.48 29.52 -19.19
C GLY F 75 -16.98 30.19 -20.47
N ARG F 76 -16.08 30.53 -21.40
CA ARG F 76 -16.50 31.22 -22.61
C ARG F 76 -17.45 30.33 -23.40
N TRP F 77 -18.50 30.94 -23.97
CA TRP F 77 -19.63 30.21 -24.52
C TRP F 77 -19.32 29.58 -25.87
N SER F 78 -18.31 30.10 -26.59
CA SER F 78 -17.88 29.49 -27.83
C SER F 78 -17.30 28.08 -27.62
N HIS F 79 -17.01 27.69 -26.37
CA HIS F 79 -16.58 26.32 -26.07
C HIS F 79 -17.48 25.65 -25.05
N ALA F 80 -18.76 26.03 -25.01
CA ALA F 80 -19.70 25.57 -24.01
C ALA F 80 -19.88 24.06 -24.06
N GLY F 81 -19.86 23.49 -25.27
CA GLY F 81 -20.06 22.07 -25.47
C GLY F 81 -18.90 21.23 -24.94
N GLU F 82 -17.74 21.85 -24.73
CA GLU F 82 -16.54 21.15 -24.30
C GLU F 82 -16.59 20.87 -22.80
N PHE F 83 -17.29 21.67 -22.00
CA PHE F 83 -17.29 21.44 -20.57
C PHE F 83 -18.57 21.94 -19.88
N VAL F 84 -19.00 23.17 -20.14
CA VAL F 84 -20.14 23.72 -19.43
C VAL F 84 -21.40 22.87 -19.64
N ILE F 85 -21.71 22.50 -20.88
CA ILE F 85 -22.95 21.77 -21.16
C ILE F 85 -22.85 20.34 -20.60
N PRO F 86 -21.76 19.58 -20.82
CA PRO F 86 -21.57 18.33 -20.08
C PRO F 86 -21.71 18.45 -18.57
N SER F 87 -21.24 19.57 -18.00
CA SER F 87 -21.30 19.81 -16.56
C SER F 87 -22.74 19.93 -16.07
N LEU F 88 -23.57 20.70 -16.78
CA LEU F 88 -24.97 20.87 -16.42
C LEU F 88 -25.71 19.53 -16.48
N LEU F 89 -25.42 18.75 -17.52
CA LEU F 89 -25.97 17.42 -17.69
C LEU F 89 -25.59 16.54 -16.50
N PHE F 90 -24.31 16.57 -16.08
CA PHE F 90 -23.84 15.74 -14.98
C PHE F 90 -24.54 16.14 -13.69
N ILE F 91 -24.61 17.44 -13.42
CA ILE F 91 -25.20 17.93 -12.18
C ILE F 91 -26.66 17.52 -12.11
N TYR F 92 -27.39 17.66 -13.23
CA TYR F 92 -28.79 17.31 -13.26
C TYR F 92 -29.00 15.82 -12.93
N ILE F 93 -28.18 14.95 -13.52
CA ILE F 93 -28.31 13.52 -13.31
C ILE F 93 -27.86 13.14 -11.91
N SER F 94 -26.70 13.64 -11.48
CA SER F 94 -26.12 13.22 -10.21
C SER F 94 -26.99 13.72 -9.05
N GLY F 95 -27.50 14.94 -9.18
CA GLY F 95 -28.41 15.50 -8.21
C GLY F 95 -29.70 14.69 -8.08
N TRP F 96 -30.18 14.15 -9.20
CA TRP F 96 -31.36 13.29 -9.23
C TRP F 96 -31.10 12.03 -8.41
N ILE F 97 -29.99 11.34 -8.71
CA ILE F 97 -29.64 10.10 -8.03
C ILE F 97 -29.57 10.35 -6.53
N GLY F 98 -28.86 11.41 -6.14
CA GLY F 98 -28.70 11.76 -4.74
C GLY F 98 -30.05 12.08 -4.09
N TRP F 99 -30.88 12.88 -4.77
CA TRP F 99 -32.11 13.37 -4.19
C TRP F 99 -33.10 12.23 -3.96
N VAL F 100 -33.22 11.31 -4.93
CA VAL F 100 -34.20 10.23 -4.82
C VAL F 100 -33.70 9.21 -3.80
N GLY F 101 -32.38 9.02 -3.74
CA GLY F 101 -31.79 8.14 -2.74
C GLY F 101 -32.00 8.66 -1.32
N ARG F 102 -31.80 9.96 -1.13
CA ARG F 102 -32.08 10.59 0.14
C ARG F 102 -33.56 10.48 0.51
N GLY F 103 -34.46 10.62 -0.46
CA GLY F 103 -35.90 10.52 -0.21
C GLY F 103 -36.32 9.11 0.23
N TYR F 104 -35.79 8.09 -0.45
CA TYR F 104 -36.05 6.70 -0.09
C TYR F 104 -35.56 6.39 1.33
N LEU F 105 -34.32 6.79 1.65
CA LEU F 105 -33.76 6.55 2.98
C LEU F 105 -34.71 7.08 4.06
N SER F 106 -35.21 8.31 3.88
CA SER F 106 -36.04 8.94 4.89
C SER F 106 -37.38 8.23 5.02
N ALA F 107 -37.93 7.74 3.90
CA ALA F 107 -39.22 7.07 3.89
C ALA F 107 -39.19 5.78 4.73
N ILE F 108 -38.11 5.00 4.61
CA ILE F 108 -38.05 3.70 5.26
C ILE F 108 -37.73 3.85 6.74
N LYS F 109 -37.09 4.96 7.14
CA LYS F 109 -36.82 5.23 8.54
C LYS F 109 -38.11 5.42 9.33
N ASN F 110 -39.20 5.77 8.63
CA ASN F 110 -40.51 5.93 9.25
C ASN F 110 -41.32 4.63 9.13
N THR F 111 -40.63 3.48 9.32
CA THR F 111 -41.26 2.17 9.27
C THR F 111 -40.55 1.25 10.28
N ASN F 112 -41.07 0.02 10.41
CA ASN F 112 -40.45 -1.01 11.25
C ASN F 112 -39.36 -1.76 10.48
N LYS F 113 -39.31 -1.60 9.15
CA LYS F 113 -38.33 -2.27 8.32
C LYS F 113 -37.25 -1.29 7.87
N ALA F 114 -36.77 -0.43 8.78
CA ALA F 114 -35.80 0.59 8.44
C ALA F 114 -34.49 -0.03 7.97
N ILE F 115 -34.10 -1.16 8.59
CA ILE F 115 -32.86 -1.83 8.25
C ILE F 115 -33.10 -2.84 7.13
N GLU F 116 -34.19 -3.60 7.20
CA GLU F 116 -34.50 -4.61 6.20
C GLU F 116 -34.58 -3.98 4.81
N ASN F 117 -35.19 -2.79 4.71
CA ASN F 117 -35.44 -2.15 3.43
C ASN F 117 -34.16 -1.52 2.85
N GLU F 118 -33.03 -1.60 3.56
CA GLU F 118 -31.75 -1.19 3.02
C GLU F 118 -31.07 -2.33 2.27
N ILE F 119 -31.26 -3.58 2.72
CA ILE F 119 -30.61 -4.72 2.09
C ILE F 119 -31.58 -5.47 1.17
N ILE F 120 -32.88 -5.36 1.45
CA ILE F 120 -33.92 -5.87 0.57
C ILE F 120 -34.82 -4.71 0.21
N ILE F 121 -34.62 -4.14 -0.98
CA ILE F 121 -35.24 -2.89 -1.38
C ILE F 121 -36.75 -3.10 -1.50
N ASP F 122 -37.52 -2.14 -0.98
CA ASP F 122 -38.95 -2.03 -1.29
C ASP F 122 -39.08 -1.39 -2.67
N VAL F 123 -39.18 -2.23 -3.71
CA VAL F 123 -38.99 -1.76 -5.08
C VAL F 123 -40.11 -0.81 -5.48
N PRO F 124 -41.41 -1.05 -5.17
CA PRO F 124 -42.44 -0.06 -5.46
C PRO F 124 -42.13 1.30 -4.86
N LEU F 125 -41.71 1.31 -3.60
CA LEU F 125 -41.40 2.55 -2.90
C LEU F 125 -40.21 3.23 -3.58
N ALA F 126 -39.18 2.46 -3.94
CA ALA F 126 -38.01 2.99 -4.60
C ALA F 126 -38.37 3.63 -5.94
N LEU F 127 -39.23 2.98 -6.73
CA LEU F 127 -39.57 3.47 -8.06
C LEU F 127 -40.40 4.75 -7.98
N LYS F 128 -41.20 4.89 -6.92
CA LYS F 128 -41.95 6.11 -6.67
C LYS F 128 -40.99 7.29 -6.50
N PHE F 129 -39.94 7.10 -5.68
CA PHE F 129 -38.93 8.13 -5.44
C PHE F 129 -38.13 8.39 -6.71
N MET F 130 -37.72 7.33 -7.42
CA MET F 130 -36.93 7.47 -8.62
C MET F 130 -37.68 8.24 -9.70
N SER F 131 -39.00 8.04 -9.76
CA SER F 131 -39.85 8.71 -10.73
C SER F 131 -40.00 10.20 -10.46
N SER F 132 -39.72 10.63 -9.22
CA SER F 132 -40.01 11.98 -8.77
C SER F 132 -38.77 12.90 -8.83
N GLY F 133 -37.70 12.47 -9.50
CA GLY F 133 -36.42 13.16 -9.38
C GLY F 133 -36.27 14.36 -10.32
N PHE F 134 -37.18 14.51 -11.31
CA PHE F 134 -36.94 15.39 -12.44
C PHE F 134 -36.95 16.86 -12.03
N ILE F 135 -37.57 17.21 -10.90
CA ILE F 135 -37.53 18.59 -10.40
C ILE F 135 -36.79 18.66 -9.07
N TRP F 136 -35.71 17.87 -8.93
CA TRP F 136 -34.98 17.83 -7.68
C TRP F 136 -34.43 19.21 -7.32
N PRO F 137 -34.00 20.10 -8.27
CA PRO F 137 -33.45 21.38 -7.88
C PRO F 137 -34.41 22.25 -7.10
N LEU F 138 -35.68 22.28 -7.54
CA LEU F 138 -36.72 23.08 -6.88
C LEU F 138 -37.09 22.44 -5.55
N SER F 139 -37.30 21.12 -5.56
CA SER F 139 -37.57 20.37 -4.35
C SER F 139 -36.54 20.69 -3.26
N ALA F 140 -35.26 20.57 -3.64
CA ALA F 140 -34.15 20.76 -2.72
C ALA F 140 -34.11 22.20 -2.21
N LEU F 141 -34.45 23.16 -3.07
CA LEU F 141 -34.38 24.57 -2.72
C LEU F 141 -35.48 24.89 -1.71
N ARG F 142 -36.69 24.39 -1.97
CA ARG F 142 -37.80 24.62 -1.06
C ARG F 142 -37.54 23.93 0.28
N GLU F 143 -37.02 22.70 0.24
CA GLU F 143 -36.72 21.97 1.45
C GLU F 143 -35.73 22.76 2.30
N TYR F 144 -34.75 23.39 1.64
CA TYR F 144 -33.75 24.19 2.33
C TYR F 144 -34.38 25.39 3.03
N THR F 145 -35.26 26.13 2.33
CA THR F 145 -35.87 27.33 2.88
C THR F 145 -36.92 26.99 3.94
N LYS F 146 -37.56 25.82 3.83
CA LYS F 146 -38.49 25.35 4.85
C LYS F 146 -37.77 24.97 6.15
N GLY F 147 -36.45 24.70 6.07
CA GLY F 147 -35.70 24.24 7.23
C GLY F 147 -35.86 22.73 7.44
N ASP F 148 -36.08 21.98 6.35
CA ASP F 148 -36.23 20.54 6.40
C ASP F 148 -35.04 19.81 5.80
N LEU F 149 -34.10 20.53 5.17
CA LEU F 149 -32.95 19.91 4.54
C LEU F 149 -31.94 19.48 5.60
N LEU F 150 -31.68 20.34 6.60
CA LEU F 150 -30.55 20.20 7.51
C LEU F 150 -31.03 19.96 8.93
N MET F 151 -30.28 19.13 9.67
CA MET F 151 -30.41 19.03 11.11
C MET F 151 -29.64 20.18 11.76
N LYS F 152 -30.06 20.58 12.97
CA LYS F 152 -29.32 21.54 13.76
C LYS F 152 -28.05 20.87 14.28
N ASP F 153 -27.00 21.66 14.48
CA ASP F 153 -25.72 21.16 14.95
C ASP F 153 -25.87 20.46 16.31
N SER F 154 -26.81 20.93 17.13
CA SER F 154 -27.02 20.40 18.47
C SER F 154 -27.79 19.08 18.47
N GLU F 155 -28.29 18.64 17.29
CA GLU F 155 -29.07 17.43 17.17
C GLU F 155 -28.28 16.32 16.48
N VAL F 156 -26.99 16.56 16.21
CA VAL F 156 -26.12 15.58 15.57
C VAL F 156 -25.00 15.25 16.55
N THR F 157 -24.58 13.98 16.62
CA THR F 157 -23.58 13.59 17.60
C THR F 157 -22.20 14.10 17.17
N ILE F 158 -21.39 14.45 18.17
CA ILE F 158 -20.03 14.92 17.99
C ILE F 158 -19.17 14.27 19.07
N SER F 159 -17.85 14.25 18.83
CA SER F 159 -16.91 13.70 19.80
C SER F 159 -16.45 14.82 20.73
N PRO F 160 -15.75 14.52 21.85
CA PRO F 160 -15.16 15.56 22.69
C PRO F 160 -14.14 16.42 21.93
N ARG F 161 -13.96 17.66 22.41
CA ARG F 161 -13.09 18.65 21.79
C ARG F 161 -12.20 19.31 22.87
N MET G 1 56.89 12.65 5.96
CA MET G 1 55.41 12.79 6.10
C MET G 1 54.91 13.84 5.12
N THR G 2 53.86 13.48 4.36
CA THR G 2 53.20 14.35 3.42
C THR G 2 51.69 14.18 3.59
N ALA G 3 50.93 15.02 2.89
CA ALA G 3 49.47 15.09 3.04
C ALA G 3 48.78 13.97 2.26
N SER G 4 49.38 13.51 1.16
CA SER G 4 48.79 12.44 0.36
C SER G 4 48.77 11.11 1.10
N TYR G 5 49.53 11.00 2.19
CA TYR G 5 49.49 9.82 3.04
C TYR G 5 48.22 9.81 3.92
N LEU G 6 47.56 10.96 4.07
CA LEU G 6 46.57 11.11 5.13
C LEU G 6 45.38 10.17 4.94
N PRO G 7 44.75 10.04 3.75
CA PRO G 7 43.63 9.12 3.59
C PRO G 7 43.95 7.69 4.03
N SER G 8 45.16 7.21 3.73
CA SER G 8 45.54 5.84 4.02
C SER G 8 45.74 5.64 5.52
N ILE G 9 46.05 6.71 6.25
CA ILE G 9 46.18 6.64 7.69
C ILE G 9 44.80 6.82 8.34
N LEU G 10 44.04 7.81 7.88
CA LEU G 10 42.86 8.25 8.58
C LEU G 10 41.66 7.35 8.29
N VAL G 11 41.43 6.97 7.02
CA VAL G 11 40.20 6.27 6.66
C VAL G 11 40.10 4.97 7.47
N PRO G 12 41.17 4.13 7.59
CA PRO G 12 41.10 2.96 8.47
C PRO G 12 40.75 3.24 9.93
N ILE G 13 41.13 4.42 10.44
CA ILE G 13 40.90 4.76 11.83
C ILE G 13 39.45 5.19 12.02
N ILE G 14 38.93 6.05 11.12
CA ILE G 14 37.57 6.53 11.20
C ILE G 14 36.58 5.40 10.91
N GLY G 15 37.01 4.39 10.14
CA GLY G 15 36.11 3.36 9.65
C GLY G 15 36.19 2.05 10.44
N LEU G 16 37.38 1.69 10.97
CA LEU G 16 37.58 0.38 11.59
C LEU G 16 37.98 0.48 13.06
N VAL G 17 38.24 1.68 13.59
CA VAL G 17 38.75 1.80 14.95
C VAL G 17 37.81 2.68 15.78
N PHE G 18 37.59 3.91 15.32
CA PHE G 18 36.70 4.85 15.99
C PHE G 18 35.33 4.22 16.22
N PRO G 19 34.67 3.61 15.21
CA PRO G 19 33.34 3.03 15.41
C PRO G 19 33.30 1.90 16.45
N PHE G 20 34.33 1.04 16.44
CA PHE G 20 34.35 -0.12 17.31
C PHE G 20 34.68 0.28 18.74
N ILE G 21 35.45 1.35 18.94
CA ILE G 21 35.67 1.90 20.26
C ILE G 21 34.37 2.51 20.76
N SER G 22 33.67 3.24 19.87
CA SER G 22 32.41 3.89 20.21
C SER G 22 31.34 2.85 20.57
N MET G 23 31.25 1.80 19.76
CA MET G 23 30.30 0.72 19.99
C MET G 23 30.60 0.05 21.34
N ALA G 24 31.89 -0.19 21.63
CA ALA G 24 32.29 -0.84 22.87
C ALA G 24 31.95 0.03 24.08
N LEU G 25 32.21 1.34 23.98
CA LEU G 25 31.92 2.27 25.07
C LEU G 25 30.42 2.34 25.31
N PHE G 26 29.63 2.40 24.23
CA PHE G 26 28.18 2.50 24.36
C PHE G 26 27.66 1.21 24.98
N PHE G 27 28.22 0.07 24.58
CA PHE G 27 27.83 -1.22 25.13
C PHE G 27 28.10 -1.27 26.64
N ILE G 28 29.26 -0.80 27.07
CA ILE G 28 29.58 -0.80 28.49
C ILE G 28 28.63 0.13 29.24
N TYR G 29 28.35 1.30 28.65
CA TYR G 29 27.48 2.28 29.27
C TYR G 29 26.10 1.69 29.54
N VAL G 30 25.50 1.03 28.53
CA VAL G 30 24.11 0.63 28.62
C VAL G 30 23.95 -0.62 29.50
N GLU G 31 25.04 -1.33 29.80
CA GLU G 31 24.96 -2.53 30.63
C GLU G 31 25.35 -2.24 32.09
N GLN G 32 25.86 -1.04 32.40
CA GLN G 32 26.22 -0.70 33.77
C GLN G 32 24.97 -0.71 34.66
N GLU G 33 25.11 -1.33 35.84
CA GLU G 33 24.04 -1.43 36.82
C GLU G 33 24.06 -0.24 37.76
N GLU G 34 25.26 0.27 38.08
CA GLU G 34 25.44 1.42 38.95
C GLU G 34 24.83 1.13 40.33
N MET H 1 -46.62 -13.55 -10.02
CA MET H 1 -45.26 -14.11 -9.84
C MET H 1 -44.99 -14.35 -8.36
N ASN H 2 -44.22 -15.40 -8.06
CA ASN H 2 -44.04 -15.93 -6.72
C ASN H 2 -43.41 -14.86 -5.82
N LYS H 3 -44.00 -14.65 -4.64
CA LYS H 3 -43.62 -13.54 -3.78
C LYS H 3 -42.23 -13.75 -3.20
N ASP H 4 -41.89 -15.00 -2.86
CA ASP H 4 -40.59 -15.30 -2.30
C ASP H 4 -39.49 -15.06 -3.33
N LEU H 5 -39.75 -15.46 -4.58
CA LEU H 5 -38.83 -15.20 -5.68
C LEU H 5 -38.67 -13.69 -5.88
N LEU H 6 -39.77 -12.95 -5.84
CA LEU H 6 -39.73 -11.50 -6.03
C LEU H 6 -38.95 -10.84 -4.90
N LYS H 7 -39.06 -11.39 -3.69
CA LYS H 7 -38.31 -10.87 -2.55
C LYS H 7 -36.81 -11.08 -2.79
N TYR H 8 -36.45 -12.24 -3.34
CA TYR H 8 -35.05 -12.54 -3.65
C TYR H 8 -34.51 -11.59 -4.71
N LEU H 9 -35.34 -11.27 -5.71
CA LEU H 9 -34.94 -10.36 -6.79
C LEU H 9 -34.80 -8.93 -6.28
N SER H 10 -35.30 -8.65 -5.07
CA SER H 10 -35.22 -7.32 -4.48
C SER H 10 -33.99 -7.14 -3.59
N THR H 11 -33.18 -8.20 -3.41
CA THR H 11 -31.99 -8.10 -2.57
C THR H 11 -30.98 -7.16 -3.23
N ALA H 12 -30.20 -6.47 -2.39
CA ALA H 12 -29.24 -5.45 -2.80
C ALA H 12 -28.34 -5.90 -3.94
N PRO H 13 -27.65 -7.07 -3.86
CA PRO H 13 -26.73 -7.45 -4.93
C PRO H 13 -27.41 -7.78 -6.26
N VAL H 14 -28.63 -8.33 -6.21
CA VAL H 14 -29.34 -8.71 -7.43
C VAL H 14 -29.80 -7.44 -8.15
N LEU H 15 -30.43 -6.52 -7.40
CA LEU H 15 -30.83 -5.24 -7.96
C LEU H 15 -29.61 -4.41 -8.35
N GLY H 16 -28.56 -4.49 -7.54
CA GLY H 16 -27.30 -3.82 -7.83
C GLY H 16 -26.79 -4.19 -9.22
N VAL H 17 -26.68 -5.49 -9.48
CA VAL H 17 -26.11 -6.01 -10.71
C VAL H 17 -27.03 -5.68 -11.89
N ILE H 18 -28.33 -5.93 -11.74
CA ILE H 18 -29.27 -5.67 -12.83
C ILE H 18 -29.24 -4.19 -13.22
N TRP H 19 -29.28 -3.30 -12.22
CA TRP H 19 -29.36 -1.88 -12.47
C TRP H 19 -28.07 -1.35 -13.10
N ILE H 20 -26.92 -1.84 -12.62
CA ILE H 20 -25.63 -1.43 -13.16
C ILE H 20 -25.48 -1.95 -14.60
N ALA H 21 -25.93 -3.18 -14.85
CA ALA H 21 -25.89 -3.77 -16.18
C ALA H 21 -26.74 -3.00 -17.19
N ILE H 22 -27.93 -2.55 -16.78
CA ILE H 22 -28.78 -1.75 -17.65
C ILE H 22 -28.13 -0.39 -17.93
N THR H 23 -27.59 0.24 -16.88
CA THR H 23 -26.91 1.53 -17.02
C THR H 23 -25.73 1.38 -17.98
N ALA H 24 -24.89 0.36 -17.73
CA ALA H 24 -23.74 0.07 -18.57
C ALA H 24 -24.18 -0.17 -20.02
N ALA H 25 -25.25 -0.95 -20.21
CA ALA H 25 -25.79 -1.20 -21.54
C ALA H 25 -26.19 0.10 -22.23
N ILE H 26 -26.85 1.01 -21.52
CA ILE H 26 -27.27 2.27 -22.09
C ILE H 26 -26.06 3.06 -22.60
N ILE H 27 -24.98 3.10 -21.82
CA ILE H 27 -23.78 3.85 -22.19
C ILE H 27 -23.12 3.17 -23.40
N VAL H 28 -23.06 1.84 -23.38
CA VAL H 28 -22.48 1.08 -24.47
C VAL H 28 -23.26 1.39 -25.76
N GLU H 29 -24.59 1.38 -25.65
CA GLU H 29 -25.44 1.48 -26.82
C GLU H 29 -25.42 2.90 -27.38
N PHE H 30 -25.30 3.91 -26.51
CA PHE H 30 -25.13 5.29 -26.96
C PHE H 30 -23.83 5.42 -27.76
N ASN H 31 -22.77 4.78 -27.27
CA ASN H 31 -21.45 4.88 -27.89
C ASN H 31 -21.34 4.00 -29.13
N ARG H 32 -22.19 2.97 -29.23
CA ARG H 32 -22.24 2.13 -30.42
C ARG H 32 -22.93 2.86 -31.56
N LEU H 33 -23.92 3.71 -31.25
CA LEU H 33 -24.72 4.36 -32.27
C LEU H 33 -24.27 5.80 -32.53
N TYR H 34 -23.76 6.49 -31.50
CA TYR H 34 -23.21 7.82 -31.64
C TYR H 34 -21.77 7.85 -31.11
N PRO H 35 -20.80 7.26 -31.84
CA PRO H 35 -19.44 7.13 -31.32
C PRO H 35 -18.63 8.41 -31.32
N ASP H 36 -17.65 8.48 -30.41
CA ASP H 36 -16.58 9.47 -30.45
C ASP H 36 -17.09 10.87 -30.13
N ALA H 37 -18.03 11.00 -29.18
CA ALA H 37 -18.50 12.29 -28.72
C ALA H 37 -17.55 12.85 -27.66
N LEU H 38 -16.54 13.58 -28.11
CA LEU H 38 -15.58 14.23 -27.20
C LEU H 38 -16.25 15.42 -26.52
N PHE H 39 -17.21 16.06 -27.21
CA PHE H 39 -17.91 17.22 -26.70
C PHE H 39 -19.35 17.21 -27.18
N PHE H 40 -20.19 18.05 -26.56
CA PHE H 40 -21.56 18.22 -26.99
C PHE H 40 -21.55 19.02 -28.30
N PRO H 41 -22.20 18.52 -29.38
CA PRO H 41 -21.99 19.07 -30.72
C PRO H 41 -22.41 20.53 -30.91
N LEU H 42 -23.56 20.91 -30.35
CA LEU H 42 -24.16 22.22 -30.57
C LEU H 42 -24.44 22.42 -32.08
N SER I 1 -1.49 -73.26 -26.38
CA SER I 1 -0.24 -73.97 -26.00
C SER I 1 -0.39 -74.62 -24.63
N ALA I 2 0.37 -75.70 -24.41
CA ALA I 2 0.29 -76.48 -23.18
C ALA I 2 1.01 -75.76 -22.04
N SER I 3 2.25 -75.33 -22.31
CA SER I 3 3.13 -74.73 -21.31
C SER I 3 2.48 -73.53 -20.61
N THR I 4 1.77 -72.71 -21.38
CA THR I 4 1.02 -71.59 -20.81
C THR I 4 -0.05 -72.12 -19.86
N SER I 5 -0.85 -73.09 -20.33
CA SER I 5 -1.93 -73.65 -19.54
C SER I 5 -1.40 -74.38 -18.31
N ILE I 6 -0.27 -75.10 -18.46
CA ILE I 6 0.32 -75.83 -17.35
C ILE I 6 0.69 -74.85 -16.23
N ILE I 7 1.37 -73.76 -16.59
CA ILE I 7 1.78 -72.76 -15.60
C ILE I 7 0.54 -72.19 -14.91
N PHE I 8 -0.52 -71.93 -15.68
CA PHE I 8 -1.76 -71.40 -15.13
C PHE I 8 -2.39 -72.40 -14.16
N ILE I 9 -2.50 -73.67 -14.55
CA ILE I 9 -3.13 -74.67 -13.68
C ILE I 9 -2.36 -74.77 -12.37
N VAL I 10 -1.02 -74.88 -12.46
CA VAL I 10 -0.18 -75.13 -11.31
C VAL I 10 -0.22 -73.93 -10.34
N VAL I 11 0.03 -72.73 -10.88
CA VAL I 11 0.11 -71.52 -10.07
C VAL I 11 -1.24 -71.23 -9.39
N ASN I 12 -2.33 -71.34 -10.15
CA ASN I 12 -3.66 -71.05 -9.62
C ASN I 12 -4.08 -72.10 -8.60
N THR I 13 -3.61 -73.34 -8.75
CA THR I 13 -3.91 -74.41 -7.81
C THR I 13 -3.21 -74.12 -6.48
N ILE I 14 -1.95 -73.69 -6.54
CA ILE I 14 -1.19 -73.35 -5.34
C ILE I 14 -1.88 -72.20 -4.61
N CYS I 15 -2.39 -71.22 -5.38
CA CYS I 15 -3.07 -70.07 -4.80
C CYS I 15 -4.34 -70.49 -4.05
N ILE I 16 -5.05 -71.50 -4.58
CA ILE I 16 -6.24 -72.02 -3.93
C ILE I 16 -5.85 -72.79 -2.66
N ILE I 17 -4.81 -73.64 -2.75
CA ILE I 17 -4.39 -74.50 -1.66
C ILE I 17 -3.87 -73.65 -0.49
N LEU I 18 -3.07 -72.61 -0.81
CA LEU I 18 -2.50 -71.74 0.20
C LEU I 18 -3.47 -70.62 0.59
N GLY I 19 -4.63 -70.55 -0.07
CA GLY I 19 -5.66 -69.57 0.25
C GLY I 19 -6.17 -69.69 1.67
N LYS I 20 -6.26 -70.93 2.18
CA LYS I 20 -6.68 -71.18 3.56
C LYS I 20 -5.60 -70.64 4.51
N ASN I 35 -20.68 -71.98 1.50
CA ASN I 35 -19.82 -73.09 2.00
C ASN I 35 -18.35 -72.80 1.66
N ILE I 36 -18.06 -72.61 0.37
CA ILE I 36 -16.68 -72.58 -0.12
C ILE I 36 -16.05 -71.21 0.10
N ASN I 37 -16.87 -70.16 0.12
CA ASN I 37 -16.42 -68.77 0.16
C ASN I 37 -15.89 -68.37 -1.22
N LEU I 38 -16.72 -67.63 -1.96
CA LEU I 38 -16.46 -67.29 -3.35
C LEU I 38 -15.55 -66.07 -3.45
N ALA I 39 -15.65 -65.16 -2.46
CA ALA I 39 -14.78 -64.00 -2.39
C ALA I 39 -13.33 -64.44 -2.27
N GLU I 40 -13.07 -65.43 -1.41
CA GLU I 40 -11.72 -65.95 -1.22
C GLU I 40 -11.24 -66.68 -2.48
N LEU I 41 -12.15 -67.38 -3.15
CA LEU I 41 -11.83 -68.12 -4.37
C LEU I 41 -11.45 -67.14 -5.47
N LEU I 42 -12.30 -66.12 -5.67
CA LEU I 42 -12.08 -65.12 -6.71
C LEU I 42 -10.80 -64.34 -6.44
N ALA I 43 -10.54 -64.03 -5.16
CA ALA I 43 -9.31 -63.36 -4.77
C ALA I 43 -8.10 -64.22 -5.10
N SER I 44 -8.16 -65.51 -4.77
CA SER I 44 -7.06 -66.43 -5.00
C SER I 44 -6.79 -66.61 -6.51
N MET I 45 -7.86 -66.80 -7.29
CA MET I 45 -7.72 -66.98 -8.73
C MET I 45 -7.20 -65.72 -9.41
N SER I 46 -7.61 -64.55 -8.89
CA SER I 46 -7.18 -63.27 -9.42
C SER I 46 -5.68 -63.09 -9.19
N LEU I 47 -5.21 -63.41 -7.98
CA LEU I 47 -3.79 -63.38 -7.67
C LEU I 47 -3.05 -64.41 -8.52
N GLY I 48 -3.69 -65.56 -8.75
CA GLY I 48 -3.14 -66.60 -9.61
C GLY I 48 -2.94 -66.11 -11.04
N HIS I 49 -3.94 -65.40 -11.58
CA HIS I 49 -3.87 -64.84 -12.93
C HIS I 49 -2.74 -63.81 -13.03
N ILE I 50 -2.57 -62.98 -12.00
CA ILE I 50 -1.54 -61.95 -12.01
C ILE I 50 -0.17 -62.61 -12.02
N ILE I 51 0.04 -63.57 -11.12
CA ILE I 51 1.32 -64.27 -11.01
C ILE I 51 1.56 -65.10 -12.27
N SER I 52 0.52 -65.78 -12.77
CA SER I 52 0.66 -66.63 -13.95
C SER I 52 1.02 -65.79 -15.18
N SER I 53 0.33 -64.66 -15.36
CA SER I 53 0.53 -63.81 -16.53
C SER I 53 1.97 -63.29 -16.57
N ALA I 54 2.46 -62.78 -15.42
CA ALA I 54 3.80 -62.23 -15.33
C ALA I 54 4.86 -63.32 -15.55
N THR I 55 4.60 -64.53 -15.04
CA THR I 55 5.50 -65.66 -15.25
C THR I 55 5.60 -66.00 -16.74
N VAL I 56 4.44 -66.18 -17.39
CA VAL I 56 4.38 -66.56 -18.79
C VAL I 56 5.10 -65.51 -19.64
N ILE I 57 4.69 -64.25 -19.47
CA ILE I 57 5.26 -63.14 -20.22
C ILE I 57 6.77 -63.08 -20.00
N GLY I 58 7.20 -63.30 -18.76
CA GLY I 58 8.61 -63.29 -18.41
C GLY I 58 9.39 -64.39 -19.15
N LEU I 59 8.91 -65.64 -19.04
CA LEU I 59 9.53 -66.79 -19.68
C LEU I 59 9.53 -66.63 -21.20
N LYS I 60 8.44 -66.09 -21.77
CA LYS I 60 8.36 -65.79 -23.18
C LYS I 60 9.48 -64.83 -23.61
N SER I 61 9.74 -63.79 -22.78
CA SER I 61 10.77 -62.81 -23.10
C SER I 61 12.16 -63.43 -23.13
N LEU I 62 12.38 -64.49 -22.32
CA LEU I 62 13.66 -65.19 -22.31
C LEU I 62 13.66 -66.36 -23.29
N ASN I 63 12.66 -66.42 -24.19
CA ASN I 63 12.40 -67.57 -25.05
C ASN I 63 12.81 -68.87 -24.36
N ILE I 64 12.12 -69.16 -23.25
CA ILE I 64 12.20 -70.44 -22.55
C ILE I 64 10.93 -71.22 -22.89
N ILE I 65 9.77 -70.62 -22.59
CA ILE I 65 8.48 -71.14 -22.99
C ILE I 65 8.31 -70.96 -24.51
N ASP J 1 10.16 -44.87 25.05
CA ASP J 1 11.36 -45.75 25.04
C ASP J 1 12.63 -44.89 25.06
N PHE J 2 13.05 -44.41 23.88
CA PHE J 2 14.37 -43.80 23.72
C PHE J 2 14.36 -42.32 24.08
N ILE J 3 13.20 -41.67 24.01
CA ILE J 3 13.11 -40.26 24.36
C ILE J 3 12.41 -40.16 25.71
N LYS J 4 13.01 -39.38 26.63
CA LYS J 4 12.61 -39.35 28.02
C LYS J 4 12.58 -37.90 28.51
N PRO J 5 11.87 -37.59 29.62
CA PRO J 5 11.97 -36.27 30.23
C PRO J 5 13.39 -35.96 30.70
N TYR J 6 13.79 -34.69 30.57
CA TYR J 6 15.15 -34.28 30.83
C TYR J 6 15.37 -34.16 32.34
N ASN J 7 16.38 -34.89 32.86
CA ASN J 7 16.69 -34.94 34.28
C ASN J 7 15.48 -35.45 35.08
N ASP J 8 14.74 -36.40 34.48
CA ASP J 8 13.59 -37.02 35.12
C ASP J 8 12.56 -35.97 35.55
N ASP J 9 12.45 -34.87 34.79
CA ASP J 9 11.52 -33.80 35.10
C ASP J 9 10.73 -33.46 33.84
N PRO J 10 9.47 -33.96 33.70
CA PRO J 10 8.71 -33.72 32.49
C PRO J 10 8.22 -32.28 32.27
N PHE J 11 8.33 -31.41 33.29
CA PHE J 11 7.83 -30.06 33.15
C PHE J 11 8.97 -29.07 32.90
N VAL J 12 10.21 -29.55 32.87
CA VAL J 12 11.31 -28.73 32.37
C VAL J 12 11.22 -28.69 30.85
N GLY J 13 11.59 -27.55 30.25
CA GLY J 13 11.53 -27.38 28.80
C GLY J 13 12.73 -28.02 28.09
N ASN J 14 12.80 -29.35 28.11
CA ASN J 14 13.80 -30.09 27.35
C ASN J 14 13.39 -31.56 27.31
N LEU J 15 13.96 -32.32 26.37
CA LEU J 15 13.80 -33.77 26.32
C LEU J 15 15.20 -34.39 26.32
N ALA J 16 15.31 -35.58 26.93
CA ALA J 16 16.50 -36.40 26.77
C ALA J 16 16.36 -37.25 25.51
N THR J 17 17.25 -37.02 24.53
CA THR J 17 17.26 -37.73 23.26
C THR J 17 18.65 -38.35 23.09
N PRO J 18 18.86 -39.24 22.10
CA PRO J 18 20.21 -39.67 21.74
C PRO J 18 21.20 -38.55 21.45
N ILE J 19 20.75 -37.48 20.77
CA ILE J 19 21.66 -36.42 20.37
C ILE J 19 22.24 -35.73 21.60
N ASN J 20 21.43 -35.52 22.65
CA ASN J 20 21.87 -34.69 23.77
C ASN J 20 22.28 -35.52 24.99
N THR J 21 21.86 -36.79 25.12
CA THR J 21 22.10 -37.54 26.35
C THR J 21 22.65 -38.94 26.10
N SER J 22 23.05 -39.29 24.87
CA SER J 22 23.69 -40.58 24.63
C SER J 22 25.06 -40.59 25.29
N SER J 23 25.62 -41.80 25.46
CA SER J 23 26.94 -41.96 26.05
C SER J 23 28.01 -41.27 25.18
N LEU J 24 27.89 -41.39 23.85
CA LEU J 24 28.81 -40.73 22.93
C LEU J 24 28.81 -39.22 23.15
N THR J 25 27.63 -38.61 23.29
CA THR J 25 27.51 -37.17 23.44
C THR J 25 28.13 -36.74 24.76
N LYS J 26 27.82 -37.46 25.84
CA LYS J 26 28.31 -37.15 27.16
C LYS J 26 29.83 -37.30 27.22
N ASN J 27 30.38 -38.27 26.49
CA ASN J 27 31.81 -38.51 26.46
C ASN J 27 32.51 -37.36 25.73
N LEU J 28 31.96 -36.95 24.58
CA LEU J 28 32.54 -35.89 23.79
C LEU J 28 32.54 -34.58 24.58
N LEU J 29 31.36 -34.13 25.01
CA LEU J 29 31.20 -32.81 25.60
C LEU J 29 32.02 -32.71 26.89
N GLY J 30 31.95 -33.74 27.73
CA GLY J 30 32.63 -33.75 29.01
C GLY J 30 34.13 -33.48 28.90
N ASN J 31 34.75 -33.95 27.82
CA ASN J 31 36.19 -33.87 27.66
C ASN J 31 36.63 -32.66 26.83
N LEU J 32 35.68 -31.83 26.36
CA LEU J 32 36.04 -30.60 25.67
C LEU J 32 36.65 -29.64 26.70
N PRO J 33 37.63 -28.80 26.32
CA PRO J 33 38.32 -27.96 27.29
C PRO J 33 37.41 -27.08 28.16
N ILE J 34 36.27 -26.62 27.62
CA ILE J 34 35.41 -25.72 28.37
C ILE J 34 34.73 -26.45 29.53
N TYR J 35 34.49 -27.75 29.42
CA TYR J 35 33.79 -28.52 30.43
C TYR J 35 34.73 -29.39 31.28
N ARG J 36 35.93 -29.71 30.77
CA ARG J 36 36.78 -30.75 31.34
C ARG J 36 37.18 -30.41 32.78
N ARG J 37 37.28 -31.45 33.61
CA ARG J 37 37.52 -31.29 35.04
C ARG J 37 39.00 -30.99 35.31
N ARG J 38 39.27 -30.23 36.37
CA ARG J 38 40.61 -29.96 36.88
C ARG J 38 41.43 -29.13 35.90
N LEU J 39 40.78 -28.21 35.17
CA LEU J 39 41.47 -27.25 34.31
C LEU J 39 41.33 -25.86 34.91
N SER J 40 42.42 -25.07 34.87
CA SER J 40 42.35 -23.66 35.19
C SER J 40 41.68 -22.91 34.06
N PRO J 41 41.04 -21.73 34.29
CA PRO J 41 40.50 -20.92 33.21
C PRO J 41 41.52 -20.57 32.13
N LEU J 42 42.79 -20.35 32.50
CA LEU J 42 43.84 -20.01 31.57
C LEU J 42 44.05 -21.15 30.56
N LEU J 43 44.15 -22.38 31.06
CA LEU J 43 44.43 -23.53 30.22
C LEU J 43 43.23 -23.86 29.33
N ARG J 44 42.02 -23.65 29.86
CA ARG J 44 40.81 -23.80 29.08
C ARG J 44 40.86 -22.87 27.88
N GLY J 45 41.18 -21.60 28.16
CA GLY J 45 41.29 -20.58 27.13
C GLY J 45 42.40 -20.88 26.13
N LEU J 46 43.52 -21.43 26.63
CA LEU J 46 44.68 -21.68 25.78
C LEU J 46 44.36 -22.75 24.75
N GLU J 47 43.76 -23.85 25.19
CA GLU J 47 43.43 -24.96 24.30
C GLU J 47 42.40 -24.52 23.27
N ILE J 48 41.39 -23.74 23.71
CA ILE J 48 40.33 -23.28 22.83
C ILE J 48 40.92 -22.34 21.78
N GLY J 49 41.76 -21.41 22.23
CA GLY J 49 42.45 -20.49 21.34
C GLY J 49 43.22 -21.23 20.25
N MET J 50 44.05 -22.21 20.65
CA MET J 50 44.88 -22.94 19.70
C MET J 50 44.01 -23.59 18.62
N ALA J 51 42.95 -24.29 19.03
CA ALA J 51 42.10 -25.01 18.09
C ALA J 51 41.48 -24.05 17.08
N HIS J 52 41.07 -22.86 17.52
CA HIS J 52 40.34 -21.94 16.66
C HIS J 52 41.30 -21.18 15.76
N GLY J 53 42.41 -20.68 16.33
CA GLY J 53 43.41 -19.96 15.57
C GLY J 53 43.92 -20.76 14.37
N TYR J 54 44.13 -22.06 14.60
CA TYR J 54 44.67 -22.95 13.58
C TYR J 54 43.77 -22.99 12.34
N PHE J 55 42.44 -23.11 12.52
CA PHE J 55 41.56 -23.30 11.37
C PHE J 55 41.20 -21.96 10.72
N PHE J 56 41.36 -20.84 11.44
CA PHE J 56 40.94 -19.53 10.93
C PHE J 56 41.73 -19.10 9.69
N ILE J 57 42.96 -19.58 9.51
CA ILE J 57 43.82 -19.10 8.46
C ILE J 57 43.38 -19.63 7.08
N GLY J 58 42.72 -20.80 7.05
CA GLY J 58 42.38 -21.46 5.80
C GLY J 58 41.52 -20.58 4.89
N PRO J 59 40.33 -20.14 5.33
CA PRO J 59 39.48 -19.28 4.50
C PRO J 59 40.18 -18.02 3.99
N PHE J 60 40.92 -17.33 4.87
CA PHE J 60 41.57 -16.09 4.49
C PHE J 60 42.66 -16.36 3.45
N TYR J 61 43.41 -17.45 3.65
CA TYR J 61 44.51 -17.79 2.77
C TYR J 61 44.01 -18.11 1.37
N LYS J 62 42.98 -18.96 1.29
CA LYS J 62 42.57 -19.55 0.01
C LYS J 62 41.54 -18.72 -0.73
N LEU J 63 40.78 -17.85 -0.03
CA LEU J 63 39.66 -17.14 -0.65
C LEU J 63 39.74 -15.63 -0.50
N GLY J 64 40.76 -15.11 0.20
CA GLY J 64 40.88 -13.67 0.40
C GLY J 64 41.26 -12.94 -0.88
N PRO J 65 41.29 -11.59 -0.87
CA PRO J 65 41.62 -10.83 -2.08
C PRO J 65 43.06 -10.98 -2.59
N LEU J 66 43.97 -11.52 -1.76
CA LEU J 66 45.36 -11.72 -2.16
C LEU J 66 45.68 -13.20 -2.32
N ARG J 67 44.66 -14.02 -2.56
CA ARG J 67 44.83 -15.46 -2.65
C ARG J 67 45.77 -15.85 -3.79
N ASN J 68 45.79 -15.05 -4.87
CA ASN J 68 46.55 -15.39 -6.07
C ASN J 68 47.93 -14.72 -6.06
N SER J 69 48.30 -14.04 -4.98
CA SER J 69 49.60 -13.37 -4.90
C SER J 69 50.62 -14.26 -4.21
N GLU J 70 51.89 -13.84 -4.26
CA GLU J 70 53.00 -14.55 -3.62
C GLU J 70 52.95 -14.44 -2.10
N ILE J 71 52.22 -13.42 -1.60
CA ILE J 71 52.10 -13.17 -0.17
C ILE J 71 50.72 -13.60 0.34
N ALA J 72 50.06 -14.54 -0.35
CA ALA J 72 48.72 -14.98 0.03
C ALA J 72 48.68 -15.42 1.48
N LEU J 73 49.67 -16.20 1.92
CA LEU J 73 49.65 -16.83 3.24
C LEU J 73 49.84 -15.77 4.34
N LEU J 74 50.74 -14.82 4.09
CA LEU J 74 50.99 -13.75 5.04
C LEU J 74 49.73 -12.90 5.21
N SER J 75 49.02 -12.62 4.10
CA SER J 75 47.76 -11.91 4.15
C SER J 75 46.74 -12.71 4.97
N GLY J 76 46.71 -14.02 4.73
CA GLY J 76 45.92 -14.95 5.52
C GLY J 76 46.21 -14.81 7.01
N PHE J 77 47.49 -14.75 7.39
CA PHE J 77 47.88 -14.70 8.79
C PHE J 77 47.46 -13.37 9.43
N LEU J 78 47.69 -12.26 8.73
CA LEU J 78 47.32 -10.95 9.24
C LEU J 78 45.81 -10.86 9.43
N SER J 79 45.05 -11.46 8.50
CA SER J 79 43.60 -11.50 8.59
C SER J 79 43.16 -12.23 9.85
N CYS J 80 43.79 -13.38 10.17
CA CYS J 80 43.47 -14.11 11.39
C CYS J 80 43.70 -13.27 12.64
N VAL J 81 44.87 -12.63 12.71
CA VAL J 81 45.23 -11.82 13.85
C VAL J 81 44.17 -10.74 14.04
N GLY J 82 43.79 -10.08 12.94
CA GLY J 82 42.68 -9.14 12.92
C GLY J 82 41.41 -9.75 13.53
N LEU J 83 41.01 -10.92 13.02
CA LEU J 83 39.81 -11.59 13.51
C LEU J 83 39.98 -11.91 15.01
N ILE J 84 41.14 -12.44 15.39
CA ILE J 84 41.39 -12.87 16.75
C ILE J 84 41.28 -11.69 17.72
N ILE J 85 41.79 -10.52 17.32
CA ILE J 85 41.75 -9.35 18.17
C ILE J 85 40.29 -8.94 18.43
N PHE J 86 39.47 -8.90 17.37
CA PHE J 86 38.06 -8.57 17.49
C PHE J 86 37.35 -9.54 18.44
N LEU J 87 37.63 -10.84 18.29
CA LEU J 87 37.04 -11.85 19.17
C LEU J 87 37.48 -11.66 20.61
N THR J 88 38.75 -11.30 20.83
CA THR J 88 39.28 -11.09 22.18
C THR J 88 38.55 -9.92 22.84
N VAL J 89 38.39 -8.81 22.12
CA VAL J 89 37.68 -7.65 22.64
C VAL J 89 36.24 -8.05 22.99
N GLY J 90 35.62 -8.86 22.13
CA GLY J 90 34.32 -9.43 22.43
C GLY J 90 34.31 -10.11 23.79
N LEU J 91 35.30 -10.96 24.02
CA LEU J 91 35.46 -11.68 25.28
C LEU J 91 35.67 -10.71 26.43
N LEU J 92 36.51 -9.67 26.23
CA LEU J 92 36.74 -8.67 27.26
C LEU J 92 35.41 -7.99 27.61
N LEU J 93 34.67 -7.56 26.59
CA LEU J 93 33.40 -6.86 26.80
C LEU J 93 32.40 -7.76 27.51
N TYR J 94 32.36 -9.05 27.14
CA TYR J 94 31.42 -9.98 27.74
C TYR J 94 31.72 -10.08 29.24
N GLY J 95 33.00 -10.32 29.59
CA GLY J 95 33.37 -10.49 30.99
C GLY J 95 33.08 -9.24 31.83
N ASN J 96 33.39 -8.07 31.26
CA ASN J 96 33.29 -6.80 31.95
C ASN J 96 31.84 -6.53 32.39
N THR J 97 30.87 -6.90 31.54
CA THR J 97 29.47 -6.61 31.79
C THR J 97 28.79 -7.75 32.57
N SER J 98 29.26 -8.98 32.39
CA SER J 98 28.56 -10.16 32.88
C SER J 98 28.91 -10.52 34.31
N PHE J 99 30.12 -10.13 34.77
CA PHE J 99 30.61 -10.54 36.09
C PHE J 99 30.98 -9.30 36.91
N ASP J 100 30.84 -9.42 38.24
CA ASP J 100 31.04 -8.33 39.17
C ASP J 100 31.75 -8.89 40.41
N LYS J 101 31.17 -8.70 41.61
CA LYS J 101 31.78 -9.16 42.85
C LYS J 101 31.38 -10.60 43.14
N ASP J 102 30.35 -11.11 42.44
CA ASP J 102 29.84 -12.45 42.64
C ASP J 102 30.94 -13.48 42.37
N GLU J 103 31.50 -14.05 43.45
CA GLU J 103 32.54 -15.06 43.37
C GLU J 103 31.88 -16.43 43.38
N SER J 104 31.36 -16.86 42.22
CA SER J 104 30.69 -18.13 42.07
C SER J 104 31.69 -19.28 42.17
N LYS J 105 31.19 -20.47 42.49
CA LYS J 105 32.02 -21.61 42.83
C LYS J 105 32.41 -22.40 41.57
N ASP J 106 31.90 -21.99 40.40
CA ASP J 106 32.31 -22.57 39.13
C ASP J 106 33.77 -22.19 38.85
N GLN J 107 34.05 -20.88 38.88
CA GLN J 107 35.31 -20.30 38.46
C GLN J 107 35.38 -20.37 36.93
N LEU J 108 35.48 -19.19 36.30
CA LEU J 108 35.21 -18.95 34.88
C LEU J 108 34.00 -18.03 34.81
N GLN J 109 32.96 -18.34 35.60
CA GLN J 109 31.84 -17.44 35.80
C GLN J 109 32.20 -16.39 36.88
N THR J 110 33.36 -15.76 36.72
CA THR J 110 33.88 -14.76 37.65
C THR J 110 34.66 -13.75 36.82
N SER J 111 34.87 -12.55 37.39
CA SER J 111 35.60 -11.50 36.70
C SER J 111 37.04 -11.96 36.43
N GLU J 112 37.70 -12.45 37.50
CA GLU J 112 39.08 -12.87 37.45
C GLU J 112 39.23 -14.10 36.55
N GLY J 113 38.36 -15.09 36.76
CA GLY J 113 38.39 -16.32 36.00
C GLY J 113 38.26 -16.07 34.49
N TRP J 114 37.30 -15.20 34.12
CA TRP J 114 37.05 -14.92 32.71
C TRP J 114 38.20 -14.15 32.08
N ASN J 115 38.93 -13.36 32.88
CA ASN J 115 40.06 -12.62 32.37
C ASN J 115 41.22 -13.56 32.06
N GLN J 116 41.39 -14.62 32.88
CA GLN J 116 42.41 -15.63 32.62
C GLN J 116 42.09 -16.40 31.34
N PHE J 117 40.81 -16.72 31.17
CA PHE J 117 40.34 -17.42 29.98
C PHE J 117 40.60 -16.59 28.72
N THR J 118 40.34 -15.28 28.80
CA THR J 118 40.50 -14.40 27.66
C THR J 118 41.97 -14.30 27.28
N ALA J 119 42.83 -14.16 28.29
CA ALA J 119 44.27 -14.15 28.08
C ALA J 119 44.70 -15.40 27.33
N GLY J 120 44.24 -16.57 27.81
CA GLY J 120 44.50 -17.84 27.18
C GLY J 120 44.09 -17.84 25.70
N PHE J 121 42.84 -17.44 25.44
CA PHE J 121 42.27 -17.47 24.09
C PHE J 121 43.15 -16.67 23.12
N LEU J 122 43.56 -15.47 23.51
CA LEU J 122 44.36 -14.61 22.65
C LEU J 122 45.69 -15.28 22.28
N VAL J 123 46.46 -15.66 23.30
CA VAL J 123 47.78 -16.23 23.12
C VAL J 123 47.69 -17.56 22.39
N GLY J 124 46.71 -18.38 22.79
CA GLY J 124 46.46 -19.65 22.13
C GLY J 124 46.17 -19.47 20.64
N ALA J 125 45.33 -18.48 20.32
CA ALA J 125 44.81 -18.29 18.98
C ALA J 125 45.90 -17.78 18.03
N ILE J 126 46.69 -16.80 18.48
CA ILE J 126 47.79 -16.30 17.66
C ILE J 126 48.83 -17.41 17.50
N GLY J 127 49.06 -18.18 18.57
CA GLY J 127 49.91 -19.36 18.52
C GLY J 127 49.47 -20.35 17.45
N GLY J 128 48.18 -20.74 17.50
CA GLY J 128 47.62 -21.73 16.59
C GLY J 128 47.67 -21.25 15.14
N ALA J 129 47.31 -19.98 14.92
CA ALA J 129 47.45 -19.34 13.62
C ALA J 129 48.91 -19.37 13.19
N GLY J 130 49.81 -19.02 14.12
CA GLY J 130 51.25 -19.08 13.88
C GLY J 130 51.70 -20.48 13.47
N PHE J 131 51.19 -21.50 14.16
CA PHE J 131 51.57 -22.88 13.90
C PHE J 131 51.07 -23.32 12.52
N ALA J 132 49.88 -22.87 12.15
CA ALA J 132 49.30 -23.19 10.84
C ALA J 132 50.11 -22.55 9.73
N TYR J 133 50.58 -21.31 9.97
CA TYR J 133 51.42 -20.60 9.02
C TYR J 133 52.69 -21.39 8.74
N LEU J 134 53.32 -21.92 9.81
CA LEU J 134 54.59 -22.61 9.71
C LEU J 134 54.44 -23.92 8.93
N ILE J 135 53.30 -24.61 9.10
CA ILE J 135 53.04 -25.83 8.34
C ILE J 135 52.84 -25.48 6.86
N LEU J 136 52.07 -24.42 6.59
CA LEU J 136 51.66 -24.10 5.24
C LEU J 136 52.81 -23.46 4.46
N VAL J 137 53.65 -22.67 5.13
CA VAL J 137 54.73 -21.96 4.47
C VAL J 137 55.79 -22.97 4.00
N ASN J 138 55.88 -24.12 4.69
CA ASN J 138 56.73 -25.21 4.28
C ASN J 138 56.00 -26.09 3.27
N LEU J 139 54.79 -26.54 3.64
CA LEU J 139 54.00 -27.45 2.81
C LEU J 139 52.88 -26.67 2.11
N MET K 1 48.09 23.09 -4.70
CA MET K 1 48.45 24.41 -4.14
C MET K 1 48.66 24.32 -2.63
N ILE K 2 47.64 23.82 -1.92
CA ILE K 2 47.62 23.86 -0.46
C ILE K 2 48.67 22.92 0.11
N ASN K 3 49.48 23.46 1.03
CA ASN K 3 50.68 22.80 1.53
C ASN K 3 50.34 21.78 2.61
N ASP K 4 51.35 20.99 3.00
CA ASP K 4 51.26 20.10 4.14
C ASP K 4 51.08 20.92 5.42
N SER K 5 51.80 22.04 5.51
CA SER K 5 51.74 22.95 6.64
C SER K 5 50.32 23.46 6.87
N GLN K 6 49.62 23.80 5.79
CA GLN K 6 48.25 24.30 5.86
C GLN K 6 47.29 23.22 6.33
N ILE K 7 47.52 21.96 5.92
CA ILE K 7 46.66 20.87 6.30
C ILE K 7 46.86 20.53 7.78
N PHE K 8 48.09 20.67 8.28
CA PHE K 8 48.38 20.38 9.67
C PHE K 8 47.79 21.47 10.58
N ILE K 9 47.82 22.72 10.13
CA ILE K 9 47.23 23.83 10.87
C ILE K 9 45.73 23.60 11.04
N ALA K 10 45.07 23.10 9.99
CA ALA K 10 43.65 22.81 10.03
C ALA K 10 43.36 21.71 11.04
N LEU K 11 44.15 20.64 11.02
CA LEU K 11 43.96 19.50 11.90
C LEU K 11 44.15 19.92 13.36
N ILE K 12 45.19 20.73 13.63
CA ILE K 12 45.45 21.23 14.97
C ILE K 12 44.28 22.10 15.44
N LEU K 13 43.79 23.00 14.57
CA LEU K 13 42.68 23.87 14.89
C LEU K 13 41.39 23.08 15.13
N SER K 14 41.24 21.94 14.43
CA SER K 14 40.04 21.11 14.58
C SER K 14 39.97 20.44 15.96
N LEU K 15 41.09 20.44 16.71
CA LEU K 15 41.07 19.96 18.08
C LEU K 15 40.28 20.89 19.00
N VAL K 16 40.18 22.19 18.65
CA VAL K 16 39.48 23.13 19.51
C VAL K 16 37.98 22.77 19.55
N PRO K 17 37.25 22.69 18.42
CA PRO K 17 35.87 22.21 18.47
C PRO K 17 35.75 20.80 19.05
N ALA K 18 36.75 19.92 18.82
CA ALA K 18 36.71 18.57 19.34
C ALA K 18 36.63 18.58 20.87
N VAL K 19 37.56 19.31 21.51
CA VAL K 19 37.62 19.40 22.95
C VAL K 19 36.35 20.07 23.50
N LEU K 20 35.93 21.15 22.84
CA LEU K 20 34.77 21.90 23.30
C LEU K 20 33.50 21.07 23.14
N ALA K 21 33.41 20.30 22.05
CA ALA K 21 32.29 19.40 21.84
C ALA K 21 32.20 18.39 22.99
N LEU K 22 33.37 17.88 23.42
CA LEU K 22 33.46 16.94 24.51
C LEU K 22 32.88 17.57 25.78
N LYS K 23 33.26 18.83 26.04
CA LYS K 23 32.82 19.58 27.21
C LYS K 23 31.31 19.81 27.17
N LEU K 24 30.78 20.28 26.03
CA LEU K 24 29.36 20.53 25.90
C LEU K 24 28.60 19.21 26.08
N ALA K 25 29.04 18.15 25.39
CA ALA K 25 28.41 16.85 25.47
C ALA K 25 28.25 16.39 26.91
N ARG K 26 29.34 16.52 27.70
CA ARG K 26 29.36 16.11 29.09
C ARG K 26 28.40 16.97 29.92
N GLU K 27 28.40 18.27 29.67
CA GLU K 27 27.61 19.22 30.44
C GLU K 27 26.12 19.00 30.19
N LEU K 28 25.76 18.66 28.94
CA LEU K 28 24.43 18.16 28.63
C LEU K 28 24.34 16.70 29.11
N PHE L 1 27.36 -48.98 26.07
CA PHE L 1 26.78 -47.91 25.20
C PHE L 1 25.32 -47.70 25.59
N GLN L 2 24.94 -46.42 25.78
CA GLN L 2 23.56 -46.03 26.03
C GLN L 2 23.12 -45.11 24.89
N ILE L 3 22.03 -45.48 24.22
CA ILE L 3 21.49 -44.70 23.12
C ILE L 3 20.87 -43.41 23.68
N SER L 4 20.45 -43.40 24.95
CA SER L 4 19.91 -42.20 25.56
C SER L 4 20.07 -42.25 27.08
N GLU L 5 19.74 -41.12 27.74
CA GLU L 5 19.94 -40.84 29.15
C GLU L 5 20.31 -42.09 29.95
N ASP L 6 19.33 -42.98 30.16
CA ASP L 6 19.51 -44.16 30.99
C ASP L 6 18.91 -45.36 30.26
N THR L 7 19.34 -45.54 29.01
CA THR L 7 18.74 -46.48 28.08
C THR L 7 19.85 -47.29 27.40
N PRO L 8 20.28 -48.43 27.98
CA PRO L 8 21.28 -49.29 27.33
C PRO L 8 20.80 -49.87 26.00
N PHE L 9 21.67 -49.78 24.97
CA PHE L 9 21.37 -50.26 23.63
C PHE L 9 22.44 -51.29 23.25
N ASP L 10 22.02 -52.31 22.49
CA ASP L 10 22.85 -53.49 22.24
C ASP L 10 24.00 -53.12 21.30
N ALA L 11 23.63 -52.67 20.08
CA ALA L 11 24.60 -52.29 19.04
C ALA L 11 25.45 -53.49 18.63
N ASN L 12 24.78 -54.60 18.28
CA ASN L 12 25.44 -55.86 17.96
C ASN L 12 26.04 -55.77 16.56
N PRO L 13 27.37 -55.89 16.38
CA PRO L 13 27.99 -55.79 15.06
C PRO L 13 27.77 -56.99 14.14
N LEU L 14 27.14 -58.06 14.64
CA LEU L 14 26.71 -59.17 13.80
C LEU L 14 25.68 -58.69 12.78
N VAL L 15 24.85 -57.71 13.16
CA VAL L 15 23.88 -57.11 12.27
C VAL L 15 24.58 -56.62 11.00
N ILE L 16 25.73 -55.94 11.17
CA ILE L 16 26.48 -55.37 10.06
C ILE L 16 27.03 -56.49 9.17
N ILE L 17 27.57 -57.54 9.80
CA ILE L 17 28.16 -58.66 9.09
C ILE L 17 27.10 -59.40 8.28
N VAL L 18 25.98 -59.74 8.94
CA VAL L 18 24.89 -60.46 8.30
C VAL L 18 24.33 -59.63 7.15
N ALA L 19 24.19 -58.32 7.37
CA ALA L 19 23.68 -57.40 6.36
C ALA L 19 24.60 -57.37 5.15
N LEU L 20 25.92 -57.27 5.40
CA LEU L 20 26.90 -57.13 4.34
C LEU L 20 26.91 -58.39 3.47
N LEU L 21 26.90 -59.57 4.10
CA LEU L 21 26.84 -60.84 3.38
C LEU L 21 25.49 -61.00 2.70
N GLY L 22 24.41 -60.63 3.39
CA GLY L 22 23.06 -60.70 2.87
C GLY L 22 22.86 -59.89 1.58
N TRP L 23 23.60 -58.78 1.44
CA TRP L 23 23.53 -57.94 0.26
C TRP L 23 24.55 -58.37 -0.79
N THR L 24 25.81 -58.59 -0.36
CA THR L 24 26.93 -58.77 -1.27
C THR L 24 26.76 -60.04 -2.12
N LEU L 25 26.21 -61.11 -1.53
CA LEU L 25 26.03 -62.37 -2.24
C LEU L 25 25.06 -62.21 -3.40
N PRO L 26 23.76 -61.87 -3.19
CA PRO L 26 22.82 -61.74 -4.30
C PRO L 26 23.16 -60.62 -5.29
N ALA L 27 23.86 -59.58 -4.82
CA ALA L 27 24.30 -58.48 -5.67
C ALA L 27 25.46 -58.90 -6.57
N SER L 28 26.02 -60.10 -6.34
CA SER L 28 27.10 -60.63 -7.17
C SER L 28 26.59 -61.60 -8.23
N ILE L 29 25.26 -61.78 -8.34
CA ILE L 29 24.66 -62.53 -9.43
C ILE L 29 24.87 -61.72 -10.72
N PRO L 30 25.39 -62.34 -11.81
CA PRO L 30 25.74 -61.59 -13.02
C PRO L 30 24.55 -61.03 -13.80
N SER L 31 24.82 -59.99 -14.60
CA SER L 31 23.83 -59.29 -15.40
C SER L 31 24.29 -59.20 -16.86
N ASN L 32 23.34 -58.84 -17.74
CA ASN L 32 23.58 -58.80 -19.18
C ASN L 32 23.62 -57.36 -19.71
N ILE L 33 23.32 -56.36 -18.87
CA ILE L 33 23.27 -54.98 -19.36
C ILE L 33 24.71 -54.47 -19.50
N PRO L 34 24.99 -53.58 -20.49
CA PRO L 34 26.35 -53.18 -20.81
C PRO L 34 27.19 -52.56 -19.68
N ILE L 35 26.55 -51.84 -18.74
CA ILE L 35 27.29 -51.12 -17.71
C ILE L 35 27.89 -52.12 -16.72
N LEU L 36 27.16 -53.21 -16.42
CA LEU L 36 27.63 -54.23 -15.50
C LEU L 36 28.48 -55.29 -16.21
N HIS L 37 28.70 -55.15 -17.52
CA HIS L 37 29.52 -56.09 -18.29
C HIS L 37 28.77 -57.43 -18.32
N GLY L 38 29.46 -58.53 -18.00
CA GLY L 38 28.82 -59.81 -17.76
C GLY L 38 28.87 -60.23 -16.29
N THR L 39 29.22 -59.29 -15.40
CA THR L 39 29.32 -59.57 -13.97
C THR L 39 28.18 -58.88 -13.23
N GLY L 40 28.12 -59.09 -11.91
CA GLY L 40 27.13 -58.46 -11.05
C GLY L 40 27.60 -57.10 -10.54
N LEU L 41 26.75 -56.46 -9.73
CA LEU L 41 27.00 -55.12 -9.21
C LEU L 41 28.20 -55.13 -8.26
N THR L 42 28.33 -56.21 -7.46
CA THR L 42 29.42 -56.33 -6.50
C THR L 42 30.76 -56.30 -7.24
N GLN L 43 30.89 -57.18 -8.25
CA GLN L 43 32.13 -57.32 -9.00
C GLN L 43 32.45 -56.01 -9.72
N ALA L 44 31.45 -55.46 -10.41
CA ALA L 44 31.59 -54.22 -11.16
C ALA L 44 32.13 -53.10 -10.26
N PHE L 45 31.59 -53.03 -9.03
CA PHE L 45 31.98 -51.99 -8.09
C PHE L 45 33.42 -52.23 -7.63
N PHE L 46 33.75 -53.47 -7.27
CA PHE L 46 35.06 -53.82 -6.75
C PHE L 46 36.12 -53.58 -7.82
N THR L 47 35.78 -53.87 -9.09
CA THR L 47 36.68 -53.66 -10.22
C THR L 47 36.95 -52.17 -10.41
N SER L 48 35.89 -51.35 -10.28
CA SER L 48 36.01 -49.91 -10.46
C SER L 48 36.83 -49.29 -9.32
N ILE L 49 36.74 -49.87 -8.12
CA ILE L 49 37.55 -49.45 -6.99
C ILE L 49 39.03 -49.64 -7.31
N GLN L 50 39.39 -50.84 -7.79
CA GLN L 50 40.76 -51.17 -8.13
C GLN L 50 41.28 -50.25 -9.23
N SER L 51 40.49 -50.08 -10.29
CA SER L 51 40.92 -49.30 -11.46
C SER L 51 41.12 -47.83 -11.10
N ASN L 52 40.37 -47.33 -10.11
CA ASN L 52 40.47 -45.94 -9.68
C ASN L 52 41.60 -45.75 -8.67
N LEU L 53 41.90 -46.78 -7.88
CA LEU L 53 43.01 -46.74 -6.94
C LEU L 53 44.35 -46.87 -7.68
N ALA L 54 44.32 -47.44 -8.89
CA ALA L 54 45.50 -47.51 -9.75
C ALA L 54 46.00 -46.10 -10.10
N GLU L 55 45.09 -45.12 -10.08
CA GLU L 55 45.44 -43.72 -10.30
C GLU L 55 45.34 -42.95 -9.00
N TRP L 56 46.01 -43.46 -7.95
CA TRP L 56 45.80 -43.07 -6.56
C TRP L 56 45.31 -41.63 -6.41
N PRO L 57 46.12 -40.58 -6.72
CA PRO L 57 45.71 -39.22 -6.39
C PRO L 57 44.50 -38.73 -7.18
N LYS L 58 44.43 -39.08 -8.47
CA LYS L 58 43.37 -38.64 -9.35
C LYS L 58 42.06 -39.33 -8.96
N GLY L 59 41.03 -38.53 -8.67
CA GLY L 59 39.72 -39.04 -8.29
C GLY L 59 38.91 -39.45 -9.51
N PRO L 60 37.81 -40.23 -9.34
CA PRO L 60 36.97 -40.62 -10.47
C PRO L 60 36.30 -39.43 -11.16
N ALA L 61 36.25 -39.47 -12.49
CA ALA L 61 35.63 -38.41 -13.28
C ALA L 61 34.11 -38.51 -13.21
N LEU L 62 33.43 -37.38 -13.45
CA LEU L 62 32.00 -37.38 -13.72
C LEU L 62 31.79 -37.96 -15.11
N ASP L 63 31.19 -39.16 -15.16
CA ASP L 63 31.01 -39.98 -16.35
C ASP L 63 31.69 -41.34 -16.16
N ASP L 64 32.55 -41.44 -15.13
CA ASP L 64 33.06 -42.72 -14.66
C ASP L 64 31.89 -43.55 -14.13
N PRO L 65 31.71 -44.82 -14.57
CA PRO L 65 30.68 -45.69 -14.02
C PRO L 65 30.79 -45.95 -12.51
N PHE L 66 31.97 -45.69 -11.93
CA PHE L 66 32.23 -45.84 -10.51
C PHE L 66 31.07 -45.28 -9.68
N TRP L 67 30.66 -44.05 -9.95
CA TRP L 67 29.69 -43.34 -9.13
C TRP L 67 28.35 -44.08 -9.10
N LEU L 68 27.90 -44.56 -10.27
CA LEU L 68 26.64 -45.30 -10.34
C LEU L 68 26.76 -46.61 -9.55
N TYR L 69 27.90 -47.29 -9.67
CA TYR L 69 28.13 -48.55 -8.95
C TYR L 69 28.10 -48.31 -7.45
N MET L 70 28.84 -47.29 -7.00
CA MET L 70 28.94 -46.97 -5.58
C MET L 70 27.56 -46.71 -4.99
N VAL L 71 26.76 -45.86 -5.66
CA VAL L 71 25.46 -45.47 -5.14
C VAL L 71 24.52 -46.68 -5.11
N LEU L 72 24.41 -47.40 -6.24
CA LEU L 72 23.56 -48.57 -6.33
C LEU L 72 23.96 -49.60 -5.28
N TRP L 73 25.26 -49.86 -5.14
CA TRP L 73 25.73 -50.87 -4.20
C TRP L 73 25.38 -50.46 -2.77
N HIS L 74 25.55 -49.15 -2.45
CA HIS L 74 25.30 -48.67 -1.11
C HIS L 74 23.81 -48.58 -0.80
N VAL L 75 22.98 -48.28 -1.81
CA VAL L 75 21.54 -48.24 -1.63
C VAL L 75 21.08 -49.62 -1.16
N GLY L 76 21.55 -50.67 -1.84
CA GLY L 76 21.20 -52.03 -1.48
C GLY L 76 21.75 -52.44 -0.12
N LEU L 77 23.01 -52.09 0.16
CA LEU L 77 23.63 -52.39 1.44
C LEU L 77 22.84 -51.73 2.58
N PHE L 78 22.47 -50.46 2.38
CA PHE L 78 21.84 -49.67 3.44
C PHE L 78 20.42 -50.17 3.69
N ILE L 79 19.69 -50.61 2.64
CA ILE L 79 18.36 -51.15 2.80
C ILE L 79 18.41 -52.41 3.68
N VAL L 80 19.38 -53.30 3.41
CA VAL L 80 19.51 -54.54 4.16
C VAL L 80 19.94 -54.23 5.60
N LEU L 81 20.89 -53.31 5.77
CA LEU L 81 21.31 -52.86 7.10
C LEU L 81 20.12 -52.32 7.88
N PHE L 82 19.31 -51.49 7.22
CA PHE L 82 18.16 -50.84 7.84
C PHE L 82 17.18 -51.89 8.36
N PHE L 83 16.70 -52.77 7.47
CA PHE L 83 15.75 -53.79 7.86
C PHE L 83 16.39 -54.79 8.83
N GLY L 84 17.71 -55.01 8.71
CA GLY L 84 18.44 -55.88 9.62
C GLY L 84 18.45 -55.35 11.04
N THR L 85 18.68 -54.04 11.21
CA THR L 85 18.69 -53.42 12.52
C THR L 85 17.30 -53.50 13.15
N ILE L 86 16.26 -53.23 12.34
CA ILE L 86 14.88 -53.26 12.80
C ILE L 86 14.53 -54.69 13.21
N GLY L 87 15.01 -55.68 12.43
CA GLY L 87 14.76 -57.09 12.69
C GLY L 87 15.39 -57.53 14.02
N TYR L 88 16.66 -57.16 14.21
CA TYR L 88 17.36 -57.45 15.45
C TYR L 88 16.70 -56.74 16.62
N GLY L 89 16.22 -55.51 16.39
CA GLY L 89 15.53 -54.74 17.42
C GLY L 89 14.23 -55.41 17.87
N ILE L 90 13.51 -56.02 16.92
CA ILE L 90 12.29 -56.77 17.23
C ILE L 90 12.66 -57.98 18.08
N SER L 91 13.76 -58.66 17.76
CA SER L 91 14.19 -59.84 18.48
C SER L 91 14.61 -59.50 19.92
N LYS L 92 15.12 -58.28 20.12
CA LYS L 92 15.57 -57.83 21.44
C LYS L 92 14.46 -57.08 22.18
N ASN L 93 13.23 -57.08 21.64
CA ASN L 93 12.06 -56.51 22.27
C ASN L 93 12.18 -54.99 22.40
N ARG L 94 12.85 -54.36 21.43
CA ARG L 94 12.66 -52.94 21.16
C ARG L 94 11.45 -52.84 20.24
N VAL L 95 10.51 -51.95 20.56
CA VAL L 95 9.22 -51.90 19.86
C VAL L 95 8.56 -50.53 20.15
N LYS M 1 -2.53 46.64 30.42
CA LYS M 1 -3.92 46.90 29.97
C LYS M 1 -4.48 45.68 29.24
N ASP M 2 -5.67 45.25 29.64
CA ASP M 2 -6.41 44.23 28.91
C ASP M 2 -7.18 44.90 27.77
N THR M 3 -6.87 44.52 26.53
CA THR M 3 -7.44 45.18 25.36
C THR M 3 -8.61 44.39 24.78
N PHE M 4 -9.05 43.32 25.47
CA PHE M 4 -10.21 42.55 25.01
C PHE M 4 -11.48 43.38 25.17
N TRP M 5 -12.38 43.27 24.18
CA TRP M 5 -13.61 44.05 24.14
C TRP M 5 -14.74 43.21 23.55
N THR M 6 -15.98 43.56 23.91
CA THR M 6 -17.16 42.86 23.41
C THR M 6 -18.08 43.89 22.75
N GLY M 7 -19.07 43.39 22.01
CA GLY M 7 -19.99 44.25 21.29
C GLY M 7 -19.40 44.75 19.98
N LYS M 8 -19.84 45.94 19.55
CA LYS M 8 -19.63 46.40 18.19
C LYS M 8 -18.53 47.47 18.07
N VAL M 9 -18.05 48.02 19.19
CA VAL M 9 -17.14 49.15 19.15
C VAL M 9 -15.99 48.94 20.13
N PRO M 10 -14.71 48.99 19.68
CA PRO M 10 -13.58 48.99 20.61
C PRO M 10 -13.53 50.23 21.49
N PRO M 11 -12.85 50.18 22.67
CA PRO M 11 -12.88 51.27 23.64
C PRO M 11 -11.66 52.21 23.68
N SER M 12 -11.33 52.87 22.57
CA SER M 12 -10.43 54.04 22.54
C SER M 12 -9.01 53.73 23.02
N THR M 13 -8.86 52.95 24.10
CA THR M 13 -7.56 52.56 24.62
C THR M 13 -6.77 51.70 23.62
N VAL M 14 -7.42 51.15 22.60
CA VAL M 14 -6.73 50.40 21.56
C VAL M 14 -5.89 51.34 20.69
N LEU M 15 -6.13 52.65 20.74
CA LEU M 15 -5.43 53.61 19.89
C LEU M 15 -4.06 53.99 20.45
N GLY M 16 -3.73 53.54 21.67
CA GLY M 16 -2.39 53.76 22.21
C GLY M 16 -2.14 55.24 22.51
N ILE M 17 -1.09 55.81 21.90
CA ILE M 17 -0.73 57.20 22.11
C ILE M 17 -1.83 58.14 21.60
N GLY M 18 -2.69 57.66 20.70
CA GLY M 18 -3.72 58.50 20.09
C GLY M 18 -5.11 58.32 20.71
N GLU M 19 -5.20 57.86 21.97
CA GLU M 19 -6.47 57.50 22.57
C GLU M 19 -7.31 58.72 22.93
N LYS M 20 -6.66 59.87 23.20
CA LYS M 20 -7.36 61.08 23.62
C LYS M 20 -7.65 62.01 22.43
N VAL M 21 -7.16 61.66 21.23
CA VAL M 21 -7.31 62.50 20.05
C VAL M 21 -8.79 62.54 19.64
N PRO M 22 -9.38 63.72 19.33
CA PRO M 22 -10.78 63.78 18.93
C PRO M 22 -11.10 63.11 17.59
N SER M 23 -12.38 62.78 17.41
CA SER M 23 -12.87 62.11 16.21
C SER M 23 -12.65 62.95 14.97
N ALA M 24 -12.88 64.27 15.07
CA ALA M 24 -12.80 65.16 13.93
C ALA M 24 -11.37 65.29 13.42
N ALA M 25 -10.40 65.29 14.36
CA ALA M 25 -8.98 65.38 14.02
C ALA M 25 -8.58 64.19 13.15
N TYR M 26 -9.00 62.99 13.56
CA TYR M 26 -8.72 61.76 12.83
C TYR M 26 -9.41 61.77 11.47
N ILE M 27 -10.68 62.17 11.43
CA ILE M 27 -11.50 62.05 10.23
C ILE M 27 -10.99 63.00 9.15
N ILE M 28 -10.68 64.25 9.52
CA ILE M 28 -10.19 65.24 8.56
C ILE M 28 -8.78 64.85 8.10
N SER M 29 -7.92 64.45 9.03
CA SER M 29 -6.55 64.08 8.71
C SER M 29 -6.49 62.86 7.78
N SER M 30 -7.49 61.96 7.90
CA SER M 30 -7.54 60.76 7.08
C SER M 30 -7.83 61.13 5.63
N VAL M 31 -8.73 62.10 5.41
CA VAL M 31 -9.05 62.55 4.06
C VAL M 31 -7.83 63.23 3.46
N VAL M 32 -7.17 64.09 4.23
CA VAL M 32 -6.01 64.82 3.75
C VAL M 32 -4.90 63.85 3.38
N CYS M 33 -4.63 62.88 4.26
CA CYS M 33 -3.56 61.91 4.04
C CYS M 33 -3.83 61.06 2.80
N LEU M 34 -5.10 60.69 2.57
CA LEU M 34 -5.45 59.87 1.43
C LEU M 34 -5.26 60.64 0.13
N LEU M 35 -5.62 61.93 0.12
CA LEU M 35 -5.56 62.74 -1.09
C LEU M 35 -4.12 63.10 -1.43
N VAL M 36 -3.34 63.51 -0.41
CA VAL M 36 -1.94 63.85 -0.61
C VAL M 36 -1.16 62.61 -1.01
N GLY M 37 -1.43 61.49 -0.34
CA GLY M 37 -0.76 60.23 -0.64
C GLY M 37 -1.06 59.75 -2.05
N SER M 38 -2.34 59.80 -2.43
CA SER M 38 -2.77 59.44 -3.77
C SER M 38 -2.08 60.31 -4.82
N TYR M 39 -1.92 61.60 -4.51
CA TYR M 39 -1.28 62.56 -5.40
C TYR M 39 0.20 62.21 -5.57
N CYS M 40 0.88 61.85 -4.48
CA CYS M 40 2.27 61.46 -4.51
C CYS M 40 2.48 60.24 -5.39
N VAL M 41 1.62 59.23 -5.23
CA VAL M 41 1.70 58.02 -6.04
C VAL M 41 1.48 58.39 -7.51
N TYR M 42 0.50 59.26 -7.78
CA TYR M 42 0.17 59.64 -9.13
C TYR M 42 1.36 60.35 -9.78
N GLU M 43 1.92 61.36 -9.09
CA GLU M 43 3.00 62.17 -9.61
C GLU M 43 4.25 61.32 -9.85
N SER M 44 4.56 60.44 -8.89
CA SER M 44 5.73 59.59 -8.96
C SER M 44 5.65 58.64 -10.15
N ASN M 45 4.56 57.88 -10.24
CA ASN M 45 4.52 56.66 -11.05
C ASN M 45 3.62 56.81 -12.28
N LEU M 46 2.49 57.52 -12.16
CA LEU M 46 1.42 57.44 -13.13
C LEU M 46 1.50 58.57 -14.15
N LEU M 47 1.80 59.79 -13.69
CA LEU M 47 2.13 60.89 -14.59
C LEU M 47 3.56 60.68 -15.09
N SER M 48 3.69 60.04 -16.27
CA SER M 48 4.95 59.64 -16.84
C SER M 48 5.58 58.50 -16.04
N PRO M 49 6.20 57.49 -16.70
CA PRO M 49 6.87 56.40 -15.97
C PRO M 49 7.99 56.85 -15.05
N LEU M 50 8.23 56.05 -14.00
CA LEU M 50 9.30 56.28 -13.05
C LEU M 50 10.63 55.95 -13.72
N THR M 51 11.64 56.81 -13.56
CA THR M 51 12.98 56.55 -14.06
C THR M 51 13.97 56.64 -12.89
N VAL M 52 15.21 56.20 -13.16
CA VAL M 52 16.27 56.22 -12.17
C VAL M 52 16.60 57.66 -11.75
N THR M 53 16.39 58.63 -12.65
CA THR M 53 16.75 60.02 -12.39
C THR M 53 15.52 60.87 -12.02
N THR M 54 14.36 60.25 -11.80
CA THR M 54 13.16 60.99 -11.48
C THR M 54 12.47 60.36 -10.28
N ILE M 55 13.25 60.04 -9.24
CA ILE M 55 12.72 59.57 -7.97
C ILE M 55 12.81 60.71 -6.96
N ASN M 56 11.64 61.25 -6.61
CA ASN M 56 11.49 62.33 -5.65
C ASN M 56 11.30 61.70 -4.27
N PRO M 57 12.23 61.93 -3.30
CA PRO M 57 12.06 61.38 -1.96
C PRO M 57 10.75 61.76 -1.27
N LEU M 58 10.23 62.97 -1.55
CA LEU M 58 9.02 63.45 -0.93
C LEU M 58 7.81 62.61 -1.37
N TYR M 59 7.77 62.24 -2.66
CA TYR M 59 6.69 61.42 -3.18
C TYR M 59 6.76 60.01 -2.61
N VAL M 60 7.98 59.51 -2.35
CA VAL M 60 8.14 58.19 -1.77
C VAL M 60 7.64 58.24 -0.33
N LEU M 61 8.09 59.25 0.43
CA LEU M 61 7.62 59.49 1.79
C LEU M 61 6.10 59.74 1.80
N GLY M 62 5.63 60.55 0.85
CA GLY M 62 4.23 60.91 0.76
C GLY M 62 3.32 59.71 0.49
N SER M 63 3.84 58.68 -0.19
CA SER M 63 3.05 57.50 -0.52
C SER M 63 2.66 56.73 0.74
N LEU M 64 3.45 56.85 1.81
CA LEU M 64 3.15 56.16 3.07
C LEU M 64 1.92 56.75 3.77
N LEU M 65 1.46 57.94 3.36
CA LEU M 65 0.24 58.52 3.88
C LEU M 65 -1.00 57.76 3.43
N VAL M 66 -0.90 56.95 2.35
CA VAL M 66 -2.03 56.19 1.88
C VAL M 66 -2.37 55.10 2.90
N PRO M 67 -1.45 54.17 3.27
CA PRO M 67 -1.76 53.22 4.34
C PRO M 67 -2.01 53.89 5.68
N TYR M 68 -1.37 55.03 5.95
CA TYR M 68 -1.56 55.76 7.19
C TYR M 68 -3.00 56.29 7.29
N SER M 69 -3.55 56.78 6.17
CA SER M 69 -4.91 57.29 6.13
C SER M 69 -5.93 56.20 6.51
N TRP M 70 -5.67 54.95 6.10
CA TRP M 70 -6.51 53.84 6.49
C TRP M 70 -6.60 53.78 8.02
N GLY M 71 -5.44 53.76 8.68
CA GLY M 71 -5.39 53.70 10.12
C GLY M 71 -6.13 54.87 10.75
N LEU M 72 -5.97 56.06 10.16
CA LEU M 72 -6.56 57.27 10.72
C LEU M 72 -8.09 57.20 10.65
N HIS M 73 -8.65 56.61 9.60
CA HIS M 73 -10.10 56.57 9.45
C HIS M 73 -10.70 55.50 10.37
N VAL M 74 -9.93 54.45 10.70
CA VAL M 74 -10.39 53.44 11.62
C VAL M 74 -10.41 54.05 13.02
N ALA M 75 -9.35 54.78 13.37
CA ALA M 75 -9.26 55.46 14.66
C ALA M 75 -10.38 56.50 14.79
N GLY M 76 -10.65 57.22 13.69
CA GLY M 76 -11.72 58.20 13.65
C GLY M 76 -13.08 57.58 13.96
N TRP M 77 -13.38 56.45 13.34
CA TRP M 77 -14.63 55.73 13.58
C TRP M 77 -14.72 55.27 15.03
N ILE M 78 -13.62 54.76 15.57
CA ILE M 78 -13.56 54.26 16.94
C ILE M 78 -13.92 55.40 17.88
N GLN M 79 -13.37 56.60 17.66
CA GLN M 79 -13.61 57.74 18.52
C GLN M 79 -15.02 58.28 18.36
N LEU M 80 -15.47 58.37 17.10
CA LEU M 80 -16.82 58.78 16.76
C LEU M 80 -17.84 57.97 17.56
N LYS M 81 -17.72 56.65 17.52
CA LYS M 81 -18.70 55.75 18.13
C LYS M 81 -18.54 55.68 19.65
N ASN M 82 -17.37 56.05 20.17
CA ASN M 82 -17.16 56.11 21.61
C ASN M 82 -17.61 57.46 22.18
N GLY M 83 -17.97 58.42 21.31
CA GLY M 83 -18.43 59.71 21.76
C GLY M 83 -17.35 60.79 21.60
N LYS M 84 -16.08 60.39 21.75
CA LYS M 84 -14.94 61.25 21.48
C LYS M 84 -14.95 61.65 19.99
N LEU N 1 51.82 23.13 43.25
CA LEU N 1 51.13 21.84 43.49
C LEU N 1 49.61 22.03 43.60
N GLY N 2 49.19 23.14 44.21
CA GLY N 2 47.78 23.44 44.40
C GLY N 2 47.00 23.52 43.10
N ILE N 3 47.65 24.03 42.04
CA ILE N 3 47.04 24.13 40.71
C ILE N 3 46.87 22.73 40.13
N PHE N 4 47.90 21.89 40.27
CA PHE N 4 47.92 20.56 39.67
C PHE N 4 46.98 19.63 40.42
N ARG N 5 47.04 19.67 41.76
CA ARG N 5 46.23 18.79 42.60
C ARG N 5 44.75 19.04 42.33
N GLN N 6 44.37 20.31 42.13
CA GLN N 6 42.99 20.67 41.85
C GLN N 6 42.58 20.18 40.46
N ALA N 7 43.49 20.31 39.48
CA ALA N 7 43.23 19.91 38.11
C ALA N 7 42.97 18.41 38.01
N MET N 8 43.65 17.62 38.84
CA MET N 8 43.45 16.18 38.90
C MET N 8 42.07 15.83 39.45
N LYS N 9 41.64 16.55 40.50
CA LYS N 9 40.34 16.34 41.11
C LYS N 9 39.23 16.70 40.13
N ASP N 10 39.41 17.78 39.37
CA ASP N 10 38.44 18.22 38.38
C ASP N 10 38.24 17.14 37.32
N PHE N 11 39.35 16.57 36.83
CA PHE N 11 39.29 15.54 35.80
C PHE N 11 38.66 14.26 36.35
N ALA N 12 38.94 13.94 37.61
CA ALA N 12 38.39 12.77 38.27
C ALA N 12 36.88 12.89 38.43
N SER N 13 36.39 14.11 38.69
CA SER N 13 34.96 14.37 38.82
C SER N 13 34.27 14.22 37.47
N GLU N 14 34.89 14.76 36.41
CA GLU N 14 34.34 14.71 35.06
C GLU N 14 34.31 13.27 34.54
N TYR N 15 35.39 12.51 34.79
CA TYR N 15 35.54 11.17 34.27
C TYR N 15 35.92 10.21 35.40
N PRO N 16 34.97 9.83 36.30
CA PRO N 16 35.26 8.88 37.36
C PRO N 16 35.57 7.46 36.89
N ASP N 17 34.86 6.99 35.86
CA ASP N 17 35.02 5.62 35.37
C ASP N 17 36.42 5.43 34.77
N PHE N 18 36.89 6.43 34.02
CA PHE N 18 38.19 6.34 33.36
C PHE N 18 39.32 6.51 34.37
N VAL N 19 39.17 7.48 35.30
CA VAL N 19 40.24 7.80 36.24
C VAL N 19 40.41 6.65 37.23
N SER N 20 39.32 5.90 37.51
CA SER N 20 39.38 4.77 38.43
C SER N 20 40.17 3.61 37.84
N ARG N 21 40.22 3.51 36.49
CA ARG N 21 40.97 2.49 35.80
C ARG N 21 42.34 3.02 35.37
N GLY N 22 42.74 4.19 35.89
CA GLY N 22 44.06 4.75 35.67
C GLY N 22 44.20 5.42 34.30
N LEU N 23 43.08 5.76 33.67
CA LEU N 23 43.08 6.39 32.35
C LEU N 23 42.91 7.90 32.53
N GLY N 24 43.66 8.68 31.73
CA GLY N 24 43.57 10.13 31.75
C GLY N 24 44.66 10.76 32.63
N VAL N 25 44.27 11.78 33.39
CA VAL N 25 45.20 12.58 34.19
C VAL N 25 45.55 11.78 35.45
N THR N 26 46.44 10.80 35.28
CA THR N 26 46.82 9.87 36.35
C THR N 26 48.34 9.68 36.32
N SER N 27 48.87 9.17 37.44
CA SER N 27 50.26 8.77 37.54
C SER N 27 50.51 7.49 36.75
N LYS N 28 49.47 6.64 36.67
CA LYS N 28 49.50 5.42 35.87
C LYS N 28 49.85 5.75 34.42
N ALA N 29 49.10 6.69 33.83
CA ALA N 29 49.21 7.02 32.42
C ALA N 29 50.51 7.79 32.16
N GLU N 30 50.88 8.68 33.09
CA GLU N 30 52.13 9.42 33.01
C GLU N 30 53.31 8.46 32.81
N ARG N 31 53.37 7.40 33.63
CA ARG N 31 54.49 6.48 33.64
C ARG N 31 54.53 5.67 32.34
N TRP N 32 53.38 5.07 31.98
CA TRP N 32 53.27 4.26 30.78
C TRP N 32 53.64 5.04 29.53
N ASN N 33 53.17 6.29 29.42
CA ASN N 33 53.46 7.12 28.27
C ASN N 33 54.93 7.54 28.28
N GLY N 34 55.51 7.65 29.47
CA GLY N 34 56.94 7.90 29.63
C GLY N 34 57.78 6.77 29.04
N ARG N 35 57.38 5.52 29.31
CA ARG N 35 58.08 4.34 28.84
C ARG N 35 58.08 4.28 27.31
N HIS N 36 56.92 4.58 26.70
CA HIS N 36 56.77 4.55 25.26
C HIS N 36 57.58 5.66 24.58
N ALA N 37 57.60 6.85 25.19
CA ALA N 37 58.35 7.98 24.68
C ALA N 37 59.86 7.70 24.70
N MET N 38 60.34 7.01 25.74
CA MET N 38 61.74 6.65 25.87
C MET N 38 62.14 5.66 24.78
N PHE N 39 61.34 4.60 24.62
CA PHE N 39 61.51 3.64 23.53
C PHE N 39 61.40 4.35 22.18
N GLY N 40 60.47 5.31 22.09
CA GLY N 40 60.17 6.01 20.86
C GLY N 40 61.36 6.80 20.32
N LEU N 41 62.07 7.50 21.20
CA LEU N 41 63.20 8.32 20.80
C LEU N 41 64.37 7.44 20.34
N LEU N 42 64.51 6.25 20.95
CA LEU N 42 65.49 5.28 20.51
C LEU N 42 65.14 4.81 19.08
N ALA N 43 63.86 4.53 18.86
CA ALA N 43 63.37 4.07 17.57
C ALA N 43 63.59 5.11 16.47
N ILE N 44 63.40 6.39 16.81
CA ILE N 44 63.64 7.49 15.87
C ILE N 44 65.14 7.57 15.55
N VAL N 45 65.99 7.43 16.58
CA VAL N 45 67.43 7.48 16.42
C VAL N 45 67.90 6.30 15.56
N LEU N 46 67.34 5.11 15.82
CA LEU N 46 67.68 3.91 15.07
C LEU N 46 67.22 4.02 13.62
N THR N 47 66.09 4.71 13.40
CA THR N 47 65.57 4.93 12.06
C THR N 47 66.51 5.85 11.27
N GLY N 48 66.94 6.94 11.91
CA GLY N 48 67.88 7.88 11.32
C GLY N 48 69.21 7.23 10.95
N TYR N 49 69.66 6.28 11.78
CA TYR N 49 70.92 5.59 11.56
C TYR N 49 70.77 4.55 10.45
N ALA N 50 69.67 3.77 10.49
CA ALA N 50 69.41 2.72 9.53
C ALA N 50 69.23 3.29 8.12
N LYS N 51 68.61 4.47 8.02
CA LYS N 51 68.42 5.16 6.76
C LYS N 51 69.77 5.66 6.23
N GLY N 52 70.57 6.25 7.13
CA GLY N 52 71.87 6.81 6.78
C GLY N 52 72.86 5.75 6.30
N HIS N 53 72.88 4.60 6.99
CA HIS N 53 73.87 3.56 6.75
C HIS N 53 73.37 2.52 5.73
N GLY N 54 72.12 2.68 5.27
CA GLY N 54 71.60 1.89 4.15
C GLY N 54 71.27 0.46 4.56
N TRP N 55 70.63 0.31 5.72
CA TRP N 55 70.24 -1.00 6.24
C TRP N 55 68.96 -1.49 5.55
N ILE N 56 68.03 -0.56 5.29
CA ILE N 56 66.75 -0.89 4.66
C ILE N 56 66.98 -1.09 3.16
N PRO N 57 66.69 -2.29 2.59
CA PRO N 57 66.94 -2.54 1.18
C PRO N 57 65.86 -1.98 0.26
N ASN N 58 66.30 -1.32 -0.83
CA ASN N 58 65.41 -0.73 -1.82
C ASN N 58 64.45 0.23 -1.15
N ALA N 59 65.00 1.17 -0.37
CA ALA N 59 64.20 2.03 0.50
C ALA N 59 63.18 2.84 -0.31
N ASP N 60 63.63 3.43 -1.42
CA ASP N 60 62.81 4.36 -2.19
C ASP N 60 61.95 3.64 -3.23
N GLN N 61 62.11 2.31 -3.35
CA GLN N 61 61.32 1.53 -4.29
C GLN N 61 59.86 1.48 -3.83
N VAL N 62 58.94 1.60 -4.80
CA VAL N 62 57.51 1.61 -4.54
C VAL N 62 56.97 0.19 -4.66
N LEU N 63 55.99 -0.16 -3.80
CA LEU N 63 55.41 -1.49 -3.77
C LEU N 63 54.42 -1.65 -4.94
N ASP N 64 54.26 -2.92 -5.38
CA ASP N 64 53.40 -3.27 -6.50
C ASP N 64 51.99 -3.56 -5.98
N MET N 65 50.97 -3.12 -6.75
CA MET N 65 49.58 -3.32 -6.37
C MET N 65 49.17 -4.75 -6.65
N GLN N 66 49.83 -5.41 -7.61
CA GLN N 66 49.54 -6.79 -7.97
C GLN N 66 49.93 -7.74 -6.85
N GLN N 67 51.09 -7.49 -6.22
CA GLN N 67 51.59 -8.34 -5.15
C GLN N 67 50.86 -8.03 -3.85
N TRP N 68 50.86 -6.75 -3.46
CA TRP N 68 50.50 -6.33 -2.11
C TRP N 68 49.06 -5.80 -2.03
N GLY N 69 48.38 -5.67 -3.16
CA GLY N 69 46.96 -5.32 -3.17
C GLY N 69 46.73 -3.81 -3.07
N THR N 70 45.50 -3.44 -2.68
CA THR N 70 45.01 -2.07 -2.79
C THR N 70 45.55 -1.16 -1.68
N LEU N 71 46.02 -1.75 -0.57
CA LEU N 71 46.44 -0.96 0.59
C LEU N 71 47.74 -0.19 0.30
N VAL N 72 48.49 -0.59 -0.73
CA VAL N 72 49.69 0.14 -1.13
C VAL N 72 49.34 1.56 -1.61
N MET N 73 48.11 1.75 -2.13
CA MET N 73 47.69 3.03 -2.66
C MET N 73 47.55 4.06 -1.54
N GLU N 74 47.93 5.31 -1.86
CA GLU N 74 47.81 6.45 -0.97
C GLU N 74 46.79 7.42 -1.57
N GLY N 75 46.73 8.64 -1.03
CA GLY N 75 45.68 9.60 -1.36
C GLY N 75 45.60 9.94 -2.85
N PHE N 76 46.68 10.53 -3.38
CA PHE N 76 46.63 11.22 -4.66
C PHE N 76 47.30 10.36 -5.73
N ASN N 77 46.86 9.09 -5.82
CA ASN N 77 47.43 8.08 -6.71
C ASN N 77 48.94 7.97 -6.50
N GLN N 78 49.37 7.96 -5.23
CA GLN N 78 50.74 7.69 -4.85
C GLN N 78 50.79 6.31 -4.22
N LYS N 79 51.94 5.64 -4.31
CA LYS N 79 52.14 4.31 -3.76
C LYS N 79 53.13 4.38 -2.59
N ILE N 80 52.95 3.47 -1.62
CA ILE N 80 53.81 3.40 -0.44
C ILE N 80 55.17 2.84 -0.85
N THR N 81 56.24 3.44 -0.29
CA THR N 81 57.61 2.98 -0.51
C THR N 81 57.89 1.76 0.35
N ASN N 82 58.98 1.07 0.03
CA ASN N 82 59.43 -0.10 0.77
C ASN N 82 59.84 0.32 2.19
N GLU N 83 60.56 1.46 2.28
CA GLU N 83 61.02 2.00 3.54
C GLU N 83 59.86 2.17 4.52
N ARG N 84 58.78 2.83 4.07
CA ARG N 84 57.65 3.12 4.92
C ARG N 84 56.94 1.84 5.35
N ALA N 85 56.73 0.92 4.39
CA ALA N 85 56.10 -0.36 4.69
C ALA N 85 56.91 -1.13 5.73
N ILE N 86 58.24 -1.08 5.63
CA ILE N 86 59.14 -1.81 6.51
C ILE N 86 59.06 -1.25 7.93
N VAL N 87 59.09 0.08 8.07
CA VAL N 87 59.01 0.72 9.38
C VAL N 87 57.68 0.37 10.03
N LEU N 88 56.61 0.27 9.23
CA LEU N 88 55.30 -0.08 9.75
C LEU N 88 55.33 -1.49 10.33
N VAL N 89 55.96 -2.43 9.60
CA VAL N 89 56.08 -3.83 10.01
C VAL N 89 56.84 -3.93 11.34
N ALA N 90 57.90 -3.13 11.51
CA ALA N 90 58.64 -3.06 12.75
C ALA N 90 57.73 -2.71 13.93
N HIS N 91 56.83 -1.75 13.72
CA HIS N 91 55.90 -1.32 14.76
C HIS N 91 54.83 -2.40 15.04
N ILE N 92 54.41 -3.14 14.00
CA ILE N 92 53.41 -4.19 14.15
C ILE N 92 53.92 -5.26 15.11
N HIS N 93 55.23 -5.55 15.07
CA HIS N 93 55.84 -6.49 16.00
C HIS N 93 55.55 -6.09 17.44
N VAL N 94 55.82 -4.83 17.80
CA VAL N 94 55.77 -4.39 19.20
C VAL N 94 54.35 -4.00 19.58
N LEU N 95 53.48 -3.71 18.61
CA LEU N 95 52.06 -3.53 18.87
C LEU N 95 51.44 -4.84 19.35
N LEU N 96 51.86 -5.97 18.75
CA LEU N 96 51.33 -7.27 19.10
C LEU N 96 51.87 -7.73 20.46
N VAL N 97 53.10 -7.33 20.79
CA VAL N 97 53.64 -7.53 22.13
C VAL N 97 52.78 -6.76 23.14
N SER N 98 52.46 -5.50 22.79
CA SER N 98 51.67 -4.62 23.64
C SER N 98 50.31 -5.23 23.97
N ILE N 99 49.63 -5.75 22.94
CA ILE N 99 48.29 -6.30 23.08
C ILE N 99 48.35 -7.51 24.01
N ALA N 100 49.37 -8.36 23.81
CA ALA N 100 49.60 -9.52 24.66
C ALA N 100 49.86 -9.10 26.10
N ALA N 101 50.74 -8.10 26.28
CA ALA N 101 51.11 -7.60 27.60
C ALA N 101 49.90 -6.99 28.31
N ALA N 102 49.05 -6.27 27.56
CA ALA N 102 47.91 -5.58 28.14
C ALA N 102 46.85 -6.59 28.62
N ILE N 103 46.52 -7.56 27.77
CA ILE N 103 45.41 -8.48 28.01
C ILE N 103 45.90 -9.66 28.86
N ALA N 104 47.11 -10.15 28.57
CA ALA N 104 47.67 -11.31 29.26
C ALA N 104 48.99 -10.96 29.92
N PRO N 105 49.03 -10.03 30.91
CA PRO N 105 50.30 -9.62 31.51
C PRO N 105 51.01 -10.72 32.28
N PHE N 106 52.34 -10.57 32.42
CA PHE N 106 53.12 -11.40 33.32
C PHE N 106 52.65 -11.14 34.75
N SER N 107 52.77 -12.15 35.61
CA SER N 107 52.31 -12.08 36.98
C SER N 107 53.02 -10.96 37.74
N PHE N 108 54.29 -10.72 37.39
CA PHE N 108 55.16 -9.81 38.12
C PHE N 108 55.12 -8.40 37.54
N GLN N 109 54.76 -8.25 36.25
CA GLN N 109 54.92 -6.97 35.56
C GLN N 109 53.87 -5.96 36.02
N ASP N 110 54.13 -4.69 35.70
CA ASP N 110 53.18 -3.61 35.90
C ASP N 110 52.06 -3.76 34.87
N ARG N 111 50.80 -3.63 35.33
CA ARG N 111 49.64 -3.82 34.48
C ARG N 111 49.22 -2.47 33.91
N LEU N 112 48.42 -2.50 32.84
CA LEU N 112 48.07 -1.31 32.09
C LEU N 112 47.07 -0.47 32.89
N LEU N 113 45.97 -1.11 33.33
CA LEU N 113 44.92 -0.44 34.08
C LEU N 113 45.08 -0.76 35.57
N LEU N 114 44.42 0.05 36.41
CA LEU N 114 44.37 -0.20 37.84
C LEU N 114 43.38 -1.33 38.11
N ARG N 115 43.61 -2.07 39.22
CA ARG N 115 42.74 -3.14 39.66
C ARG N 115 41.43 -2.58 40.19
N PRO N 116 40.38 -3.41 40.40
CA PRO N 116 39.06 -2.93 40.81
C PRO N 116 39.06 -1.87 41.91
N GLY N 117 39.83 -2.11 42.99
CA GLY N 117 39.89 -1.19 44.12
C GLY N 117 41.32 -0.82 44.48
N GLU N 118 42.15 -0.56 43.44
CA GLU N 118 43.50 -0.05 43.63
C GLU N 118 43.48 1.47 43.51
N LYS N 119 44.18 2.15 44.44
CA LYS N 119 44.39 3.58 44.35
C LYS N 119 45.55 3.86 43.40
N ASP N 120 45.65 5.11 42.93
CA ASP N 120 46.74 5.55 42.09
C ASP N 120 47.98 5.77 42.95
N GLU N 121 49.15 5.75 42.30
CA GLU N 121 50.39 6.20 42.94
C GLU N 121 50.29 7.70 43.21
N GLU N 122 50.88 8.14 44.32
CA GLU N 122 50.89 9.55 44.68
C GLU N 122 51.67 10.32 43.61
N PRO N 123 51.16 11.48 43.12
CA PRO N 123 51.92 12.29 42.17
C PRO N 123 53.32 12.64 42.64
N ALA N 124 54.28 12.65 41.71
CA ALA N 124 55.67 12.89 42.01
C ALA N 124 55.90 14.34 42.41
N GLY N 125 55.17 15.26 41.78
CA GLY N 125 55.32 16.69 42.01
C GLY N 125 56.19 17.32 40.93
N LEU N 126 56.68 18.54 41.20
CA LEU N 126 57.40 19.33 40.22
C LEU N 126 58.77 18.70 39.96
N LEU N 127 59.42 18.23 41.03
CA LEU N 127 60.65 17.44 40.94
C LEU N 127 60.46 16.16 41.76
N PRO N 128 60.55 14.95 41.16
CA PRO N 128 60.54 13.72 41.94
C PRO N 128 61.79 13.56 42.81
N PRO N 129 61.80 12.64 43.81
CA PRO N 129 63.01 12.34 44.56
C PRO N 129 64.13 11.79 43.68
N PHE N 130 65.34 12.35 43.81
CA PHE N 130 66.45 11.98 42.95
C PHE N 130 67.12 10.73 43.50
N LYS N 131 66.71 9.56 42.99
CA LYS N 131 67.22 8.27 43.43
C LYS N 131 67.85 7.55 42.23
N LEU N 132 69.18 7.48 42.22
CA LEU N 132 69.94 6.86 41.15
C LEU N 132 69.72 5.35 41.16
N GLY N 133 69.67 4.73 39.97
CA GLY N 133 69.53 3.29 39.81
C GLY N 133 68.22 2.92 39.13
N LEU N 134 67.93 1.62 39.07
CA LEU N 134 66.68 1.11 38.51
C LEU N 134 65.55 1.31 39.53
N THR N 135 65.06 2.55 39.61
CA THR N 135 64.04 2.94 40.59
C THR N 135 62.85 3.53 39.84
N LYS N 136 61.69 3.54 40.52
CA LYS N 136 60.48 4.16 40.00
C LYS N 136 60.71 5.65 39.77
N GLU N 137 61.55 6.25 40.64
CA GLU N 137 61.91 7.66 40.55
C GLU N 137 62.64 7.93 39.23
N ALA N 138 63.74 7.18 39.01
CA ALA N 138 64.60 7.38 37.85
C ALA N 138 63.83 7.12 36.56
N GLU N 139 62.91 6.16 36.59
CA GLU N 139 62.03 5.88 35.45
C GLU N 139 61.16 7.09 35.13
N LEU N 140 60.58 7.70 36.18
CA LEU N 140 59.67 8.83 36.03
C LEU N 140 60.46 10.06 35.58
N TRP N 141 61.70 10.20 36.07
CA TRP N 141 62.61 11.25 35.63
C TRP N 141 62.86 11.17 34.13
N ASN N 142 63.21 9.98 33.64
CA ASN N 142 63.60 9.79 32.25
C ASN N 142 62.37 9.76 31.35
N GLY N 143 61.25 9.25 31.87
CA GLY N 143 59.99 9.21 31.13
C GLY N 143 59.47 10.61 30.83
N ARG N 144 59.45 11.48 31.85
CA ARG N 144 59.00 12.86 31.70
C ARG N 144 59.88 13.60 30.71
N LEU N 145 61.20 13.36 30.80
CA LEU N 145 62.18 14.03 29.97
C LEU N 145 62.03 13.60 28.50
N ALA N 146 61.77 12.30 28.28
CA ALA N 146 61.58 11.76 26.95
C ALA N 146 60.35 12.38 26.29
N MET N 147 59.24 12.42 27.02
CA MET N 147 57.98 12.94 26.48
C MET N 147 58.10 14.43 26.17
N LEU N 148 58.86 15.17 26.98
CA LEU N 148 59.21 16.55 26.67
C LEU N 148 59.97 16.62 25.35
N GLY N 149 60.96 15.71 25.20
CA GLY N 149 61.77 15.63 24.01
C GLY N 149 60.96 15.42 22.74
N VAL N 150 59.98 14.50 22.81
CA VAL N 150 59.13 14.20 21.66
C VAL N 150 58.28 15.42 21.33
N THR N 151 57.72 16.07 22.36
CA THR N 151 56.92 17.28 22.19
C THR N 151 57.74 18.35 21.48
N PHE N 152 58.98 18.57 21.95
CA PHE N 152 59.86 19.60 21.43
C PHE N 152 60.23 19.32 19.98
N ILE N 153 60.68 18.08 19.72
CA ILE N 153 61.17 17.67 18.41
C ILE N 153 60.06 17.81 17.36
N VAL N 154 58.84 17.37 17.72
CA VAL N 154 57.69 17.47 16.82
C VAL N 154 57.37 18.94 16.56
N ALA N 155 57.24 19.72 17.65
CA ALA N 155 56.92 21.14 17.58
C ALA N 155 57.94 21.88 16.72
N THR N 156 59.23 21.54 16.87
CA THR N 156 60.32 22.17 16.12
C THR N 156 60.14 21.95 14.63
N SER N 157 59.74 20.73 14.23
CA SER N 157 59.66 20.34 12.83
C SER N 157 58.61 21.16 12.07
N ILE N 158 57.44 21.41 12.70
CA ILE N 158 56.34 22.08 12.04
C ILE N 158 56.66 23.57 11.96
N ILE N 159 57.21 24.11 13.05
CA ILE N 159 57.51 25.53 13.18
C ILE N 159 58.62 25.92 12.20
N THR N 160 59.69 25.11 12.14
CA THR N 160 60.85 25.43 11.32
C THR N 160 60.71 24.87 9.90
N GLY N 161 59.93 23.79 9.75
CA GLY N 161 59.71 23.18 8.45
C GLY N 161 60.79 22.15 8.09
N GLN N 162 61.56 21.71 9.09
CA GLN N 162 62.57 20.68 8.92
C GLN N 162 61.96 19.33 9.28
N SER N 163 62.60 18.24 8.82
CA SER N 163 62.15 16.90 9.15
C SER N 163 62.58 16.55 10.57
N ILE N 164 61.77 15.71 11.25
CA ILE N 164 62.06 15.26 12.59
C ILE N 164 63.43 14.60 12.63
N LEU N 165 63.75 13.80 11.60
CA LEU N 165 65.05 13.14 11.51
C LEU N 165 66.17 14.16 11.38
N ASP N 166 65.96 15.22 10.58
CA ASP N 166 66.94 16.27 10.41
C ASP N 166 67.17 17.00 11.73
N VAL N 167 66.09 17.31 12.45
CA VAL N 167 66.16 17.99 13.74
C VAL N 167 66.94 17.14 14.74
N VAL N 168 66.60 15.83 14.79
CA VAL N 168 67.26 14.90 15.70
C VAL N 168 68.73 14.75 15.31
N ASN N 169 69.01 14.63 14.00
CA ASN N 169 70.36 14.42 13.50
C ASN N 169 71.24 15.63 13.81
N LYS N 170 70.71 16.84 13.59
CA LYS N 170 71.42 18.07 13.89
C LYS N 170 71.55 18.26 15.40
N GLY N 171 70.55 17.78 16.15
CA GLY N 171 70.57 17.82 17.60
C GLY N 171 71.67 16.95 18.20
N LEU N 172 72.03 15.87 17.50
CA LEU N 172 73.10 14.96 17.92
C LEU N 172 74.43 15.34 17.27
N GLY N 173 74.40 16.28 16.31
CA GLY N 173 75.61 16.78 15.67
C GLY N 173 76.00 15.95 14.45
N ASN N 174 75.00 15.65 13.60
CA ASN N 174 75.20 14.99 12.32
C ASN N 174 75.99 13.69 12.50
N ILE N 175 75.57 12.87 13.46
CA ILE N 175 76.21 11.60 13.76
C ILE N 175 75.48 10.48 13.02
N LEU N 176 74.15 10.53 12.99
CA LEU N 176 73.33 9.47 12.44
C LEU N 176 73.48 9.43 10.92
N TYR N 177 73.41 10.60 10.28
CA TYR N 177 73.64 10.73 8.85
C TYR N 177 74.04 12.17 8.54
N SER O 1 22.71 58.40 38.69
CA SER O 1 24.08 58.10 38.20
C SER O 1 24.93 59.37 38.23
N ARG O 2 26.22 59.23 37.93
CA ARG O 2 27.18 60.32 38.01
C ARG O 2 27.60 60.75 36.61
N ALA O 3 28.08 59.79 35.80
CA ALA O 3 28.57 60.05 34.45
C ALA O 3 27.47 60.66 33.59
N LEU O 4 26.25 60.15 33.73
CA LEU O 4 25.06 60.74 33.12
C LEU O 4 24.18 61.28 34.25
N PRO O 5 24.43 62.51 34.75
CA PRO O 5 23.83 62.97 36.00
C PRO O 5 22.33 63.28 35.95
N PHE O 6 21.70 63.11 34.78
CA PHE O 6 20.26 63.31 34.62
C PHE O 6 19.53 61.97 34.68
N LEU O 7 20.20 60.88 34.29
CA LEU O 7 19.63 59.54 34.38
C LEU O 7 19.92 58.94 35.74
N GLU O 8 19.18 57.87 36.07
CA GLU O 8 19.47 57.02 37.22
C GLU O 8 20.31 55.83 36.77
N ALA O 9 21.15 55.32 37.68
CA ALA O 9 22.01 54.17 37.40
C ALA O 9 21.19 52.89 37.51
N PRO O 10 21.58 51.77 36.87
CA PRO O 10 20.92 50.49 37.09
C PRO O 10 21.07 49.96 38.51
N LYS O 11 20.33 48.87 38.80
CA LYS O 11 20.21 48.33 40.14
C LYS O 11 21.52 47.70 40.61
N LYS O 12 22.19 46.99 39.70
CA LYS O 12 23.45 46.29 40.00
C LYS O 12 24.53 47.30 40.43
N LEU O 13 24.63 48.41 39.68
CA LEU O 13 25.65 49.43 39.93
C LEU O 13 25.20 50.33 41.08
N ASP O 14 25.75 50.07 42.28
CA ASP O 14 25.35 50.76 43.50
C ASP O 14 26.34 51.89 43.84
N GLY O 15 27.55 51.83 43.29
CA GLY O 15 28.59 52.83 43.55
C GLY O 15 29.61 52.35 44.59
N LYS O 16 29.67 51.04 44.83
CA LYS O 16 30.59 50.45 45.80
C LYS O 16 31.85 49.96 45.08
N ILE O 17 31.66 49.21 43.98
CA ILE O 17 32.74 48.56 43.26
C ILE O 17 33.66 49.60 42.63
N PRO O 18 34.97 49.31 42.42
CA PRO O 18 35.85 50.21 41.68
C PRO O 18 35.48 50.35 40.21
N GLY O 19 35.50 51.60 39.72
CA GLY O 19 35.16 51.91 38.34
C GLY O 19 33.70 52.28 38.16
N ASP O 20 32.93 52.32 39.26
CA ASP O 20 31.51 52.59 39.20
C ASP O 20 31.27 54.09 39.17
N ALA O 21 30.86 54.60 38.00
CA ALA O 21 30.34 55.96 37.86
C ALA O 21 28.86 55.92 37.46
N GLY O 22 28.23 54.75 37.62
CA GLY O 22 26.83 54.55 37.25
C GLY O 22 26.61 54.64 35.74
N PHE O 23 27.66 54.35 34.94
CA PHE O 23 27.59 54.53 33.50
C PHE O 23 27.16 53.22 32.85
N ASP O 24 25.85 53.08 32.62
CA ASP O 24 25.28 51.94 31.92
C ASP O 24 23.91 52.34 31.37
N PRO O 25 23.85 53.32 30.42
CA PRO O 25 22.58 53.82 29.90
C PRO O 25 21.69 52.77 29.21
N LEU O 26 22.28 51.68 28.72
CA LEU O 26 21.54 50.62 28.06
C LEU O 26 21.02 49.59 29.06
N TYR O 27 21.54 49.60 30.29
CA TYR O 27 21.20 48.65 31.34
C TYR O 27 21.61 47.25 30.87
N ILE O 28 22.87 47.13 30.43
CA ILE O 28 23.46 45.85 30.05
C ILE O 28 23.66 44.98 31.29
N SER O 29 23.99 45.62 32.43
CA SER O 29 24.32 44.92 33.66
C SER O 29 23.12 44.14 34.21
N ASP O 30 21.90 44.57 33.88
CA ASP O 30 20.69 43.89 34.33
C ASP O 30 20.63 42.45 33.82
N ASN O 31 21.04 42.24 32.56
CA ASN O 31 20.99 40.93 31.92
C ASN O 31 22.31 40.18 32.06
N MET O 32 23.44 40.91 32.05
CA MET O 32 24.76 40.31 31.97
C MET O 32 25.32 40.03 33.36
N ASN O 33 26.13 38.97 33.45
CA ASN O 33 26.85 38.60 34.65
C ASN O 33 27.93 39.64 34.91
N LEU O 34 27.75 40.43 35.98
CA LEU O 34 28.56 41.63 36.21
C LEU O 34 29.98 41.23 36.64
N ASP O 35 30.09 40.24 37.54
CA ASP O 35 31.37 39.74 38.02
C ASP O 35 32.29 39.41 36.85
N TYR O 36 31.74 38.71 35.84
CA TYR O 36 32.49 38.31 34.66
C TYR O 36 32.78 39.54 33.78
N LEU O 37 31.82 40.45 33.67
CA LEU O 37 32.01 41.67 32.89
C LEU O 37 33.16 42.49 33.47
N ARG O 38 33.27 42.54 34.80
CA ARG O 38 34.33 43.27 35.46
C ARG O 38 35.68 42.65 35.13
N ALA O 39 35.74 41.32 35.17
CA ALA O 39 36.95 40.58 34.82
C ALA O 39 37.34 40.83 33.36
N SER O 40 36.32 40.94 32.49
CA SER O 40 36.52 41.16 31.06
C SER O 40 37.03 42.57 30.79
N GLU O 41 36.51 43.55 31.56
CA GLU O 41 36.93 44.94 31.43
C GLU O 41 38.39 45.09 31.88
N ILE O 42 38.71 44.51 33.04
CA ILE O 42 40.05 44.57 33.60
C ILE O 42 41.05 43.87 32.68
N LYS O 43 40.64 42.78 32.02
CA LYS O 43 41.52 42.08 31.10
C LYS O 43 41.82 42.97 29.88
N HIS O 44 40.77 43.59 29.32
CA HIS O 44 40.91 44.50 28.20
C HIS O 44 41.75 45.72 28.57
N CYS O 45 41.59 46.20 29.81
CA CYS O 45 42.40 47.28 30.36
C CYS O 45 43.89 46.94 30.31
N ARG O 46 44.25 45.75 30.82
CA ARG O 46 45.63 45.35 30.98
C ARG O 46 46.30 45.08 29.63
N VAL O 47 45.55 44.50 28.70
CA VAL O 47 46.05 44.21 27.36
C VAL O 47 46.27 45.53 26.62
N ALA O 48 45.32 46.47 26.76
CA ALA O 48 45.38 47.75 26.08
C ALA O 48 46.55 48.59 26.58
N MET O 49 46.82 48.54 27.89
CA MET O 49 47.87 49.35 28.49
C MET O 49 49.24 48.89 27.99
N LEU O 50 49.49 47.57 28.01
CA LEU O 50 50.69 46.99 27.43
C LEU O 50 50.79 47.38 25.95
N ALA O 51 49.66 47.28 25.24
CA ALA O 51 49.61 47.57 23.81
C ALA O 51 49.92 49.04 23.54
N ALA O 52 49.37 49.93 24.39
CA ALA O 52 49.57 51.36 24.25
C ALA O 52 51.05 51.73 24.49
N LEU O 53 51.65 51.13 25.52
CA LEU O 53 53.05 51.33 25.85
C LEU O 53 53.91 50.77 24.71
N GLY O 54 53.58 49.54 24.29
CA GLY O 54 54.30 48.86 23.22
C GLY O 54 54.33 49.68 21.93
N TYR O 55 53.19 50.32 21.60
CA TYR O 55 53.03 51.03 20.34
C TYR O 55 54.01 52.20 20.28
N ILE O 56 54.09 52.98 21.36
CA ILE O 56 54.87 54.21 21.39
C ILE O 56 56.36 53.91 21.50
N THR O 57 56.73 52.83 22.21
CA THR O 57 58.12 52.54 22.49
C THR O 57 58.81 51.97 21.25
N GLN O 58 58.20 50.94 20.64
CA GLN O 58 58.82 50.22 19.54
C GLN O 58 58.83 51.06 18.27
N GLU O 59 58.20 52.24 18.32
CA GLU O 59 58.43 53.29 17.33
C GLU O 59 59.85 53.83 17.50
N PHE O 60 60.19 54.26 18.74
CA PHE O 60 61.48 54.84 19.04
C PHE O 60 62.54 53.74 19.13
N PHE O 61 62.45 52.92 20.19
CA PHE O 61 63.49 51.95 20.54
C PHE O 61 63.27 50.67 19.75
N HIS O 62 64.31 49.83 19.68
CA HIS O 62 64.26 48.61 18.88
C HIS O 62 65.16 47.53 19.49
N LEU O 63 64.72 46.27 19.35
CA LEU O 63 65.52 45.11 19.69
C LEU O 63 66.58 44.93 18.60
N PRO O 64 67.81 44.46 18.91
CA PRO O 64 68.85 44.25 17.89
C PRO O 64 68.41 43.40 16.70
N GLY O 65 69.05 43.63 15.55
CA GLY O 65 68.77 42.89 14.33
C GLY O 65 67.82 43.65 13.41
N ASP O 66 67.90 43.35 12.11
CA ASP O 66 67.16 44.07 11.08
C ASP O 66 65.66 43.74 11.15
N VAL O 67 65.34 42.53 11.62
CA VAL O 67 63.97 42.04 11.66
C VAL O 67 63.12 42.91 12.61
N PHE O 68 63.72 43.40 13.70
CA PHE O 68 63.01 44.15 14.73
C PHE O 68 63.34 45.65 14.65
N ASN O 69 63.37 46.20 13.43
CA ASN O 69 63.74 47.60 13.23
C ASN O 69 62.64 48.35 12.46
N GLU O 70 61.38 47.89 12.58
CA GLU O 70 60.26 48.47 11.86
C GLU O 70 59.54 49.47 12.77
N LYS O 71 59.54 50.75 12.38
CA LYS O 71 58.97 51.81 13.20
C LYS O 71 57.44 51.71 13.21
N HIS O 72 56.85 51.28 12.09
CA HIS O 72 55.40 51.13 11.99
C HIS O 72 54.99 49.83 12.67
N ALA O 73 54.03 49.94 13.60
CA ALA O 73 53.66 48.84 14.48
C ALA O 73 52.93 47.73 13.73
N LEU O 74 52.03 48.12 12.82
CA LEU O 74 51.23 47.16 12.06
C LEU O 74 52.06 46.51 10.95
N ALA O 75 53.13 47.19 10.53
CA ALA O 75 54.06 46.65 9.55
C ALA O 75 55.03 45.65 10.19
N ALA O 76 55.21 45.74 11.53
CA ALA O 76 56.12 44.88 12.25
C ALA O 76 55.63 43.43 12.34
N ILE O 77 54.31 43.23 12.21
CA ILE O 77 53.69 41.92 12.38
C ILE O 77 54.28 40.93 11.38
N HIS O 78 54.34 41.32 10.10
CA HIS O 78 54.74 40.42 9.03
C HIS O 78 56.25 40.22 9.00
N LYS O 79 57.02 41.16 9.57
CA LYS O 79 58.48 41.09 9.56
C LYS O 79 59.00 40.14 10.64
N VAL O 80 58.44 40.25 11.85
CA VAL O 80 58.85 39.46 13.00
C VAL O 80 58.75 37.96 12.66
N PRO O 81 59.65 37.08 13.17
CA PRO O 81 59.62 35.66 12.82
C PRO O 81 58.38 34.96 13.38
N ILE O 82 57.85 34.00 12.61
CA ILE O 82 56.64 33.27 12.98
C ILE O 82 56.89 32.53 14.30
N GLU O 83 58.04 31.84 14.36
CA GLU O 83 58.45 31.12 15.56
C GLU O 83 58.46 32.04 16.79
N GLY O 84 58.76 33.33 16.60
CA GLY O 84 58.65 34.33 17.64
C GLY O 84 57.21 34.51 18.12
N TRP O 85 56.28 34.62 17.16
CA TRP O 85 54.86 34.78 17.45
C TRP O 85 54.29 33.53 18.13
N ILE O 86 54.71 32.34 17.69
CA ILE O 86 54.22 31.08 18.24
C ILE O 86 54.54 31.04 19.74
N GLN O 87 55.73 31.52 20.13
CA GLN O 87 56.16 31.50 21.52
C GLN O 87 55.34 32.47 22.37
N ILE O 88 54.99 33.63 21.80
CA ILE O 88 54.16 34.61 22.48
C ILE O 88 52.74 34.05 22.64
N ILE O 89 52.22 33.41 21.58
CA ILE O 89 50.90 32.81 21.61
C ILE O 89 50.85 31.69 22.64
N LEU O 90 51.86 30.81 22.63
CA LEU O 90 51.93 29.69 23.56
C LEU O 90 52.04 30.20 25.00
N PHE O 91 52.74 31.33 25.20
CA PHE O 91 52.88 31.93 26.51
C PHE O 91 51.52 32.46 26.98
N ILE O 92 50.88 33.29 26.15
CA ILE O 92 49.56 33.84 26.46
C ILE O 92 48.58 32.70 26.71
N SER O 93 48.65 31.66 25.87
CA SER O 93 47.81 30.48 25.99
C SER O 93 47.94 29.84 27.37
N LEU O 94 49.19 29.61 27.80
CA LEU O 94 49.45 28.95 29.08
C LEU O 94 48.90 29.77 30.24
N VAL O 95 49.03 31.11 30.16
CA VAL O 95 48.52 31.99 31.19
C VAL O 95 46.99 31.87 31.25
N GLU O 96 46.33 31.88 30.09
CA GLU O 96 44.88 31.87 30.02
C GLU O 96 44.31 30.53 30.49
N ILE O 97 45.03 29.43 30.22
CA ILE O 97 44.61 28.10 30.66
C ILE O 97 44.78 27.97 32.17
N ALA O 98 45.89 28.52 32.69
CA ALA O 98 46.18 28.51 34.11
C ALA O 98 45.13 29.30 34.90
N THR O 99 44.64 30.40 34.31
CA THR O 99 43.76 31.36 34.98
C THR O 99 42.29 31.00 34.75
N PHE O 100 42.00 30.07 33.82
CA PHE O 100 40.65 29.75 33.39
C PHE O 100 39.73 29.43 34.58
N ARG O 101 40.19 28.52 35.46
CA ARG O 101 39.43 28.09 36.63
C ARG O 101 38.97 29.28 37.47
N THR O 102 39.93 30.16 37.80
CA THR O 102 39.67 31.32 38.66
C THR O 102 38.60 32.22 38.04
N THR O 103 38.69 32.41 36.72
CA THR O 103 37.81 33.31 35.99
C THR O 103 36.34 32.88 36.13
N PHE O 104 36.08 31.57 36.04
CA PHE O 104 34.72 31.05 36.04
C PHE O 104 34.30 30.57 37.44
N SER O 105 35.20 30.66 38.42
CA SER O 105 34.88 30.31 39.80
C SER O 105 34.15 31.46 40.47
N PHE O 106 34.64 32.70 40.26
CA PHE O 106 34.12 33.90 40.88
C PHE O 106 34.25 33.79 42.40
N ASP O 107 35.45 33.38 42.85
CA ASP O 107 35.76 33.22 44.26
C ASP O 107 36.66 34.35 44.75
N ARG O 108 37.51 34.89 43.86
CA ARG O 108 38.69 35.63 44.27
C ARG O 108 38.47 37.15 44.24
N GLU O 109 37.79 37.64 43.19
CA GLU O 109 37.57 39.07 42.91
C GLU O 109 38.00 39.31 41.47
N PRO O 110 37.27 40.12 40.66
CA PRO O 110 37.60 40.31 39.24
C PRO O 110 39.03 40.79 38.98
N GLY O 111 39.75 40.05 38.14
CA GLY O 111 41.10 40.42 37.73
C GLY O 111 42.18 39.93 38.69
N ASP O 112 41.76 39.32 39.81
CA ASP O 112 42.67 38.96 40.89
C ASP O 112 43.18 37.54 40.67
N PHE O 113 44.46 37.42 40.28
CA PHE O 113 45.12 36.14 40.12
C PHE O 113 46.31 36.02 41.09
N GLY O 114 46.25 36.79 42.19
CA GLY O 114 47.27 36.76 43.23
C GLY O 114 48.64 37.21 42.72
N PHE O 115 48.66 38.21 41.84
CA PHE O 115 49.89 38.73 41.26
C PHE O 115 50.20 40.09 41.88
N ASP O 116 50.98 40.07 42.96
CA ASP O 116 51.58 41.27 43.53
C ASP O 116 53.03 40.94 43.95
N PRO O 117 53.92 40.62 42.98
CA PRO O 117 55.32 40.34 43.26
C PRO O 117 55.98 41.25 44.29
N LEU O 118 55.96 42.57 44.04
CA LEU O 118 56.73 43.53 44.82
C LEU O 118 56.01 43.88 46.12
N GLY O 119 54.70 43.60 46.19
CA GLY O 119 53.91 43.88 47.39
C GLY O 119 53.64 45.38 47.52
N LEU O 120 53.05 45.96 46.46
CA LEU O 120 52.78 47.38 46.39
C LEU O 120 51.46 47.67 47.10
N ALA O 121 50.44 46.83 46.85
CA ALA O 121 49.16 46.92 47.54
C ALA O 121 49.21 46.10 48.82
N LYS O 122 49.87 46.65 49.85
CA LYS O 122 49.94 46.04 51.17
C LYS O 122 48.65 46.35 51.94
N SER O 123 48.33 47.65 52.05
CA SER O 123 47.14 48.11 52.76
C SER O 123 45.90 47.85 51.91
N PRO O 124 44.72 47.55 52.51
CA PRO O 124 43.46 47.47 51.76
C PRO O 124 43.03 48.81 51.15
N GLN O 125 43.38 49.92 51.81
CA GLN O 125 43.02 51.25 51.35
C GLN O 125 43.85 51.63 50.13
N LEU O 126 45.13 51.24 50.11
CA LEU O 126 46.00 51.45 48.96
C LEU O 126 45.51 50.62 47.77
N ARG O 127 45.13 49.36 48.05
CA ARG O 127 44.61 48.45 47.03
C ARG O 127 43.42 49.09 46.31
N ARG O 128 42.53 49.73 47.08
CA ARG O 128 41.35 50.39 46.53
C ARG O 128 41.75 51.52 45.57
N ARG O 129 42.73 52.33 45.97
CA ARG O 129 43.22 53.43 45.15
C ARG O 129 43.84 52.89 43.86
N TYR O 130 44.60 51.80 43.99
CA TYR O 130 45.27 51.18 42.85
C TYR O 130 44.25 50.53 41.92
N GLN O 131 43.17 49.96 42.47
CA GLN O 131 42.20 49.20 41.69
C GLN O 131 41.39 50.15 40.81
N GLU O 132 41.00 51.30 41.36
CA GLU O 132 40.29 52.32 40.62
C GLU O 132 41.16 52.88 39.50
N SER O 133 42.44 53.15 39.83
CA SER O 133 43.36 53.79 38.90
C SER O 133 43.77 52.83 37.78
N GLU O 134 43.81 51.53 38.08
CA GLU O 134 44.05 50.49 37.07
C GLU O 134 42.98 50.56 35.99
N ILE O 135 41.71 50.67 36.41
CA ILE O 135 40.57 50.74 35.52
C ILE O 135 40.58 52.07 34.75
N ARG O 136 40.95 53.16 35.42
CA ARG O 136 40.96 54.49 34.83
C ARG O 136 42.01 54.58 33.71
N ASN O 137 43.24 54.15 34.02
CA ASN O 137 44.31 54.13 33.04
C ASN O 137 43.99 53.12 31.92
N GLY O 138 43.35 52.01 32.30
CA GLY O 138 42.98 50.97 31.36
C GLY O 138 41.91 51.44 30.37
N ARG O 139 40.87 52.10 30.88
CA ARG O 139 39.80 52.65 30.05
C ARG O 139 40.37 53.68 29.08
N LEU O 140 41.28 54.52 29.57
CA LEU O 140 41.94 55.53 28.75
C LEU O 140 42.79 54.87 27.67
N ALA O 141 43.55 53.84 28.05
CA ALA O 141 44.41 53.12 27.13
C ALA O 141 43.60 52.38 26.07
N MET O 142 42.42 51.87 26.45
CA MET O 142 41.56 51.13 25.52
C MET O 142 41.12 52.01 24.36
N ILE O 143 40.76 53.27 24.65
CA ILE O 143 40.37 54.20 23.60
C ILE O 143 41.62 54.54 22.77
N ALA O 144 42.72 54.85 23.46
CA ALA O 144 43.92 55.38 22.83
C ALA O 144 44.50 54.42 21.79
N VAL O 145 44.59 53.13 22.14
CA VAL O 145 45.22 52.15 21.28
C VAL O 145 44.36 51.92 20.03
N ILE O 146 43.04 51.97 20.18
CA ILE O 146 42.13 51.93 19.04
C ILE O 146 42.31 53.21 18.21
N GLY O 147 42.54 54.34 18.89
CA GLY O 147 42.95 55.57 18.23
C GLY O 147 44.20 55.38 17.38
N PHE O 148 45.24 54.78 17.97
CA PHE O 148 46.52 54.58 17.31
C PHE O 148 46.37 53.71 16.06
N ILE O 149 45.66 52.57 16.20
CA ILE O 149 45.56 51.57 15.15
C ILE O 149 44.80 52.15 13.96
N VAL O 150 43.66 52.79 14.24
CA VAL O 150 42.81 53.36 13.20
C VAL O 150 43.57 54.46 12.46
N GLN O 151 44.33 55.26 13.21
CA GLN O 151 45.13 56.34 12.64
C GLN O 151 46.16 55.80 11.65
N GLU O 152 46.81 54.67 12.00
CA GLU O 152 47.80 54.05 11.12
C GLU O 152 47.14 53.55 9.84
N LEU O 153 46.01 52.84 9.98
CA LEU O 153 45.24 52.34 8.85
C LEU O 153 44.88 53.49 7.90
N VAL O 154 44.43 54.62 8.45
CA VAL O 154 43.96 55.75 7.66
C VAL O 154 45.15 56.45 6.99
N THR O 155 46.14 56.86 7.79
CA THR O 155 47.22 57.70 7.30
C THR O 155 48.34 56.85 6.69
N GLY O 156 48.87 55.92 7.49
CA GLY O 156 50.06 55.15 7.14
C GLY O 156 51.31 55.78 7.74
N LYS O 157 51.21 56.22 9.02
CA LYS O 157 52.28 56.92 9.71
C LYS O 157 52.25 56.50 11.18
N SER O 158 53.44 56.28 11.76
CA SER O 158 53.56 55.89 13.16
C SER O 158 53.18 57.07 14.05
N VAL O 159 52.69 56.74 15.26
CA VAL O 159 51.98 57.66 16.14
C VAL O 159 52.75 58.98 16.30
N VAL O 160 54.09 58.88 16.42
CA VAL O 160 54.94 60.05 16.67
C VAL O 160 55.05 60.89 15.40
N GLU O 161 55.28 60.23 14.25
CA GLU O 161 55.46 60.91 12.98
C GLU O 161 54.23 61.74 12.65
N GLN O 162 53.05 61.10 12.70
CA GLN O 162 51.78 61.79 12.54
C GLN O 162 51.48 62.58 13.84
N GLY P 1 -1.17 80.48 30.08
CA GLY P 1 -2.17 79.50 29.61
C GLY P 1 -2.56 79.78 28.15
N PHE P 2 -1.73 79.27 27.22
CA PHE P 2 -1.94 79.45 25.80
C PHE P 2 -1.92 78.09 25.11
N ASP P 3 -3.10 77.47 24.98
CA ASP P 3 -3.28 76.25 24.22
C ASP P 3 -4.65 76.25 23.56
N PRO P 4 -4.87 77.09 22.51
CA PRO P 4 -6.12 77.05 21.74
C PRO P 4 -6.49 75.67 21.18
N LEU P 5 -5.53 75.01 20.52
CA LEU P 5 -5.78 73.78 19.80
C LEU P 5 -6.01 72.62 20.78
N GLY P 6 -5.17 72.54 21.81
CA GLY P 6 -5.37 71.60 22.91
C GLY P 6 -4.47 70.38 22.78
N PHE P 7 -3.16 70.60 22.63
CA PHE P 7 -2.17 69.55 22.51
C PHE P 7 -1.81 69.00 23.90
N SER P 8 -1.88 69.86 24.93
CA SER P 8 -1.55 69.47 26.28
C SER P 8 -2.56 68.48 26.86
N THR P 9 -3.79 68.50 26.32
CA THR P 9 -4.82 67.53 26.69
C THR P 9 -4.57 66.21 25.96
N ILE P 10 -4.14 66.29 24.70
CA ILE P 10 -3.89 65.12 23.86
C ILE P 10 -2.59 64.46 24.33
N ILE P 11 -1.48 65.20 24.22
CA ILE P 11 -0.14 64.70 24.56
C ILE P 11 0.25 65.26 25.92
N ASP P 12 1.14 64.54 26.63
CA ASP P 12 1.63 64.94 27.94
C ASP P 12 2.40 66.26 27.82
N LEU P 13 2.25 67.12 28.82
CA LEU P 13 2.83 68.47 28.83
C LEU P 13 4.33 68.39 29.09
N ARG P 14 4.75 67.40 29.89
CA ARG P 14 6.17 67.15 30.14
C ARG P 14 6.91 66.88 28.84
N TYR P 15 6.31 66.05 27.97
CA TYR P 15 6.90 65.70 26.68
C TYR P 15 6.94 66.94 25.78
N LEU P 16 5.86 67.72 25.78
CA LEU P 16 5.78 68.93 24.98
C LEU P 16 6.82 69.96 25.43
N ARG P 17 7.11 70.01 26.74
CA ARG P 17 8.09 70.92 27.29
C ARG P 17 9.48 70.54 26.82
N GLU P 18 9.80 69.25 26.85
CA GLU P 18 11.07 68.72 26.35
C GLU P 18 11.25 69.11 24.89
N SER P 19 10.17 69.01 24.10
CA SER P 19 10.18 69.38 22.70
C SER P 19 10.37 70.89 22.53
N GLU P 20 9.71 71.67 23.39
CA GLU P 20 9.78 73.12 23.34
C GLU P 20 11.19 73.61 23.63
N LEU P 21 11.75 73.16 24.77
CA LEU P 21 13.08 73.58 25.21
C LEU P 21 14.15 73.13 24.22
N LYS P 22 13.92 72.01 23.53
CA LYS P 22 14.85 71.51 22.53
C LYS P 22 14.86 72.43 21.31
N HIS P 23 13.66 72.80 20.82
CA HIS P 23 13.51 73.75 19.74
C HIS P 23 14.15 75.09 20.10
N CYS P 24 13.90 75.55 21.34
CA CYS P 24 14.44 76.79 21.86
C CYS P 24 15.96 76.82 21.77
N ARG P 25 16.61 75.73 22.22
CA ARG P 25 18.06 75.65 22.32
C ARG P 25 18.70 75.51 20.95
N ILE P 26 18.11 74.67 20.08
CA ILE P 26 18.62 74.47 18.73
C ILE P 26 18.51 75.78 17.95
N ALA P 27 17.37 76.47 18.09
CA ALA P 27 17.09 77.69 17.35
C ALA P 27 18.08 78.80 17.74
N MET P 28 18.33 78.95 19.04
CA MET P 28 19.19 80.02 19.52
C MET P 28 20.63 79.83 19.03
N LEU P 29 21.15 78.60 19.15
CA LEU P 29 22.48 78.28 18.66
C LEU P 29 22.57 78.54 17.15
N ALA P 30 21.46 78.31 16.44
CA ALA P 30 21.37 78.59 15.02
C ALA P 30 21.36 80.09 14.75
N VAL P 31 20.56 80.85 15.53
CA VAL P 31 20.47 82.29 15.40
C VAL P 31 21.86 82.91 15.58
N VAL P 32 22.61 82.45 16.60
CA VAL P 32 23.97 82.89 16.83
C VAL P 32 24.87 82.37 15.72
N GLY P 33 24.62 81.12 15.28
CA GLY P 33 25.38 80.50 14.20
C GLY P 33 25.24 81.22 12.87
N PHE P 34 24.01 81.66 12.55
CA PHE P 34 23.73 82.39 11.31
C PHE P 34 24.49 83.71 11.28
N ILE P 35 24.50 84.41 12.43
CA ILE P 35 25.16 85.71 12.56
C ILE P 35 26.67 85.51 12.45
N VAL P 36 27.22 84.64 13.31
CA VAL P 36 28.65 84.34 13.32
C VAL P 36 28.96 83.43 12.13
N MET P 53 23.96 78.85 3.93
CA MET P 53 23.46 78.02 2.79
C MET P 53 24.64 77.39 2.06
N GLN P 54 25.65 78.21 1.74
CA GLN P 54 26.88 77.74 1.12
C GLN P 54 27.62 76.81 2.07
N ALA P 55 27.67 77.17 3.36
CA ALA P 55 28.38 76.43 4.38
C ALA P 55 27.84 75.00 4.53
N ILE P 56 26.59 74.76 4.11
CA ILE P 56 26.02 73.43 4.08
C ILE P 56 26.80 72.57 3.08
N GLY P 57 27.21 73.18 1.96
CA GLY P 57 27.93 72.50 0.91
C GLY P 57 29.46 72.56 1.10
N GLN P 58 29.97 73.73 1.53
CA GLN P 58 31.40 73.99 1.59
C GLN P 58 32.10 73.06 2.57
N VAL P 59 31.51 72.88 3.76
CA VAL P 59 32.07 72.04 4.81
C VAL P 59 32.18 70.60 4.32
N PRO P 60 33.29 69.86 4.63
CA PRO P 60 33.43 68.48 4.17
C PRO P 60 32.40 67.53 4.76
N ILE P 61 32.16 66.41 4.07
CA ILE P 61 31.08 65.50 4.40
C ILE P 61 31.47 64.70 5.65
N SER P 62 32.78 64.46 5.82
CA SER P 62 33.31 63.75 6.97
C SER P 62 33.03 64.52 8.26
N GLY P 63 33.21 65.86 8.21
CA GLY P 63 32.93 66.72 9.35
C GLY P 63 31.45 66.76 9.68
N TRP P 64 30.61 66.84 8.65
CA TRP P 64 29.16 66.83 8.80
C TRP P 64 28.66 65.53 9.44
N ILE P 65 29.31 64.40 9.09
CA ILE P 65 28.94 63.09 9.62
C ILE P 65 29.19 63.05 11.13
N GLN P 66 30.30 63.67 11.58
CA GLN P 66 30.65 63.70 13.00
C GLN P 66 29.64 64.51 13.79
N ILE P 67 29.09 65.58 13.19
CA ILE P 67 28.06 66.38 13.82
C ILE P 67 26.81 65.52 14.01
N PHE P 68 26.40 64.82 12.95
CA PHE P 68 25.25 63.91 12.99
C PHE P 68 25.49 62.78 13.98
N LEU P 69 26.73 62.28 14.04
CA LEU P 69 27.09 61.17 14.91
C LEU P 69 27.10 61.57 16.39
N LEU P 70 27.12 62.87 16.69
CA LEU P 70 27.12 63.36 18.06
C LEU P 70 25.73 63.84 18.47
N VAL P 71 24.96 64.39 17.53
CA VAL P 71 23.56 64.70 17.76
C VAL P 71 22.81 63.40 18.03
N ALA P 72 23.05 62.40 17.18
CA ALA P 72 22.75 61.01 17.52
C ALA P 72 23.68 60.58 18.65
N ILE P 73 23.18 59.73 19.56
CA ILE P 73 23.78 59.39 20.84
C ILE P 73 23.20 60.31 21.91
N LEU P 74 23.37 61.63 21.72
CA LEU P 74 22.74 62.63 22.58
C LEU P 74 21.22 62.49 22.52
N GLU P 75 20.68 62.24 21.32
CA GLU P 75 19.26 62.08 21.12
C GLU P 75 18.81 60.67 21.50
N MET P 76 19.68 59.67 21.34
CA MET P 76 19.41 58.31 21.78
C MET P 76 19.32 58.26 23.30
N ILE P 77 20.22 59.01 23.98
CA ILE P 77 20.24 59.11 25.42
C ILE P 77 19.03 59.93 25.90
N ASP P 78 18.55 60.86 25.06
CA ASP P 78 17.39 61.67 25.40
C ASP P 78 16.12 60.83 25.45
N ILE P 79 16.11 59.67 24.76
CA ILE P 79 14.98 58.76 24.82
C ILE P 79 14.91 58.16 26.23
N ALA P 80 16.08 57.77 26.76
CA ALA P 80 16.18 57.27 28.12
C ALA P 80 15.87 58.38 29.13
N ALA P 81 16.22 59.62 28.78
CA ALA P 81 15.94 60.78 29.62
C ALA P 81 14.44 61.09 29.67
N ILE P 82 13.78 61.02 28.51
CA ILE P 82 12.35 61.29 28.40
C ILE P 82 11.56 60.27 29.25
N LYS P 83 12.06 59.03 29.33
CA LYS P 83 11.47 58.02 30.19
C LYS P 83 11.47 58.48 31.65
N GLU P 84 12.60 59.02 32.12
CA GLU P 84 12.74 59.47 33.50
C GLU P 84 11.79 60.64 33.76
N THR P 85 11.65 61.54 32.78
CA THR P 85 10.77 62.70 32.89
C THR P 85 9.31 62.26 33.00
N LEU P 86 8.88 61.35 32.12
CA LEU P 86 7.49 60.91 32.05
C LEU P 86 7.15 59.98 33.21
N GLN P 87 8.15 59.38 33.86
CA GLN P 87 7.95 58.61 35.08
C GLN P 87 7.98 59.54 36.29
N GLY P 88 8.69 60.68 36.17
CA GLY P 88 8.71 61.71 37.20
C GLY P 88 9.98 61.64 38.05
N ASN P 89 11.13 61.48 37.38
CA ASN P 89 12.42 61.41 38.04
C ASN P 89 13.37 62.47 37.49
N ARG P 90 12.84 63.44 36.72
CA ARG P 90 13.66 64.41 36.01
C ARG P 90 12.79 65.58 35.58
N GLU P 91 13.36 66.80 35.67
CA GLU P 91 12.70 68.00 35.18
C GLU P 91 12.75 68.00 33.65
N PRO P 92 11.63 68.30 32.94
CA PRO P 92 11.67 68.44 31.49
C PRO P 92 12.76 69.39 30.99
N GLY P 93 13.78 68.83 30.32
CA GLY P 93 14.83 69.59 29.68
C GLY P 93 16.11 69.67 30.50
N TYR P 94 16.18 68.93 31.62
CA TYR P 94 17.33 68.95 32.51
C TYR P 94 18.34 67.89 32.07
N PHE P 95 19.56 68.33 31.74
CA PHE P 95 20.65 67.43 31.41
C PHE P 95 21.83 67.64 32.36
N GLY P 96 21.56 68.25 33.53
CA GLY P 96 22.57 68.44 34.57
C GLY P 96 23.74 69.30 34.11
N PHE P 97 23.47 70.27 33.23
CA PHE P 97 24.50 71.10 32.63
C PHE P 97 24.50 72.48 33.29
N LEU P 114 12.42 80.78 32.69
CA LEU P 114 11.53 81.65 31.89
C LEU P 114 12.36 82.47 30.88
N SER P 115 13.54 82.93 31.30
CA SER P 115 14.44 83.69 30.43
C SER P 115 14.88 82.84 29.24
N GLU P 116 15.25 81.58 29.51
CA GLU P 116 15.56 80.60 28.48
C GLU P 116 14.37 80.44 27.53
N LEU P 117 13.19 80.30 28.11
CA LEU P 117 11.96 79.97 27.38
C LEU P 117 11.51 81.15 26.52
N LYS P 118 11.52 82.36 27.09
CA LYS P 118 11.07 83.56 26.40
C LYS P 118 12.02 83.90 25.25
N ASN P 119 13.33 83.94 25.54
CA ASN P 119 14.35 84.19 24.53
C ASN P 119 14.34 83.09 23.47
N GLY P 120 14.09 81.85 23.90
CA GLY P 120 14.04 80.71 23.02
C GLY P 120 12.90 80.80 22.01
N ARG P 121 11.71 81.16 22.48
CA ARG P 121 10.53 81.31 21.64
C ARG P 121 10.75 82.38 20.58
N LEU P 122 11.41 83.48 20.95
CA LEU P 122 11.72 84.57 20.04
C LEU P 122 12.74 84.13 19.00
N ALA P 123 13.77 83.39 19.45
CA ALA P 123 14.82 82.90 18.59
C ALA P 123 14.29 81.93 17.53
N MET P 124 13.25 81.17 17.90
CA MET P 124 12.64 80.18 17.03
C MET P 124 11.91 80.85 15.87
N ILE P 125 11.15 81.92 16.16
CA ILE P 125 10.46 82.70 15.15
C ILE P 125 11.50 83.43 14.29
N ALA P 126 12.58 83.90 14.92
CA ALA P 126 13.66 84.60 14.24
C ALA P 126 14.40 83.65 13.28
N SER P 127 14.62 82.41 13.72
CA SER P 127 15.41 81.44 12.96
C SER P 127 14.71 81.06 11.66
N ILE P 128 13.37 81.02 11.66
CA ILE P 128 12.59 80.74 10.46
C ILE P 128 12.85 81.84 9.42
N ALA P 129 12.80 83.10 9.87
CA ALA P 129 12.94 84.25 8.99
C ALA P 129 14.32 84.28 8.32
N PHE P 130 15.35 83.86 9.06
CA PHE P 130 16.71 83.84 8.53
C PHE P 130 16.85 82.72 7.50
N MET P 131 16.29 81.55 7.81
CA MET P 131 16.25 80.44 6.86
C MET P 131 15.34 80.81 5.67
N ARG Q 1 -55.23 32.02 3.57
CA ARG Q 1 -54.59 30.68 3.45
C ARG Q 1 -53.68 30.62 2.22
N MET Q 2 -54.19 31.04 1.05
CA MET Q 2 -53.49 30.87 -0.20
C MET Q 2 -52.83 32.18 -0.64
N SER Q 3 -51.78 32.04 -1.47
CA SER Q 3 -51.12 33.16 -2.11
C SER Q 3 -52.07 33.83 -3.11
N LYS Q 4 -51.99 35.16 -3.19
CA LYS Q 4 -52.78 35.91 -4.16
C LYS Q 4 -52.23 35.67 -5.56
N ALA Q 5 -50.90 35.79 -5.71
CA ALA Q 5 -50.26 35.72 -7.02
C ALA Q 5 -50.35 34.31 -7.60
N ILE Q 6 -50.16 33.29 -6.75
CA ILE Q 6 -50.29 31.90 -7.15
C ILE Q 6 -51.42 31.28 -6.34
N PRO Q 7 -52.69 31.32 -6.83
CA PRO Q 7 -53.83 30.89 -6.04
C PRO Q 7 -53.80 29.44 -5.52
N PHE Q 8 -53.04 28.57 -6.17
CA PHE Q 8 -52.95 27.17 -5.77
C PHE Q 8 -51.78 26.92 -4.82
N PHE Q 9 -50.99 27.95 -4.48
CA PHE Q 9 -49.94 27.82 -3.49
C PHE Q 9 -50.37 28.44 -2.17
N PRO Q 10 -49.83 27.97 -1.02
CA PRO Q 10 -50.11 28.61 0.26
C PRO Q 10 -49.51 30.01 0.39
N LYS Q 11 -50.17 30.84 1.20
CA LYS Q 11 -49.68 32.18 1.52
C LYS Q 11 -48.30 32.06 2.17
N PRO Q 12 -47.30 32.89 1.77
CA PRO Q 12 -46.05 32.98 2.50
C PRO Q 12 -46.25 33.35 3.97
N ALA Q 13 -45.66 32.55 4.86
CA ALA Q 13 -45.99 32.55 6.28
C ALA Q 13 -45.54 33.84 6.98
N ARG Q 14 -44.40 34.41 6.56
CA ARG Q 14 -43.77 35.53 7.25
C ARG Q 14 -43.95 36.85 6.51
N LEU Q 15 -44.77 36.86 5.45
CA LEU Q 15 -45.13 38.09 4.75
C LEU Q 15 -46.59 38.42 5.07
N ASP Q 16 -46.97 39.70 4.91
CA ASP Q 16 -48.33 40.15 5.20
C ASP Q 16 -48.77 41.23 4.22
N GLU Q 17 -50.09 41.44 4.18
CA GLU Q 17 -50.74 42.42 3.30
C GLU Q 17 -50.27 43.84 3.65
N SER Q 18 -49.90 44.06 4.91
CA SER Q 18 -49.45 45.37 5.38
C SER Q 18 -48.14 45.80 4.73
N MET Q 19 -47.32 44.84 4.30
CA MET Q 19 -46.02 45.13 3.70
C MET Q 19 -46.23 45.80 2.33
N PRO Q 20 -45.47 46.87 2.00
CA PRO Q 20 -45.48 47.41 0.64
C PRO Q 20 -45.02 46.40 -0.41
N GLY Q 21 -45.71 46.40 -1.56
CA GLY Q 21 -45.36 45.54 -2.68
C GLY Q 21 -45.73 44.07 -2.44
N TYR Q 22 -46.63 43.81 -1.49
CA TYR Q 22 -47.05 42.46 -1.19
C TYR Q 22 -48.04 41.98 -2.26
N ALA Q 23 -47.71 40.84 -2.89
CA ALA Q 23 -48.64 40.09 -3.71
C ALA Q 23 -48.70 38.63 -3.27
N GLY Q 24 -48.13 38.33 -2.09
CA GLY Q 24 -48.02 36.96 -1.61
C GLY Q 24 -47.17 36.06 -2.51
N PHE Q 25 -46.17 36.65 -3.18
CA PHE Q 25 -45.36 35.93 -4.14
C PHE Q 25 -44.01 35.59 -3.51
N ASP Q 26 -43.87 34.32 -3.09
CA ASP Q 26 -42.60 33.79 -2.61
C ASP Q 26 -42.64 32.28 -2.73
N PRO Q 27 -42.79 31.71 -3.95
CA PRO Q 27 -42.93 30.27 -4.10
C PRO Q 27 -41.76 29.48 -3.54
N LEU Q 28 -40.53 29.99 -3.70
CA LEU Q 28 -39.33 29.30 -3.22
C LEU Q 28 -39.15 29.51 -1.71
N GLY Q 29 -39.85 30.50 -1.14
CA GLY Q 29 -39.98 30.60 0.30
C GLY Q 29 -38.74 31.17 0.98
N PHE Q 30 -38.06 32.11 0.32
CA PHE Q 30 -36.85 32.72 0.86
C PHE Q 30 -37.17 33.53 2.11
N SER Q 31 -38.41 34.04 2.22
CA SER Q 31 -38.84 34.79 3.38
C SER Q 31 -38.95 33.92 4.62
N ASP Q 32 -39.02 32.59 4.46
CA ASP Q 32 -39.10 31.68 5.60
C ASP Q 32 -37.74 31.55 6.30
N LYS Q 33 -36.67 31.51 5.51
CA LYS Q 33 -35.33 31.27 6.03
C LYS Q 33 -34.66 32.58 6.42
N PHE Q 34 -34.60 33.53 5.48
CA PHE Q 34 -33.84 34.76 5.67
C PHE Q 34 -34.71 35.81 6.34
N ASP Q 35 -34.05 36.76 7.02
CA ASP Q 35 -34.72 37.82 7.77
C ASP Q 35 -35.48 38.73 6.80
N VAL Q 36 -36.76 38.99 7.10
CA VAL Q 36 -37.66 39.63 6.16
C VAL Q 36 -37.29 41.10 5.99
N LYS Q 37 -36.95 41.79 7.09
CA LYS Q 37 -36.50 43.17 7.05
C LYS Q 37 -35.27 43.30 6.16
N PHE Q 38 -34.35 42.33 6.25
CA PHE Q 38 -33.12 42.36 5.47
C PHE Q 38 -33.45 42.18 3.98
N LEU Q 39 -34.38 41.27 3.66
CA LEU Q 39 -34.82 41.06 2.28
C LEU Q 39 -35.51 42.32 1.75
N GLN Q 40 -36.29 42.99 2.60
CA GLN Q 40 -37.01 44.20 2.23
C GLN Q 40 -36.04 45.34 1.91
N GLU Q 41 -35.03 45.50 2.78
CA GLU Q 41 -33.94 46.45 2.54
C GLU Q 41 -33.23 46.13 1.22
N ALA Q 42 -32.90 44.85 1.01
CA ALA Q 42 -32.17 44.42 -0.17
C ALA Q 42 -32.97 44.71 -1.44
N GLU Q 43 -34.27 44.39 -1.42
CA GLU Q 43 -35.13 44.61 -2.56
C GLU Q 43 -35.19 46.09 -2.93
N ILE Q 44 -35.37 46.95 -1.93
CA ILE Q 44 -35.45 48.39 -2.14
C ILE Q 44 -34.14 48.94 -2.69
N LYS Q 45 -32.99 48.43 -2.22
CA LYS Q 45 -31.71 48.93 -2.69
C LYS Q 45 -31.54 48.58 -4.17
N HIS Q 46 -31.86 47.34 -4.54
CA HIS Q 46 -31.83 46.92 -5.93
C HIS Q 46 -32.76 47.81 -6.77
N CYS Q 47 -34.00 47.99 -6.28
CA CYS Q 47 -34.99 48.85 -6.93
C CYS Q 47 -34.39 50.22 -7.28
N ARG Q 48 -33.76 50.87 -6.30
CA ARG Q 48 -33.29 52.24 -6.46
C ARG Q 48 -32.12 52.30 -7.44
N ILE Q 49 -31.19 51.35 -7.36
CA ILE Q 49 -30.04 51.29 -8.25
C ILE Q 49 -30.50 51.13 -9.69
N CYS Q 50 -31.46 50.23 -9.93
CA CYS Q 50 -31.90 49.89 -11.27
C CYS Q 50 -32.73 51.00 -11.90
N MET Q 51 -33.48 51.75 -11.10
CA MET Q 51 -34.26 52.87 -11.61
C MET Q 51 -33.31 53.94 -12.15
N LEU Q 52 -32.25 54.26 -11.39
CA LEU Q 52 -31.26 55.22 -11.86
C LEU Q 52 -30.50 54.64 -13.05
N ALA Q 53 -30.17 53.36 -12.98
CA ALA Q 53 -29.39 52.72 -14.03
C ALA Q 53 -30.18 52.67 -15.33
N ALA Q 54 -31.48 52.35 -15.24
CA ALA Q 54 -32.34 52.26 -16.41
C ALA Q 54 -32.43 53.61 -17.13
N LEU Q 55 -32.70 54.67 -16.36
CA LEU Q 55 -32.81 56.01 -16.91
C LEU Q 55 -31.46 56.47 -17.47
N GLY Q 56 -30.38 56.21 -16.71
CA GLY Q 56 -29.03 56.50 -17.13
C GLY Q 56 -28.61 55.73 -18.39
N TRP Q 57 -29.25 54.58 -18.63
CA TRP Q 57 -28.96 53.78 -19.81
C TRP Q 57 -29.46 54.46 -21.09
N VAL Q 58 -30.51 55.29 -20.99
CA VAL Q 58 -31.20 55.78 -22.17
C VAL Q 58 -30.99 57.29 -22.38
N VAL Q 59 -30.77 58.06 -21.30
CA VAL Q 59 -30.74 59.52 -21.40
C VAL Q 59 -29.63 59.98 -22.34
N PRO Q 60 -28.40 59.41 -22.31
CA PRO Q 60 -27.33 59.81 -23.23
C PRO Q 60 -27.66 59.75 -24.72
N GLU Q 61 -28.64 58.93 -25.12
CA GLU Q 61 -29.06 58.85 -26.51
C GLU Q 61 -29.77 60.13 -26.94
N PHE Q 62 -30.39 60.85 -25.99
CA PHE Q 62 -31.12 62.07 -26.27
C PHE Q 62 -30.24 63.30 -26.05
N TRP Q 63 -29.55 63.34 -24.90
CA TRP Q 63 -28.66 64.44 -24.56
C TRP Q 63 -27.50 63.90 -23.73
N HIS Q 64 -26.27 64.36 -24.04
CA HIS Q 64 -25.09 63.99 -23.26
C HIS Q 64 -24.29 65.26 -22.92
N LEU Q 65 -23.27 65.10 -22.06
CA LEU Q 65 -22.41 66.21 -21.66
C LEU Q 65 -21.64 66.71 -22.89
N PRO Q 66 -21.37 68.04 -22.98
CA PRO Q 66 -20.77 68.62 -24.18
C PRO Q 66 -19.28 68.31 -24.31
N SER Q 67 -18.97 67.15 -24.89
CA SER Q 67 -17.60 66.73 -25.17
C SER Q 67 -17.61 65.53 -26.11
N GLU Q 68 -16.41 65.14 -26.57
CA GLU Q 68 -16.23 63.95 -27.38
C GLU Q 68 -16.12 62.71 -26.47
N VAL Q 69 -15.61 62.91 -25.25
CA VAL Q 69 -15.33 61.81 -24.34
C VAL Q 69 -16.63 61.24 -23.77
N PHE Q 70 -17.68 62.07 -23.69
CA PHE Q 70 -18.97 61.67 -23.13
C PHE Q 70 -20.01 61.44 -24.23
N SER Q 71 -19.58 60.96 -25.41
CA SER Q 71 -20.45 60.92 -26.59
C SER Q 71 -20.87 59.50 -26.97
N ASN Q 72 -20.44 58.49 -26.21
CA ASN Q 72 -20.67 57.09 -26.57
C ASN Q 72 -22.06 56.66 -26.07
N THR Q 73 -22.99 56.40 -27.00
CA THR Q 73 -24.37 56.11 -26.66
C THR Q 73 -24.54 54.66 -26.19
N SER Q 74 -23.59 53.79 -26.53
CA SER Q 74 -23.54 52.45 -25.96
C SER Q 74 -22.99 52.51 -24.52
N PRO Q 75 -23.81 52.27 -23.47
CA PRO Q 75 -23.39 52.48 -22.08
C PRO Q 75 -22.18 51.67 -21.62
N LEU Q 76 -22.04 50.42 -22.09
CA LEU Q 76 -20.93 49.58 -21.66
C LEU Q 76 -19.65 50.00 -22.38
N ALA Q 77 -19.79 50.56 -23.59
CA ALA Q 77 -18.66 51.15 -24.29
C ALA Q 77 -18.25 52.45 -23.61
N ALA Q 78 -19.24 53.26 -23.23
CA ALA Q 78 -19.03 54.53 -22.54
C ALA Q 78 -18.14 54.36 -21.31
N LEU Q 79 -18.30 53.23 -20.60
CA LEU Q 79 -17.53 52.94 -19.40
C LEU Q 79 -16.03 52.92 -19.68
N GLY Q 80 -15.64 52.48 -20.89
CA GLY Q 80 -14.24 52.44 -21.29
C GLY Q 80 -13.71 53.79 -21.79
N GLN Q 81 -14.61 54.69 -22.21
CA GLN Q 81 -14.23 55.91 -22.90
C GLN Q 81 -14.03 57.08 -21.93
N VAL Q 82 -14.88 57.16 -20.89
CA VAL Q 82 -14.95 58.34 -20.03
C VAL Q 82 -13.71 58.44 -19.15
N PRO Q 83 -13.39 59.64 -18.58
CA PRO Q 83 -12.25 59.77 -17.67
C PRO Q 83 -12.29 58.82 -16.47
N LYS Q 84 -11.15 58.18 -16.19
CA LYS Q 84 -11.01 57.26 -15.07
C LYS Q 84 -11.15 58.01 -13.74
N LEU Q 85 -10.62 59.24 -13.68
CA LEU Q 85 -10.73 60.07 -12.48
C LEU Q 85 -12.19 60.35 -12.16
N GLY Q 86 -13.01 60.48 -13.21
CA GLY Q 86 -14.45 60.68 -13.04
C GLY Q 86 -15.13 59.43 -12.47
N LEU Q 87 -14.75 58.26 -12.96
CA LEU Q 87 -15.32 57.00 -12.49
C LEU Q 87 -14.92 56.74 -11.04
N ILE Q 88 -13.70 57.14 -10.67
CA ILE Q 88 -13.20 56.98 -9.31
C ILE Q 88 -14.07 57.79 -8.35
N GLN Q 89 -14.50 58.99 -8.77
CA GLN Q 89 -15.33 59.85 -7.94
C GLN Q 89 -16.72 59.27 -7.76
N ILE Q 90 -17.25 58.64 -8.81
CA ILE Q 90 -18.54 57.96 -8.72
C ILE Q 90 -18.42 56.81 -7.73
N LEU Q 91 -17.27 56.10 -7.77
CA LEU Q 91 -17.04 54.95 -6.92
C LEU Q 91 -16.99 55.39 -5.46
N LEU Q 92 -16.28 56.49 -5.17
CA LEU Q 92 -16.11 56.98 -3.82
C LEU Q 92 -17.46 57.42 -3.23
N LEU Q 93 -18.32 58.02 -4.06
CA LEU Q 93 -19.67 58.37 -3.63
C LEU Q 93 -20.43 57.11 -3.23
N VAL Q 94 -20.40 56.09 -4.11
CA VAL Q 94 -21.08 54.83 -3.85
C VAL Q 94 -20.59 54.24 -2.54
N LEU Q 95 -19.27 54.25 -2.32
CA LEU Q 95 -18.67 53.74 -1.10
C LEU Q 95 -19.15 54.54 0.11
N ALA Q 96 -19.27 55.87 -0.05
CA ALA Q 96 -19.74 56.73 1.02
C ALA Q 96 -21.20 56.42 1.35
N LEU Q 97 -22.03 56.24 0.32
CA LEU Q 97 -23.44 55.95 0.51
C LEU Q 97 -23.64 54.58 1.15
N GLU Q 98 -22.82 53.60 0.78
CA GLU Q 98 -22.91 52.27 1.35
C GLU Q 98 -22.44 52.26 2.80
N ALA Q 99 -21.46 53.12 3.14
CA ALA Q 99 -21.04 53.29 4.53
C ALA Q 99 -22.21 53.73 5.39
N ILE Q 100 -23.10 54.56 4.83
CA ILE Q 100 -24.27 55.05 5.53
C ILE Q 100 -25.31 53.95 5.67
N SER Q 101 -25.50 53.15 4.60
CA SER Q 101 -26.43 52.03 4.67
C SER Q 101 -25.93 50.99 5.67
N LEU Q 102 -24.61 50.74 5.68
CA LEU Q 102 -24.04 49.79 6.61
C LEU Q 102 -24.31 50.26 8.04
N ASP Q 103 -24.13 51.56 8.28
CA ASP Q 103 -24.36 52.15 9.59
C ASP Q 103 -25.82 52.00 10.02
N LYS Q 104 -26.74 52.18 9.07
CA LYS Q 104 -28.17 52.04 9.34
C LYS Q 104 -28.47 50.63 9.83
N ILE Q 105 -28.13 49.61 9.04
CA ILE Q 105 -28.53 48.24 9.34
C ILE Q 105 -27.78 47.70 10.55
N THR Q 106 -26.62 48.28 10.89
CA THR Q 106 -25.81 47.79 12.00
C THR Q 106 -26.24 48.45 13.32
N PHE Q 107 -26.34 49.79 13.33
CA PHE Q 107 -26.53 50.53 14.57
C PHE Q 107 -27.96 51.05 14.73
N HIS Q 108 -28.81 50.94 13.70
CA HIS Q 108 -30.17 51.44 13.77
C HIS Q 108 -31.13 50.43 13.16
N PRO Q 109 -31.35 49.25 13.80
CA PRO Q 109 -32.28 48.25 13.28
C PRO Q 109 -33.76 48.57 13.49
N GLU Q 110 -34.04 49.59 14.32
CA GLU Q 110 -35.39 50.06 14.57
C GLU Q 110 -35.99 50.71 13.31
N LYS Q 111 -35.13 51.28 12.45
CA LYS Q 111 -35.59 52.05 11.31
C LYS Q 111 -36.23 51.15 10.26
N GLU Q 112 -37.19 51.72 9.52
CA GLU Q 112 -37.95 51.02 8.49
C GLU Q 112 -37.03 50.73 7.30
N PRO Q 113 -37.20 49.61 6.56
CA PRO Q 113 -36.34 49.34 5.39
C PRO Q 113 -36.43 50.40 4.31
N GLY Q 114 -35.25 50.90 3.90
CA GLY Q 114 -35.14 51.90 2.85
C GLY Q 114 -35.23 53.34 3.38
N ASP Q 115 -35.44 53.49 4.70
CA ASP Q 115 -35.71 54.79 5.30
C ASP Q 115 -34.41 55.49 5.66
N PHE Q 116 -34.03 56.49 4.85
CA PHE Q 116 -32.89 57.36 5.13
C PHE Q 116 -33.37 58.77 5.45
N GLY Q 117 -34.69 58.93 5.68
CA GLY Q 117 -35.28 60.22 6.02
C GLY Q 117 -35.16 61.24 4.89
N PHE Q 118 -35.16 60.76 3.64
CA PHE Q 118 -35.01 61.63 2.48
C PHE Q 118 -36.36 61.83 1.81
N ASP Q 119 -37.04 62.92 2.21
CA ASP Q 119 -38.26 63.37 1.55
C ASP Q 119 -38.30 64.89 1.58
N PRO Q 120 -37.41 65.58 0.82
CA PRO Q 120 -37.43 67.03 0.72
C PRO Q 120 -38.80 67.66 0.48
N LEU Q 121 -39.57 67.08 -0.45
CA LEU Q 121 -40.80 67.70 -0.95
C LEU Q 121 -42.03 67.14 -0.26
N GLY Q 122 -41.86 66.18 0.66
CA GLY Q 122 -42.95 65.64 1.46
C GLY Q 122 -44.01 64.96 0.59
N LEU Q 123 -43.57 64.15 -0.37
CA LEU Q 123 -44.45 63.55 -1.36
C LEU Q 123 -45.17 62.33 -0.76
N GLY Q 124 -44.46 61.56 0.08
CA GLY Q 124 -45.03 60.39 0.72
C GLY Q 124 -45.07 60.53 2.24
N LYS Q 125 -45.61 61.66 2.72
CA LYS Q 125 -45.59 61.99 4.13
C LYS Q 125 -46.89 61.52 4.80
N GLY Q 126 -48.02 62.10 4.38
CA GLY Q 126 -49.27 61.97 5.10
C GLY Q 126 -50.01 60.69 4.77
N ASN Q 127 -51.09 60.81 3.96
CA ASN Q 127 -51.95 59.70 3.62
C ASN Q 127 -51.64 59.24 2.19
N ALA Q 128 -50.36 59.24 1.83
CA ALA Q 128 -49.89 58.71 0.57
C ALA Q 128 -48.68 57.79 0.76
N LYS Q 129 -48.36 57.43 2.01
CA LYS Q 129 -47.15 56.70 2.32
C LYS Q 129 -47.22 55.29 1.73
N LYS Q 130 -48.29 54.56 2.09
CA LYS Q 130 -48.55 53.23 1.58
C LYS Q 130 -48.51 53.21 0.05
N TRP Q 131 -49.14 54.21 -0.59
CA TRP Q 131 -49.21 54.26 -2.04
C TRP Q 131 -47.82 54.42 -2.65
N MET Q 132 -47.06 55.40 -2.15
CA MET Q 132 -45.76 55.71 -2.72
C MET Q 132 -44.79 54.56 -2.46
N GLN Q 133 -44.89 53.94 -1.28
CA GLN Q 133 -44.08 52.79 -0.92
C GLN Q 133 -44.29 51.65 -1.92
N THR Q 134 -45.53 51.43 -2.34
CA THR Q 134 -45.85 50.40 -3.30
C THR Q 134 -45.36 50.81 -4.69
N ALA Q 135 -45.59 52.08 -5.05
CA ALA Q 135 -45.17 52.61 -6.33
C ALA Q 135 -43.66 52.53 -6.50
N GLU Q 136 -42.91 52.79 -5.41
CA GLU Q 136 -41.45 52.71 -5.45
C GLU Q 136 -41.02 51.28 -5.82
N LEU Q 137 -41.61 50.28 -5.15
CA LEU Q 137 -41.27 48.89 -5.38
C LEU Q 137 -41.70 48.43 -6.77
N LYS Q 138 -42.91 48.80 -7.19
CA LYS Q 138 -43.42 48.35 -8.49
C LYS Q 138 -42.57 48.90 -9.62
N ASN Q 139 -42.23 50.21 -9.56
CA ASN Q 139 -41.38 50.83 -10.56
C ASN Q 139 -39.96 50.25 -10.49
N GLY Q 140 -39.49 49.93 -9.28
CA GLY Q 140 -38.17 49.35 -9.10
C GLY Q 140 -38.07 47.95 -9.68
N ARG Q 141 -39.06 47.11 -9.37
CA ARG Q 141 -39.16 45.77 -9.91
C ARG Q 141 -39.16 45.80 -11.44
N LEU Q 142 -39.85 46.78 -12.03
CA LEU Q 142 -39.89 46.92 -13.49
C LEU Q 142 -38.50 47.25 -14.01
N ALA Q 143 -37.84 48.23 -13.38
CA ALA Q 143 -36.50 48.65 -13.75
C ALA Q 143 -35.50 47.49 -13.64
N MET Q 144 -35.64 46.68 -12.59
CA MET Q 144 -34.76 45.53 -12.40
C MET Q 144 -34.84 44.60 -13.61
N ILE Q 145 -36.07 44.30 -14.05
CA ILE Q 145 -36.27 43.50 -15.25
C ILE Q 145 -35.69 44.24 -16.46
N ALA Q 146 -35.94 45.56 -16.54
CA ALA Q 146 -35.46 46.36 -17.65
C ALA Q 146 -33.93 46.37 -17.72
N MET Q 147 -33.26 46.39 -16.57
CA MET Q 147 -31.81 46.39 -16.53
C MET Q 147 -31.24 45.04 -16.99
N GLY Q 148 -31.97 43.95 -16.72
CA GLY Q 148 -31.61 42.65 -17.26
C GLY Q 148 -31.60 42.68 -18.78
N ALA Q 149 -32.66 43.25 -19.37
CA ALA Q 149 -32.76 43.44 -20.80
C ALA Q 149 -31.63 44.32 -21.32
N PHE Q 150 -31.53 45.54 -20.77
CA PHE Q 150 -30.63 46.56 -21.26
C PHE Q 150 -29.20 46.05 -21.28
N PHE Q 151 -28.75 45.46 -20.17
CA PHE Q 151 -27.38 45.02 -20.03
C PHE Q 151 -27.07 43.92 -21.06
N HIS Q 152 -27.88 42.86 -21.10
CA HIS Q 152 -27.60 41.72 -21.96
C HIS Q 152 -27.74 42.09 -23.43
N GLN Q 153 -28.68 42.99 -23.76
CA GLN Q 153 -28.91 43.38 -25.15
C GLN Q 153 -27.76 44.24 -25.65
N ASN Q 154 -27.26 45.15 -24.79
CA ASN Q 154 -26.13 46.00 -25.12
C ASN Q 154 -24.89 45.15 -25.38
N LEU Q 155 -24.75 44.05 -24.62
CA LEU Q 155 -23.65 43.12 -24.76
C LEU Q 155 -23.65 42.53 -26.16
N LEU Q 156 -24.83 42.18 -26.66
CA LEU Q 156 -25.01 41.62 -28.00
C LEU Q 156 -24.76 42.66 -29.08
N THR Q 157 -25.41 43.82 -28.97
CA THR Q 157 -25.53 44.76 -30.09
C THR Q 157 -24.42 45.80 -30.08
N ASN Q 158 -23.93 46.17 -28.89
CA ASN Q 158 -23.06 47.33 -28.70
C ASN Q 158 -23.78 48.59 -29.21
N GLN Q 159 -25.07 48.68 -28.87
CA GLN Q 159 -25.90 49.83 -29.22
C GLN Q 159 -26.72 50.21 -28.00
N GLY Q 160 -27.18 51.47 -27.97
CA GLY Q 160 -28.21 51.90 -27.04
C GLY Q 160 -29.55 51.27 -27.39
N ILE Q 161 -30.51 51.38 -26.47
CA ILE Q 161 -31.80 50.72 -26.59
C ILE Q 161 -32.57 51.29 -27.77
N PHE Q 162 -32.60 52.63 -27.90
CA PHE Q 162 -33.33 53.27 -28.98
C PHE Q 162 -32.63 53.05 -30.32
N GLU Q 163 -31.29 52.97 -30.31
CA GLU Q 163 -30.53 52.65 -31.51
C GLU Q 163 -30.85 51.23 -31.98
N GLN Q 164 -31.07 50.30 -31.03
CA GLN Q 164 -31.41 48.92 -31.35
C GLN Q 164 -32.81 48.85 -31.96
N LEU Q 165 -33.77 49.57 -31.37
CA LEU Q 165 -35.14 49.57 -31.82
C LEU Q 165 -35.25 50.23 -33.19
N ARG Q 166 -34.50 51.32 -33.40
CA ARG Q 166 -34.55 52.10 -34.64
C ARG Q 166 -34.01 51.28 -35.80
N THR Q 167 -32.86 50.63 -35.58
CA THR Q 167 -32.19 49.83 -36.61
C THR Q 167 -32.84 48.45 -36.76
N HIS Q 168 -33.76 48.10 -35.85
CA HIS Q 168 -34.46 46.82 -35.86
C HIS Q 168 -33.46 45.68 -35.63
N ASN Q 169 -32.52 45.90 -34.69
CA ASN Q 169 -31.49 44.94 -34.37
C ASN Q 169 -32.03 44.01 -33.27
N PHE Q 170 -33.04 43.22 -33.63
CA PHE Q 170 -33.87 42.51 -32.66
C PHE Q 170 -33.28 41.14 -32.32
N PHE Q 171 -32.52 40.53 -33.24
CA PHE Q 171 -32.12 39.14 -33.10
C PHE Q 171 -30.60 39.05 -32.95
N PRO Q 172 -30.09 38.10 -32.11
CA PRO Q 172 -28.65 37.96 -31.91
C PRO Q 172 -27.94 37.25 -33.05
N THR Q 173 -27.07 37.98 -33.75
CA THR Q 173 -26.16 37.42 -34.74
C THR Q 173 -24.74 37.37 -34.20
N THR Q 174 -24.54 37.90 -32.99
CA THR Q 174 -23.22 38.16 -32.44
C THR Q 174 -22.81 37.10 -31.41
N PHE Q 175 -23.80 36.42 -30.81
CA PHE Q 175 -23.53 35.37 -29.83
C PHE Q 175 -22.92 34.17 -30.54
N PRO Q 176 -21.88 33.48 -29.98
CA PRO Q 176 -21.22 33.87 -28.73
C PRO Q 176 -20.22 35.01 -28.90
N LEU Q 177 -20.12 35.84 -27.86
CA LEU Q 177 -19.22 37.00 -27.87
C LEU Q 177 -17.77 36.54 -27.82
N HIS Q 178 -17.50 35.49 -27.02
CA HIS Q 178 -16.16 34.95 -26.85
C HIS Q 178 -16.20 33.43 -27.00
N THR R 1 -61.72 -14.33 -8.60
CA THR R 1 -60.30 -14.09 -8.27
C THR R 1 -59.45 -13.85 -9.53
N LYS R 2 -60.00 -14.13 -10.72
CA LYS R 2 -59.23 -14.10 -11.96
C LYS R 2 -59.45 -12.80 -12.71
N SER R 3 -58.47 -12.45 -13.56
CA SER R 3 -58.58 -11.36 -14.52
C SER R 3 -59.70 -11.66 -15.51
N LEU R 4 -60.39 -10.61 -15.97
CA LEU R 4 -61.50 -10.77 -16.89
C LEU R 4 -60.96 -10.94 -18.32
N SER R 5 -59.92 -10.16 -18.66
CA SER R 5 -59.37 -10.15 -20.01
C SER R 5 -58.35 -11.26 -20.22
N VAL R 6 -57.70 -11.71 -19.15
CA VAL R 6 -56.74 -12.81 -19.22
C VAL R 6 -57.17 -13.86 -18.19
N PRO R 7 -58.15 -14.74 -18.51
CA PRO R 7 -58.83 -15.55 -17.50
C PRO R 7 -58.00 -16.59 -16.75
N PHE R 8 -56.75 -16.83 -17.15
CA PHE R 8 -55.91 -17.82 -16.49
C PHE R 8 -54.94 -17.16 -15.51
N LEU R 9 -55.04 -15.84 -15.29
CA LEU R 9 -54.19 -15.14 -14.34
C LEU R 9 -55.04 -14.58 -13.20
N GLU R 10 -54.49 -14.62 -11.98
CA GLU R 10 -55.11 -13.99 -10.82
C GLU R 10 -55.26 -12.49 -11.10
N ARG R 11 -56.38 -11.92 -10.65
CA ARG R 11 -56.65 -10.51 -10.84
C ARG R 11 -55.58 -9.69 -10.11
N PRO R 12 -55.00 -8.64 -10.74
CA PRO R 12 -54.17 -7.69 -10.01
C PRO R 12 -54.93 -6.97 -8.92
N LYS R 13 -54.34 -6.89 -7.72
CA LYS R 13 -55.05 -6.45 -6.52
C LYS R 13 -55.52 -5.00 -6.66
N ASN R 14 -54.77 -4.17 -7.39
CA ASN R 14 -55.06 -2.76 -7.49
C ASN R 14 -56.10 -2.47 -8.58
N LEU R 15 -56.43 -3.46 -9.42
CA LEU R 15 -57.48 -3.31 -10.42
C LEU R 15 -58.77 -3.92 -9.88
N ASP R 16 -59.70 -3.07 -9.46
CA ASP R 16 -60.91 -3.49 -8.78
C ASP R 16 -62.13 -3.43 -9.70
N GLY R 17 -61.92 -3.08 -10.97
CA GLY R 17 -63.00 -3.04 -11.96
C GLY R 17 -63.85 -1.77 -11.87
N THR R 18 -63.41 -0.79 -11.07
CA THR R 18 -64.17 0.42 -10.81
C THR R 18 -63.81 1.49 -11.83
N ALA R 19 -62.50 1.67 -12.06
CA ALA R 19 -61.99 2.72 -12.92
C ALA R 19 -62.41 2.49 -14.37
N PRO R 20 -62.65 3.56 -15.17
CA PRO R 20 -62.97 3.39 -16.59
C PRO R 20 -61.82 2.78 -17.38
N GLY R 21 -62.16 1.83 -18.26
CA GLY R 21 -61.19 1.13 -19.08
C GLY R 21 -60.65 -0.13 -18.41
N ASP R 22 -61.13 -0.46 -17.21
CA ASP R 22 -60.62 -1.58 -16.42
C ASP R 22 -61.33 -2.87 -16.86
N VAL R 23 -60.58 -3.77 -17.50
CA VAL R 23 -61.01 -5.15 -17.73
C VAL R 23 -59.97 -6.08 -17.12
N GLY R 24 -59.28 -5.62 -16.07
CA GLY R 24 -58.31 -6.42 -15.34
C GLY R 24 -57.13 -6.86 -16.21
N PHE R 25 -56.73 -6.00 -17.15
CA PHE R 25 -55.61 -6.32 -18.02
C PHE R 25 -54.31 -5.78 -17.41
N ASP R 26 -53.52 -6.68 -16.82
CA ASP R 26 -52.19 -6.34 -16.34
C ASP R 26 -51.42 -7.64 -16.11
N PRO R 27 -51.13 -8.43 -17.16
CA PRO R 27 -50.47 -9.72 -16.99
C PRO R 27 -49.05 -9.65 -16.46
N LEU R 28 -48.36 -8.50 -16.64
CA LEU R 28 -47.02 -8.31 -16.08
C LEU R 28 -47.08 -7.72 -14.66
N TYR R 29 -48.29 -7.40 -14.17
CA TYR R 29 -48.48 -6.90 -12.81
C TYR R 29 -47.68 -5.62 -12.60
N ILE R 30 -47.74 -4.72 -13.57
CA ILE R 30 -47.06 -3.42 -13.49
C ILE R 30 -47.72 -2.58 -12.40
N SER R 31 -49.04 -2.75 -12.21
CA SER R 31 -49.79 -2.03 -11.19
C SER R 31 -49.40 -2.44 -9.77
N ASP R 32 -48.53 -3.44 -9.62
CA ASP R 32 -47.92 -3.77 -8.33
C ASP R 32 -46.59 -3.01 -8.15
N LEU R 33 -45.87 -2.75 -9.26
CA LEU R 33 -44.63 -1.98 -9.21
C LEU R 33 -44.92 -0.50 -9.02
N LEU R 34 -45.89 0.03 -9.78
CA LEU R 34 -46.12 1.46 -9.87
C LEU R 34 -47.50 1.80 -9.29
N ASP R 35 -47.65 3.05 -8.84
CA ASP R 35 -48.88 3.54 -8.23
C ASP R 35 -49.99 3.59 -9.27
N ILE R 36 -51.16 3.06 -8.93
CA ILE R 36 -52.23 2.89 -9.92
C ILE R 36 -52.81 4.25 -10.30
N GLN R 37 -52.90 5.19 -9.35
CA GLN R 37 -53.40 6.52 -9.64
C GLN R 37 -52.47 7.23 -10.63
N TRP R 38 -51.16 7.13 -10.40
CA TRP R 38 -50.18 7.72 -11.30
C TRP R 38 -50.22 7.06 -12.67
N LEU R 39 -50.37 5.73 -12.70
CA LEU R 39 -50.48 4.99 -13.95
C LEU R 39 -51.70 5.43 -14.77
N ARG R 40 -52.82 5.66 -14.09
CA ARG R 40 -54.06 6.01 -14.76
C ARG R 40 -53.95 7.40 -15.38
N GLU R 41 -53.42 8.36 -14.60
CA GLU R 41 -53.15 9.70 -15.07
C GLU R 41 -52.25 9.67 -16.30
N SER R 42 -51.19 8.86 -16.21
CA SER R 42 -50.22 8.77 -17.28
C SER R 42 -50.85 8.20 -18.55
N GLU R 43 -51.73 7.21 -18.38
CA GLU R 43 -52.40 6.56 -19.49
C GLU R 43 -53.28 7.54 -20.26
N ILE R 44 -54.08 8.32 -19.53
CA ILE R 44 -54.98 9.30 -20.11
C ILE R 44 -54.17 10.37 -20.83
N LYS R 45 -53.08 10.85 -20.19
CA LYS R 45 -52.27 11.91 -20.75
C LYS R 45 -51.61 11.45 -22.05
N HIS R 46 -51.05 10.23 -22.05
CA HIS R 46 -50.48 9.67 -23.27
C HIS R 46 -51.55 9.59 -24.36
N GLY R 47 -52.77 9.22 -23.97
CA GLY R 47 -53.89 9.11 -24.90
C GLY R 47 -54.29 10.45 -25.51
N ARG R 48 -54.39 11.49 -24.69
CA ARG R 48 -54.82 12.80 -25.14
C ARG R 48 -53.81 13.41 -26.11
N ILE R 49 -52.51 13.22 -25.83
CA ILE R 49 -51.45 13.71 -26.69
C ILE R 49 -51.53 13.00 -28.05
N CYS R 50 -51.73 11.68 -28.02
CA CYS R 50 -51.73 10.87 -29.23
C CYS R 50 -52.97 11.10 -30.08
N MET R 51 -54.11 11.39 -29.44
CA MET R 51 -55.31 11.76 -30.15
C MET R 51 -55.03 13.03 -30.97
N LEU R 52 -54.48 14.07 -30.32
CA LEU R 52 -54.13 15.30 -31.01
C LEU R 52 -53.09 15.00 -32.09
N ALA R 53 -52.06 14.23 -31.74
CA ALA R 53 -50.96 13.94 -32.64
C ALA R 53 -51.45 13.21 -33.89
N ALA R 54 -52.40 12.27 -33.74
CA ALA R 54 -52.95 11.53 -34.86
C ALA R 54 -53.65 12.47 -35.84
N VAL R 55 -54.52 13.35 -35.31
CA VAL R 55 -55.18 14.37 -36.11
C VAL R 55 -54.12 15.29 -36.73
N GLY R 56 -53.10 15.63 -35.95
CA GLY R 56 -52.00 16.47 -36.42
C GLY R 56 -51.31 15.90 -37.65
N PHE R 57 -51.05 14.59 -37.64
CA PHE R 57 -50.33 13.93 -38.71
C PHE R 57 -51.12 14.04 -40.02
N ILE R 58 -52.44 13.90 -39.95
CA ILE R 58 -53.28 13.88 -41.15
C ILE R 58 -53.44 15.31 -41.69
N VAL R 59 -53.88 16.24 -40.83
CA VAL R 59 -54.18 17.60 -41.24
C VAL R 59 -52.94 18.27 -41.83
N GLN R 60 -51.76 17.95 -41.28
CA GLN R 60 -50.50 18.53 -41.75
C GLN R 60 -50.13 18.03 -43.15
N GLU R 61 -50.71 16.89 -43.58
CA GLU R 61 -50.49 16.38 -44.93
C GLU R 61 -51.20 17.27 -45.96
N PHE R 62 -52.33 17.88 -45.57
CA PHE R 62 -53.16 18.65 -46.47
C PHE R 62 -53.02 20.15 -46.20
N VAL R 63 -53.46 20.59 -45.01
CA VAL R 63 -53.48 22.00 -44.66
C VAL R 63 -52.08 22.42 -44.18
N HIS R 64 -51.72 23.68 -44.41
CA HIS R 64 -50.46 24.25 -43.94
C HIS R 64 -50.67 25.72 -43.56
N LEU R 65 -49.70 26.26 -42.78
CA LEU R 65 -49.59 27.69 -42.57
C LEU R 65 -48.80 28.29 -43.74
N PRO R 66 -48.84 29.62 -43.95
CA PRO R 66 -48.05 30.26 -45.00
C PRO R 66 -46.54 30.04 -44.83
N GLY R 67 -45.82 29.98 -45.96
CA GLY R 67 -44.37 29.89 -45.98
C GLY R 67 -43.91 28.47 -46.33
N GLU R 68 -42.69 28.39 -46.88
CA GLU R 68 -42.09 27.12 -47.29
C GLU R 68 -41.56 26.35 -46.07
N VAL R 69 -41.37 27.06 -44.95
CA VAL R 69 -40.86 26.46 -43.73
C VAL R 69 -41.93 25.54 -43.13
N PHE R 70 -43.21 25.93 -43.26
CA PHE R 70 -44.33 25.17 -42.72
C PHE R 70 -44.98 24.29 -43.80
N SER R 71 -44.27 24.05 -44.91
CA SER R 71 -44.63 23.00 -45.84
C SER R 71 -44.11 21.66 -45.32
N ASN R 72 -44.02 20.65 -46.19
CA ASN R 72 -43.56 19.30 -45.83
C ASN R 72 -44.76 18.53 -45.28
N LYS R 73 -45.19 17.51 -46.01
CA LYS R 73 -46.39 16.75 -45.70
C LYS R 73 -46.04 15.45 -44.98
N VAL R 74 -44.75 15.22 -44.72
CA VAL R 74 -44.31 14.15 -43.83
C VAL R 74 -44.02 14.76 -42.46
N ALA R 75 -44.71 14.27 -41.43
CA ALA R 75 -44.76 14.91 -40.12
C ALA R 75 -43.42 14.80 -39.40
N ILE R 76 -42.73 13.66 -39.54
CA ILE R 76 -41.46 13.44 -38.86
C ILE R 76 -40.38 14.32 -39.49
N ASP R 77 -40.48 14.55 -40.80
CA ASP R 77 -39.53 15.40 -41.52
C ASP R 77 -39.83 16.88 -41.26
N ALA R 78 -41.11 17.21 -41.03
CA ALA R 78 -41.54 18.57 -40.77
C ALA R 78 -40.95 19.10 -39.46
N LEU R 79 -40.69 18.19 -38.51
CA LEU R 79 -40.13 18.53 -37.21
C LEU R 79 -38.79 19.25 -37.38
N PHE R 80 -37.97 18.80 -38.34
CA PHE R 80 -36.64 19.34 -38.53
C PHE R 80 -36.61 20.50 -39.54
N GLN R 81 -37.75 20.77 -40.20
CA GLN R 81 -37.82 21.81 -41.22
C GLN R 81 -38.28 23.13 -40.60
N VAL R 82 -39.27 23.07 -39.69
CA VAL R 82 -39.88 24.26 -39.11
C VAL R 82 -38.86 24.99 -38.25
N PRO R 83 -39.08 26.28 -37.89
CA PRO R 83 -38.14 26.99 -37.04
C PRO R 83 -37.97 26.36 -35.65
N SER R 84 -36.70 26.17 -35.25
CA SER R 84 -36.37 25.57 -33.97
C SER R 84 -36.83 26.47 -32.81
N GLY R 85 -36.75 27.79 -33.02
CA GLY R 85 -37.20 28.76 -32.04
C GLY R 85 -38.70 28.62 -31.71
N GLY R 86 -39.49 28.16 -32.70
CA GLY R 86 -40.91 27.91 -32.50
C GLY R 86 -41.16 26.69 -31.61
N LEU R 87 -40.35 25.65 -31.78
CA LEU R 87 -40.48 24.43 -31.01
C LEU R 87 -40.20 24.71 -29.53
N TRP R 88 -39.26 25.63 -29.25
CA TRP R 88 -38.94 26.02 -27.88
C TRP R 88 -40.13 26.72 -27.21
N GLN R 89 -40.87 27.52 -27.98
CA GLN R 89 -42.01 28.24 -27.44
C GLN R 89 -43.14 27.28 -27.08
N ILE R 90 -43.35 26.24 -27.91
CA ILE R 90 -44.33 25.20 -27.64
C ILE R 90 -43.93 24.47 -26.36
N PHE R 91 -42.66 24.04 -26.30
CA PHE R 91 -42.12 23.28 -25.19
C PHE R 91 -42.32 24.02 -23.86
N LEU R 92 -41.92 25.29 -23.81
CA LEU R 92 -41.98 26.08 -22.58
C LEU R 92 -43.42 26.39 -22.20
N PHE R 93 -44.32 26.49 -23.19
CA PHE R 93 -45.73 26.73 -22.93
C PHE R 93 -46.38 25.46 -22.34
N ILE R 94 -45.99 24.30 -22.87
CA ILE R 94 -46.44 23.02 -22.34
C ILE R 94 -45.95 22.90 -20.88
N GLY R 95 -44.71 23.32 -20.63
CA GLY R 95 -44.16 23.34 -19.28
C GLY R 95 -45.04 24.15 -18.32
N LEU R 96 -45.50 25.32 -18.77
CA LEU R 96 -46.34 26.18 -17.94
C LEU R 96 -47.68 25.49 -17.67
N LEU R 97 -48.25 24.88 -18.72
CA LEU R 97 -49.51 24.15 -18.60
C LEU R 97 -49.37 23.01 -17.58
N GLU R 98 -48.32 22.20 -17.73
CA GLU R 98 -48.05 21.09 -16.83
C GLU R 98 -47.98 21.58 -15.38
N PHE R 99 -47.38 22.76 -15.17
CA PHE R 99 -47.23 23.31 -13.83
C PHE R 99 -48.57 23.80 -13.28
N VAL R 100 -49.33 24.54 -14.10
CA VAL R 100 -50.57 25.17 -13.65
C VAL R 100 -51.67 24.11 -13.49
N MET R 101 -51.84 23.24 -14.51
CA MET R 101 -52.88 22.23 -14.49
C MET R 101 -52.75 21.34 -13.25
N ASN R 102 -51.51 21.01 -12.88
CA ASN R 102 -51.24 20.10 -11.77
C ASN R 102 -51.04 20.85 -10.46
N LYS R 103 -51.19 22.19 -10.47
CA LYS R 103 -51.09 23.02 -9.28
C LYS R 103 -49.75 22.80 -8.59
N GLY R 104 -48.67 22.70 -9.38
CA GLY R 104 -47.32 22.56 -8.86
C GLY R 104 -47.05 21.22 -8.18
N LYS R 105 -47.92 20.21 -8.38
CA LYS R 105 -47.77 18.89 -7.78
C LYS R 105 -47.58 17.88 -8.91
N MET R 106 -46.33 17.62 -9.26
CA MET R 106 -46.01 17.07 -10.58
C MET R 106 -45.37 15.69 -10.50
N THR R 107 -45.30 15.09 -9.30
CA THR R 107 -44.60 13.82 -9.15
C THR R 107 -45.52 12.80 -8.48
N PRO R 108 -45.23 11.48 -8.60
CA PRO R 108 -46.01 10.45 -7.91
C PRO R 108 -46.09 10.59 -6.40
N LEU R 109 -45.17 11.35 -5.80
CA LEU R 109 -45.18 11.56 -4.36
C LEU R 109 -46.28 12.54 -3.96
N ASP R 110 -46.62 13.51 -4.82
CA ASP R 110 -47.45 14.63 -4.39
C ASP R 110 -48.65 14.90 -5.30
N MET R 111 -48.71 14.32 -6.50
CA MET R 111 -49.74 14.68 -7.47
C MET R 111 -51.13 14.37 -6.91
N PHE R 112 -51.29 13.26 -6.20
CA PHE R 112 -52.56 12.85 -5.62
C PHE R 112 -52.54 13.04 -4.11
N SER R 113 -51.96 14.16 -3.65
CA SER R 113 -51.89 14.48 -2.23
C SER R 113 -53.27 14.94 -1.73
N ASP R 114 -53.93 15.80 -2.53
CA ASP R 114 -55.30 16.18 -2.30
C ASP R 114 -56.20 14.96 -2.56
N PRO R 115 -57.10 14.57 -1.62
CA PRO R 115 -58.01 13.45 -1.86
C PRO R 115 -58.97 13.64 -3.03
N ASN R 116 -59.33 14.89 -3.34
CA ASN R 116 -60.32 15.19 -4.37
C ASN R 116 -59.74 15.03 -5.78
N ARG R 117 -58.40 15.10 -5.92
CA ARG R 117 -57.75 14.98 -7.21
C ARG R 117 -57.98 13.58 -7.78
N LYS R 118 -58.49 13.51 -9.02
CA LYS R 118 -58.77 12.26 -9.70
C LYS R 118 -58.00 12.23 -11.01
N PRO R 119 -57.55 11.05 -11.50
CA PRO R 119 -56.73 10.97 -12.70
C PRO R 119 -57.42 11.51 -13.96
N GLY R 120 -56.77 12.49 -14.60
CA GLY R 120 -57.24 13.04 -15.86
C GLY R 120 -58.20 14.22 -15.68
N ASP R 121 -58.71 14.42 -14.46
CA ASP R 121 -59.76 15.39 -14.20
C ASP R 121 -59.14 16.73 -13.80
N PHE R 122 -59.14 17.67 -14.75
CA PHE R 122 -58.65 19.02 -14.52
C PHE R 122 -59.82 20.01 -14.45
N GLY R 123 -61.05 19.48 -14.35
CA GLY R 123 -62.25 20.32 -14.34
C GLY R 123 -62.42 21.12 -15.62
N PHE R 124 -62.12 20.49 -16.76
CA PHE R 124 -62.22 21.15 -18.06
C PHE R 124 -63.40 20.56 -18.83
N ASP R 125 -64.53 21.28 -18.81
CA ASP R 125 -65.68 20.95 -19.61
C ASP R 125 -66.40 22.25 -20.00
N PRO R 126 -65.78 23.10 -20.86
CA PRO R 126 -66.39 24.36 -21.28
C PRO R 126 -67.84 24.26 -21.74
N LEU R 127 -68.11 23.36 -22.69
CA LEU R 127 -69.43 23.26 -23.32
C LEU R 127 -70.41 22.51 -22.44
N GLY R 128 -69.92 21.87 -21.37
CA GLY R 128 -70.78 21.16 -20.44
C GLY R 128 -71.36 19.90 -21.06
N LEU R 129 -70.51 19.15 -21.78
CA LEU R 129 -70.94 17.94 -22.48
C LEU R 129 -71.20 16.82 -21.50
N GLY R 130 -70.47 16.81 -20.37
CA GLY R 130 -70.64 15.80 -19.34
C GLY R 130 -71.43 16.31 -18.14
N LYS R 131 -72.58 16.94 -18.41
CA LYS R 131 -73.48 17.39 -17.36
C LYS R 131 -74.23 16.19 -16.79
N ASP R 132 -74.74 15.33 -17.69
CA ASP R 132 -75.42 14.10 -17.32
C ASP R 132 -74.41 13.14 -16.69
N PRO R 133 -74.62 12.68 -15.43
CA PRO R 133 -73.73 11.68 -14.82
C PRO R 133 -73.53 10.41 -15.63
N GLN R 134 -74.63 9.89 -16.21
CA GLN R 134 -74.61 8.63 -16.93
C GLN R 134 -73.81 8.78 -18.24
N ALA R 135 -74.01 9.90 -18.94
CA ALA R 135 -73.30 10.17 -20.18
C ALA R 135 -71.82 10.35 -19.93
N ARG R 136 -71.47 11.07 -18.86
CA ARG R 136 -70.08 11.34 -18.51
C ARG R 136 -69.34 10.03 -18.25
N LYS R 137 -70.02 9.06 -17.61
CA LYS R 137 -69.43 7.78 -17.29
C LYS R 137 -69.10 7.01 -18.57
N ARG R 138 -69.95 7.12 -19.59
CA ARG R 138 -69.70 6.52 -20.89
C ARG R 138 -68.52 7.21 -21.57
N TYR R 139 -68.49 8.54 -21.49
CA TYR R 139 -67.47 9.34 -22.15
C TYR R 139 -66.09 9.06 -21.54
N GLU R 140 -66.05 8.83 -20.23
CA GLU R 140 -64.81 8.47 -19.55
C GLU R 140 -64.18 7.23 -20.18
N VAL R 141 -65.02 6.23 -20.52
CA VAL R 141 -64.54 4.99 -21.12
C VAL R 141 -64.16 5.25 -22.59
N ALA R 142 -64.97 6.05 -23.29
CA ALA R 142 -64.70 6.37 -24.68
C ALA R 142 -63.38 7.15 -24.81
N GLU R 143 -63.14 8.09 -23.89
CA GLU R 143 -61.92 8.87 -23.88
C GLU R 143 -60.70 7.94 -23.81
N ILE R 144 -60.77 6.95 -22.91
CA ILE R 144 -59.64 6.07 -22.68
C ILE R 144 -59.47 5.10 -23.85
N LYS R 145 -60.58 4.55 -24.36
CA LYS R 145 -60.51 3.62 -25.48
C LYS R 145 -59.98 4.31 -26.74
N ASN R 146 -60.43 5.55 -27.00
CA ASN R 146 -59.95 6.31 -28.15
C ASN R 146 -58.49 6.71 -27.96
N GLY R 147 -58.12 7.11 -26.74
CA GLY R 147 -56.73 7.39 -26.42
C GLY R 147 -55.82 6.17 -26.62
N ARG R 148 -56.29 5.00 -26.15
CA ARG R 148 -55.55 3.76 -26.33
C ARG R 148 -55.35 3.47 -27.82
N LEU R 149 -56.40 3.67 -28.62
CA LEU R 149 -56.35 3.40 -30.04
C LEU R 149 -55.41 4.37 -30.74
N ALA R 150 -55.49 5.66 -30.36
CA ALA R 150 -54.64 6.69 -30.94
C ALA R 150 -53.17 6.45 -30.60
N MET R 151 -52.88 5.88 -29.42
CA MET R 151 -51.50 5.56 -29.05
C MET R 151 -50.90 4.56 -30.03
N LEU R 152 -51.65 3.48 -30.33
CA LEU R 152 -51.19 2.44 -31.24
C LEU R 152 -51.11 2.98 -32.67
N ALA R 153 -52.07 3.81 -33.06
CA ALA R 153 -52.09 4.42 -34.38
C ALA R 153 -50.84 5.26 -34.61
N VAL R 154 -50.56 6.17 -33.66
CA VAL R 154 -49.43 7.08 -33.78
C VAL R 154 -48.12 6.28 -33.81
N GLY R 155 -48.08 5.17 -33.07
CA GLY R 155 -46.98 4.23 -33.15
C GLY R 155 -46.79 3.73 -34.58
N GLY R 156 -47.90 3.36 -35.24
CA GLY R 156 -47.89 3.00 -36.64
C GLY R 156 -47.42 4.16 -37.52
N PHE R 157 -48.16 5.28 -37.47
CA PHE R 157 -47.90 6.43 -38.32
C PHE R 157 -46.41 6.78 -38.36
N ILE R 158 -45.77 6.76 -37.19
CA ILE R 158 -44.36 7.14 -37.07
C ILE R 158 -43.47 6.10 -37.76
N HIS R 159 -43.71 4.82 -37.46
CA HIS R 159 -42.87 3.76 -37.99
C HIS R 159 -43.09 3.60 -39.50
N HIS R 160 -44.31 3.87 -39.97
CA HIS R 160 -44.61 3.86 -41.39
C HIS R 160 -43.81 4.95 -42.10
N MET R 161 -43.76 6.15 -41.50
CA MET R 161 -43.07 7.29 -42.08
C MET R 161 -41.55 7.05 -42.09
N LEU R 162 -41.02 6.40 -41.06
CA LEU R 162 -39.60 6.09 -41.01
C LEU R 162 -39.23 5.08 -42.10
N LEU R 163 -40.20 4.23 -42.47
CA LEU R 163 -39.97 3.16 -43.42
C LEU R 163 -40.12 3.65 -44.86
N THR R 164 -41.05 4.59 -45.10
CA THR R 164 -41.42 5.03 -46.44
C THR R 164 -40.96 6.46 -46.73
N HIS R 165 -41.06 7.35 -45.73
CA HIS R 165 -40.91 8.79 -45.90
C HIS R 165 -42.03 9.32 -46.81
N GLN R 166 -43.24 8.81 -46.57
CA GLN R 166 -44.46 9.30 -47.19
C GLN R 166 -45.46 9.67 -46.10
N GLY R 167 -46.46 10.47 -46.44
CA GLY R 167 -47.54 10.80 -45.53
C GLY R 167 -48.42 9.58 -45.24
N VAL R 168 -49.34 9.74 -44.28
CA VAL R 168 -50.24 8.67 -43.87
C VAL R 168 -51.12 8.26 -45.05
N VAL R 169 -51.77 9.26 -45.67
CA VAL R 169 -52.71 9.03 -46.75
C VAL R 169 -51.95 8.70 -48.04
N GLU R 170 -50.82 9.37 -48.25
CA GLU R 170 -49.95 9.12 -49.40
C GLU R 170 -49.57 7.64 -49.47
N GLN R 171 -49.27 7.03 -48.31
CA GLN R 171 -48.87 5.63 -48.26
C GLN R 171 -50.04 4.73 -48.63
N LEU R 172 -51.25 5.05 -48.16
CA LEU R 172 -52.43 4.23 -48.41
C LEU R 172 -52.78 4.25 -49.89
N THR R 173 -52.71 5.43 -50.51
CA THR R 173 -53.06 5.59 -51.92
C THR R 173 -52.01 4.94 -52.81
N HIS R 174 -50.73 5.02 -52.41
CA HIS R 174 -49.62 4.47 -53.17
C HIS R 174 -48.93 3.37 -52.36
N PHE R 175 -49.68 2.31 -52.03
CA PHE R 175 -49.21 1.30 -51.08
C PHE R 175 -48.14 0.44 -51.72
N ARG R 176 -46.91 0.55 -51.20
CA ARG R 176 -45.76 -0.21 -51.65
C ARG R 176 -45.36 -1.18 -50.54
N SER R 177 -45.19 -2.45 -50.90
CA SER R 177 -44.92 -3.51 -49.94
C SER R 177 -43.42 -3.59 -49.64
N LEU R 178 -43.05 -4.44 -48.67
CA LEU R 178 -41.65 -4.67 -48.32
C LEU R 178 -41.00 -5.59 -49.37
N LYS S 1 -55.59 -46.40 -6.13
CA LYS S 1 -55.22 -46.60 -7.56
C LYS S 1 -54.80 -48.05 -7.78
N PRO S 2 -54.76 -48.55 -9.04
CA PRO S 2 -54.67 -49.99 -9.32
C PRO S 2 -53.39 -50.74 -8.93
N LYS S 3 -52.45 -50.10 -8.20
CA LYS S 3 -51.30 -50.78 -7.62
C LYS S 3 -50.24 -51.05 -8.68
N TRP S 4 -50.56 -51.92 -9.66
CA TRP S 4 -49.68 -52.18 -10.80
C TRP S 4 -50.03 -51.23 -11.94
N SER S 5 -48.99 -50.71 -12.62
CA SER S 5 -49.14 -49.87 -13.78
C SER S 5 -49.92 -50.59 -14.88
N LYS S 6 -50.80 -49.85 -15.55
CA LYS S 6 -51.62 -50.40 -16.63
C LYS S 6 -50.74 -50.67 -17.84
N ALA S 7 -49.91 -49.68 -18.20
CA ALA S 7 -49.08 -49.75 -19.40
C ALA S 7 -47.93 -50.75 -19.22
N LEU S 8 -47.41 -50.86 -17.99
CA LEU S 8 -46.29 -51.74 -17.68
C LEU S 8 -46.70 -52.69 -16.55
N PRO S 9 -47.35 -53.84 -16.85
CA PRO S 9 -47.89 -54.72 -15.81
C PRO S 9 -46.87 -55.27 -14.80
N PHE S 10 -45.58 -55.17 -15.14
CA PHE S 10 -44.50 -55.68 -14.31
C PHE S 10 -43.89 -54.57 -13.44
N MET S 11 -44.46 -53.35 -13.51
CA MET S 11 -43.99 -52.24 -12.70
C MET S 11 -45.15 -51.64 -11.91
N LEU S 12 -44.84 -51.14 -10.71
CA LEU S 12 -45.82 -50.52 -9.84
C LEU S 12 -46.31 -49.21 -10.44
N TRP S 13 -47.55 -48.83 -10.13
CA TRP S 13 -48.09 -47.54 -10.57
C TRP S 13 -47.28 -46.42 -9.91
N PRO S 14 -46.72 -45.46 -10.68
CA PRO S 14 -45.92 -44.39 -10.12
C PRO S 14 -46.57 -43.71 -8.91
N GLN S 15 -45.77 -43.46 -7.87
CA GLN S 15 -46.26 -43.06 -6.56
C GLN S 15 -47.01 -41.73 -6.63
N ASN S 16 -46.56 -40.80 -7.50
CA ASN S 16 -47.14 -39.47 -7.57
C ASN S 16 -48.08 -39.30 -8.76
N LEU S 17 -48.34 -40.39 -9.50
CA LEU S 17 -49.44 -40.41 -10.46
C LEU S 17 -50.66 -41.04 -9.78
N ASP S 18 -51.70 -40.24 -9.54
CA ASP S 18 -52.78 -40.63 -8.66
C ASP S 18 -53.92 -41.32 -9.41
N GLY S 19 -53.87 -41.32 -10.75
CA GLY S 19 -54.89 -41.97 -11.57
C GLY S 19 -55.97 -41.00 -12.08
N THR S 20 -55.99 -39.77 -11.57
CA THR S 20 -57.10 -38.86 -11.78
C THR S 20 -56.91 -38.04 -13.07
N MET S 21 -55.67 -37.68 -13.39
CA MET S 21 -55.37 -36.86 -14.55
C MET S 21 -55.64 -37.62 -15.83
N ALA S 22 -55.96 -36.89 -16.91
CA ALA S 22 -56.11 -37.47 -18.23
C ALA S 22 -54.76 -37.96 -18.75
N GLY S 23 -54.78 -39.04 -19.53
CA GLY S 23 -53.58 -39.63 -20.11
C GLY S 23 -52.90 -40.65 -19.18
N ASP S 24 -53.33 -40.72 -17.92
CA ASP S 24 -52.60 -41.48 -16.92
C ASP S 24 -52.95 -42.97 -17.05
N VAL S 25 -51.97 -43.75 -17.52
CA VAL S 25 -52.05 -45.20 -17.51
C VAL S 25 -50.86 -45.76 -16.72
N GLY S 26 -50.32 -44.95 -15.81
CA GLY S 26 -49.23 -45.35 -14.93
C GLY S 26 -47.90 -45.51 -15.67
N PHE S 27 -47.68 -44.68 -16.70
CA PHE S 27 -46.45 -44.76 -17.47
C PHE S 27 -45.47 -43.68 -17.02
N ASP S 28 -44.61 -44.03 -16.04
CA ASP S 28 -43.45 -43.23 -15.69
C ASP S 28 -42.37 -44.16 -15.14
N PRO S 29 -41.80 -45.08 -15.97
CA PRO S 29 -40.81 -46.04 -15.49
C PRO S 29 -39.56 -45.40 -14.91
N PHE S 30 -39.04 -44.33 -15.56
CA PHE S 30 -37.82 -43.68 -15.12
C PHE S 30 -38.05 -42.84 -13.87
N GLY S 31 -39.32 -42.63 -13.48
CA GLY S 31 -39.64 -42.04 -12.19
C GLY S 31 -39.36 -40.54 -12.15
N PHE S 32 -39.66 -39.85 -13.25
CA PHE S 32 -39.52 -38.40 -13.32
C PHE S 32 -40.40 -37.72 -12.27
N THR S 33 -41.61 -38.26 -12.03
CA THR S 33 -42.58 -37.63 -11.15
C THR S 33 -42.27 -37.95 -9.68
N ASN S 34 -41.28 -38.79 -9.40
CA ASN S 34 -40.76 -38.96 -8.05
C ASN S 34 -40.10 -37.67 -7.57
N VAL S 35 -39.41 -36.95 -8.48
CA VAL S 35 -38.58 -35.82 -8.10
C VAL S 35 -39.20 -34.52 -8.62
N PHE S 36 -39.68 -34.50 -9.87
CA PHE S 36 -40.27 -33.30 -10.45
C PHE S 36 -41.77 -33.33 -10.19
N ASP S 37 -42.39 -32.14 -10.15
CA ASP S 37 -43.82 -32.01 -9.90
C ASP S 37 -44.58 -32.39 -11.19
N VAL S 38 -45.65 -33.18 -11.04
CA VAL S 38 -46.42 -33.66 -12.17
C VAL S 38 -47.12 -32.48 -12.86
N LYS S 39 -47.51 -31.46 -12.10
CA LYS S 39 -48.16 -30.28 -12.67
C LYS S 39 -47.23 -29.60 -13.65
N TRP S 40 -45.95 -29.47 -13.28
CA TRP S 40 -44.94 -28.89 -14.15
C TRP S 40 -44.75 -29.74 -15.40
N MET S 41 -44.69 -31.07 -15.23
CA MET S 41 -44.47 -31.98 -16.33
C MET S 41 -45.66 -31.99 -17.29
N ARG S 42 -46.89 -31.94 -16.75
CA ARG S 42 -48.09 -31.90 -17.58
C ARG S 42 -48.16 -30.57 -18.33
N GLU S 43 -47.84 -29.46 -17.66
CA GLU S 43 -47.78 -28.16 -18.31
C GLU S 43 -46.91 -28.29 -19.55
N ALA S 44 -45.75 -28.93 -19.39
CA ALA S 44 -44.78 -29.11 -20.45
C ALA S 44 -45.32 -30.06 -21.52
N GLU S 45 -45.92 -31.17 -21.08
CA GLU S 45 -46.46 -32.16 -21.99
C GLU S 45 -47.44 -31.51 -22.98
N LEU S 46 -48.38 -30.73 -22.45
CA LEU S 46 -49.42 -30.12 -23.27
C LEU S 46 -48.85 -29.04 -24.19
N LYS S 47 -47.80 -28.33 -23.76
CA LYS S 47 -47.19 -27.33 -24.60
C LYS S 47 -46.54 -27.99 -25.81
N HIS S 48 -45.86 -29.13 -25.59
CA HIS S 48 -45.26 -29.89 -26.68
C HIS S 48 -46.35 -30.48 -27.59
N CYS S 49 -47.38 -31.07 -26.98
CA CYS S 49 -48.53 -31.59 -27.71
C CYS S 49 -49.05 -30.55 -28.71
N ARG S 50 -49.36 -29.35 -28.20
CA ARG S 50 -50.07 -28.34 -28.97
C ARG S 50 -49.17 -27.75 -30.06
N ILE S 51 -47.87 -27.57 -29.77
CA ILE S 51 -46.92 -27.08 -30.76
C ILE S 51 -46.74 -28.11 -31.86
N ALA S 52 -46.65 -29.40 -31.47
CA ALA S 52 -46.41 -30.48 -32.41
C ALA S 52 -47.60 -30.65 -33.36
N MET S 53 -48.82 -30.62 -32.82
CA MET S 53 -50.03 -30.76 -33.62
C MET S 53 -50.07 -29.68 -34.69
N LEU S 54 -49.83 -28.42 -34.29
CA LEU S 54 -49.76 -27.33 -35.24
C LEU S 54 -48.66 -27.61 -36.27
N ALA S 55 -47.53 -28.16 -35.83
CA ALA S 55 -46.42 -28.44 -36.72
C ALA S 55 -46.79 -29.54 -37.72
N ALA S 56 -47.36 -30.65 -37.22
CA ALA S 56 -47.74 -31.76 -38.06
C ALA S 56 -48.66 -31.28 -39.20
N LEU S 57 -49.69 -30.50 -38.85
CA LEU S 57 -50.63 -29.98 -39.82
C LEU S 57 -49.94 -28.97 -40.75
N GLY S 58 -49.03 -28.17 -40.21
CA GLY S 58 -48.28 -27.20 -40.98
C GLY S 58 -47.44 -27.86 -42.06
N PHE S 59 -46.73 -28.94 -41.70
CA PHE S 59 -45.92 -29.70 -42.63
C PHE S 59 -46.79 -30.25 -43.76
N ILE S 60 -47.98 -30.77 -43.41
CA ILE S 60 -48.88 -31.39 -44.37
C ILE S 60 -49.42 -30.33 -45.34
N VAL S 61 -50.01 -29.26 -44.80
CA VAL S 61 -50.70 -28.27 -45.61
C VAL S 61 -49.70 -27.51 -46.49
N GLN S 62 -48.51 -27.22 -45.96
CA GLN S 62 -47.50 -26.46 -46.69
C GLN S 62 -47.05 -27.20 -47.96
N GLU S 63 -47.03 -28.53 -47.92
CA GLU S 63 -46.61 -29.34 -49.05
C GLU S 63 -47.74 -29.52 -50.06
N LEU S 64 -49.00 -29.35 -49.62
CA LEU S 64 -50.15 -29.49 -50.49
C LEU S 64 -50.62 -28.14 -51.02
N TRP S 65 -50.31 -27.04 -50.31
CA TRP S 65 -50.77 -25.71 -50.72
C TRP S 65 -49.93 -24.62 -50.06
N THR S 66 -49.76 -23.50 -50.77
CA THR S 66 -49.19 -22.28 -50.22
C THR S 66 -50.03 -21.10 -50.70
N PHE S 67 -49.83 -19.93 -50.07
CA PHE S 67 -50.62 -18.74 -50.38
C PHE S 67 -50.21 -18.23 -51.76
N PRO S 68 -51.15 -17.81 -52.65
CA PRO S 68 -50.82 -17.54 -54.04
C PRO S 68 -50.12 -16.20 -54.26
N TYR S 69 -48.85 -16.13 -53.84
CA TYR S 69 -48.00 -14.97 -54.05
C TYR S 69 -46.56 -15.46 -54.15
N PRO S 70 -45.64 -14.74 -54.85
CA PRO S 70 -44.26 -15.19 -54.99
C PRO S 70 -43.44 -15.12 -53.70
N TYR S 71 -43.85 -14.26 -52.75
CA TYR S 71 -43.20 -14.16 -51.46
C TYR S 71 -43.26 -15.51 -50.74
N PHE S 72 -44.38 -16.22 -50.88
CA PHE S 72 -44.53 -17.54 -50.32
C PHE S 72 -43.75 -18.52 -51.19
N SER S 73 -44.39 -19.07 -52.25
CA SER S 73 -43.72 -19.89 -53.26
C SER S 73 -43.23 -21.21 -52.65
N LYS S 74 -43.80 -22.31 -53.16
CA LYS S 74 -43.60 -23.66 -52.63
C LYS S 74 -42.13 -23.93 -52.36
N VAL S 75 -41.84 -24.40 -51.13
CA VAL S 75 -40.56 -25.01 -50.77
C VAL S 75 -40.86 -26.20 -49.87
N PRO S 76 -39.91 -27.13 -49.64
CA PRO S 76 -40.04 -28.10 -48.56
C PRO S 76 -40.08 -27.44 -47.17
N PRO S 77 -41.00 -27.85 -46.26
CA PRO S 77 -41.13 -27.24 -44.95
C PRO S 77 -39.83 -27.00 -44.19
N VAL S 78 -38.94 -28.01 -44.19
CA VAL S 78 -37.70 -27.96 -43.43
C VAL S 78 -36.81 -26.83 -43.94
N LEU S 79 -36.80 -26.62 -45.26
CA LEU S 79 -35.99 -25.58 -45.87
C LEU S 79 -36.60 -24.20 -45.65
N ALA S 80 -37.93 -24.15 -45.46
CA ALA S 80 -38.65 -22.88 -45.31
C ALA S 80 -38.18 -22.11 -44.06
N HIS S 81 -37.74 -22.83 -43.03
CA HIS S 81 -37.21 -22.20 -41.83
C HIS S 81 -36.21 -21.10 -42.19
N ASP S 82 -35.17 -21.49 -42.94
CA ASP S 82 -34.07 -20.59 -43.25
C ASP S 82 -34.49 -19.53 -44.27
N VAL S 83 -35.48 -19.85 -45.10
CA VAL S 83 -36.00 -18.89 -46.08
C VAL S 83 -36.57 -17.68 -45.35
N TYR S 84 -37.41 -17.91 -44.34
CA TYR S 84 -38.19 -16.84 -43.74
C TYR S 84 -37.46 -16.23 -42.54
N VAL S 85 -36.36 -16.83 -42.09
CA VAL S 85 -35.46 -16.16 -41.16
C VAL S 85 -34.85 -14.95 -41.88
N LYS S 86 -34.53 -15.12 -43.17
CA LYS S 86 -33.90 -14.07 -43.97
C LYS S 86 -34.86 -12.91 -44.23
N THR S 87 -36.13 -13.21 -44.51
CA THR S 87 -37.11 -12.19 -44.86
C THR S 87 -37.50 -11.38 -43.62
N GLY S 88 -37.52 -12.06 -42.45
CA GLY S 88 -37.98 -11.45 -41.21
C GLY S 88 -39.34 -11.97 -40.78
N GLY S 89 -39.92 -12.89 -41.57
CA GLY S 89 -41.20 -13.50 -41.24
C GLY S 89 -41.11 -14.38 -40.00
N MET S 90 -39.95 -15.02 -39.81
CA MET S 90 -39.74 -15.93 -38.70
C MET S 90 -39.54 -15.13 -37.41
N SER S 91 -38.93 -13.95 -37.53
CA SER S 91 -38.74 -13.05 -36.41
C SER S 91 -40.07 -12.50 -35.92
N GLN S 92 -41.04 -12.37 -36.83
CA GLN S 92 -42.38 -11.91 -36.48
C GLN S 92 -43.08 -12.94 -35.60
N ILE S 93 -42.98 -14.22 -35.98
CA ILE S 93 -43.58 -15.30 -35.21
C ILE S 93 -42.91 -15.37 -33.84
N LEU S 94 -41.58 -15.18 -33.80
CA LEU S 94 -40.82 -15.18 -32.56
C LEU S 94 -41.26 -14.03 -31.66
N LEU S 95 -41.57 -12.87 -32.25
CA LEU S 95 -41.99 -11.70 -31.50
C LEU S 95 -43.23 -12.01 -30.66
N PHE S 96 -44.23 -12.68 -31.26
CA PHE S 96 -45.50 -12.92 -30.61
C PHE S 96 -45.46 -14.19 -29.76
N VAL S 97 -44.55 -15.12 -30.05
CA VAL S 97 -44.33 -16.27 -29.18
C VAL S 97 -43.68 -15.80 -27.87
N ILE S 98 -42.69 -14.92 -27.98
CA ILE S 98 -42.05 -14.32 -26.81
C ILE S 98 -43.10 -13.66 -25.93
N PHE S 99 -43.98 -12.86 -26.54
CA PHE S 99 -45.00 -12.11 -25.83
C PHE S 99 -45.86 -13.07 -25.00
N PHE S 100 -46.35 -14.14 -25.63
CA PHE S 100 -47.23 -15.10 -24.99
C PHE S 100 -46.48 -15.92 -23.93
N GLU S 101 -45.19 -16.17 -24.15
CA GLU S 101 -44.40 -16.97 -23.23
C GLU S 101 -44.01 -16.17 -21.99
N VAL S 102 -43.79 -14.85 -22.14
CA VAL S 102 -43.49 -14.01 -21.00
C VAL S 102 -44.72 -13.94 -20.09
N ILE S 103 -45.92 -13.86 -20.69
CA ILE S 103 -47.17 -13.92 -19.95
C ILE S 103 -47.30 -15.29 -19.27
N SER S 104 -46.95 -16.36 -19.99
CA SER S 104 -47.07 -17.72 -19.48
C SER S 104 -46.18 -17.96 -18.27
N LEU S 105 -45.08 -17.21 -18.18
CA LEU S 105 -44.18 -17.24 -17.04
C LEU S 105 -44.96 -17.03 -15.74
N PHE S 106 -45.90 -16.08 -15.76
CA PHE S 106 -46.74 -15.78 -14.61
C PHE S 106 -47.75 -16.90 -14.39
N ALA S 107 -48.30 -17.45 -15.48
CA ALA S 107 -49.25 -18.56 -15.41
C ALA S 107 -48.62 -19.79 -14.76
N VAL S 108 -47.39 -20.12 -15.16
CA VAL S 108 -46.69 -21.29 -14.64
C VAL S 108 -46.36 -21.10 -13.16
N SER S 109 -45.95 -19.89 -12.77
CA SER S 109 -45.66 -19.62 -11.37
C SER S 109 -46.92 -19.78 -10.52
N GLN S 110 -48.05 -19.26 -11.02
CA GLN S 110 -49.32 -19.36 -10.31
C GLN S 110 -49.81 -20.80 -10.25
N MET S 111 -49.48 -21.61 -11.26
CA MET S 111 -49.80 -23.02 -11.24
C MET S 111 -49.03 -23.72 -10.13
N MET S 112 -47.73 -23.42 -10.00
CA MET S 112 -46.90 -24.04 -8.99
C MET S 112 -47.34 -23.62 -7.58
N GLU S 113 -48.07 -22.51 -7.47
CA GLU S 113 -48.67 -22.07 -6.21
C GLU S 113 -50.06 -22.68 -6.01
N GLY S 114 -50.57 -23.39 -7.02
CA GLY S 114 -51.80 -24.16 -6.90
C GLY S 114 -53.05 -23.35 -7.27
N LYS S 115 -52.86 -22.24 -8.00
CA LYS S 115 -53.96 -21.34 -8.34
C LYS S 115 -54.46 -21.58 -9.76
N ARG S 116 -53.81 -22.49 -10.49
CA ARG S 116 -54.13 -22.74 -11.89
C ARG S 116 -53.82 -24.21 -12.22
N GLU S 117 -54.64 -24.81 -13.08
CA GLU S 117 -54.42 -26.18 -13.52
C GLU S 117 -53.46 -26.20 -14.71
N PRO S 118 -52.55 -27.20 -14.81
CA PRO S 118 -51.66 -27.30 -15.96
C PRO S 118 -52.38 -27.35 -17.30
N GLY S 119 -51.98 -26.46 -18.23
CA GLY S 119 -52.47 -26.50 -19.60
C GLY S 119 -53.75 -25.69 -19.82
N VAL S 120 -54.39 -25.23 -18.74
CA VAL S 120 -55.64 -24.49 -18.85
C VAL S 120 -55.34 -23.01 -19.14
N PHE S 121 -55.92 -22.50 -20.23
CA PHE S 121 -55.93 -21.07 -20.52
C PHE S 121 -57.37 -20.58 -20.70
N HIS S 122 -58.35 -21.41 -20.33
CA HIS S 122 -59.77 -21.12 -20.51
C HIS S 122 -60.11 -20.79 -21.97
N PHE S 123 -59.35 -21.36 -22.92
CA PHE S 123 -59.53 -21.07 -24.33
C PHE S 123 -60.51 -22.06 -24.94
N ASP S 124 -61.75 -21.61 -25.16
CA ASP S 124 -62.77 -22.39 -25.86
C ASP S 124 -63.77 -21.42 -26.51
N PRO S 125 -63.34 -20.62 -27.52
CA PRO S 125 -64.23 -19.65 -28.15
C PRO S 125 -65.56 -20.22 -28.66
N LEU S 126 -65.50 -21.37 -29.32
CA LEU S 126 -66.68 -21.97 -29.95
C LEU S 126 -67.52 -22.75 -28.93
N GLY S 127 -66.98 -22.99 -27.73
CA GLY S 127 -67.74 -23.60 -26.65
C GLY S 127 -68.04 -25.07 -26.94
N LEU S 128 -67.01 -25.82 -27.34
CA LEU S 128 -67.16 -27.20 -27.77
C LEU S 128 -67.20 -28.15 -26.56
N ALA S 129 -66.80 -27.66 -25.38
CA ALA S 129 -66.78 -28.48 -24.18
C ALA S 129 -67.33 -27.70 -22.98
N LYS S 130 -68.59 -27.30 -23.08
CA LYS S 130 -69.29 -26.65 -21.98
C LYS S 130 -69.66 -27.69 -20.92
N ASP S 131 -69.91 -28.94 -21.35
CA ASP S 131 -70.24 -30.03 -20.44
C ASP S 131 -68.95 -30.59 -19.84
N PRO S 132 -68.92 -30.95 -18.53
CA PRO S 132 -67.74 -31.57 -17.93
C PRO S 132 -67.32 -32.91 -18.56
N ASP S 133 -68.30 -33.73 -18.95
CA ASP S 133 -68.02 -35.07 -19.45
C ASP S 133 -67.40 -35.01 -20.84
N THR S 134 -67.84 -34.07 -21.67
CA THR S 134 -67.27 -33.88 -23.01
C THR S 134 -65.87 -33.27 -22.89
N PHE S 135 -65.65 -32.47 -21.84
CA PHE S 135 -64.36 -31.83 -21.61
C PHE S 135 -63.32 -32.89 -21.27
N ARG S 136 -63.68 -33.82 -20.38
CA ARG S 136 -62.77 -34.87 -19.96
C ARG S 136 -62.48 -35.82 -21.13
N LYS S 137 -63.52 -36.12 -21.94
CA LYS S 137 -63.34 -36.91 -23.15
C LYS S 137 -62.32 -36.22 -24.06
N TYR S 138 -62.45 -34.91 -24.24
CA TYR S 138 -61.61 -34.16 -25.16
C TYR S 138 -60.21 -33.98 -24.58
N GLU S 139 -60.08 -33.99 -23.24
CA GLU S 139 -58.77 -33.95 -22.60
C GLU S 139 -57.93 -35.14 -23.07
N TRP S 140 -58.54 -36.33 -23.09
CA TRP S 140 -57.88 -37.54 -23.54
C TRP S 140 -57.51 -37.46 -25.02
N SER S 141 -58.40 -36.92 -25.85
CA SER S 141 -58.12 -36.79 -27.27
C SER S 141 -56.97 -35.83 -27.53
N GLU S 142 -56.94 -34.71 -26.78
CA GLU S 142 -55.89 -33.71 -26.92
C GLU S 142 -54.53 -34.34 -26.65
N LEU S 143 -54.46 -35.13 -25.56
CA LEU S 143 -53.22 -35.81 -25.18
C LEU S 143 -52.85 -36.82 -26.26
N ARG S 144 -53.81 -37.65 -26.69
CA ARG S 144 -53.53 -38.75 -27.62
C ARG S 144 -53.10 -38.20 -28.97
N ASN S 145 -53.84 -37.22 -29.50
CA ASN S 145 -53.47 -36.60 -30.76
C ASN S 145 -52.13 -35.87 -30.63
N GLY S 146 -51.93 -35.20 -29.48
CA GLY S 146 -50.71 -34.45 -29.24
C GLY S 146 -49.48 -35.34 -29.13
N ARG S 147 -49.62 -36.48 -28.44
CA ARG S 147 -48.53 -37.43 -28.28
C ARG S 147 -48.17 -38.03 -29.64
N LEU S 148 -49.18 -38.30 -30.46
CA LEU S 148 -48.98 -38.86 -31.79
C LEU S 148 -48.26 -37.86 -32.68
N ALA S 149 -48.71 -36.60 -32.65
CA ALA S 149 -48.13 -35.54 -33.47
C ALA S 149 -46.67 -35.29 -33.11
N MET S 150 -46.33 -35.43 -31.81
CA MET S 150 -44.96 -35.24 -31.34
C MET S 150 -44.01 -36.20 -32.05
N ILE S 151 -44.40 -37.48 -32.12
CA ILE S 151 -43.61 -38.50 -32.78
C ILE S 151 -43.65 -38.26 -34.29
N ALA S 152 -44.86 -38.14 -34.83
CA ALA S 152 -45.09 -37.96 -36.26
C ALA S 152 -44.17 -36.89 -36.84
N VAL S 153 -44.10 -35.73 -36.19
CA VAL S 153 -43.24 -34.63 -36.62
C VAL S 153 -41.79 -35.10 -36.67
N GLY S 154 -41.38 -35.92 -35.69
CA GLY S 154 -40.07 -36.55 -35.69
C GLY S 154 -39.82 -37.34 -36.96
N GLY S 155 -40.81 -38.13 -37.37
CA GLY S 155 -40.78 -38.86 -38.63
C GLY S 155 -40.53 -37.93 -39.81
N PHE S 156 -41.39 -36.92 -39.98
CA PHE S 156 -41.39 -36.05 -41.14
C PHE S 156 -39.99 -35.45 -41.36
N ILE S 157 -39.41 -34.89 -40.30
CA ILE S 157 -38.18 -34.12 -40.41
C ILE S 157 -37.00 -35.07 -40.68
N HIS S 158 -36.99 -36.24 -40.03
CA HIS S 158 -35.90 -37.18 -40.18
C HIS S 158 -35.95 -37.85 -41.55
N GLN S 159 -37.14 -38.33 -41.94
CA GLN S 159 -37.34 -38.97 -43.22
C GLN S 159 -36.96 -38.04 -44.36
N TYR S 160 -37.19 -36.73 -44.19
CA TYR S 160 -36.77 -35.74 -45.18
C TYR S 160 -35.25 -35.69 -45.26
N TRP S 161 -34.57 -35.63 -44.10
CA TRP S 161 -33.13 -35.55 -44.06
C TRP S 161 -32.49 -36.76 -44.76
N VAL S 162 -33.11 -37.94 -44.62
CA VAL S 162 -32.63 -39.15 -45.28
C VAL S 162 -33.02 -39.11 -46.76
N THR S 163 -34.32 -39.18 -47.05
CA THR S 163 -34.82 -39.45 -48.39
C THR S 163 -34.65 -38.24 -49.30
N LYS S 164 -34.71 -37.02 -48.73
CA LYS S 164 -34.80 -35.78 -49.49
C LYS S 164 -36.08 -35.78 -50.32
N GLN S 165 -37.17 -36.24 -49.69
CA GLN S 165 -38.51 -36.26 -50.27
C GLN S 165 -39.46 -35.59 -49.29
N GLY S 166 -40.57 -35.04 -49.79
CA GLY S 166 -41.67 -34.57 -48.95
C GLY S 166 -42.42 -35.75 -48.33
N ILE S 167 -43.54 -35.44 -47.65
CA ILE S 167 -44.35 -36.45 -47.01
C ILE S 167 -45.03 -37.29 -48.09
N PHE S 168 -45.66 -36.60 -49.06
CA PHE S 168 -46.50 -37.24 -50.06
C PHE S 168 -45.66 -37.72 -51.25
N GLU S 169 -44.54 -37.04 -51.53
CA GLU S 169 -43.58 -37.50 -52.51
C GLU S 169 -43.11 -38.92 -52.16
N GLN S 170 -42.81 -39.13 -50.87
CA GLN S 170 -42.29 -40.41 -50.39
C GLN S 170 -43.38 -41.49 -50.48
N LEU S 171 -44.64 -41.11 -50.23
CA LEU S 171 -45.75 -42.06 -50.27
C LEU S 171 -46.15 -42.36 -51.71
N ALA S 172 -45.85 -41.44 -52.64
CA ALA S 172 -46.09 -41.66 -54.06
C ALA S 172 -45.14 -42.73 -54.60
N ASN S 173 -43.86 -42.62 -54.25
CA ASN S 173 -42.83 -43.54 -54.71
C ASN S 173 -42.66 -44.69 -53.72
N PHE S 174 -42.21 -44.34 -52.51
CA PHE S 174 -41.80 -45.27 -51.47
C PHE S 174 -40.73 -46.22 -52.02
N ARG S 175 -39.50 -45.69 -52.10
CA ARG S 175 -38.31 -46.47 -52.42
C ARG S 175 -37.71 -46.97 -51.11
N PRO S 176 -37.38 -48.28 -50.96
CA PRO S 176 -36.65 -48.74 -49.78
C PRO S 176 -35.21 -48.22 -49.72
N LEU S 177 -34.57 -48.41 -48.55
CA LEU S 177 -33.18 -48.02 -48.34
C LEU S 177 -32.26 -49.00 -49.08
N SER S 178 -30.96 -48.68 -49.06
CA SER S 178 -29.94 -49.53 -49.67
C SER S 178 -29.76 -50.81 -48.84
N LYS T 1 -27.01 -83.26 0.76
CA LYS T 1 -28.28 -83.27 -0.01
C LYS T 1 -27.95 -82.89 -1.46
N SER T 2 -28.73 -81.96 -2.06
CA SER T 2 -28.61 -81.60 -3.46
C SER T 2 -28.84 -82.81 -4.36
N LYS T 3 -29.97 -82.80 -5.09
CA LYS T 3 -30.36 -83.94 -5.89
C LYS T 3 -29.30 -84.21 -6.96
N ALA T 4 -28.84 -83.15 -7.64
CA ALA T 4 -27.86 -83.27 -8.73
C ALA T 4 -26.55 -83.86 -8.22
N ILE T 5 -26.00 -83.29 -7.15
CA ILE T 5 -24.74 -83.76 -6.56
C ILE T 5 -25.05 -84.31 -5.17
N PRO T 6 -25.43 -85.61 -5.03
CA PRO T 6 -25.86 -86.15 -3.75
C PRO T 6 -24.79 -86.28 -2.66
N PHE T 7 -23.50 -86.17 -3.03
CA PHE T 7 -22.42 -86.28 -2.08
C PHE T 7 -22.07 -84.91 -1.49
N LEU T 8 -22.12 -83.85 -2.31
CA LEU T 8 -21.99 -82.48 -1.84
C LEU T 8 -23.27 -82.07 -1.10
N ASP T 9 -23.16 -81.06 -0.24
CA ASP T 9 -24.28 -80.58 0.55
C ASP T 9 -25.17 -79.67 -0.30
N ARG T 10 -26.36 -79.34 0.24
CA ARG T 10 -27.29 -78.43 -0.43
C ARG T 10 -26.75 -77.01 -0.38
N PRO T 11 -26.91 -76.20 -1.46
CA PRO T 11 -26.64 -74.77 -1.37
C PRO T 11 -27.56 -74.07 -0.37
N PRO T 12 -27.02 -73.36 0.65
CA PRO T 12 -27.85 -72.78 1.70
C PRO T 12 -29.01 -71.92 1.21
N ALA T 13 -28.77 -71.11 0.19
CA ALA T 13 -29.76 -70.16 -0.32
C ALA T 13 -30.92 -70.89 -1.01
N LEU T 14 -30.60 -71.98 -1.73
CA LEU T 14 -31.60 -72.75 -2.44
C LEU T 14 -32.40 -73.58 -1.44
N ASP T 15 -33.55 -73.04 -1.00
CA ASP T 15 -34.41 -73.69 -0.02
C ASP T 15 -35.23 -74.78 -0.71
N GLY T 16 -36.01 -74.37 -1.72
CA GLY T 16 -36.91 -75.26 -2.44
C GLY T 16 -38.22 -74.56 -2.78
N SER T 17 -38.13 -73.55 -3.65
CA SER T 17 -39.26 -72.70 -3.99
C SER T 17 -39.31 -72.46 -5.50
N MET T 18 -38.22 -71.91 -6.05
CA MET T 18 -38.15 -71.54 -7.46
C MET T 18 -38.23 -72.78 -8.35
N VAL T 19 -38.73 -72.58 -9.58
CA VAL T 19 -38.86 -73.65 -10.55
C VAL T 19 -37.46 -74.03 -11.06
N GLY T 20 -37.28 -75.33 -11.35
CA GLY T 20 -36.02 -75.85 -11.85
C GLY T 20 -34.95 -75.92 -10.76
N ASP T 21 -35.38 -75.93 -9.48
CA ASP T 21 -34.47 -75.98 -8.35
C ASP T 21 -34.20 -77.45 -8.02
N VAL T 22 -33.04 -77.96 -8.47
CA VAL T 22 -32.59 -79.30 -8.16
C VAL T 22 -31.33 -79.23 -7.29
N GLY T 23 -31.12 -78.09 -6.63
CA GLY T 23 -30.05 -77.93 -5.66
C GLY T 23 -28.66 -77.85 -6.30
N PHE T 24 -28.59 -77.42 -7.57
CA PHE T 24 -27.33 -77.38 -8.29
C PHE T 24 -26.71 -75.99 -8.16
N ASP T 25 -25.84 -75.83 -7.16
CA ASP T 25 -25.00 -74.65 -7.03
C ASP T 25 -23.74 -75.02 -6.26
N PRO T 26 -22.80 -75.78 -6.87
CA PRO T 26 -21.52 -76.10 -6.23
C PRO T 26 -20.78 -74.89 -5.66
N LEU T 27 -20.66 -73.82 -6.45
CA LEU T 27 -19.90 -72.64 -6.07
C LEU T 27 -20.64 -71.82 -5.02
N ASN T 28 -21.97 -72.01 -4.92
CA ASN T 28 -22.80 -71.36 -3.91
C ASN T 28 -22.80 -69.84 -4.15
N ILE T 29 -23.06 -69.43 -5.39
CA ILE T 29 -23.02 -68.01 -5.75
C ILE T 29 -24.35 -67.36 -5.38
N SER T 30 -25.38 -68.18 -5.14
CA SER T 30 -26.67 -67.72 -4.63
C SER T 30 -26.55 -67.17 -3.21
N SER T 31 -25.46 -67.53 -2.50
CA SER T 31 -25.18 -66.98 -1.18
C SER T 31 -24.60 -65.57 -1.26
N TYR T 32 -24.04 -65.20 -2.42
CA TYR T 32 -23.31 -63.95 -2.58
C TYR T 32 -24.12 -62.95 -3.42
N LEU T 33 -24.76 -63.42 -4.50
CA LEU T 33 -25.68 -62.60 -5.26
C LEU T 33 -27.11 -63.02 -4.92
N ASP T 34 -28.05 -62.07 -5.05
CA ASP T 34 -29.45 -62.31 -4.74
C ASP T 34 -30.04 -63.24 -5.80
N LEU T 35 -30.93 -64.14 -5.35
CA LEU T 35 -31.42 -65.23 -6.17
C LEU T 35 -32.41 -64.69 -7.22
N ARG T 36 -33.14 -63.62 -6.87
CA ARG T 36 -34.02 -62.94 -7.80
C ARG T 36 -33.23 -62.35 -8.96
N TRP T 37 -32.07 -61.75 -8.64
CA TRP T 37 -31.17 -61.20 -9.65
C TRP T 37 -30.66 -62.31 -10.58
N LEU T 38 -30.24 -63.43 -9.99
CA LEU T 38 -29.67 -64.53 -10.75
C LEU T 38 -30.71 -65.15 -11.68
N ARG T 39 -31.93 -65.36 -11.16
CA ARG T 39 -33.01 -65.94 -11.94
C ARG T 39 -33.40 -65.01 -13.09
N GLU T 40 -33.50 -63.71 -12.80
CA GLU T 40 -33.78 -62.70 -13.81
C GLU T 40 -32.78 -62.84 -14.96
N SER T 41 -31.51 -63.06 -14.63
CA SER T 41 -30.44 -63.17 -15.60
C SER T 41 -30.51 -64.50 -16.35
N GLU T 42 -30.88 -65.58 -15.63
CA GLU T 42 -30.96 -66.91 -16.20
C GLU T 42 -32.02 -66.96 -17.30
N ILE T 43 -33.23 -66.44 -17.00
CA ILE T 43 -34.35 -66.45 -17.93
C ILE T 43 -34.02 -65.58 -19.14
N LYS T 44 -33.29 -64.48 -18.93
CA LYS T 44 -32.96 -63.58 -20.02
C LYS T 44 -32.02 -64.29 -21.00
N HIS T 45 -31.03 -65.02 -20.46
CA HIS T 45 -30.11 -65.80 -21.27
C HIS T 45 -30.87 -66.92 -22.00
N CYS T 46 -31.79 -67.58 -21.28
CA CYS T 46 -32.65 -68.61 -21.86
C CYS T 46 -33.33 -68.11 -23.14
N ARG T 47 -34.06 -66.99 -23.02
CA ARG T 47 -34.94 -66.51 -24.06
C ARG T 47 -34.14 -66.00 -25.27
N ILE T 48 -32.97 -65.42 -25.02
CA ILE T 48 -32.10 -64.95 -26.09
C ILE T 48 -31.54 -66.16 -26.84
N ALA T 49 -31.10 -67.18 -26.09
CA ALA T 49 -30.52 -68.38 -26.66
C ALA T 49 -31.51 -69.07 -27.60
N MET T 50 -32.73 -69.31 -27.09
CA MET T 50 -33.77 -70.04 -27.80
C MET T 50 -34.08 -69.37 -29.14
N LEU T 51 -34.25 -68.04 -29.14
CA LEU T 51 -34.48 -67.30 -30.37
C LEU T 51 -33.27 -67.43 -31.31
N ALA T 52 -32.06 -67.42 -30.73
CA ALA T 52 -30.83 -67.48 -31.51
C ALA T 52 -30.63 -68.85 -32.15
N VAL T 53 -31.12 -69.92 -31.49
CA VAL T 53 -31.02 -71.27 -32.02
C VAL T 53 -31.86 -71.38 -33.29
N VAL T 54 -33.12 -70.95 -33.20
CA VAL T 54 -34.06 -71.02 -34.32
C VAL T 54 -33.61 -70.06 -35.41
N GLY T 55 -33.03 -68.92 -35.01
CA GLY T 55 -32.41 -67.99 -35.93
C GLY T 55 -31.27 -68.64 -36.73
N TRP T 56 -30.51 -69.53 -36.09
CA TRP T 56 -29.38 -70.20 -36.71
C TRP T 56 -29.86 -71.12 -37.84
N PHE T 57 -30.94 -71.86 -37.59
CA PHE T 57 -31.46 -72.83 -38.53
C PHE T 57 -32.18 -72.14 -39.69
N VAL T 58 -33.10 -71.21 -39.36
CA VAL T 58 -34.01 -70.62 -40.33
C VAL T 58 -33.28 -69.71 -41.30
N GLN T 59 -32.15 -69.11 -40.87
CA GLN T 59 -31.36 -68.24 -41.72
C GLN T 59 -30.67 -69.01 -42.84
N GLU T 60 -30.48 -70.33 -42.65
CA GLU T 60 -29.93 -71.18 -43.69
C GLU T 60 -30.92 -71.33 -44.84
N VAL T 61 -32.19 -71.59 -44.50
CA VAL T 61 -33.22 -71.92 -45.47
C VAL T 61 -33.61 -70.66 -46.25
N TYR T 62 -34.26 -69.70 -45.56
CA TYR T 62 -34.88 -68.57 -46.22
C TYR T 62 -34.03 -67.31 -46.01
N HIS T 63 -34.10 -66.39 -46.99
CA HIS T 63 -33.44 -65.09 -46.92
C HIS T 63 -34.41 -64.02 -47.40
N LEU T 64 -34.19 -62.77 -46.96
CA LEU T 64 -34.91 -61.62 -47.48
C LEU T 64 -34.24 -61.15 -48.77
N PRO T 65 -34.88 -60.30 -49.61
CA PRO T 65 -34.20 -59.67 -50.73
C PRO T 65 -33.01 -58.80 -50.33
N ASN T 66 -32.22 -58.39 -51.33
CA ASN T 66 -31.04 -57.55 -51.17
C ASN T 66 -29.86 -58.43 -50.71
N GLU T 67 -28.66 -58.09 -51.19
CA GLU T 67 -27.47 -58.90 -51.00
C GLU T 67 -27.04 -58.95 -49.53
N ILE T 68 -27.33 -57.88 -48.78
CA ILE T 68 -26.96 -57.75 -47.37
C ILE T 68 -27.64 -58.83 -46.53
N TYR T 69 -28.87 -59.23 -46.90
CA TYR T 69 -29.65 -60.19 -46.13
C TYR T 69 -29.39 -61.62 -46.62
N SER T 70 -28.66 -61.78 -47.74
CA SER T 70 -28.38 -63.10 -48.30
C SER T 70 -26.99 -63.57 -47.85
N SER T 71 -26.97 -64.40 -46.81
CA SER T 71 -25.74 -65.00 -46.30
C SER T 71 -26.08 -66.20 -45.43
N SER T 72 -25.85 -67.40 -45.96
CA SER T 72 -26.21 -68.66 -45.30
C SER T 72 -25.46 -68.81 -43.97
N VAL T 73 -24.14 -68.55 -44.00
CA VAL T 73 -23.30 -68.69 -42.83
C VAL T 73 -23.67 -67.60 -41.82
N PRO T 74 -24.23 -67.93 -40.64
CA PRO T 74 -24.71 -66.91 -39.69
C PRO T 74 -23.63 -65.94 -39.19
N THR T 75 -22.38 -66.40 -39.08
CA THR T 75 -21.28 -65.54 -38.65
C THR T 75 -21.01 -64.50 -39.74
N GLU T 76 -21.19 -64.89 -41.00
CA GLU T 76 -20.95 -64.00 -42.13
C GLU T 76 -22.07 -62.98 -42.25
N ALA T 77 -23.30 -63.39 -41.90
CA ALA T 77 -24.48 -62.54 -41.95
C ALA T 77 -24.30 -61.29 -41.08
N PHE T 78 -23.67 -61.46 -39.91
CA PHE T 78 -23.39 -60.38 -38.98
C PHE T 78 -22.59 -59.28 -39.66
N TRP T 79 -21.51 -59.66 -40.34
CA TRP T 79 -20.53 -58.71 -40.88
C TRP T 79 -21.15 -57.82 -41.96
N LYS T 80 -22.05 -58.40 -42.79
CA LYS T 80 -22.65 -57.68 -43.90
C LYS T 80 -23.82 -56.82 -43.42
N THR T 81 -24.35 -57.10 -42.23
CA THR T 81 -25.49 -56.37 -41.67
C THR T 81 -25.06 -55.45 -40.53
N LEU T 82 -23.77 -55.46 -40.14
CA LEU T 82 -23.30 -54.69 -39.01
C LEU T 82 -23.33 -53.20 -39.34
N VAL T 83 -22.58 -52.82 -40.39
CA VAL T 83 -22.41 -51.42 -40.77
C VAL T 83 -23.59 -50.96 -41.63
N THR T 84 -24.36 -51.93 -42.17
CA THR T 84 -25.42 -51.66 -43.12
C THR T 84 -26.59 -50.95 -42.46
N GLY T 85 -27.13 -51.53 -41.37
CA GLY T 85 -28.37 -51.05 -40.80
C GLY T 85 -29.03 -52.06 -39.85
N PRO T 86 -29.28 -53.32 -40.29
CA PRO T 86 -30.07 -54.26 -39.50
C PRO T 86 -29.63 -54.45 -38.05
N MET T 87 -28.32 -54.59 -37.83
CA MET T 87 -27.79 -54.86 -36.49
C MET T 87 -27.80 -53.60 -35.63
N GLY T 88 -27.75 -52.42 -36.28
CA GLY T 88 -28.02 -51.16 -35.61
C GLY T 88 -29.42 -51.13 -34.99
N GLN T 89 -30.40 -51.69 -35.72
CA GLN T 89 -31.80 -51.69 -35.31
C GLN T 89 -32.02 -52.66 -34.15
N ILE T 90 -31.50 -53.90 -34.29
CA ILE T 90 -31.67 -54.93 -33.28
C ILE T 90 -31.13 -54.43 -31.95
N VAL T 91 -29.93 -53.83 -31.98
CA VAL T 91 -29.30 -53.26 -30.80
C VAL T 91 -30.20 -52.16 -30.22
N LEU T 92 -30.65 -51.24 -31.08
CA LEU T 92 -31.40 -50.07 -30.66
C LEU T 92 -32.70 -50.46 -29.97
N TRP T 93 -33.48 -51.34 -30.60
CA TRP T 93 -34.83 -51.65 -30.15
C TRP T 93 -34.83 -52.61 -28.96
N THR T 94 -33.77 -53.44 -28.82
CA THR T 94 -33.60 -54.26 -27.63
C THR T 94 -33.09 -53.41 -26.48
N SER T 95 -32.25 -52.41 -26.80
CA SER T 95 -31.74 -51.46 -25.83
C SER T 95 -32.90 -50.66 -25.20
N LEU T 96 -33.83 -50.21 -26.05
CA LEU T 96 -35.04 -49.53 -25.61
C LEU T 96 -35.74 -50.38 -24.55
N PHE T 97 -35.99 -51.65 -24.88
CA PHE T 97 -36.73 -52.55 -24.01
C PHE T 97 -35.99 -52.72 -22.68
N GLU T 98 -34.66 -52.82 -22.76
CA GLU T 98 -33.82 -53.03 -21.59
C GLU T 98 -33.79 -51.77 -20.71
N MET T 99 -33.79 -50.60 -21.35
CA MET T 99 -33.85 -49.33 -20.63
C MET T 99 -35.15 -49.23 -19.82
N ILE T 100 -36.26 -49.72 -20.39
CA ILE T 100 -37.54 -49.74 -19.70
C ILE T 100 -37.53 -50.85 -18.65
N SER T 101 -36.83 -51.95 -18.93
CA SER T 101 -36.75 -53.10 -18.04
C SER T 101 -35.87 -52.80 -16.82
N THR T 102 -34.90 -51.89 -16.97
CA THR T 102 -33.92 -51.61 -15.93
C THR T 102 -34.63 -51.22 -14.62
N PRO T 103 -35.51 -50.19 -14.58
CA PRO T 103 -36.20 -49.82 -13.34
C PRO T 103 -37.09 -50.92 -12.75
N ALA T 104 -37.58 -51.84 -13.59
CA ALA T 104 -38.40 -52.96 -13.13
C ALA T 104 -37.55 -53.95 -12.34
N VAL T 105 -36.31 -54.18 -12.79
CA VAL T 105 -35.36 -55.01 -12.07
C VAL T 105 -35.00 -54.33 -10.74
N ILE T 106 -34.85 -53.01 -10.75
CA ILE T 106 -34.48 -52.27 -9.55
C ILE T 106 -35.58 -52.43 -8.50
N GLN T 107 -36.85 -52.19 -8.88
CA GLN T 107 -37.93 -52.18 -7.91
C GLN T 107 -38.36 -53.59 -7.54
N MET T 108 -37.94 -54.60 -8.32
CA MET T 108 -38.05 -56.00 -7.92
C MET T 108 -37.17 -56.25 -6.70
N LEU T 109 -35.91 -55.81 -6.77
CA LEU T 109 -34.94 -56.04 -5.72
C LEU T 109 -35.29 -55.25 -4.46
N GLN T 110 -35.90 -54.06 -4.63
CA GLN T 110 -36.41 -53.29 -3.52
C GLN T 110 -37.58 -54.01 -2.86
N GLY T 111 -38.41 -54.67 -3.69
CA GLY T 111 -39.44 -55.58 -3.20
C GLY T 111 -40.84 -55.16 -3.64
N SER T 112 -41.03 -55.07 -4.97
CA SER T 112 -42.33 -54.74 -5.55
C SER T 112 -43.25 -55.95 -5.53
N GLY T 113 -42.65 -57.16 -5.58
CA GLY T 113 -43.39 -58.40 -5.64
C GLY T 113 -43.34 -59.05 -7.03
N ARG T 114 -42.74 -58.33 -8.00
CA ARG T 114 -42.56 -58.85 -9.34
C ARG T 114 -41.64 -60.06 -9.30
N GLU T 115 -42.13 -61.20 -9.80
CA GLU T 115 -41.33 -62.41 -9.92
C GLU T 115 -40.28 -62.21 -11.01
N PRO T 116 -39.07 -62.80 -10.93
CA PRO T 116 -38.05 -62.58 -11.94
C PRO T 116 -38.43 -63.19 -13.29
N GLY T 117 -38.39 -62.36 -14.35
CA GLY T 117 -38.69 -62.79 -15.70
C GLY T 117 -40.13 -62.46 -16.13
N TYR T 118 -40.98 -62.07 -15.16
CA TYR T 118 -42.37 -61.74 -15.44
C TYR T 118 -42.45 -60.37 -16.11
N PHE T 119 -42.95 -60.35 -17.35
CA PHE T 119 -43.31 -59.12 -18.03
C PHE T 119 -44.82 -59.10 -18.33
N GLY T 120 -45.57 -60.06 -17.78
CA GLY T 120 -47.02 -60.12 -17.93
C GLY T 120 -47.48 -60.32 -19.37
N PHE T 121 -46.66 -60.98 -20.19
CA PHE T 121 -46.97 -61.23 -21.59
C PHE T 121 -47.64 -62.60 -21.72
N ASP T 122 -48.97 -62.59 -21.75
CA ASP T 122 -49.76 -63.80 -21.95
C ASP T 122 -51.02 -63.44 -22.74
N PRO T 123 -50.92 -63.10 -24.05
CA PRO T 123 -52.09 -62.78 -24.86
C PRO T 123 -53.09 -63.93 -25.00
N LEU T 124 -52.59 -65.14 -25.29
CA LEU T 124 -53.42 -66.28 -25.63
C LEU T 124 -54.03 -66.90 -24.37
N GLY T 125 -53.49 -66.57 -23.19
CA GLY T 125 -54.02 -67.04 -21.92
C GLY T 125 -53.53 -68.45 -21.60
N LEU T 126 -52.26 -68.72 -21.94
CA LEU T 126 -51.62 -69.99 -21.62
C LEU T 126 -50.95 -69.84 -20.25
N GLY T 127 -51.39 -70.66 -19.29
CA GLY T 127 -50.92 -70.57 -17.91
C GLY T 127 -51.73 -69.57 -17.08
N LYS T 128 -53.00 -69.37 -17.47
CA LYS T 128 -53.97 -68.69 -16.61
C LYS T 128 -54.30 -69.61 -15.43
N ASN T 129 -54.43 -70.91 -15.73
CA ASN T 129 -54.52 -71.96 -14.73
C ASN T 129 -53.19 -72.03 -13.97
N PRO T 130 -53.17 -71.87 -12.62
CA PRO T 130 -51.93 -72.01 -11.85
C PRO T 130 -51.16 -73.30 -12.10
N GLU T 131 -51.87 -74.41 -12.34
CA GLU T 131 -51.25 -75.71 -12.54
C GLU T 131 -50.42 -75.71 -13.83
N LEU T 132 -51.02 -75.21 -14.92
CA LEU T 132 -50.35 -75.14 -16.21
C LEU T 132 -49.15 -74.19 -16.17
N TYR T 133 -49.32 -73.06 -15.48
CA TYR T 133 -48.29 -72.03 -15.37
C TYR T 133 -46.99 -72.66 -14.90
N LYS T 134 -47.07 -73.42 -13.79
CA LYS T 134 -45.90 -74.02 -13.15
C LYS T 134 -45.13 -74.91 -14.13
N ARG T 135 -45.82 -75.86 -14.77
CA ARG T 135 -45.17 -76.80 -15.67
C ARG T 135 -44.66 -76.09 -16.92
N PHE T 136 -45.33 -75.00 -17.32
CA PHE T 136 -44.87 -74.17 -18.42
C PHE T 136 -43.58 -73.45 -18.04
N GLN T 137 -43.44 -73.05 -16.76
CA GLN T 137 -42.26 -72.34 -16.30
C GLN T 137 -41.05 -73.27 -16.33
N LEU T 138 -41.22 -74.53 -15.88
CA LEU T 138 -40.14 -75.50 -15.86
C LEU T 138 -39.64 -75.77 -17.28
N SER T 139 -40.58 -75.90 -18.24
CA SER T 139 -40.23 -76.23 -19.61
C SER T 139 -39.46 -75.09 -20.27
N GLU T 140 -39.93 -73.85 -20.07
CA GLU T 140 -39.24 -72.65 -20.51
C GLU T 140 -37.77 -72.69 -20.06
N LEU T 141 -37.57 -73.03 -18.79
CA LEU T 141 -36.25 -73.03 -18.17
C LEU T 141 -35.42 -74.21 -18.69
N LYS T 142 -36.03 -75.41 -18.72
CA LYS T 142 -35.41 -76.59 -19.28
C LYS T 142 -34.97 -76.34 -20.73
N ASN T 143 -35.89 -75.84 -21.55
CA ASN T 143 -35.65 -75.67 -22.98
C ASN T 143 -34.62 -74.56 -23.19
N GLY T 144 -34.71 -73.53 -22.35
CA GLY T 144 -33.78 -72.41 -22.36
C GLY T 144 -32.37 -72.82 -21.96
N ARG T 145 -32.27 -73.62 -20.89
CA ARG T 145 -31.00 -74.18 -20.43
C ARG T 145 -30.38 -75.03 -21.53
N LEU T 146 -31.22 -75.81 -22.25
CA LEU T 146 -30.77 -76.66 -23.32
C LEU T 146 -30.32 -75.81 -24.51
N ALA T 147 -31.10 -74.76 -24.81
CA ALA T 147 -30.81 -73.86 -25.93
C ALA T 147 -29.51 -73.09 -25.68
N MET T 148 -29.22 -72.77 -24.41
CA MET T 148 -28.00 -72.06 -24.03
C MET T 148 -26.78 -72.88 -24.40
N ILE T 149 -26.81 -74.19 -24.14
CA ILE T 149 -25.72 -75.08 -24.48
C ILE T 149 -25.71 -75.27 -26.01
N ALA T 150 -26.89 -75.45 -26.59
CA ALA T 150 -27.04 -75.74 -28.01
C ALA T 150 -26.45 -74.62 -28.87
N ILE T 151 -26.83 -73.36 -28.60
CA ILE T 151 -26.35 -72.23 -29.36
C ILE T 151 -24.84 -72.12 -29.26
N GLY T 152 -24.28 -72.53 -28.11
CA GLY T 152 -22.84 -72.62 -27.92
C GLY T 152 -22.18 -73.52 -28.94
N GLY T 153 -22.77 -74.70 -29.17
CA GLY T 153 -22.29 -75.64 -30.17
C GLY T 153 -22.34 -75.07 -31.58
N LEU T 154 -23.49 -74.50 -31.95
CA LEU T 154 -23.73 -73.98 -33.29
C LEU T 154 -22.69 -72.94 -33.68
N ILE T 155 -22.35 -72.05 -32.75
CA ILE T 155 -21.40 -70.98 -32.99
C ILE T 155 -19.99 -71.56 -33.12
N HIS T 156 -19.61 -72.42 -32.18
CA HIS T 156 -18.26 -72.97 -32.11
C HIS T 156 -18.00 -73.95 -33.25
N GLN T 157 -19.03 -74.70 -33.66
CA GLN T 157 -18.94 -75.57 -34.82
C GLN T 157 -18.72 -74.74 -36.09
N SER T 158 -19.35 -73.57 -36.15
CA SER T 158 -19.25 -72.69 -37.31
C SER T 158 -17.89 -71.99 -37.36
N PHE T 159 -17.20 -71.88 -36.22
CA PHE T 159 -15.84 -71.36 -36.17
C PHE T 159 -14.87 -72.41 -36.71
N LEU T 160 -15.01 -73.65 -36.21
CA LEU T 160 -14.19 -74.77 -36.63
C LEU T 160 -14.33 -74.98 -38.14
N THR T 161 -15.59 -75.10 -38.60
CA THR T 161 -15.91 -75.21 -40.02
C THR T 161 -15.99 -73.80 -40.61
N HIS T 162 -16.59 -73.66 -41.80
CA HIS T 162 -16.89 -72.36 -42.36
C HIS T 162 -18.20 -72.45 -43.16
N MET T 163 -19.17 -73.19 -42.62
CA MET T 163 -20.51 -73.32 -43.19
C MET T 163 -21.53 -73.26 -42.06
N GLY T 164 -22.82 -73.42 -42.40
CA GLY T 164 -23.90 -73.45 -41.42
C GLY T 164 -24.07 -74.82 -40.79
N ALA T 165 -25.15 -74.98 -40.02
CA ALA T 165 -25.45 -76.21 -39.31
C ALA T 165 -26.01 -77.26 -40.27
N ILE T 166 -26.93 -76.84 -41.15
CA ILE T 166 -27.55 -77.73 -42.12
C ILE T 166 -26.52 -78.18 -43.16
N GLN T 167 -25.64 -77.25 -43.57
CA GLN T 167 -24.57 -77.54 -44.52
C GLN T 167 -23.61 -78.57 -43.91
N GLN T 168 -23.20 -78.34 -42.66
CA GLN T 168 -22.37 -79.28 -41.92
C GLN T 168 -23.22 -80.50 -41.52
#